data_5W5O
#
_entry.id   5W5O
#
_cell.length_a   80.308
_cell.length_b   107.475
_cell.length_c   210.193
_cell.angle_alpha   90.15
_cell.angle_beta   89.77
_cell.angle_gamma   89.96
#
_symmetry.space_group_name_H-M   'P 1'
#
loop_
_entity.id
_entity.type
_entity.pdbx_description
1 polymer 'Receptor-interacting serine/threonine-protein kinase 2'
2 non-polymer 4-{6-(tert-butylsulfonyl)-7-[2-(4-methylpiperazin-1-yl)ethoxy]imidazo[1,2-a]pyridin-3-yl}-6-chloropyridin-2-amine
3 water water
#
_entity_poly.entity_id   1
_entity_poly.type   'polypeptide(L)'
_entity_poly.pdbx_seq_one_letter_code
;NGEAICSALPTIPYHKLADLRYLSRGASGTVSSARHADWRVQVAVKHLHIHTPLLDSERKDVLREAEILHKARFSYILPI
LGICNEPEFLGIVTEYMPNGSLNELLHRKTEYPDVAWPLRFRILHEIALGVNYLHNMTPPLLHHDLKTQNILLDNEFHVK
IADFGLSKWRMMSLSQSRSSKSAPEGGTIIYMPPENYEPGQKSRASIKHDIYSYAVITWEVLSRKQPFEDVTNPLQIMYS
VSQGHRPVINEESLPYDIPHRARMISLIESGWAQNPDERPSFLKCLIELEPVLRTFEEITFLEAVIQLKK
;
_entity_poly.pdbx_strand_id   A,B,C,D,E,F,G,H,I,J,K,L,M,N,O,P
#
# COMPACT_ATOMS: atom_id res chain seq x y z
N ALA A 4 40.75 -49.42 -6.48
CA ALA A 4 40.87 -48.31 -5.53
C ALA A 4 40.28 -47.00 -6.09
N ILE A 5 39.22 -46.49 -5.43
CA ILE A 5 38.51 -45.27 -5.83
C ILE A 5 39.13 -44.06 -5.14
N CYS A 6 39.73 -43.16 -5.92
CA CYS A 6 40.38 -41.94 -5.45
C CYS A 6 39.61 -40.66 -5.83
N SER A 7 39.89 -39.56 -5.11
CA SER A 7 39.33 -38.23 -5.31
C SER A 7 40.39 -37.23 -4.89
N ALA A 8 40.70 -36.28 -5.79
CA ALA A 8 41.66 -35.22 -5.54
C ALA A 8 40.95 -34.01 -5.00
N LEU A 9 41.48 -33.42 -3.91
CA LEU A 9 40.89 -32.22 -3.28
C LEU A 9 41.00 -31.02 -4.25
N PRO A 10 39.88 -30.32 -4.51
CA PRO A 10 39.93 -29.19 -5.45
C PRO A 10 40.93 -28.10 -5.10
N THR A 11 41.47 -27.43 -6.14
CA THR A 11 42.40 -26.33 -5.94
C THR A 11 41.67 -25.06 -6.25
N ILE A 12 41.54 -24.17 -5.25
CA ILE A 12 40.80 -22.92 -5.38
C ILE A 12 41.76 -21.74 -5.58
N PRO A 13 41.66 -21.03 -6.73
CA PRO A 13 42.50 -19.85 -6.95
C PRO A 13 42.09 -18.71 -6.01
N TYR A 14 43.09 -18.02 -5.40
CA TYR A 14 42.85 -16.92 -4.44
C TYR A 14 41.85 -15.89 -4.94
N HIS A 15 41.87 -15.60 -6.26
CA HIS A 15 40.99 -14.63 -6.89
C HIS A 15 39.51 -15.03 -6.83
N LYS A 16 39.21 -16.34 -6.59
CA LYS A 16 37.86 -16.87 -6.43
C LYS A 16 37.32 -16.60 -5.03
N LEU A 17 38.24 -16.33 -4.10
CA LEU A 17 37.90 -15.99 -2.73
C LEU A 17 37.73 -14.49 -2.60
N ALA A 18 36.47 -14.07 -2.58
CA ALA A 18 36.09 -12.66 -2.47
C ALA A 18 35.53 -12.37 -1.08
N ASP A 19 35.47 -11.07 -0.68
CA ASP A 19 34.95 -10.57 0.61
C ASP A 19 35.67 -11.23 1.80
N LEU A 20 37.02 -11.35 1.72
CA LEU A 20 37.85 -12.02 2.75
C LEU A 20 37.95 -11.21 4.06
N ARG A 21 36.95 -11.39 4.95
CA ARG A 21 36.86 -10.74 6.26
C ARG A 21 37.38 -11.65 7.34
N TYR A 22 38.18 -11.13 8.24
CA TYR A 22 38.78 -11.97 9.26
C TYR A 22 37.79 -12.33 10.37
N LEU A 23 37.93 -13.55 10.92
CA LEU A 23 37.06 -14.11 11.97
C LEU A 23 37.78 -14.29 13.30
N SER A 24 38.95 -15.00 13.27
CA SER A 24 39.78 -15.31 14.45
C SER A 24 41.21 -15.68 14.07
N ARG A 25 42.12 -15.61 15.05
CA ARG A 25 43.52 -16.00 14.95
C ARG A 25 43.82 -16.91 16.14
N GLY A 26 44.35 -18.10 15.83
CA GLY A 26 44.69 -19.11 16.83
C GLY A 26 46.02 -19.80 16.56
N ALA A 27 46.32 -20.85 17.35
CA ALA A 27 47.55 -21.63 17.25
C ALA A 27 47.64 -22.37 15.90
N SER A 28 46.48 -22.91 15.44
CA SER A 28 46.35 -23.66 14.19
C SER A 28 46.50 -22.75 12.94
N GLY A 29 46.15 -21.46 13.09
CA GLY A 29 46.23 -20.43 12.04
C GLY A 29 45.22 -19.31 12.17
N THR A 30 44.96 -18.59 11.07
CA THR A 30 43.97 -17.50 11.03
C THR A 30 42.72 -17.92 10.24
N VAL A 31 41.53 -17.82 10.86
CA VAL A 31 40.21 -18.13 10.26
C VAL A 31 39.62 -16.81 9.70
N SER A 32 39.32 -16.81 8.38
CA SER A 32 38.68 -15.70 7.66
C SER A 32 37.43 -16.23 6.91
N SER A 33 36.41 -15.39 6.74
CA SER A 33 35.21 -15.73 5.98
C SER A 33 35.33 -15.10 4.60
N ALA A 34 35.13 -15.91 3.56
CA ALA A 34 35.17 -15.47 2.19
C ALA A 34 33.84 -15.88 1.53
N ARG A 35 33.77 -15.79 0.21
CA ARG A 35 32.60 -16.09 -0.58
C ARG A 35 33.14 -16.55 -1.93
N HIS A 36 32.86 -17.84 -2.29
CA HIS A 36 33.35 -18.40 -3.55
C HIS A 36 32.64 -17.75 -4.73
N ALA A 37 33.44 -17.07 -5.58
CA ALA A 37 33.05 -16.33 -6.78
C ALA A 37 32.19 -17.12 -7.76
N ASP A 38 32.45 -18.42 -7.88
CA ASP A 38 31.71 -19.29 -8.78
C ASP A 38 30.55 -20.03 -8.10
N TRP A 39 30.78 -20.55 -6.87
CA TRP A 39 29.81 -21.36 -6.15
C TRP A 39 28.75 -20.55 -5.45
N ARG A 40 29.03 -19.24 -5.24
CA ARG A 40 28.14 -18.24 -4.61
C ARG A 40 27.59 -18.74 -3.25
N VAL A 41 28.56 -19.20 -2.41
CA VAL A 41 28.39 -19.71 -1.04
C VAL A 41 29.47 -19.08 -0.15
N GLN A 42 29.10 -18.86 1.15
CA GLN A 42 30.02 -18.32 2.16
C GLN A 42 30.90 -19.46 2.67
N VAL A 43 32.19 -19.17 2.77
CA VAL A 43 33.25 -20.12 3.02
C VAL A 43 34.16 -19.67 4.19
N ALA A 44 34.77 -20.66 4.90
CA ALA A 44 35.76 -20.41 5.93
C ALA A 44 37.17 -20.77 5.37
N VAL A 45 38.15 -19.90 5.65
CA VAL A 45 39.53 -20.05 5.15
C VAL A 45 40.53 -19.99 6.30
N LYS A 46 41.29 -21.08 6.54
CA LYS A 46 42.33 -21.10 7.58
C LYS A 46 43.69 -20.91 6.91
N HIS A 47 44.51 -19.93 7.39
CA HIS A 47 45.81 -19.58 6.80
C HIS A 47 46.80 -19.03 7.82
N SER A 57 58.08 -24.69 3.85
CA SER A 57 58.34 -24.24 5.21
C SER A 57 57.26 -24.70 6.24
N GLU A 58 56.45 -23.74 6.78
CA GLU A 58 55.32 -23.94 7.70
C GLU A 58 54.11 -24.44 6.87
N ARG A 59 54.28 -24.42 5.53
CA ARG A 59 53.35 -24.85 4.51
C ARG A 59 52.95 -26.32 4.73
N LYS A 60 53.96 -27.19 4.98
CA LYS A 60 53.85 -28.63 5.24
C LYS A 60 52.79 -28.97 6.30
N ASP A 61 52.67 -28.14 7.34
CA ASP A 61 51.70 -28.29 8.42
C ASP A 61 50.23 -28.11 7.93
N VAL A 62 49.98 -27.14 7.03
CA VAL A 62 48.68 -26.82 6.43
C VAL A 62 48.30 -27.94 5.45
N LEU A 63 49.24 -28.34 4.57
CA LEU A 63 49.06 -29.43 3.59
C LEU A 63 48.80 -30.79 4.26
N ARG A 64 49.27 -30.96 5.53
CA ARG A 64 49.04 -32.15 6.32
C ARG A 64 47.61 -32.10 6.82
N GLU A 65 47.19 -30.95 7.44
CA GLU A 65 45.85 -30.72 8.00
C GLU A 65 44.81 -30.89 6.92
N ALA A 66 45.10 -30.38 5.70
CA ALA A 66 44.23 -30.47 4.53
C ALA A 66 44.04 -31.94 4.10
N GLU A 67 45.13 -32.73 4.13
CA GLU A 67 45.12 -34.16 3.79
C GLU A 67 44.26 -34.92 4.80
N ILE A 68 44.37 -34.56 6.11
CA ILE A 68 43.63 -35.18 7.21
C ILE A 68 42.11 -34.99 6.96
N LEU A 69 41.66 -33.74 6.77
CA LEU A 69 40.24 -33.38 6.57
C LEU A 69 39.62 -34.03 5.35
N HIS A 70 40.45 -34.27 4.31
CA HIS A 70 40.01 -34.90 3.08
C HIS A 70 39.84 -36.41 3.29
N LYS A 71 40.75 -37.01 4.04
CA LYS A 71 40.76 -38.44 4.33
C LYS A 71 39.73 -38.83 5.41
N ALA A 72 39.66 -38.03 6.49
CA ALA A 72 38.80 -38.22 7.65
C ALA A 72 37.37 -37.68 7.47
N ARG A 73 36.91 -37.55 6.23
CA ARG A 73 35.56 -37.05 5.94
C ARG A 73 34.46 -37.93 6.53
N PHE A 74 33.59 -37.30 7.33
CA PHE A 74 32.44 -37.91 7.97
C PHE A 74 31.43 -36.82 8.34
N SER A 75 30.19 -37.24 8.57
CA SER A 75 29.02 -36.42 8.91
C SER A 75 29.28 -35.42 10.06
N TYR A 76 30.26 -35.71 10.94
CA TYR A 76 30.56 -34.88 12.13
C TYR A 76 31.98 -34.31 12.11
N ILE A 77 32.63 -34.35 10.93
CA ILE A 77 33.98 -33.82 10.67
C ILE A 77 33.81 -32.68 9.68
N LEU A 78 34.39 -31.49 10.01
CA LEU A 78 34.31 -30.27 9.19
C LEU A 78 34.63 -30.56 7.69
N PRO A 79 33.67 -30.29 6.78
CA PRO A 79 33.89 -30.61 5.37
C PRO A 79 34.80 -29.63 4.68
N ILE A 80 35.95 -30.14 4.22
CA ILE A 80 36.93 -29.36 3.48
C ILE A 80 36.42 -29.22 2.07
N LEU A 81 36.41 -27.97 1.53
CA LEU A 81 35.89 -27.70 0.18
C LEU A 81 36.99 -27.64 -0.88
N GLY A 82 38.20 -27.32 -0.45
CA GLY A 82 39.36 -27.26 -1.32
C GLY A 82 40.56 -26.61 -0.67
N ILE A 83 41.63 -26.46 -1.45
CA ILE A 83 42.90 -25.87 -1.02
C ILE A 83 43.36 -24.72 -1.91
N CYS A 84 43.86 -23.65 -1.29
CA CYS A 84 44.43 -22.52 -1.98
C CYS A 84 45.94 -22.59 -1.76
N ASN A 85 46.69 -23.04 -2.79
CA ASN A 85 48.15 -23.18 -2.71
C ASN A 85 48.80 -22.41 -3.86
N GLU A 86 49.12 -21.15 -3.55
CA GLU A 86 49.72 -20.21 -4.47
C GLU A 86 51.01 -19.67 -3.85
N PRO A 87 51.97 -19.12 -4.65
CA PRO A 87 53.20 -18.57 -4.05
C PRO A 87 52.91 -17.39 -3.10
N GLU A 88 51.83 -16.64 -3.37
CA GLU A 88 51.39 -15.50 -2.57
C GLU A 88 50.55 -15.94 -1.35
N PHE A 89 49.63 -16.93 -1.55
CA PHE A 89 48.71 -17.39 -0.50
C PHE A 89 48.58 -18.91 -0.36
N LEU A 90 48.48 -19.35 0.91
CA LEU A 90 48.21 -20.73 1.29
C LEU A 90 47.18 -20.77 2.43
N GLY A 91 46.08 -21.46 2.17
CA GLY A 91 44.97 -21.58 3.11
C GLY A 91 43.97 -22.68 2.76
N ILE A 92 43.44 -23.34 3.81
CA ILE A 92 42.45 -24.41 3.76
C ILE A 92 41.07 -23.78 3.66
N VAL A 93 40.30 -24.17 2.64
CA VAL A 93 38.95 -23.66 2.40
C VAL A 93 37.97 -24.74 2.76
N THR A 94 37.08 -24.45 3.71
CA THR A 94 36.09 -25.40 4.20
C THR A 94 34.70 -24.77 4.24
N GLU A 95 33.72 -25.50 4.78
CA GLU A 95 32.35 -25.03 4.96
C GLU A 95 32.33 -23.96 6.06
N TYR A 96 31.43 -22.98 5.94
CA TYR A 96 31.28 -21.94 6.95
C TYR A 96 30.27 -22.38 8.01
N MET A 97 30.65 -22.28 9.29
CA MET A 97 29.80 -22.67 10.42
C MET A 97 29.12 -21.43 10.99
N PRO A 98 27.82 -21.23 10.67
CA PRO A 98 27.14 -19.99 11.07
C PRO A 98 27.13 -19.71 12.57
N ASN A 99 26.85 -20.74 13.40
CA ASN A 99 26.73 -20.61 14.85
C ASN A 99 28.03 -20.96 15.63
N GLY A 100 29.17 -20.64 15.00
CA GLY A 100 30.53 -20.79 15.52
C GLY A 100 30.91 -22.09 16.21
N SER A 101 31.36 -21.97 17.48
CA SER A 101 31.80 -23.09 18.30
C SER A 101 30.90 -23.37 19.50
N LEU A 102 31.11 -24.55 20.15
CA LEU A 102 30.39 -25.00 21.34
C LEU A 102 30.71 -24.10 22.54
N ASN A 103 31.96 -23.61 22.59
CA ASN A 103 32.46 -22.69 23.62
C ASN A 103 31.55 -21.45 23.68
N GLU A 104 31.19 -20.93 22.51
CA GLU A 104 30.33 -19.76 22.35
C GLU A 104 28.90 -20.07 22.81
N LEU A 105 28.35 -21.25 22.45
CA LEU A 105 27.01 -21.65 22.85
C LEU A 105 26.88 -21.82 24.37
N LEU A 106 27.91 -22.42 24.96
CA LEU A 106 27.97 -22.73 26.39
C LEU A 106 28.27 -21.55 27.30
N HIS A 107 29.10 -20.59 26.84
CA HIS A 107 29.52 -19.51 27.73
C HIS A 107 28.89 -18.14 27.41
N ARG A 108 28.18 -18.00 26.26
CA ARG A 108 27.44 -16.77 25.97
C ARG A 108 26.03 -16.96 26.57
N LYS A 109 25.94 -16.89 27.93
CA LYS A 109 24.72 -17.04 28.73
C LYS A 109 23.74 -15.84 28.57
N THR A 110 24.23 -14.74 28.00
CA THR A 110 23.48 -13.53 27.70
C THR A 110 22.76 -13.72 26.36
N GLU A 111 23.53 -14.14 25.33
CA GLU A 111 23.09 -14.39 23.95
C GLU A 111 22.21 -15.64 23.89
N TYR A 112 22.61 -16.70 24.62
CA TYR A 112 21.92 -17.97 24.70
C TYR A 112 21.54 -18.25 26.17
N PRO A 113 20.48 -17.59 26.71
CA PRO A 113 20.11 -17.84 28.12
C PRO A 113 19.56 -19.24 28.36
N ASP A 114 18.76 -19.78 27.42
CA ASP A 114 18.26 -21.14 27.56
C ASP A 114 18.89 -22.09 26.54
N VAL A 115 19.35 -23.25 27.04
CA VAL A 115 19.88 -24.37 26.25
C VAL A 115 19.20 -25.62 26.84
N ALA A 116 18.65 -26.47 25.98
CA ALA A 116 17.90 -27.66 26.36
C ALA A 116 18.76 -28.90 26.39
N TRP A 117 18.40 -29.83 27.29
CA TRP A 117 19.08 -31.14 27.43
C TRP A 117 19.10 -31.92 26.12
N PRO A 118 17.98 -32.04 25.36
CA PRO A 118 18.05 -32.78 24.09
C PRO A 118 19.19 -32.31 23.21
N LEU A 119 19.36 -30.99 23.05
CA LEU A 119 20.43 -30.42 22.24
C LEU A 119 21.82 -30.73 22.83
N ARG A 120 21.98 -30.53 24.15
CA ARG A 120 23.22 -30.81 24.85
C ARG A 120 23.60 -32.27 24.69
N PHE A 121 22.62 -33.20 24.81
CA PHE A 121 22.86 -34.63 24.64
C PHE A 121 23.09 -35.04 23.18
N ARG A 122 22.44 -34.32 22.24
CA ARG A 122 22.60 -34.56 20.81
C ARG A 122 24.05 -34.20 20.42
N ILE A 123 24.56 -33.04 20.93
CA ILE A 123 25.93 -32.54 20.72
C ILE A 123 26.94 -33.56 21.23
N LEU A 124 26.77 -34.03 22.48
CA LEU A 124 27.67 -35.01 23.12
C LEU A 124 27.72 -36.30 22.32
N HIS A 125 26.55 -36.79 21.87
CA HIS A 125 26.42 -37.99 21.06
C HIS A 125 27.18 -37.85 19.75
N GLU A 126 26.96 -36.72 19.02
CA GLU A 126 27.62 -36.39 17.76
C GLU A 126 29.16 -36.30 17.89
N ILE A 127 29.70 -35.64 18.96
CA ILE A 127 31.15 -35.55 19.19
C ILE A 127 31.72 -36.97 19.29
N ALA A 128 31.09 -37.81 20.14
CA ALA A 128 31.52 -39.19 20.33
C ALA A 128 31.46 -39.96 19.00
N LEU A 129 30.40 -39.75 18.18
CA LEU A 129 30.21 -40.39 16.87
C LEU A 129 31.35 -40.05 15.90
N GLY A 130 31.78 -38.79 15.90
CA GLY A 130 32.86 -38.30 15.06
C GLY A 130 34.20 -38.85 15.49
N VAL A 131 34.54 -38.72 16.81
CA VAL A 131 35.80 -39.20 17.41
C VAL A 131 35.89 -40.74 17.32
N ASN A 132 34.75 -41.44 17.42
CA ASN A 132 34.68 -42.88 17.25
C ASN A 132 35.05 -43.26 15.81
N TYR A 133 34.53 -42.52 14.80
CA TYR A 133 34.82 -42.77 13.39
C TYR A 133 36.30 -42.64 13.13
N LEU A 134 36.95 -41.57 13.70
CA LEU A 134 38.39 -41.28 13.58
C LEU A 134 39.20 -42.42 14.13
N HIS A 135 38.79 -42.94 15.31
CA HIS A 135 39.47 -44.03 16.00
C HIS A 135 39.30 -45.38 15.30
N ASN A 136 38.24 -45.50 14.47
CA ASN A 136 37.90 -46.69 13.68
C ASN A 136 38.54 -46.66 12.27
N MET A 137 39.46 -45.71 12.06
CA MET A 137 40.17 -45.59 10.78
C MET A 137 41.32 -46.59 10.78
N THR A 138 41.89 -46.87 9.59
CA THR A 138 42.98 -47.84 9.49
C THR A 138 44.12 -47.14 8.72
N PRO A 139 45.18 -46.61 9.42
CA PRO A 139 45.40 -46.63 10.87
C PRO A 139 44.47 -45.68 11.63
N PRO A 140 44.23 -45.85 12.95
CA PRO A 140 43.33 -44.92 13.65
C PRO A 140 43.85 -43.47 13.59
N LEU A 141 42.96 -42.49 13.57
CA LEU A 141 43.38 -41.11 13.63
C LEU A 141 43.00 -40.57 14.97
N LEU A 142 43.99 -39.98 15.68
CA LEU A 142 43.82 -39.40 17.01
C LEU A 142 43.87 -37.91 16.91
N HIS A 143 42.77 -37.23 17.33
CA HIS A 143 42.60 -35.78 17.27
C HIS A 143 43.66 -34.99 18.06
N HIS A 144 43.91 -35.39 19.33
CA HIS A 144 44.90 -34.82 20.23
C HIS A 144 44.80 -33.31 20.46
N ASP A 145 43.61 -32.72 20.22
CA ASP A 145 43.44 -31.28 20.42
C ASP A 145 41.99 -30.88 20.83
N LEU A 146 41.05 -31.84 20.98
CA LEU A 146 39.65 -31.58 21.30
C LEU A 146 39.44 -30.53 22.40
N LYS A 147 38.69 -29.45 22.06
CA LYS A 147 38.29 -28.31 22.91
C LYS A 147 36.85 -27.98 22.52
N THR A 148 36.14 -27.18 23.32
CA THR A 148 34.77 -26.74 22.99
C THR A 148 34.81 -25.73 21.79
N GLN A 149 35.98 -25.13 21.56
CA GLN A 149 36.23 -24.19 20.47
C GLN A 149 36.38 -24.94 19.13
N ASN A 150 36.88 -26.22 19.16
CA ASN A 150 37.09 -27.11 18.00
C ASN A 150 35.82 -27.83 17.56
N ILE A 151 34.81 -27.85 18.44
CA ILE A 151 33.50 -28.45 18.18
C ILE A 151 32.65 -27.33 17.63
N LEU A 152 32.55 -27.32 16.31
CA LEU A 152 31.79 -26.31 15.61
C LEU A 152 30.34 -26.72 15.38
N LEU A 153 29.46 -25.71 15.21
CA LEU A 153 28.02 -25.90 15.05
C LEU A 153 27.51 -25.26 13.78
N ASP A 154 26.77 -26.03 12.97
CA ASP A 154 26.19 -25.51 11.74
C ASP A 154 24.88 -24.75 12.02
N ASN A 155 24.21 -24.24 10.96
CA ASN A 155 22.95 -23.48 11.09
C ASN A 155 21.86 -24.20 11.89
N GLU A 156 21.92 -25.55 11.92
CA GLU A 156 20.94 -26.35 12.66
C GLU A 156 21.55 -27.03 13.90
N PHE A 157 22.69 -26.47 14.38
CA PHE A 157 23.43 -26.87 15.58
C PHE A 157 23.85 -28.35 15.61
N HIS A 158 24.53 -28.79 14.53
CA HIS A 158 25.09 -30.14 14.45
C HIS A 158 26.59 -30.00 14.51
N VAL A 159 27.23 -30.96 15.19
CA VAL A 159 28.66 -30.99 15.46
C VAL A 159 29.50 -31.19 14.18
N LYS A 160 30.56 -30.41 14.10
CA LYS A 160 31.58 -30.46 13.08
C LYS A 160 32.90 -30.28 13.82
N ILE A 161 33.69 -31.35 13.88
CA ILE A 161 34.99 -31.37 14.57
C ILE A 161 36.02 -30.74 13.66
N ALA A 162 36.79 -29.76 14.19
CA ALA A 162 37.83 -29.04 13.45
C ALA A 162 39.17 -29.13 14.16
N ASP A 163 40.20 -28.42 13.66
CA ASP A 163 41.58 -28.35 14.17
C ASP A 163 42.26 -29.71 14.22
N PHE A 164 42.78 -30.14 13.07
CA PHE A 164 43.50 -31.40 12.87
C PHE A 164 45.01 -31.11 12.69
N GLY A 165 45.44 -29.97 13.23
CA GLY A 165 46.82 -29.52 13.21
C GLY A 165 47.73 -30.30 14.14
N LEU A 166 47.20 -30.80 15.26
CA LEU A 166 47.94 -31.62 16.23
C LEU A 166 47.63 -33.12 16.13
N SER A 167 46.57 -33.48 15.34
CA SER A 167 46.13 -34.86 15.15
C SER A 167 47.20 -35.76 14.56
N LYS A 168 47.24 -37.04 15.00
CA LYS A 168 48.23 -38.02 14.59
C LYS A 168 47.62 -39.36 14.23
N TRP A 169 48.23 -40.04 13.23
CA TRP A 169 47.85 -41.38 12.76
C TRP A 169 48.55 -42.42 13.62
N ARG A 170 47.79 -43.26 14.39
CA ARG A 170 48.39 -44.27 15.25
C ARG A 170 48.94 -45.44 14.41
N MET A 171 50.29 -45.43 14.16
CA MET A 171 51.00 -46.47 13.39
C MET A 171 52.18 -47.04 14.20
N GLY A 187 46.64 -21.85 23.99
CA GLY A 187 47.40 -22.78 24.82
C GLY A 187 46.66 -23.31 26.04
N THR A 188 45.45 -23.85 25.85
CA THR A 188 44.70 -24.41 26.97
C THR A 188 45.06 -25.89 27.17
N ILE A 189 45.46 -26.23 28.40
CA ILE A 189 45.87 -27.57 28.86
C ILE A 189 44.75 -28.21 29.66
N ILE A 190 43.58 -27.54 29.78
CA ILE A 190 42.46 -28.04 30.60
C ILE A 190 41.78 -29.31 30.02
N TYR A 191 42.06 -29.65 28.75
CA TYR A 191 41.52 -30.84 28.09
C TYR A 191 42.59 -31.90 27.88
N MET A 192 43.82 -31.58 28.29
CA MET A 192 44.98 -32.46 28.16
C MET A 192 45.12 -33.44 29.35
N PRO A 193 45.32 -34.76 29.08
CA PRO A 193 45.53 -35.71 30.18
C PRO A 193 46.86 -35.45 30.90
N PRO A 194 46.94 -35.74 32.22
CA PRO A 194 48.15 -35.40 32.99
C PRO A 194 49.46 -36.08 32.54
N GLU A 195 49.39 -37.23 31.84
CA GLU A 195 50.57 -37.97 31.37
C GLU A 195 51.25 -37.27 30.25
N ASN A 196 50.48 -36.43 29.53
CA ASN A 196 50.93 -35.63 28.39
C ASN A 196 51.82 -34.43 28.82
N TYR A 197 51.77 -34.04 30.12
CA TYR A 197 52.51 -32.93 30.74
C TYR A 197 54.02 -33.09 30.68
N GLU A 198 54.57 -33.96 31.53
CA GLU A 198 55.98 -34.30 31.62
C GLU A 198 56.42 -35.10 30.35
N PRO A 199 57.74 -35.27 30.05
CA PRO A 199 58.10 -36.07 28.86
C PRO A 199 58.11 -37.58 29.17
N ILE A 207 46.92 -42.45 23.01
CA ILE A 207 45.65 -42.98 22.48
C ILE A 207 44.45 -42.54 23.32
N LYS A 208 44.53 -42.73 24.66
CA LYS A 208 43.47 -42.37 25.65
C LYS A 208 43.42 -40.85 25.98
N HIS A 209 43.98 -40.01 25.08
CA HIS A 209 44.04 -38.56 25.18
C HIS A 209 42.66 -37.99 24.93
N ASP A 210 42.05 -38.35 23.76
CA ASP A 210 40.76 -37.85 23.27
C ASP A 210 39.60 -38.16 24.21
N ILE A 211 39.65 -39.32 24.90
CA ILE A 211 38.59 -39.66 25.87
C ILE A 211 38.66 -38.70 27.05
N TYR A 212 39.90 -38.34 27.51
CA TYR A 212 40.15 -37.37 28.58
C TYR A 212 39.56 -36.00 28.23
N SER A 213 39.88 -35.50 27.01
CA SER A 213 39.37 -34.23 26.48
C SER A 213 37.84 -34.28 26.43
N TYR A 214 37.28 -35.41 25.94
CA TYR A 214 35.85 -35.63 25.82
C TYR A 214 35.16 -35.53 27.18
N ALA A 215 35.80 -36.11 28.24
CA ALA A 215 35.36 -36.11 29.64
C ALA A 215 35.25 -34.71 30.27
N VAL A 216 36.15 -33.79 29.89
CA VAL A 216 36.15 -32.40 30.36
C VAL A 216 35.09 -31.64 29.61
N ILE A 217 34.94 -31.95 28.30
CA ILE A 217 33.95 -31.33 27.41
C ILE A 217 32.53 -31.73 27.90
N THR A 218 32.36 -33.03 28.28
CA THR A 218 31.08 -33.54 28.75
C THR A 218 30.70 -32.84 30.08
N TRP A 219 31.70 -32.61 30.96
CA TRP A 219 31.52 -31.90 32.22
C TRP A 219 31.04 -30.48 31.89
N GLU A 220 31.83 -29.76 31.07
CA GLU A 220 31.62 -28.41 30.59
C GLU A 220 30.24 -28.20 29.91
N VAL A 221 29.78 -29.18 29.09
CA VAL A 221 28.46 -29.10 28.41
C VAL A 221 27.32 -29.15 29.43
N LEU A 222 27.40 -30.11 30.38
CA LEU A 222 26.40 -30.35 31.42
C LEU A 222 26.39 -29.27 32.51
N SER A 223 27.58 -28.80 32.92
CA SER A 223 27.71 -27.76 33.94
C SER A 223 27.47 -26.35 33.40
N ARG A 224 27.87 -26.08 32.14
CA ARG A 224 27.82 -24.75 31.46
C ARG A 224 28.83 -23.79 32.14
N LYS A 225 29.80 -24.37 32.90
CA LYS A 225 30.85 -23.69 33.67
C LYS A 225 32.23 -23.97 33.09
N GLN A 226 33.15 -23.00 33.24
CA GLN A 226 34.54 -23.12 32.76
C GLN A 226 35.36 -23.98 33.73
N PRO A 227 35.95 -25.10 33.26
CA PRO A 227 36.73 -25.96 34.17
C PRO A 227 37.92 -25.23 34.78
N PHE A 228 38.08 -25.33 36.13
CA PHE A 228 39.14 -24.70 36.92
C PHE A 228 39.09 -23.16 36.84
N GLU A 229 37.89 -22.54 36.89
CA GLU A 229 37.72 -21.07 36.85
C GLU A 229 38.38 -20.41 38.08
N ASP A 230 38.19 -21.04 39.26
CA ASP A 230 38.73 -20.63 40.56
C ASP A 230 40.22 -20.27 40.44
N VAL A 231 40.99 -21.13 39.72
CA VAL A 231 42.45 -21.02 39.54
C VAL A 231 42.85 -20.24 38.30
N THR A 232 43.63 -19.20 38.56
CA THR A 232 44.25 -18.20 37.69
C THR A 232 45.50 -18.72 36.93
N ASN A 233 46.48 -19.32 37.66
CA ASN A 233 47.71 -19.88 37.10
C ASN A 233 47.45 -21.25 36.45
N PRO A 234 47.83 -21.40 35.15
CA PRO A 234 47.63 -22.69 34.46
C PRO A 234 48.47 -23.81 35.03
N LEU A 235 49.61 -23.46 35.63
CA LEU A 235 50.52 -24.39 36.26
C LEU A 235 49.91 -24.98 37.54
N GLN A 236 48.97 -24.25 38.16
CA GLN A 236 48.25 -24.72 39.33
C GLN A 236 47.32 -25.84 38.88
N ILE A 237 46.62 -25.62 37.74
CA ILE A 237 45.68 -26.56 37.12
C ILE A 237 46.43 -27.86 36.84
N MET A 238 47.63 -27.73 36.23
CA MET A 238 48.50 -28.83 35.88
C MET A 238 48.97 -29.59 37.08
N TYR A 239 49.22 -28.88 38.17
CA TYR A 239 49.66 -29.50 39.41
C TYR A 239 48.48 -30.31 39.95
N SER A 240 47.33 -29.65 40.15
CA SER A 240 46.11 -30.25 40.67
C SER A 240 45.74 -31.55 39.95
N VAL A 241 45.65 -31.51 38.60
CA VAL A 241 45.27 -32.67 37.78
C VAL A 241 46.29 -33.81 37.89
N SER A 242 47.59 -33.52 37.86
CA SER A 242 48.62 -34.54 37.99
C SER A 242 48.59 -35.22 39.38
N GLN A 243 47.87 -34.60 40.33
CA GLN A 243 47.68 -35.13 41.68
C GLN A 243 46.30 -35.80 41.81
N GLY A 244 45.56 -35.83 40.71
CA GLY A 244 44.24 -36.46 40.64
C GLY A 244 43.04 -35.56 40.75
N HIS A 245 43.25 -34.23 40.76
CA HIS A 245 42.13 -33.30 40.84
C HIS A 245 41.50 -33.08 39.47
N ARG A 246 40.18 -32.93 39.47
CA ARG A 246 39.37 -32.75 38.26
C ARG A 246 38.26 -31.75 38.56
N PRO A 247 37.63 -31.11 37.54
CA PRO A 247 36.49 -30.21 37.83
C PRO A 247 35.48 -30.85 38.80
N VAL A 248 35.01 -30.06 39.77
CA VAL A 248 34.12 -30.50 40.86
C VAL A 248 32.76 -30.99 40.39
N ILE A 249 32.30 -32.08 41.03
CA ILE A 249 31.01 -32.71 40.78
C ILE A 249 30.22 -32.62 42.09
N ASN A 250 29.16 -31.78 42.09
CA ASN A 250 28.27 -31.52 43.22
C ASN A 250 26.99 -30.87 42.70
N GLU A 251 26.02 -30.57 43.58
CA GLU A 251 24.74 -29.94 43.23
C GLU A 251 24.89 -28.52 42.65
N GLU A 252 25.96 -27.77 43.04
CA GLU A 252 26.23 -26.42 42.55
C GLU A 252 26.77 -26.48 41.11
N SER A 253 27.76 -27.38 40.85
CA SER A 253 28.35 -27.56 39.50
C SER A 253 27.36 -28.26 38.55
N LEU A 254 26.98 -29.50 38.88
CA LEU A 254 26.07 -30.32 38.08
C LEU A 254 24.78 -30.60 38.89
N PRO A 255 23.66 -29.88 38.66
CA PRO A 255 22.45 -30.12 39.47
C PRO A 255 21.82 -31.52 39.35
N TYR A 256 20.87 -31.85 40.24
CA TYR A 256 20.19 -33.15 40.23
C TYR A 256 19.11 -33.25 39.14
N ASP A 257 18.67 -32.12 38.60
CA ASP A 257 17.66 -32.06 37.52
C ASP A 257 18.17 -32.66 36.18
N ILE A 258 19.52 -32.83 36.04
CA ILE A 258 20.21 -33.39 34.86
C ILE A 258 19.73 -34.81 34.56
N PRO A 259 19.18 -35.02 33.35
CA PRO A 259 18.71 -36.37 32.99
C PRO A 259 19.85 -37.38 32.91
N HIS A 260 19.69 -38.55 33.57
CA HIS A 260 20.67 -39.67 33.65
C HIS A 260 21.98 -39.20 34.28
N ARG A 261 21.88 -38.30 35.29
CA ARG A 261 22.99 -37.69 36.02
C ARG A 261 24.07 -38.71 36.46
N ALA A 262 23.62 -39.84 37.05
CA ALA A 262 24.51 -40.90 37.53
C ALA A 262 25.29 -41.58 36.41
N ARG A 263 24.62 -41.92 35.30
CA ARG A 263 25.21 -42.52 34.11
C ARG A 263 26.27 -41.57 33.55
N MET A 264 25.94 -40.26 33.49
CA MET A 264 26.80 -39.20 33.00
C MET A 264 28.05 -39.01 33.86
N ILE A 265 27.88 -38.89 35.21
CA ILE A 265 29.00 -38.74 36.14
C ILE A 265 29.91 -39.95 36.07
N SER A 266 29.33 -41.15 35.90
CA SER A 266 30.09 -42.39 35.78
C SER A 266 30.96 -42.34 34.53
N LEU A 267 30.39 -41.83 33.42
CA LEU A 267 31.06 -41.67 32.12
C LEU A 267 32.18 -40.65 32.24
N ILE A 268 31.89 -39.43 32.82
CA ILE A 268 32.83 -38.31 33.07
C ILE A 268 34.04 -38.76 33.91
N GLU A 269 33.78 -39.38 35.08
CA GLU A 269 34.80 -39.90 36.02
C GLU A 269 35.68 -40.99 35.44
N SER A 270 35.09 -41.94 34.69
CA SER A 270 35.85 -43.02 34.02
C SER A 270 36.62 -42.42 32.88
N GLY A 271 35.99 -41.40 32.25
CA GLY A 271 36.53 -40.61 31.14
C GLY A 271 37.85 -40.00 31.50
N TRP A 272 37.88 -39.13 32.54
CA TRP A 272 39.09 -38.45 33.01
C TRP A 272 39.89 -39.25 34.09
N ALA A 273 39.78 -40.61 34.11
CA ALA A 273 40.52 -41.45 35.06
C ALA A 273 42.03 -41.16 35.00
N GLN A 274 42.71 -41.04 36.15
CA GLN A 274 44.16 -40.79 36.20
C GLN A 274 44.92 -41.89 35.43
N ASN A 275 44.46 -43.16 35.57
CA ASN A 275 44.99 -44.32 34.87
C ASN A 275 44.42 -44.31 33.44
N PRO A 276 45.30 -44.22 32.41
CA PRO A 276 44.79 -44.20 31.03
C PRO A 276 44.05 -45.49 30.66
N ASP A 277 44.57 -46.64 31.16
CA ASP A 277 44.01 -47.98 30.95
C ASP A 277 42.61 -48.15 31.56
N GLU A 278 42.23 -47.26 32.48
CA GLU A 278 40.93 -47.25 33.14
C GLU A 278 39.86 -46.44 32.36
N ARG A 279 40.30 -45.63 31.38
CA ARG A 279 39.41 -44.78 30.56
C ARG A 279 38.69 -45.58 29.47
N PRO A 280 37.40 -45.29 29.18
CA PRO A 280 36.70 -46.07 28.14
C PRO A 280 37.06 -45.71 26.69
N SER A 281 36.56 -46.53 25.76
CA SER A 281 36.68 -46.31 24.33
C SER A 281 35.48 -45.43 23.96
N PHE A 282 35.49 -44.83 22.75
CA PHE A 282 34.36 -44.04 22.33
C PHE A 282 33.16 -44.93 22.00
N LEU A 283 33.42 -46.20 21.66
CA LEU A 283 32.36 -47.20 21.41
C LEU A 283 31.55 -47.39 22.70
N LYS A 284 32.22 -47.46 23.87
CA LYS A 284 31.56 -47.58 25.17
C LYS A 284 30.76 -46.32 25.49
N CYS A 285 31.27 -45.14 25.09
CA CYS A 285 30.58 -43.86 25.26
C CYS A 285 29.30 -43.93 24.49
N LEU A 286 29.39 -44.39 23.19
CA LEU A 286 28.26 -44.57 22.28
C LEU A 286 27.22 -45.51 22.85
N ILE A 287 27.71 -46.65 23.38
CA ILE A 287 26.91 -47.69 24.02
C ILE A 287 26.14 -47.14 25.21
N GLU A 288 26.79 -46.32 26.07
CA GLU A 288 26.16 -45.68 27.25
C GLU A 288 25.24 -44.50 26.86
N LEU A 289 25.60 -43.77 25.79
CA LEU A 289 24.88 -42.61 25.31
C LEU A 289 23.60 -42.95 24.56
N GLU A 290 23.66 -43.96 23.65
CA GLU A 290 22.53 -44.40 22.83
C GLU A 290 21.19 -44.46 23.59
N PRO A 291 21.09 -45.12 24.80
CA PRO A 291 19.79 -45.18 25.50
C PRO A 291 19.27 -43.85 26.01
N VAL A 292 20.19 -42.99 26.49
CA VAL A 292 19.89 -41.64 27.00
C VAL A 292 19.18 -40.82 25.93
N LEU A 293 19.72 -40.83 24.70
CA LEU A 293 19.18 -40.11 23.54
C LEU A 293 17.85 -40.69 23.00
N ARG A 294 17.57 -41.98 23.25
CA ARG A 294 16.33 -42.57 22.76
C ARG A 294 15.13 -42.03 23.54
N THR A 295 15.39 -41.49 24.77
CA THR A 295 14.35 -40.92 25.65
C THR A 295 13.66 -39.67 25.02
N PHE A 296 14.47 -38.78 24.39
CA PHE A 296 14.01 -37.56 23.73
C PHE A 296 13.31 -37.83 22.39
N GLU A 297 12.23 -37.10 22.11
CA GLU A 297 11.48 -37.23 20.85
C GLU A 297 12.12 -36.28 19.82
N GLU A 298 12.25 -36.74 18.58
CA GLU A 298 12.88 -36.04 17.45
C GLU A 298 12.57 -34.50 17.34
N ILE A 299 11.35 -34.09 17.76
CA ILE A 299 10.88 -32.69 17.73
C ILE A 299 11.53 -31.81 18.77
N THR A 300 11.80 -32.36 19.97
CA THR A 300 12.40 -31.66 21.11
C THR A 300 13.76 -31.04 20.76
N PHE A 301 14.49 -31.62 19.81
CA PHE A 301 15.77 -31.11 19.33
C PHE A 301 15.51 -29.90 18.45
N LEU A 302 14.54 -30.02 17.51
CA LEU A 302 14.18 -28.94 16.59
C LEU A 302 13.59 -27.75 17.35
N GLU A 303 12.91 -28.04 18.48
CA GLU A 303 12.32 -27.05 19.37
C GLU A 303 13.46 -26.37 20.10
N ALA A 304 14.48 -27.17 20.52
CA ALA A 304 15.69 -26.69 21.25
C ALA A 304 16.50 -25.69 20.42
N VAL A 305 16.71 -26.00 19.12
CA VAL A 305 17.42 -25.17 18.15
C VAL A 305 16.66 -23.87 17.87
N ILE A 306 15.27 -23.91 17.88
CA ILE A 306 14.42 -22.70 17.66
C ILE A 306 14.37 -21.84 18.94
N GLN A 307 14.29 -22.50 20.11
CA GLN A 307 14.26 -21.85 21.43
C GLN A 307 15.47 -20.95 21.60
N LEU A 308 16.55 -21.28 20.86
CA LEU A 308 17.83 -20.58 20.83
C LEU A 308 17.68 -19.25 20.09
N LYS A 309 17.10 -19.30 18.85
CA LYS A 309 16.89 -18.17 17.94
C LYS A 309 15.47 -17.57 18.03
N ALA B 4 49.41 -32.78 -4.84
CA ALA B 4 47.99 -33.09 -5.04
C ALA B 4 47.46 -33.99 -3.90
N ILE B 5 46.42 -33.48 -3.18
CA ILE B 5 45.78 -34.16 -2.05
C ILE B 5 44.68 -35.09 -2.51
N CYS B 6 44.88 -36.42 -2.36
CA CYS B 6 43.93 -37.49 -2.75
C CYS B 6 43.34 -38.20 -1.53
N SER B 7 42.19 -38.90 -1.73
CA SER B 7 41.51 -39.69 -0.70
C SER B 7 40.85 -40.89 -1.35
N ALA B 8 41.08 -42.10 -0.81
CA ALA B 8 40.47 -43.32 -1.33
C ALA B 8 39.17 -43.63 -0.60
N LEU B 9 38.10 -43.97 -1.34
CA LEU B 9 36.78 -44.27 -0.77
C LEU B 9 36.81 -45.54 0.07
N PRO B 10 36.34 -45.48 1.34
CA PRO B 10 36.36 -46.68 2.20
C PRO B 10 35.63 -47.90 1.64
N THR B 11 36.13 -49.09 1.98
CA THR B 11 35.51 -50.35 1.58
C THR B 11 34.83 -50.94 2.80
N ILE B 12 33.50 -51.10 2.71
CA ILE B 12 32.71 -51.61 3.82
C ILE B 12 32.35 -53.10 3.62
N PRO B 13 32.78 -54.01 4.55
CA PRO B 13 32.39 -55.43 4.46
C PRO B 13 30.90 -55.58 4.74
N TYR B 14 30.20 -56.41 3.94
CA TYR B 14 28.75 -56.64 4.03
C TYR B 14 28.27 -56.92 5.45
N HIS B 15 29.10 -57.63 6.25
CA HIS B 15 28.75 -58.02 7.62
C HIS B 15 28.67 -56.82 8.58
N LYS B 16 29.25 -55.66 8.17
CA LYS B 16 29.24 -54.41 8.94
C LYS B 16 27.91 -53.66 8.75
N LEU B 17 27.12 -54.04 7.71
CA LEU B 17 25.78 -53.50 7.43
C LEU B 17 24.75 -54.36 8.12
N ALA B 18 24.38 -53.93 9.34
CA ALA B 18 23.39 -54.56 10.21
C ALA B 18 22.02 -53.98 9.96
N ASP B 19 20.95 -54.74 10.25
CA ASP B 19 19.54 -54.36 10.10
C ASP B 19 19.21 -53.91 8.67
N LEU B 20 19.69 -54.67 7.64
CA LEU B 20 19.46 -54.34 6.23
C LEU B 20 17.99 -54.50 5.78
N ARG B 21 17.19 -53.44 6.01
CA ARG B 21 15.76 -53.36 5.69
C ARG B 21 15.52 -52.62 4.39
N TYR B 22 14.63 -53.15 3.54
CA TYR B 22 14.24 -52.58 2.25
C TYR B 22 13.52 -51.24 2.41
N LEU B 23 13.84 -50.25 1.54
CA LEU B 23 13.21 -48.93 1.54
C LEU B 23 12.45 -48.67 0.25
N SER B 24 13.14 -48.83 -0.92
CA SER B 24 12.61 -48.58 -2.25
C SER B 24 13.42 -49.30 -3.36
N ARG B 25 12.78 -49.48 -4.54
CA ARG B 25 13.36 -50.05 -5.75
C ARG B 25 13.06 -49.06 -6.90
N GLY B 26 14.10 -48.70 -7.62
CA GLY B 26 14.02 -47.77 -8.76
C GLY B 26 14.88 -48.18 -9.94
N ALA B 27 14.99 -47.30 -10.94
CA ALA B 27 15.79 -47.52 -12.15
C ALA B 27 17.30 -47.62 -11.84
N SER B 28 17.77 -46.78 -10.90
CA SER B 28 19.16 -46.71 -10.45
C SER B 28 19.58 -47.92 -9.63
N GLY B 29 18.60 -48.53 -8.92
CA GLY B 29 18.80 -49.73 -8.11
C GLY B 29 17.83 -49.88 -6.95
N THR B 30 18.20 -50.70 -5.94
CA THR B 30 17.41 -50.93 -4.73
C THR B 30 18.06 -50.24 -3.54
N VAL B 31 17.31 -49.36 -2.91
CA VAL B 31 17.74 -48.57 -1.78
C VAL B 31 17.24 -49.25 -0.53
N SER B 32 18.18 -49.64 0.33
CA SER B 32 17.89 -50.25 1.63
C SER B 32 18.50 -49.41 2.75
N SER B 33 18.04 -49.61 4.01
CA SER B 33 18.56 -48.92 5.19
C SER B 33 19.29 -49.97 6.02
N ALA B 34 20.54 -49.67 6.45
CA ALA B 34 21.35 -50.54 7.30
C ALA B 34 21.76 -49.75 8.55
N ARG B 35 22.87 -50.13 9.21
CA ARG B 35 23.38 -49.53 10.44
C ARG B 35 24.83 -50.00 10.54
N HIS B 36 25.83 -49.07 10.44
CA HIS B 36 27.24 -49.45 10.48
C HIS B 36 27.65 -49.95 11.84
N ALA B 37 28.04 -51.24 11.89
CA ALA B 37 28.45 -52.01 13.06
C ALA B 37 29.57 -51.35 13.87
N ASP B 38 30.50 -50.64 13.20
CA ASP B 38 31.62 -49.98 13.86
C ASP B 38 31.38 -48.52 14.15
N TRP B 39 30.76 -47.77 13.19
CA TRP B 39 30.50 -46.32 13.28
C TRP B 39 29.28 -45.96 14.11
N ARG B 40 28.38 -46.94 14.29
CA ARG B 40 27.16 -46.86 15.08
C ARG B 40 26.27 -45.70 14.65
N VAL B 41 26.03 -45.63 13.32
CA VAL B 41 25.17 -44.67 12.62
C VAL B 41 24.28 -45.40 11.57
N GLN B 42 23.07 -44.87 11.30
CA GLN B 42 22.18 -45.43 10.28
C GLN B 42 22.62 -44.90 8.92
N VAL B 43 22.75 -45.80 7.94
CA VAL B 43 23.20 -45.50 6.58
C VAL B 43 22.17 -45.97 5.52
N ALA B 44 22.26 -45.44 4.26
CA ALA B 44 21.46 -45.88 3.11
C ALA B 44 22.40 -46.55 2.10
N VAL B 45 22.00 -47.71 1.53
CA VAL B 45 22.84 -48.48 0.61
C VAL B 45 22.10 -48.89 -0.67
N LYS B 46 22.56 -48.41 -1.84
CA LYS B 46 21.96 -48.68 -3.16
C LYS B 46 22.62 -49.91 -3.79
N HIS B 47 21.80 -50.91 -4.29
CA HIS B 47 22.30 -52.16 -4.89
C HIS B 47 21.40 -52.75 -5.98
N SER B 57 29.09 -56.76 -15.66
CA SER B 57 29.16 -55.44 -16.31
C SER B 57 28.19 -54.42 -15.70
N GLU B 58 27.23 -54.89 -14.88
CA GLU B 58 26.30 -54.05 -14.11
C GLU B 58 27.13 -53.38 -12.97
N ARG B 59 28.23 -54.07 -12.54
CA ARG B 59 29.21 -53.64 -11.54
C ARG B 59 29.82 -52.32 -11.96
N LYS B 60 30.32 -52.25 -13.20
CA LYS B 60 30.97 -51.05 -13.75
C LYS B 60 30.15 -49.79 -13.56
N ASP B 61 28.81 -49.90 -13.70
CA ASP B 61 27.85 -48.79 -13.56
C ASP B 61 27.83 -48.23 -12.14
N VAL B 62 27.80 -49.12 -11.13
CA VAL B 62 27.75 -48.77 -9.72
C VAL B 62 29.07 -48.16 -9.29
N LEU B 63 30.21 -48.81 -9.66
CA LEU B 63 31.56 -48.34 -9.37
C LEU B 63 31.84 -46.94 -9.96
N ARG B 64 31.18 -46.61 -11.09
CA ARG B 64 31.25 -45.32 -11.75
C ARG B 64 30.48 -44.30 -10.93
N GLU B 65 29.20 -44.61 -10.53
CA GLU B 65 28.31 -43.76 -9.72
C GLU B 65 28.97 -43.43 -8.37
N ALA B 66 29.63 -44.44 -7.77
CA ALA B 66 30.37 -44.30 -6.51
C ALA B 66 31.54 -43.31 -6.66
N GLU B 67 32.29 -43.42 -7.79
CA GLU B 67 33.41 -42.54 -8.09
C GLU B 67 32.90 -41.10 -8.25
N ILE B 68 31.74 -40.93 -8.91
CA ILE B 68 31.12 -39.62 -9.13
C ILE B 68 30.75 -38.93 -7.80
N LEU B 69 30.06 -39.64 -6.85
CA LEU B 69 29.67 -39.11 -5.54
C LEU B 69 30.85 -38.72 -4.63
N HIS B 70 31.98 -39.44 -4.82
CA HIS B 70 33.23 -39.21 -4.10
C HIS B 70 33.94 -37.96 -4.63
N LYS B 71 33.90 -37.77 -5.95
CA LYS B 71 34.52 -36.64 -6.62
C LYS B 71 33.66 -35.36 -6.53
N ALA B 72 32.36 -35.49 -6.73
CA ALA B 72 31.40 -34.40 -6.74
C ALA B 72 30.91 -33.97 -5.36
N ARG B 73 31.69 -34.27 -4.30
CA ARG B 73 31.33 -33.92 -2.93
C ARG B 73 31.14 -32.42 -2.74
N PHE B 74 29.95 -32.05 -2.25
CA PHE B 74 29.56 -30.68 -1.95
C PHE B 74 28.42 -30.70 -0.95
N SER B 75 28.20 -29.56 -0.27
CA SER B 75 27.16 -29.31 0.74
C SER B 75 25.74 -29.78 0.35
N TYR B 76 25.44 -29.83 -0.97
CA TYR B 76 24.11 -30.19 -1.45
C TYR B 76 24.09 -31.46 -2.32
N ILE B 77 25.18 -32.25 -2.23
CA ILE B 77 25.38 -33.53 -2.91
C ILE B 77 25.44 -34.62 -1.84
N LEU B 78 24.62 -35.70 -2.01
CA LEU B 78 24.52 -36.83 -1.09
C LEU B 78 25.91 -37.36 -0.68
N PRO B 79 26.23 -37.36 0.63
CA PRO B 79 27.58 -37.78 1.05
C PRO B 79 27.75 -39.28 1.03
N ILE B 80 28.66 -39.76 0.15
CA ILE B 80 28.98 -41.18 0.05
C ILE B 80 29.88 -41.55 1.22
N LEU B 81 29.54 -42.66 1.92
CA LEU B 81 30.33 -43.08 3.07
C LEU B 81 31.33 -44.19 2.77
N GLY B 82 31.06 -44.97 1.71
CA GLY B 82 31.93 -46.05 1.28
C GLY B 82 31.29 -46.96 0.25
N ILE B 83 32.01 -48.03 -0.11
CA ILE B 83 31.58 -49.02 -1.11
C ILE B 83 31.67 -50.46 -0.59
N CYS B 84 30.63 -51.26 -0.88
CA CYS B 84 30.60 -52.67 -0.56
C CYS B 84 30.79 -53.43 -1.88
N ASN B 85 31.99 -53.97 -2.11
CA ASN B 85 32.30 -54.72 -3.33
C ASN B 85 32.84 -56.09 -2.97
N GLU B 86 31.92 -57.05 -2.90
CA GLU B 86 32.18 -58.42 -2.54
C GLU B 86 31.67 -59.34 -3.64
N PRO B 87 32.16 -60.61 -3.74
CA PRO B 87 31.64 -61.53 -4.78
C PRO B 87 30.13 -61.80 -4.64
N GLU B 88 29.64 -61.78 -3.38
CA GLU B 88 28.23 -61.98 -3.05
C GLU B 88 27.40 -60.70 -3.19
N PHE B 89 27.95 -59.53 -2.73
CA PHE B 89 27.23 -58.26 -2.71
C PHE B 89 28.00 -57.06 -3.23
N LEU B 90 27.28 -56.18 -3.94
CA LEU B 90 27.77 -54.90 -4.44
C LEU B 90 26.72 -53.82 -4.25
N GLY B 91 27.12 -52.76 -3.53
CA GLY B 91 26.25 -51.64 -3.24
C GLY B 91 26.98 -50.41 -2.69
N ILE B 92 26.47 -49.22 -3.02
CA ILE B 92 26.96 -47.90 -2.57
C ILE B 92 26.33 -47.57 -1.21
N VAL B 93 27.14 -47.22 -0.22
CA VAL B 93 26.56 -46.85 1.07
C VAL B 93 26.93 -45.39 1.35
N THR B 94 25.88 -44.62 1.60
CA THR B 94 25.90 -43.19 1.81
C THR B 94 25.18 -42.82 3.13
N GLU B 95 25.00 -41.51 3.37
CA GLU B 95 24.31 -41.00 4.54
C GLU B 95 22.83 -41.28 4.38
N TYR B 96 22.15 -41.53 5.49
CA TYR B 96 20.70 -41.80 5.51
C TYR B 96 19.91 -40.47 5.60
N MET B 97 18.94 -40.30 4.68
CA MET B 97 18.08 -39.13 4.60
C MET B 97 16.75 -39.41 5.29
N PRO B 98 16.57 -38.87 6.53
CA PRO B 98 15.37 -39.22 7.30
C PRO B 98 14.05 -38.87 6.67
N ASN B 99 13.95 -37.66 6.07
CA ASN B 99 12.72 -37.17 5.47
C ASN B 99 12.61 -37.42 3.95
N GLY B 100 13.19 -38.55 3.50
CA GLY B 100 13.18 -39.08 2.14
C GLY B 100 13.50 -38.11 1.00
N SER B 101 12.56 -37.99 0.03
CA SER B 101 12.68 -37.14 -1.16
C SER B 101 11.67 -35.97 -1.19
N LEU B 102 11.92 -35.02 -2.12
CA LEU B 102 11.09 -33.83 -2.36
C LEU B 102 9.70 -34.24 -2.90
N ASN B 103 9.67 -35.31 -3.73
CA ASN B 103 8.45 -35.88 -4.29
C ASN B 103 7.46 -36.23 -3.18
N GLU B 104 7.99 -36.81 -2.07
CA GLU B 104 7.22 -37.20 -0.88
C GLU B 104 6.68 -35.96 -0.15
N LEU B 105 7.52 -34.93 0.00
CA LEU B 105 7.14 -33.69 0.67
C LEU B 105 6.04 -32.96 -0.09
N LEU B 106 6.16 -32.94 -1.42
CA LEU B 106 5.25 -32.25 -2.32
C LEU B 106 3.92 -32.94 -2.59
N HIS B 107 3.92 -34.27 -2.64
CA HIS B 107 2.70 -34.97 -3.03
C HIS B 107 1.98 -35.67 -1.86
N ARG B 108 2.63 -35.79 -0.66
CA ARG B 108 1.96 -36.36 0.52
C ARG B 108 1.25 -35.21 1.21
N LYS B 109 0.13 -34.78 0.60
CA LYS B 109 -0.73 -33.66 1.03
C LYS B 109 -1.55 -33.94 2.31
N THR B 110 -1.61 -35.21 2.71
CA THR B 110 -2.28 -35.65 3.94
C THR B 110 -1.26 -35.52 5.11
N GLU B 111 -0.04 -36.06 4.91
CA GLU B 111 1.08 -36.05 5.86
C GLU B 111 1.63 -34.64 6.01
N TYR B 112 1.78 -33.92 4.90
CA TYR B 112 2.30 -32.55 4.87
C TYR B 112 1.23 -31.62 4.22
N PRO B 113 0.17 -31.23 4.97
CA PRO B 113 -0.85 -30.35 4.37
C PRO B 113 -0.34 -28.92 4.08
N ASP B 114 0.47 -28.36 4.99
CA ASP B 114 1.05 -27.02 4.85
C ASP B 114 2.57 -27.04 4.73
N VAL B 115 3.08 -26.57 3.57
CA VAL B 115 4.51 -26.45 3.24
C VAL B 115 4.76 -24.97 2.87
N ALA B 116 5.47 -24.27 3.76
CA ALA B 116 5.74 -22.83 3.64
C ALA B 116 6.62 -22.43 2.48
N TRP B 117 6.38 -21.22 1.93
CA TRP B 117 7.16 -20.63 0.85
C TRP B 117 8.64 -20.51 1.19
N PRO B 118 9.05 -20.01 2.41
CA PRO B 118 10.48 -19.96 2.74
C PRO B 118 11.18 -21.31 2.54
N LEU B 119 10.55 -22.42 3.00
CA LEU B 119 11.11 -23.75 2.81
C LEU B 119 11.18 -24.15 1.32
N ARG B 120 10.08 -23.92 0.59
CA ARG B 120 9.99 -24.21 -0.85
C ARG B 120 11.09 -23.47 -1.61
N PHE B 121 11.30 -22.17 -1.28
CA PHE B 121 12.34 -21.35 -1.92
C PHE B 121 13.75 -21.71 -1.49
N ARG B 122 13.91 -22.19 -0.24
CA ARG B 122 15.22 -22.62 0.29
C ARG B 122 15.65 -23.85 -0.48
N ILE B 123 14.69 -24.79 -0.69
CA ILE B 123 14.88 -26.05 -1.44
C ILE B 123 15.34 -25.75 -2.89
N LEU B 124 14.60 -24.88 -3.59
CA LEU B 124 14.89 -24.47 -4.97
C LEU B 124 16.27 -23.85 -5.08
N HIS B 125 16.60 -22.96 -4.15
CA HIS B 125 17.90 -22.31 -4.08
C HIS B 125 19.04 -23.36 -3.95
N GLU B 126 18.89 -24.29 -2.97
CA GLU B 126 19.85 -25.36 -2.69
C GLU B 126 20.07 -26.31 -3.88
N ILE B 127 18.98 -26.69 -4.62
CA ILE B 127 19.09 -27.54 -5.82
C ILE B 127 19.99 -26.81 -6.84
N ALA B 128 19.68 -25.53 -7.12
CA ALA B 128 20.44 -24.72 -8.06
C ALA B 128 21.92 -24.61 -7.62
N LEU B 129 22.17 -24.40 -6.29
CA LEU B 129 23.52 -24.33 -5.70
C LEU B 129 24.37 -25.60 -5.94
N GLY B 130 23.75 -26.77 -5.77
CA GLY B 130 24.39 -28.06 -5.98
C GLY B 130 24.66 -28.39 -7.43
N VAL B 131 23.66 -28.09 -8.33
CA VAL B 131 23.76 -28.31 -9.80
C VAL B 131 24.78 -27.33 -10.38
N ASN B 132 24.82 -26.10 -9.85
CA ASN B 132 25.79 -25.09 -10.26
C ASN B 132 27.21 -25.56 -9.93
N TYR B 133 27.43 -26.13 -8.74
CA TYR B 133 28.74 -26.63 -8.33
C TYR B 133 29.20 -27.72 -9.27
N LEU B 134 28.30 -28.65 -9.67
CA LEU B 134 28.57 -29.75 -10.60
C LEU B 134 29.02 -29.22 -11.94
N HIS B 135 28.32 -28.20 -12.44
CA HIS B 135 28.60 -27.55 -13.71
C HIS B 135 29.89 -26.72 -13.69
N ASN B 136 30.32 -26.28 -12.50
CA ASN B 136 31.56 -25.51 -12.26
C ASN B 136 32.78 -26.40 -11.98
N MET B 137 32.63 -27.72 -12.20
CA MET B 137 33.75 -28.63 -11.99
C MET B 137 34.64 -28.57 -13.20
N THR B 138 35.79 -29.24 -13.11
CA THR B 138 36.77 -29.30 -14.21
C THR B 138 37.19 -30.78 -14.41
N PRO B 139 36.61 -31.51 -15.41
CA PRO B 139 35.60 -31.06 -16.40
C PRO B 139 34.22 -30.91 -15.75
N PRO B 140 33.24 -30.17 -16.35
CA PRO B 140 31.93 -30.06 -15.70
C PRO B 140 31.25 -31.41 -15.59
N LEU B 141 30.46 -31.60 -14.53
CA LEU B 141 29.67 -32.84 -14.38
C LEU B 141 28.21 -32.51 -14.57
N LEU B 142 27.57 -33.25 -15.48
CA LEU B 142 26.17 -33.06 -15.82
C LEU B 142 25.39 -34.21 -15.27
N HIS B 143 24.40 -33.90 -14.40
CA HIS B 143 23.53 -34.86 -13.71
C HIS B 143 22.71 -35.74 -14.64
N HIS B 144 22.04 -35.13 -15.63
CA HIS B 144 21.23 -35.78 -16.65
C HIS B 144 20.10 -36.71 -16.14
N ASP B 145 19.65 -36.51 -14.89
CA ASP B 145 18.61 -37.37 -14.30
C ASP B 145 17.74 -36.68 -13.24
N LEU B 146 17.96 -35.38 -12.94
CA LEU B 146 17.21 -34.62 -11.94
C LEU B 146 15.69 -34.86 -11.94
N LYS B 147 15.15 -35.33 -10.79
CA LYS B 147 13.73 -35.62 -10.52
C LYS B 147 13.49 -35.17 -9.08
N THR B 148 12.22 -35.01 -8.64
CA THR B 148 11.90 -34.64 -7.26
C THR B 148 12.22 -35.79 -6.28
N GLN B 149 12.31 -37.02 -6.82
CA GLN B 149 12.69 -38.23 -6.09
C GLN B 149 14.20 -38.23 -5.78
N ASN B 150 15.02 -37.58 -6.63
CA ASN B 150 16.48 -37.50 -6.54
C ASN B 150 16.93 -36.42 -5.59
N ILE B 151 16.03 -35.47 -5.28
CA ILE B 151 16.28 -34.34 -4.38
C ILE B 151 15.89 -34.82 -2.99
N LEU B 152 16.88 -35.29 -2.23
CA LEU B 152 16.67 -35.84 -0.89
C LEU B 152 16.75 -34.79 0.18
N LEU B 153 16.09 -35.05 1.30
CA LEU B 153 15.99 -34.09 2.41
C LEU B 153 16.48 -34.69 3.72
N ASP B 154 17.40 -33.99 4.40
CA ASP B 154 17.90 -34.46 5.69
C ASP B 154 16.91 -34.13 6.80
N ASN B 155 17.24 -34.47 8.06
CA ASN B 155 16.39 -34.22 9.25
C ASN B 155 15.98 -32.75 9.43
N GLU B 156 16.73 -31.81 8.84
CA GLU B 156 16.47 -30.38 8.92
C GLU B 156 16.03 -29.79 7.56
N PHE B 157 15.61 -30.69 6.64
CA PHE B 157 15.07 -30.42 5.31
C PHE B 157 16.03 -29.63 4.38
N HIS B 158 17.26 -30.11 4.27
CA HIS B 158 18.24 -29.52 3.38
C HIS B 158 18.49 -30.50 2.25
N VAL B 159 18.63 -29.95 1.04
CA VAL B 159 18.79 -30.66 -0.21
C VAL B 159 20.08 -31.45 -0.27
N LYS B 160 19.95 -32.70 -0.74
CA LYS B 160 21.01 -33.63 -1.03
C LYS B 160 20.64 -34.26 -2.36
N ILE B 161 21.37 -33.92 -3.41
CA ILE B 161 21.12 -34.44 -4.75
C ILE B 161 21.70 -35.86 -4.86
N ALA B 162 20.88 -36.80 -5.39
CA ALA B 162 21.29 -38.19 -5.56
C ALA B 162 21.11 -38.66 -7.01
N ASP B 163 21.33 -39.97 -7.28
CA ASP B 163 21.21 -40.64 -8.59
C ASP B 163 22.14 -40.05 -9.64
N PHE B 164 23.39 -40.49 -9.61
CA PHE B 164 24.44 -40.08 -10.53
C PHE B 164 24.76 -41.23 -11.51
N GLY B 165 23.75 -42.11 -11.72
CA GLY B 165 23.81 -43.27 -12.60
C GLY B 165 23.86 -42.92 -14.07
N LEU B 166 23.17 -41.83 -14.45
CA LEU B 166 23.11 -41.33 -15.83
C LEU B 166 24.01 -40.12 -16.06
N SER B 167 24.57 -39.53 -14.97
CA SER B 167 25.45 -38.37 -15.03
C SER B 167 26.72 -38.58 -15.89
N LYS B 168 27.15 -37.53 -16.60
CA LYS B 168 28.30 -37.56 -17.50
C LYS B 168 29.23 -36.35 -17.34
N TRP B 169 30.54 -36.58 -17.56
CA TRP B 169 31.61 -35.55 -17.50
C TRP B 169 31.74 -34.87 -18.88
N ARG B 170 31.50 -33.56 -18.97
CA ARG B 170 31.63 -32.84 -20.26
C ARG B 170 33.12 -32.64 -20.60
N MET B 171 33.72 -33.51 -21.45
CA MET B 171 35.14 -33.43 -21.79
C MET B 171 35.42 -32.99 -23.23
N GLY B 187 10.70 -44.97 -14.84
CA GLY B 187 11.33 -44.40 -16.03
C GLY B 187 10.61 -43.16 -16.51
N THR B 188 10.64 -42.10 -15.68
CA THR B 188 9.92 -40.86 -15.98
C THR B 188 10.73 -39.95 -16.93
N ILE B 189 10.06 -39.54 -18.02
CA ILE B 189 10.58 -38.66 -19.08
C ILE B 189 10.05 -37.24 -18.92
N ILE B 190 9.31 -36.95 -17.84
CA ILE B 190 8.69 -35.65 -17.60
C ILE B 190 9.71 -34.54 -17.27
N TYR B 191 10.97 -34.92 -16.95
CA TYR B 191 12.03 -33.95 -16.65
C TYR B 191 13.07 -33.89 -17.79
N MET B 192 12.88 -34.72 -18.81
CA MET B 192 13.78 -34.84 -19.95
C MET B 192 13.48 -33.82 -21.07
N PRO B 193 14.51 -33.08 -21.58
CA PRO B 193 14.27 -32.13 -22.67
C PRO B 193 13.90 -32.85 -23.98
N PRO B 194 13.09 -32.20 -24.84
CA PRO B 194 12.59 -32.89 -26.05
C PRO B 194 13.65 -33.38 -27.05
N GLU B 195 14.85 -32.77 -27.06
CA GLU B 195 15.94 -33.14 -27.99
C GLU B 195 16.56 -34.50 -27.72
N ASN B 196 16.31 -35.09 -26.53
CA ASN B 196 16.92 -36.35 -26.15
C ASN B 196 16.03 -37.59 -26.37
N TYR B 197 14.72 -37.38 -26.66
CA TYR B 197 13.73 -38.48 -26.86
C TYR B 197 14.12 -39.45 -27.99
N GLU B 198 14.26 -38.89 -29.21
CA GLU B 198 14.67 -39.58 -30.43
C GLU B 198 16.23 -39.70 -30.47
N PRO B 199 16.82 -40.91 -30.71
CA PRO B 199 18.30 -41.00 -30.74
C PRO B 199 18.94 -40.39 -31.99
N ILE B 207 24.10 -30.62 -22.50
CA ILE B 207 24.53 -29.70 -21.43
C ILE B 207 23.32 -28.93 -20.80
N LYS B 208 22.42 -28.37 -21.65
CA LYS B 208 21.20 -27.65 -21.21
C LYS B 208 20.03 -28.59 -20.77
N HIS B 209 20.35 -29.84 -20.42
CA HIS B 209 19.42 -30.86 -19.96
C HIS B 209 18.95 -30.55 -18.54
N ASP B 210 19.90 -30.33 -17.60
CA ASP B 210 19.66 -30.09 -16.17
C ASP B 210 18.82 -28.84 -15.88
N ILE B 211 18.99 -27.79 -16.69
CA ILE B 211 18.19 -26.58 -16.52
C ILE B 211 16.70 -26.89 -16.87
N TYR B 212 16.51 -27.71 -17.94
CA TYR B 212 15.21 -28.16 -18.39
C TYR B 212 14.51 -28.91 -17.25
N SER B 213 15.20 -29.89 -16.60
CA SER B 213 14.69 -30.70 -15.48
C SER B 213 14.36 -29.79 -14.29
N TYR B 214 15.24 -28.81 -14.01
CA TYR B 214 15.13 -27.88 -12.90
C TYR B 214 13.87 -27.08 -12.93
N ALA B 215 13.51 -26.49 -14.09
CA ALA B 215 12.27 -25.69 -14.24
C ALA B 215 10.99 -26.54 -14.01
N VAL B 216 10.96 -27.82 -14.52
CA VAL B 216 9.86 -28.76 -14.30
C VAL B 216 9.76 -28.95 -12.76
N ILE B 217 10.93 -29.14 -12.08
CA ILE B 217 11.03 -29.29 -10.60
C ILE B 217 10.48 -28.02 -9.93
N THR B 218 10.87 -26.80 -10.43
CA THR B 218 10.45 -25.47 -9.92
C THR B 218 8.96 -25.29 -10.06
N TRP B 219 8.40 -25.74 -11.20
CA TRP B 219 6.97 -25.69 -11.50
C TRP B 219 6.27 -26.55 -10.44
N GLU B 220 6.69 -27.82 -10.35
CA GLU B 220 6.21 -28.85 -9.42
C GLU B 220 6.25 -28.42 -7.95
N VAL B 221 7.32 -27.73 -7.49
CA VAL B 221 7.47 -27.25 -6.10
C VAL B 221 6.42 -26.19 -5.79
N LEU B 222 6.28 -25.20 -6.71
CA LEU B 222 5.35 -24.08 -6.57
C LEU B 222 3.90 -24.47 -6.77
N SER B 223 3.61 -25.37 -7.72
CA SER B 223 2.25 -25.85 -8.00
C SER B 223 1.77 -26.93 -7.02
N ARG B 224 2.70 -27.81 -6.53
CA ARG B 224 2.45 -28.98 -5.68
C ARG B 224 1.64 -30.04 -6.46
N LYS B 225 1.68 -29.94 -7.80
CA LYS B 225 0.94 -30.79 -8.75
C LYS B 225 1.87 -31.60 -9.61
N GLN B 226 1.40 -32.78 -10.06
CA GLN B 226 2.19 -33.67 -10.92
C GLN B 226 2.18 -33.17 -12.36
N PRO B 227 3.35 -32.89 -12.97
CA PRO B 227 3.37 -32.41 -14.37
C PRO B 227 2.75 -33.43 -15.32
N PHE B 228 1.85 -32.97 -16.21
CA PHE B 228 1.11 -33.75 -17.21
C PHE B 228 0.19 -34.78 -16.53
N GLU B 229 -0.44 -34.35 -15.40
CA GLU B 229 -1.37 -35.17 -14.60
C GLU B 229 -2.58 -35.63 -15.41
N ASP B 230 -3.06 -34.77 -16.32
CA ASP B 230 -4.21 -35.02 -17.19
C ASP B 230 -3.88 -36.02 -18.32
N VAL B 231 -2.57 -36.32 -18.56
CA VAL B 231 -2.11 -37.20 -19.64
C VAL B 231 -1.81 -38.61 -19.14
N THR B 232 -2.51 -39.58 -19.75
CA THR B 232 -2.43 -41.01 -19.44
C THR B 232 -1.17 -41.69 -20.04
N ASN B 233 -1.02 -41.64 -21.38
CA ASN B 233 0.07 -42.25 -22.11
C ASN B 233 1.35 -41.42 -22.04
N PRO B 234 2.49 -42.02 -21.63
CA PRO B 234 3.76 -41.26 -21.58
C PRO B 234 4.25 -40.79 -22.95
N LEU B 235 3.92 -41.56 -24.00
CA LEU B 235 4.27 -41.24 -25.38
C LEU B 235 3.56 -39.98 -25.84
N GLN B 236 2.37 -39.69 -25.25
CA GLN B 236 1.61 -38.49 -25.55
C GLN B 236 2.37 -37.29 -24.97
N ILE B 237 2.88 -37.41 -23.72
CA ILE B 237 3.67 -36.38 -23.02
C ILE B 237 4.87 -36.02 -23.88
N MET B 238 5.55 -37.05 -24.40
CA MET B 238 6.72 -36.95 -25.26
C MET B 238 6.41 -36.23 -26.59
N TYR B 239 5.21 -36.50 -27.16
CA TYR B 239 4.80 -35.85 -28.40
C TYR B 239 4.50 -34.38 -28.10
N SER B 240 3.64 -34.13 -27.09
CA SER B 240 3.22 -32.79 -26.65
C SER B 240 4.40 -31.89 -26.41
N VAL B 241 5.38 -32.34 -25.61
CA VAL B 241 6.57 -31.53 -25.30
C VAL B 241 7.39 -31.22 -26.56
N SER B 242 7.62 -32.24 -27.45
CA SER B 242 8.37 -32.06 -28.70
C SER B 242 7.67 -31.05 -29.64
N GLN B 243 6.37 -30.77 -29.38
CA GLN B 243 5.55 -29.80 -30.11
C GLN B 243 5.45 -28.45 -29.34
N GLY B 244 6.18 -28.36 -28.22
CA GLY B 244 6.24 -27.15 -27.41
C GLY B 244 5.33 -27.07 -26.22
N HIS B 245 4.65 -28.16 -25.87
CA HIS B 245 3.76 -28.17 -24.69
C HIS B 245 4.55 -28.40 -23.42
N ARG B 246 4.13 -27.69 -22.37
CA ARG B 246 4.76 -27.70 -21.06
C ARG B 246 3.69 -27.66 -19.98
N PRO B 247 3.97 -28.08 -18.72
CA PRO B 247 2.95 -27.93 -17.66
C PRO B 247 2.31 -26.54 -17.65
N VAL B 248 0.99 -26.49 -17.53
CA VAL B 248 0.18 -25.27 -17.58
C VAL B 248 0.51 -24.25 -16.48
N ILE B 249 0.55 -22.97 -16.87
CA ILE B 249 0.79 -21.84 -15.99
C ILE B 249 -0.47 -20.97 -16.05
N ASN B 250 -1.24 -20.93 -14.93
CA ASN B 250 -2.49 -20.20 -14.76
C ASN B 250 -2.80 -20.07 -13.27
N GLU B 251 -3.92 -19.43 -12.89
CA GLU B 251 -4.35 -19.25 -11.49
C GLU B 251 -4.66 -20.58 -10.77
N GLU B 252 -5.13 -21.62 -11.52
CA GLU B 252 -5.45 -22.93 -10.94
C GLU B 252 -4.17 -23.69 -10.60
N SER B 253 -3.19 -23.72 -11.55
CA SER B 253 -1.91 -24.41 -11.35
C SER B 253 -1.00 -23.65 -10.38
N LEU B 254 -0.64 -22.40 -10.73
CA LEU B 254 0.21 -21.53 -9.91
C LEU B 254 -0.58 -20.28 -9.46
N PRO B 255 -1.13 -20.24 -8.23
CA PRO B 255 -1.93 -19.08 -7.81
C PRO B 255 -1.17 -17.74 -7.73
N TYR B 256 -1.92 -16.64 -7.60
CA TYR B 256 -1.35 -15.30 -7.52
C TYR B 256 -0.72 -15.00 -6.15
N ASP B 257 -1.09 -15.79 -5.11
CA ASP B 257 -0.55 -15.65 -3.75
C ASP B 257 0.97 -15.98 -3.65
N ILE B 258 1.51 -16.66 -4.69
CA ILE B 258 2.92 -17.08 -4.78
C ILE B 258 3.85 -15.86 -4.75
N PRO B 259 4.79 -15.84 -3.75
CA PRO B 259 5.74 -14.71 -3.68
C PRO B 259 6.67 -14.68 -4.89
N HIS B 260 6.81 -13.50 -5.54
CA HIS B 260 7.63 -13.25 -6.74
C HIS B 260 7.23 -14.16 -7.91
N ARG B 261 5.90 -14.36 -8.05
CA ARG B 261 5.25 -15.19 -9.08
C ARG B 261 5.80 -14.92 -10.50
N ALA B 262 5.91 -13.63 -10.86
CA ALA B 262 6.41 -13.17 -12.17
C ALA B 262 7.86 -13.58 -12.43
N ARG B 263 8.74 -13.37 -11.42
CA ARG B 263 10.15 -13.71 -11.46
C ARG B 263 10.31 -15.21 -11.68
N MET B 264 9.50 -15.99 -10.95
CA MET B 264 9.46 -17.45 -10.99
C MET B 264 9.01 -17.98 -12.35
N ILE B 265 7.86 -17.46 -12.88
CA ILE B 265 7.33 -17.86 -14.19
C ILE B 265 8.34 -17.54 -15.30
N SER B 266 9.02 -16.39 -15.18
CA SER B 266 10.04 -15.96 -16.14
C SER B 266 11.19 -17.00 -16.18
N LEU B 267 11.59 -17.45 -14.98
CA LEU B 267 12.65 -18.42 -14.76
C LEU B 267 12.26 -19.79 -15.34
N ILE B 268 11.05 -20.27 -14.97
CA ILE B 268 10.50 -21.56 -15.43
C ILE B 268 10.40 -21.64 -16.99
N GLU B 269 9.78 -20.60 -17.61
CA GLU B 269 9.59 -20.45 -19.05
C GLU B 269 10.89 -20.48 -19.81
N SER B 270 11.90 -19.74 -19.31
CA SER B 270 13.23 -19.70 -19.93
C SER B 270 13.96 -21.03 -19.72
N GLY B 271 13.67 -21.66 -18.55
CA GLY B 271 14.22 -22.95 -18.16
C GLY B 271 13.84 -24.06 -19.12
N TRP B 272 12.52 -24.22 -19.38
CA TRP B 272 12.05 -25.26 -20.29
C TRP B 272 11.88 -24.82 -21.74
N ALA B 273 12.62 -23.77 -22.19
CA ALA B 273 12.59 -23.26 -23.57
C ALA B 273 12.87 -24.40 -24.57
N GLN B 274 12.06 -24.48 -25.65
CA GLN B 274 12.21 -25.52 -26.68
C GLN B 274 13.63 -25.50 -27.28
N ASN B 275 14.15 -24.28 -27.46
CA ASN B 275 15.48 -24.03 -27.97
C ASN B 275 16.47 -24.20 -26.82
N PRO B 276 17.44 -25.15 -26.92
CA PRO B 276 18.41 -25.34 -25.82
C PRO B 276 19.27 -24.11 -25.58
N ASP B 277 19.63 -23.42 -26.68
CA ASP B 277 20.44 -22.21 -26.67
C ASP B 277 19.73 -21.03 -25.97
N GLU B 278 18.39 -21.11 -25.79
CA GLU B 278 17.57 -20.12 -25.12
C GLU B 278 17.46 -20.31 -23.61
N ARG B 279 17.84 -21.49 -23.11
CA ARG B 279 17.78 -21.84 -21.68
C ARG B 279 18.95 -21.23 -20.85
N PRO B 280 18.69 -20.74 -19.60
CA PRO B 280 19.77 -20.12 -18.81
C PRO B 280 20.76 -21.10 -18.14
N SER B 281 21.81 -20.53 -17.54
CA SER B 281 22.79 -21.30 -16.77
C SER B 281 22.25 -21.33 -15.34
N PHE B 282 22.82 -22.19 -14.48
CA PHE B 282 22.41 -22.23 -13.09
C PHE B 282 22.90 -21.00 -12.34
N LEU B 283 23.99 -20.35 -12.84
CA LEU B 283 24.50 -19.09 -12.30
C LEU B 283 23.40 -18.01 -12.42
N LYS B 284 22.68 -17.96 -13.57
CA LYS B 284 21.60 -17.02 -13.82
C LYS B 284 20.40 -17.30 -12.91
N CYS B 285 20.15 -18.60 -12.62
CA CYS B 285 19.09 -19.02 -11.67
C CYS B 285 19.42 -18.49 -10.32
N LEU B 286 20.69 -18.68 -9.89
CA LEU B 286 21.24 -18.24 -8.62
C LEU B 286 21.12 -16.73 -8.48
N ILE B 287 21.52 -16.01 -9.52
CA ILE B 287 21.47 -14.55 -9.63
C ILE B 287 20.04 -14.03 -9.42
N GLU B 288 19.04 -14.71 -10.03
CA GLU B 288 17.62 -14.34 -9.93
C GLU B 288 17.03 -14.78 -8.61
N LEU B 289 17.48 -15.94 -8.06
CA LEU B 289 17.00 -16.51 -6.80
C LEU B 289 17.51 -15.80 -5.55
N GLU B 290 18.81 -15.44 -5.50
CA GLU B 290 19.46 -14.76 -4.36
C GLU B 290 18.59 -13.64 -3.73
N PRO B 291 18.06 -12.64 -4.53
CA PRO B 291 17.18 -11.61 -3.93
C PRO B 291 15.82 -12.09 -3.39
N VAL B 292 15.24 -13.19 -3.97
CA VAL B 292 13.95 -13.72 -3.51
C VAL B 292 14.12 -14.30 -2.12
N LEU B 293 15.25 -15.01 -1.89
CA LEU B 293 15.57 -15.61 -0.60
C LEU B 293 16.00 -14.57 0.41
N ARG B 294 16.47 -13.41 -0.10
CA ARG B 294 16.87 -12.25 0.68
C ARG B 294 15.67 -11.78 1.54
N THR B 295 14.43 -11.84 0.99
CA THR B 295 13.15 -11.43 1.59
C THR B 295 12.80 -12.20 2.89
N PHE B 296 13.05 -13.53 2.90
CA PHE B 296 12.75 -14.44 4.02
C PHE B 296 13.74 -14.34 5.18
N GLU B 297 13.23 -14.24 6.42
CA GLU B 297 14.13 -14.15 7.57
C GLU B 297 14.42 -15.55 8.12
N GLU B 298 15.64 -15.71 8.63
CA GLU B 298 16.25 -16.94 9.14
C GLU B 298 15.33 -17.84 9.98
N ILE B 299 14.45 -17.25 10.78
CA ILE B 299 13.56 -18.01 11.66
C ILE B 299 12.40 -18.67 10.91
N THR B 300 11.87 -18.01 9.87
CA THR B 300 10.72 -18.48 9.07
C THR B 300 10.96 -19.88 8.46
N PHE B 301 12.23 -20.24 8.20
CA PHE B 301 12.64 -21.53 7.67
C PHE B 301 12.57 -22.56 8.80
N LEU B 302 13.08 -22.19 9.99
CA LEU B 302 13.09 -23.07 11.16
C LEU B 302 11.68 -23.28 11.68
N GLU B 303 10.81 -22.28 11.48
CA GLU B 303 9.39 -22.35 11.82
C GLU B 303 8.70 -23.29 10.81
N ALA B 304 9.06 -23.15 9.51
CA ALA B 304 8.54 -23.95 8.41
C ALA B 304 8.82 -25.44 8.59
N VAL B 305 10.05 -25.80 8.98
CA VAL B 305 10.45 -27.18 9.20
C VAL B 305 9.70 -27.76 10.44
N ILE B 306 9.55 -26.95 11.52
CA ILE B 306 8.84 -27.41 12.71
C ILE B 306 7.35 -27.60 12.42
N GLN B 307 6.78 -26.74 11.53
CA GLN B 307 5.38 -26.81 11.10
C GLN B 307 5.05 -28.18 10.48
N LEU B 308 6.06 -28.88 9.95
CA LEU B 308 5.92 -30.20 9.31
C LEU B 308 5.86 -31.30 10.37
N LYS B 309 6.72 -31.20 11.40
CA LYS B 309 6.82 -32.15 12.51
C LYS B 309 6.00 -31.71 13.73
N ALA C 4 -34.04 13.48 42.08
CA ALA C 4 -32.72 13.19 41.51
C ALA C 4 -32.23 11.82 41.99
N ILE C 5 -32.00 10.89 41.04
CA ILE C 5 -31.56 9.52 41.35
C ILE C 5 -30.03 9.41 41.39
N CYS C 6 -29.48 9.22 42.61
CA CYS C 6 -28.05 9.06 42.90
C CYS C 6 -27.75 7.65 43.46
N SER C 7 -26.45 7.30 43.51
CA SER C 7 -25.91 6.05 44.08
C SER C 7 -24.56 6.33 44.71
N ALA C 8 -24.34 5.87 45.95
CA ALA C 8 -23.08 6.10 46.65
C ALA C 8 -22.17 4.91 46.42
N LEU C 9 -20.88 5.18 46.11
CA LEU C 9 -19.87 4.17 45.86
C LEU C 9 -19.56 3.35 47.12
N PRO C 10 -19.67 1.99 47.05
CA PRO C 10 -19.44 1.15 48.24
C PRO C 10 -18.09 1.36 48.92
N THR C 11 -18.05 1.15 50.25
CA THR C 11 -16.80 1.25 51.01
C THR C 11 -16.37 -0.15 51.38
N ILE C 12 -15.20 -0.58 50.87
CA ILE C 12 -14.66 -1.92 51.09
C ILE C 12 -13.58 -1.93 52.20
N PRO C 13 -13.80 -2.72 53.29
CA PRO C 13 -12.78 -2.80 54.35
C PRO C 13 -11.57 -3.58 53.86
N TYR C 14 -10.36 -3.10 54.15
CA TYR C 14 -9.11 -3.72 53.73
C TYR C 14 -9.03 -5.23 53.99
N HIS C 15 -9.60 -5.68 55.13
CA HIS C 15 -9.59 -7.09 55.53
C HIS C 15 -10.43 -7.99 54.59
N LYS C 16 -11.32 -7.38 53.78
CA LYS C 16 -12.16 -8.08 52.78
C LYS C 16 -11.36 -8.34 51.52
N LEU C 17 -10.25 -7.61 51.35
CA LEU C 17 -9.33 -7.77 50.23
C LEU C 17 -8.28 -8.78 50.62
N ALA C 18 -8.45 -10.03 50.17
CA ALA C 18 -7.60 -11.18 50.45
C ALA C 18 -6.71 -11.47 49.25
N ASP C 19 -5.59 -12.19 49.47
CA ASP C 19 -4.58 -12.59 48.48
C ASP C 19 -4.04 -11.38 47.71
N LEU C 20 -3.72 -10.26 48.41
CA LEU C 20 -3.26 -9.03 47.78
C LEU C 20 -1.86 -9.13 47.18
N ARG C 21 -1.80 -9.58 45.92
CA ARG C 21 -0.58 -9.76 45.17
C ARG C 21 -0.37 -8.58 44.23
N TYR C 22 0.87 -8.05 44.19
CA TYR C 22 1.29 -6.93 43.35
C TYR C 22 1.15 -7.28 41.86
N LEU C 23 0.76 -6.30 41.02
CA LEU C 23 0.65 -6.49 39.58
C LEU C 23 1.64 -5.58 38.84
N SER C 24 1.56 -4.26 39.09
CA SER C 24 2.40 -3.22 38.46
C SER C 24 2.44 -1.93 39.30
N ARG C 25 3.43 -1.07 39.04
CA ARG C 25 3.59 0.24 39.66
C ARG C 25 3.80 1.27 38.54
N GLY C 26 3.05 2.37 38.61
CA GLY C 26 3.10 3.45 37.63
C GLY C 26 2.93 4.83 38.23
N ALA C 27 2.80 5.85 37.36
CA ALA C 27 2.64 7.25 37.76
C ALA C 27 1.32 7.49 38.47
N SER C 28 0.23 6.82 38.00
CA SER C 28 -1.11 6.94 38.59
C SER C 28 -1.20 6.24 39.96
N GLY C 29 -0.38 5.20 40.16
CA GLY C 29 -0.31 4.41 41.40
C GLY C 29 0.18 2.98 41.23
N THR C 30 -0.09 2.12 42.25
CA THR C 30 0.28 0.69 42.23
C THR C 30 -0.96 -0.18 42.05
N VAL C 31 -0.98 -1.03 41.02
CA VAL C 31 -2.08 -1.96 40.80
C VAL C 31 -1.72 -3.32 41.44
N SER C 32 -2.68 -3.89 42.22
CA SER C 32 -2.56 -5.18 42.89
C SER C 32 -3.85 -6.00 42.65
N SER C 33 -3.74 -7.33 42.66
CA SER C 33 -4.86 -8.25 42.48
C SER C 33 -5.25 -8.82 43.82
N ALA C 34 -6.59 -8.88 44.07
CA ALA C 34 -7.21 -9.37 45.30
C ALA C 34 -8.44 -10.24 45.04
N ARG C 35 -8.98 -10.83 46.11
CA ARG C 35 -10.14 -11.69 46.11
C ARG C 35 -11.14 -11.14 47.16
N HIS C 36 -12.34 -10.59 46.74
CA HIS C 36 -13.30 -10.07 47.71
C HIS C 36 -13.87 -11.22 48.53
N ALA C 37 -13.58 -11.18 49.85
CA ALA C 37 -13.97 -12.16 50.87
C ALA C 37 -15.46 -12.48 50.91
N ASP C 38 -16.32 -11.47 50.61
CA ASP C 38 -17.78 -11.63 50.63
C ASP C 38 -18.38 -11.94 49.28
N TRP C 39 -17.89 -11.25 48.21
CA TRP C 39 -18.38 -11.39 46.83
C TRP C 39 -17.87 -12.59 46.10
N ARG C 40 -16.72 -13.12 46.56
CA ARG C 40 -16.04 -14.33 46.06
C ARG C 40 -15.74 -14.22 44.54
N VAL C 41 -15.14 -13.05 44.17
CA VAL C 41 -14.70 -12.63 42.83
C VAL C 41 -13.30 -11.97 42.91
N GLN C 42 -12.50 -12.12 41.83
CA GLN C 42 -11.16 -11.52 41.78
C GLN C 42 -11.31 -10.07 41.36
N VAL C 43 -10.67 -9.15 42.11
CA VAL C 43 -10.71 -7.70 41.87
C VAL C 43 -9.29 -7.10 41.70
N ALA C 44 -9.24 -5.85 41.17
CA ALA C 44 -8.03 -5.05 40.99
C ALA C 44 -8.09 -3.89 41.97
N VAL C 45 -6.98 -3.56 42.62
CA VAL C 45 -6.96 -2.49 43.59
C VAL C 45 -5.76 -1.51 43.37
N LYS C 46 -6.02 -0.23 42.91
CA LYS C 46 -4.99 0.80 42.64
C LYS C 46 -4.72 1.63 43.90
N HIS C 47 -3.44 1.80 44.30
CA HIS C 47 -3.07 2.49 45.55
C HIS C 47 -1.67 3.15 45.52
N SER C 57 -5.04 14.96 51.57
CA SER C 57 -3.88 15.64 51.00
C SER C 57 -3.23 14.74 49.94
N GLU C 58 -2.62 13.62 50.40
CA GLU C 58 -2.00 12.58 49.57
C GLU C 58 -3.19 11.88 48.81
N ARG C 59 -4.28 11.64 49.59
CA ARG C 59 -5.55 11.01 49.29
C ARG C 59 -6.42 11.72 48.24
N LYS C 60 -6.44 13.06 48.25
CA LYS C 60 -7.22 13.95 47.39
C LYS C 60 -7.24 13.55 45.90
N ASP C 61 -6.13 12.97 45.40
CA ASP C 61 -5.90 12.51 44.02
C ASP C 61 -6.71 11.23 43.69
N VAL C 62 -6.70 10.26 44.62
CA VAL C 62 -7.37 8.96 44.47
C VAL C 62 -8.89 9.11 44.63
N LEU C 63 -9.34 9.87 45.64
CA LEU C 63 -10.76 10.13 45.88
C LEU C 63 -11.44 10.85 44.69
N ARG C 64 -10.64 11.62 43.93
CA ARG C 64 -11.08 12.34 42.75
C ARG C 64 -11.25 11.33 41.61
N GLU C 65 -10.21 10.48 41.37
CA GLU C 65 -10.21 9.44 40.34
C GLU C 65 -11.37 8.44 40.55
N ALA C 66 -11.64 8.11 41.83
CA ALA C 66 -12.73 7.22 42.21
C ALA C 66 -14.09 7.84 41.85
N GLU C 67 -14.25 9.17 42.10
CA GLU C 67 -15.46 9.92 41.78
C GLU C 67 -15.69 9.92 40.25
N ILE C 68 -14.60 10.07 39.47
CA ILE C 68 -14.66 10.09 38.01
C ILE C 68 -15.19 8.76 37.48
N LEU C 69 -14.57 7.62 37.89
CA LEU C 69 -14.95 6.25 37.45
C LEU C 69 -16.39 5.87 37.80
N HIS C 70 -16.91 6.43 38.93
CA HIS C 70 -18.25 6.20 39.39
C HIS C 70 -19.24 6.97 38.53
N LYS C 71 -18.88 8.21 38.17
CA LYS C 71 -19.71 9.10 37.36
C LYS C 71 -19.67 8.74 35.88
N ALA C 72 -18.49 8.43 35.36
CA ALA C 72 -18.24 8.11 33.95
C ALA C 72 -18.44 6.63 33.56
N ARG C 73 -19.07 5.82 34.39
CA ARG C 73 -19.27 4.43 34.05
C ARG C 73 -20.12 4.29 32.78
N PHE C 74 -19.65 3.41 31.90
CA PHE C 74 -20.16 3.03 30.59
C PHE C 74 -19.52 1.70 30.20
N SER C 75 -20.10 1.01 29.20
CA SER C 75 -19.71 -0.30 28.68
C SER C 75 -18.22 -0.45 28.36
N TYR C 76 -17.54 0.68 28.09
CA TYR C 76 -16.12 0.70 27.70
C TYR C 76 -15.21 1.49 28.68
N ILE C 77 -15.74 1.77 29.88
CA ILE C 77 -15.06 2.44 30.99
C ILE C 77 -14.94 1.44 32.13
N LEU C 78 -13.72 1.28 32.67
CA LEU C 78 -13.41 0.31 33.74
C LEU C 78 -14.40 0.42 34.92
N PRO C 79 -15.12 -0.68 35.23
CA PRO C 79 -16.13 -0.60 36.29
C PRO C 79 -15.53 -0.59 37.69
N ILE C 80 -15.74 0.52 38.39
CA ILE C 80 -15.28 0.69 39.78
C ILE C 80 -16.23 -0.09 40.67
N LEU C 81 -15.69 -0.92 41.58
CA LEU C 81 -16.51 -1.73 42.47
C LEU C 81 -16.72 -1.12 43.87
N GLY C 82 -15.79 -0.26 44.27
CA GLY C 82 -15.83 0.42 45.55
C GLY C 82 -14.52 1.11 45.90
N ILE C 83 -14.48 1.67 47.11
CA ILE C 83 -13.33 2.41 47.65
C ILE C 83 -12.90 1.89 49.02
N CYS C 84 -11.59 1.76 49.19
CA CYS C 84 -10.99 1.39 50.46
C CYS C 84 -10.34 2.66 51.01
N ASN C 85 -10.99 3.30 52.00
CA ASN C 85 -10.49 4.51 52.63
C ASN C 85 -10.39 4.29 54.12
N GLU C 86 -9.20 3.87 54.53
CA GLU C 86 -8.85 3.59 55.91
C GLU C 86 -7.61 4.42 56.27
N PRO C 87 -7.35 4.72 57.57
CA PRO C 87 -6.13 5.47 57.90
C PRO C 87 -4.84 4.75 57.49
N GLU C 88 -4.88 3.40 57.50
CA GLU C 88 -3.77 2.52 57.12
C GLU C 88 -3.67 2.34 55.59
N PHE C 89 -4.82 2.17 54.89
CA PHE C 89 -4.87 1.91 53.46
C PHE C 89 -5.89 2.72 52.69
N LEU C 90 -5.49 3.16 51.49
CA LEU C 90 -6.33 3.87 50.54
C LEU C 90 -6.04 3.35 49.14
N GLY C 91 -7.10 2.87 48.51
CA GLY C 91 -7.06 2.30 47.18
C GLY C 91 -8.41 2.11 46.53
N ILE C 92 -8.42 2.30 45.19
CA ILE C 92 -9.58 2.14 44.32
C ILE C 92 -9.71 0.66 43.95
N VAL C 93 -10.91 0.09 44.20
CA VAL C 93 -11.21 -1.32 43.93
C VAL C 93 -12.11 -1.36 42.73
N THR C 94 -11.65 -2.03 41.66
CA THR C 94 -12.38 -2.13 40.39
C THR C 94 -12.44 -3.59 39.93
N GLU C 95 -13.00 -3.81 38.72
CA GLU C 95 -13.08 -5.12 38.10
C GLU C 95 -11.68 -5.55 37.67
N TYR C 96 -11.39 -6.86 37.72
CA TYR C 96 -10.10 -7.39 37.32
C TYR C 96 -10.11 -7.69 35.81
N MET C 97 -9.09 -7.17 35.10
CA MET C 97 -8.93 -7.35 33.65
C MET C 97 -7.95 -8.49 33.39
N PRO C 98 -8.46 -9.69 33.04
CA PRO C 98 -7.57 -10.86 32.92
C PRO C 98 -6.43 -10.72 31.92
N ASN C 99 -6.72 -10.14 30.73
CA ASN C 99 -5.76 -10.00 29.64
C ASN C 99 -5.06 -8.61 29.60
N GLY C 100 -4.85 -8.03 30.79
CA GLY C 100 -4.15 -6.77 31.02
C GLY C 100 -4.50 -5.57 30.15
N SER C 101 -3.45 -4.98 29.51
CA SER C 101 -3.56 -3.80 28.64
C SER C 101 -3.30 -4.08 27.17
N LEU C 102 -3.65 -3.11 26.31
CA LEU C 102 -3.47 -3.13 24.87
C LEU C 102 -1.95 -3.14 24.53
N ASN C 103 -1.15 -2.42 25.35
CA ASN C 103 0.31 -2.35 25.23
C ASN C 103 0.90 -3.77 25.26
N GLU C 104 0.41 -4.60 26.16
CA GLU C 104 0.82 -6.00 26.32
C GLU C 104 0.42 -6.87 25.08
N LEU C 105 -0.82 -6.77 24.56
CA LEU C 105 -1.20 -7.56 23.38
C LEU C 105 -0.42 -7.10 22.12
N LEU C 106 -0.18 -5.80 21.99
CA LEU C 106 0.54 -5.22 20.86
C LEU C 106 2.03 -5.47 20.85
N HIS C 107 2.68 -5.48 22.00
CA HIS C 107 4.14 -5.57 21.99
C HIS C 107 4.68 -6.93 22.45
N ARG C 108 3.85 -7.81 23.05
CA ARG C 108 4.32 -9.16 23.44
C ARG C 108 4.11 -10.06 22.23
N LYS C 109 5.00 -9.89 21.22
CA LYS C 109 5.00 -10.60 19.94
C LYS C 109 5.37 -12.10 20.04
N THR C 110 5.90 -12.53 21.20
CA THR C 110 6.22 -13.94 21.47
C THR C 110 4.96 -14.65 21.97
N GLU C 111 4.29 -14.03 22.99
CA GLU C 111 3.05 -14.48 23.63
C GLU C 111 1.87 -14.36 22.66
N TYR C 112 1.78 -13.21 21.95
CA TYR C 112 0.76 -12.86 20.96
C TYR C 112 1.41 -12.74 19.55
N PRO C 113 1.79 -13.86 18.86
CA PRO C 113 2.41 -13.70 17.54
C PRO C 113 1.45 -13.16 16.48
N ASP C 114 0.21 -13.64 16.47
CA ASP C 114 -0.80 -13.17 15.51
C ASP C 114 -2.01 -12.56 16.20
N VAL C 115 -2.24 -11.25 15.91
CA VAL C 115 -3.37 -10.45 16.38
C VAL C 115 -4.14 -10.00 15.12
N ALA C 116 -5.32 -10.60 14.88
CA ALA C 116 -6.16 -10.37 13.71
C ALA C 116 -6.71 -8.97 13.57
N TRP C 117 -6.86 -8.49 12.32
CA TRP C 117 -7.43 -7.17 11.99
C TRP C 117 -8.85 -7.00 12.56
N PRO C 118 -9.79 -8.02 12.52
CA PRO C 118 -11.11 -7.83 13.17
C PRO C 118 -10.99 -7.38 14.63
N LEU C 119 -10.11 -8.04 15.41
CA LEU C 119 -9.87 -7.68 16.80
C LEU C 119 -9.27 -6.29 16.96
N ARG C 120 -8.23 -5.97 16.17
CA ARG C 120 -7.57 -4.67 16.16
C ARG C 120 -8.57 -3.56 15.86
N PHE C 121 -9.48 -3.79 14.88
CA PHE C 121 -10.52 -2.83 14.48
C PHE C 121 -11.67 -2.74 15.49
N ARG C 122 -12.00 -3.89 16.15
CA ARG C 122 -13.01 -3.93 17.21
C ARG C 122 -12.54 -3.02 18.36
N ILE C 123 -11.27 -3.23 18.82
CA ILE C 123 -10.57 -2.48 19.89
C ILE C 123 -10.64 -0.97 19.62
N LEU C 124 -10.21 -0.54 18.39
CA LEU C 124 -10.20 0.86 17.96
C LEU C 124 -11.60 1.45 18.03
N HIS C 125 -12.60 0.69 17.54
CA HIS C 125 -14.00 1.10 17.57
C HIS C 125 -14.48 1.36 19.00
N GLU C 126 -14.21 0.40 19.92
CA GLU C 126 -14.57 0.46 21.33
C GLU C 126 -13.92 1.62 22.08
N ILE C 127 -12.61 1.90 21.85
CA ILE C 127 -11.92 3.05 22.45
C ILE C 127 -12.68 4.34 22.06
N ALA C 128 -12.94 4.52 20.75
CA ALA C 128 -13.65 5.68 20.22
C ALA C 128 -15.05 5.78 20.87
N LEU C 129 -15.79 4.63 21.01
CA LEU C 129 -17.12 4.56 21.64
C LEU C 129 -17.11 5.05 23.09
N GLY C 130 -16.07 4.67 23.84
CA GLY C 130 -15.87 5.06 25.23
C GLY C 130 -15.53 6.53 25.37
N VAL C 131 -14.51 7.00 24.61
CA VAL C 131 -14.05 8.39 24.60
C VAL C 131 -15.18 9.33 24.10
N ASN C 132 -16.00 8.86 23.14
CA ASN C 132 -17.14 9.60 22.62
C ASN C 132 -18.15 9.79 23.73
N TYR C 133 -18.42 8.74 24.56
CA TYR C 133 -19.37 8.81 25.67
C TYR C 133 -18.93 9.83 26.67
N LEU C 134 -17.61 9.85 27.00
CA LEU C 134 -16.99 10.77 27.94
C LEU C 134 -17.20 12.21 27.49
N HIS C 135 -16.98 12.46 26.18
CA HIS C 135 -17.08 13.77 25.57
C HIS C 135 -18.51 14.23 25.47
N ASN C 136 -19.48 13.28 25.48
CA ASN C 136 -20.92 13.54 25.42
C ASN C 136 -21.57 13.71 26.80
N MET C 137 -20.77 13.72 27.89
CA MET C 137 -21.26 13.91 29.25
C MET C 137 -21.63 15.38 29.49
N THR C 138 -22.35 15.69 30.59
CA THR C 138 -22.76 17.05 30.93
C THR C 138 -22.30 17.38 32.35
N PRO C 139 -21.16 18.10 32.54
CA PRO C 139 -20.27 18.68 31.52
C PRO C 139 -19.43 17.58 30.83
N PRO C 140 -18.84 17.81 29.64
CA PRO C 140 -18.02 16.75 29.02
C PRO C 140 -16.82 16.36 29.89
N LEU C 141 -16.41 15.09 29.81
CA LEU C 141 -15.28 14.56 30.56
C LEU C 141 -14.13 14.28 29.61
N LEU C 142 -12.99 14.93 29.85
CA LEU C 142 -11.79 14.79 29.02
C LEU C 142 -10.78 13.96 29.75
N HIS C 143 -10.40 12.82 29.15
CA HIS C 143 -9.46 11.84 29.70
C HIS C 143 -8.05 12.41 29.95
N HIS C 144 -7.46 13.11 28.95
CA HIS C 144 -6.15 13.76 28.98
C HIS C 144 -4.98 12.86 29.37
N ASP C 145 -5.15 11.52 29.21
CA ASP C 145 -4.10 10.57 29.54
C ASP C 145 -4.07 9.30 28.69
N LEU C 146 -4.96 9.15 27.70
CA LEU C 146 -5.03 7.97 26.82
C LEU C 146 -3.66 7.43 26.31
N LYS C 147 -3.36 6.16 26.63
CA LYS C 147 -2.17 5.39 26.28
C LYS C 147 -2.65 3.96 26.00
N THR C 148 -1.80 3.09 25.41
CA THR C 148 -2.14 1.68 25.17
C THR C 148 -2.20 0.90 26.48
N GLN C 149 -1.53 1.42 27.52
CA GLN C 149 -1.49 0.83 28.86
C GLN C 149 -2.83 1.08 29.58
N ASN C 150 -3.50 2.21 29.28
CA ASN C 150 -4.79 2.62 29.87
C ASN C 150 -6.00 1.89 29.27
N ILE C 151 -5.83 1.32 28.07
CA ILE C 151 -6.84 0.58 27.32
C ILE C 151 -6.72 -0.86 27.75
N LEU C 152 -7.55 -1.24 28.70
CA LEU C 152 -7.53 -2.59 29.26
C LEU C 152 -8.43 -3.54 28.49
N LEU C 153 -8.15 -4.85 28.61
CA LEU C 153 -8.87 -5.90 27.91
C LEU C 153 -9.39 -6.95 28.87
N ASP C 154 -10.70 -7.24 28.78
CA ASP C 154 -11.33 -8.28 29.62
C ASP C 154 -11.07 -9.68 29.05
N ASN C 155 -11.61 -10.73 29.72
CA ASN C 155 -11.44 -12.14 29.30
C ASN C 155 -11.85 -12.42 27.85
N GLU C 156 -12.70 -11.57 27.28
CA GLU C 156 -13.17 -11.71 25.90
C GLU C 156 -12.63 -10.57 24.98
N PHE C 157 -11.57 -9.88 25.44
CA PHE C 157 -10.83 -8.81 24.78
C PHE C 157 -11.69 -7.61 24.34
N HIS C 158 -12.43 -7.07 25.30
CA HIS C 158 -13.22 -5.87 25.10
C HIS C 158 -12.58 -4.74 25.89
N VAL C 159 -12.59 -3.54 25.32
CA VAL C 159 -11.98 -2.33 25.85
C VAL C 159 -12.64 -1.83 27.14
N LYS C 160 -11.77 -1.44 28.06
CA LYS C 160 -12.04 -0.94 29.39
C LYS C 160 -11.04 0.20 29.68
N ILE C 161 -11.44 1.46 29.42
CA ILE C 161 -10.60 2.65 29.60
C ILE C 161 -10.37 2.92 31.08
N ALA C 162 -9.08 3.07 31.48
CA ALA C 162 -8.68 3.32 32.86
C ALA C 162 -7.85 4.60 32.97
N ASP C 163 -7.29 4.88 34.17
CA ASP C 163 -6.42 6.04 34.48
C ASP C 163 -7.11 7.39 34.25
N PHE C 164 -7.92 7.79 35.22
CA PHE C 164 -8.67 9.04 35.21
C PHE C 164 -8.05 10.04 36.20
N GLY C 165 -6.75 9.83 36.46
CA GLY C 165 -5.91 10.60 37.36
C GLY C 165 -5.65 12.01 36.86
N LEU C 166 -5.53 12.16 35.52
CA LEU C 166 -5.28 13.45 34.87
C LEU C 166 -6.51 14.04 34.17
N SER C 167 -7.59 13.25 34.09
CA SER C 167 -8.86 13.66 33.46
C SER C 167 -9.49 14.90 34.09
N LYS C 168 -10.12 15.75 33.24
CA LYS C 168 -10.77 16.99 33.66
C LYS C 168 -12.17 17.19 33.04
N TRP C 169 -13.07 17.85 33.79
CA TRP C 169 -14.43 18.17 33.37
C TRP C 169 -14.45 19.52 32.64
N ARG C 170 -14.89 19.55 31.36
CA ARG C 170 -14.93 20.80 30.60
C ARG C 170 -16.11 21.68 31.04
N MET C 171 -15.83 22.67 31.92
CA MET C 171 -16.83 23.61 32.47
C MET C 171 -16.50 25.05 32.13
N GLY C 187 5.73 8.44 32.58
CA GLY C 187 5.60 9.82 32.11
C GLY C 187 5.82 9.97 30.62
N THR C 188 5.00 9.27 29.82
CA THR C 188 5.12 9.30 28.36
C THR C 188 4.31 10.46 27.75
N ILE C 189 5.02 11.24 26.92
CA ILE C 189 4.53 12.41 26.19
C ILE C 189 4.27 12.06 24.70
N ILE C 190 4.45 10.77 24.31
CA ILE C 190 4.30 10.33 22.93
C ILE C 190 2.81 10.38 22.45
N TYR C 191 1.85 10.51 23.37
CA TYR C 191 0.43 10.58 23.04
C TYR C 191 -0.11 12.01 23.25
N MET C 192 0.78 12.92 23.64
CA MET C 192 0.43 14.30 23.96
C MET C 192 0.57 15.24 22.76
N PRO C 193 -0.48 16.05 22.47
CA PRO C 193 -0.38 17.07 21.40
C PRO C 193 0.64 18.16 21.76
N PRO C 194 1.31 18.76 20.75
CA PRO C 194 2.40 19.72 21.05
C PRO C 194 2.01 20.98 21.82
N GLU C 195 0.74 21.41 21.74
CA GLU C 195 0.25 22.62 22.41
C GLU C 195 0.09 22.44 23.92
N ASN C 196 -0.02 21.18 24.34
CA ASN C 196 -0.26 20.76 25.71
C ASN C 196 0.96 20.91 26.64
N TYR C 197 2.20 20.97 26.09
CA TYR C 197 3.51 21.08 26.76
C TYR C 197 3.61 22.26 27.77
N GLU C 198 3.79 23.51 27.29
CA GLU C 198 3.93 24.72 28.13
C GLU C 198 2.66 25.07 28.97
N PRO C 199 2.74 25.96 30.00
CA PRO C 199 1.51 26.30 30.77
C PRO C 199 0.53 27.20 29.98
N ILE C 207 -7.74 21.83 25.41
CA ILE C 207 -9.20 21.76 25.45
C ILE C 207 -9.65 20.33 25.15
N LYS C 208 -9.41 19.83 23.93
CA LYS C 208 -9.69 18.43 23.58
C LYS C 208 -8.37 17.86 23.00
N HIS C 209 -7.62 17.24 23.91
CA HIS C 209 -6.31 16.65 23.70
C HIS C 209 -6.42 15.17 23.28
N ASP C 210 -7.49 14.53 23.76
CA ASP C 210 -7.88 13.12 23.66
C ASP C 210 -7.76 12.52 22.26
N ILE C 211 -8.15 13.27 21.21
CA ILE C 211 -8.09 12.86 19.79
C ILE C 211 -6.60 12.62 19.29
N TYR C 212 -5.61 13.51 19.66
CA TYR C 212 -4.21 13.34 19.28
C TYR C 212 -3.74 11.98 19.75
N SER C 213 -4.03 11.66 21.04
CA SER C 213 -3.67 10.41 21.70
C SER C 213 -4.22 9.20 20.91
N TYR C 214 -5.52 9.28 20.49
CA TYR C 214 -6.24 8.25 19.75
C TYR C 214 -5.53 7.90 18.45
N ALA C 215 -5.12 8.92 17.70
CA ALA C 215 -4.39 8.76 16.44
C ALA C 215 -3.09 7.98 16.63
N VAL C 216 -2.26 8.38 17.64
CA VAL C 216 -0.98 7.72 17.90
C VAL C 216 -1.25 6.24 18.34
N ILE C 217 -2.37 6.01 19.07
CA ILE C 217 -2.77 4.65 19.49
C ILE C 217 -3.24 3.84 18.26
N THR C 218 -3.94 4.49 17.31
CA THR C 218 -4.40 3.87 16.08
C THR C 218 -3.20 3.47 15.24
N TRP C 219 -2.17 4.33 15.20
CA TRP C 219 -0.92 4.07 14.48
C TRP C 219 -0.28 2.82 15.10
N GLU C 220 -0.06 2.87 16.42
CA GLU C 220 0.50 1.82 17.26
C GLU C 220 -0.20 0.46 17.11
N VAL C 221 -1.55 0.45 17.03
CA VAL C 221 -2.34 -0.80 16.90
C VAL C 221 -2.08 -1.45 15.54
N LEU C 222 -2.13 -0.64 14.46
CA LEU C 222 -1.94 -1.06 13.08
C LEU C 222 -0.50 -1.42 12.75
N SER C 223 0.46 -0.65 13.28
CA SER C 223 1.88 -0.88 13.06
C SER C 223 2.46 -1.99 13.94
N ARG C 224 1.95 -2.14 15.19
CA ARG C 224 2.44 -3.07 16.23
C ARG C 224 3.88 -2.66 16.66
N LYS C 225 4.24 -1.40 16.37
CA LYS C 225 5.55 -0.79 16.66
C LYS C 225 5.43 0.33 17.68
N GLN C 226 6.53 0.55 18.45
CA GLN C 226 6.57 1.60 19.48
C GLN C 226 6.86 2.94 18.82
N PRO C 227 5.98 3.96 18.99
CA PRO C 227 6.22 5.27 18.35
C PRO C 227 7.51 5.90 18.82
N PHE C 228 8.34 6.32 17.83
CA PHE C 228 9.67 6.91 17.97
C PHE C 228 10.66 5.92 18.60
N GLU C 229 10.57 4.62 18.25
CA GLU C 229 11.50 3.63 18.78
C GLU C 229 12.94 3.91 18.29
N ASP C 230 13.05 4.43 17.04
CA ASP C 230 14.31 4.81 16.39
C ASP C 230 14.88 6.14 16.93
N VAL C 231 14.28 6.68 18.02
CA VAL C 231 14.73 7.90 18.72
C VAL C 231 15.35 7.47 20.09
N THR C 232 15.83 8.44 20.91
CA THR C 232 16.44 8.15 22.22
C THR C 232 15.97 9.14 23.32
N ASN C 233 16.27 10.44 23.15
CA ASN C 233 15.92 11.49 24.11
C ASN C 233 14.44 11.88 23.98
N PRO C 234 13.67 11.85 25.10
CA PRO C 234 12.24 12.25 25.04
C PRO C 234 12.04 13.74 24.72
N LEU C 235 13.05 14.57 25.06
CA LEU C 235 13.03 16.00 24.79
C LEU C 235 13.28 16.26 23.31
N GLN C 236 14.04 15.32 22.67
CA GLN C 236 14.41 15.28 21.25
C GLN C 236 13.12 15.12 20.45
N ILE C 237 12.21 14.23 20.92
CA ILE C 237 10.91 13.97 20.34
C ILE C 237 10.09 15.23 20.49
N MET C 238 9.97 15.77 21.71
CA MET C 238 9.18 16.95 22.05
C MET C 238 9.40 18.16 21.15
N TYR C 239 10.65 18.40 20.72
CA TYR C 239 10.93 19.46 19.79
C TYR C 239 10.40 19.04 18.42
N SER C 240 10.84 17.86 17.92
CA SER C 240 10.45 17.28 16.62
C SER C 240 8.96 17.22 16.39
N VAL C 241 8.16 16.88 17.41
CA VAL C 241 6.71 16.82 17.26
C VAL C 241 6.10 18.24 17.27
N SER C 242 6.84 19.22 17.87
CA SER C 242 6.43 20.62 17.90
C SER C 242 6.84 21.22 16.55
N GLN C 243 7.78 20.52 15.88
CA GLN C 243 8.32 20.78 14.55
C GLN C 243 7.45 20.02 13.52
N GLY C 244 6.28 19.55 13.99
CA GLY C 244 5.27 18.84 13.20
C GLY C 244 5.61 17.43 12.74
N HIS C 245 6.54 16.73 13.42
CA HIS C 245 6.87 15.36 13.05
C HIS C 245 6.01 14.40 13.83
N ARG C 246 5.66 13.24 13.22
CA ARG C 246 4.81 12.22 13.81
C ARG C 246 5.29 10.84 13.41
N PRO C 247 4.91 9.73 14.11
CA PRO C 247 5.38 8.39 13.70
C PRO C 247 5.24 8.17 12.19
N VAL C 248 6.29 7.58 11.60
CA VAL C 248 6.41 7.35 10.16
C VAL C 248 5.34 6.42 9.57
N ILE C 249 4.84 6.80 8.39
CA ILE C 249 3.84 6.08 7.62
C ILE C 249 4.51 5.69 6.29
N ASN C 250 4.77 4.40 6.12
CA ASN C 250 5.42 3.80 4.94
C ASN C 250 5.13 2.30 4.92
N GLU C 251 5.65 1.55 3.91
CA GLU C 251 5.47 0.11 3.79
C GLU C 251 6.10 -0.70 4.94
N GLU C 252 7.21 -0.17 5.54
CA GLU C 252 7.91 -0.83 6.65
C GLU C 252 7.08 -0.72 7.94
N SER C 253 6.57 0.51 8.24
CA SER C 253 5.76 0.77 9.42
C SER C 253 4.35 0.19 9.28
N LEU C 254 3.59 0.67 8.30
CA LEU C 254 2.22 0.21 8.05
C LEU C 254 2.14 -0.46 6.67
N PRO C 255 2.18 -1.82 6.58
CA PRO C 255 2.15 -2.47 5.25
C PRO C 255 0.89 -2.22 4.41
N TYR C 256 0.94 -2.60 3.12
CA TYR C 256 -0.18 -2.42 2.19
C TYR C 256 -1.31 -3.45 2.40
N ASP C 257 -0.99 -4.57 3.09
CA ASP C 257 -1.96 -5.63 3.39
C ASP C 257 -3.09 -5.16 4.34
N ILE C 258 -2.86 -4.04 5.06
CA ILE C 258 -3.80 -3.44 6.02
C ILE C 258 -5.17 -3.11 5.39
N PRO C 259 -6.27 -3.71 5.93
CA PRO C 259 -7.61 -3.41 5.41
C PRO C 259 -8.00 -1.95 5.66
N HIS C 260 -8.50 -1.27 4.60
CA HIS C 260 -8.91 0.13 4.61
C HIS C 260 -7.74 1.04 5.02
N ARG C 261 -6.52 0.64 4.59
CA ARG C 261 -5.25 1.32 4.86
C ARG C 261 -5.39 2.83 4.72
N ALA C 262 -5.87 3.27 3.52
CA ALA C 262 -6.09 4.65 3.11
C ALA C 262 -7.07 5.39 4.02
N ARG C 263 -8.20 4.73 4.37
CA ARG C 263 -9.26 5.24 5.26
C ARG C 263 -8.68 5.53 6.66
N MET C 264 -7.76 4.63 7.12
CA MET C 264 -7.07 4.66 8.39
C MET C 264 -6.04 5.79 8.44
N ILE C 265 -5.14 5.86 7.43
CA ILE C 265 -4.10 6.88 7.32
C ILE C 265 -4.74 8.26 7.27
N SER C 266 -5.88 8.39 6.56
CA SER C 266 -6.61 9.66 6.43
C SER C 266 -7.04 10.17 7.82
N LEU C 267 -7.64 9.30 8.64
CA LEU C 267 -8.13 9.68 9.96
C LEU C 267 -7.04 9.82 11.01
N ILE C 268 -5.91 9.10 10.84
CA ILE C 268 -4.77 9.16 11.75
C ILE C 268 -4.17 10.56 11.74
N GLU C 269 -3.91 11.12 10.53
CA GLU C 269 -3.25 12.40 10.36
C GLU C 269 -4.15 13.58 10.67
N SER C 270 -5.46 13.48 10.40
CA SER C 270 -6.41 14.56 10.78
C SER C 270 -6.43 14.66 12.32
N GLY C 271 -6.16 13.51 12.97
CA GLY C 271 -6.07 13.35 14.42
C GLY C 271 -4.80 13.96 14.98
N TRP C 272 -3.64 13.64 14.38
CA TRP C 272 -2.39 14.26 14.83
C TRP C 272 -2.05 15.48 13.93
N ALA C 273 -3.06 16.35 13.75
CA ALA C 273 -2.97 17.59 12.99
C ALA C 273 -2.36 18.62 13.91
N GLN C 274 -1.29 19.31 13.44
CA GLN C 274 -0.64 20.36 14.23
C GLN C 274 -1.68 21.41 14.69
N ASN C 275 -2.67 21.69 13.82
CA ASN C 275 -3.78 22.59 14.09
C ASN C 275 -4.83 21.80 14.86
N PRO C 276 -5.15 22.25 16.12
CA PRO C 276 -6.17 21.54 16.92
C PRO C 276 -7.58 21.60 16.27
N ASP C 277 -7.90 22.76 15.63
CA ASP C 277 -9.15 23.01 14.93
C ASP C 277 -9.34 22.08 13.74
N GLU C 278 -8.25 21.48 13.22
CA GLU C 278 -8.26 20.55 12.09
C GLU C 278 -8.55 19.10 12.50
N ARG C 279 -8.41 18.77 13.80
CA ARG C 279 -8.63 17.44 14.36
C ARG C 279 -10.11 17.03 14.45
N PRO C 280 -10.45 15.75 14.12
CA PRO C 280 -11.87 15.34 14.17
C PRO C 280 -12.46 15.12 15.56
N SER C 281 -13.78 14.93 15.60
CA SER C 281 -14.50 14.60 16.83
C SER C 281 -14.50 13.10 16.86
N PHE C 282 -14.85 12.51 18.01
CA PHE C 282 -14.91 11.06 18.13
C PHE C 282 -16.13 10.52 17.38
N LEU C 283 -17.15 11.38 17.19
CA LEU C 283 -18.36 11.06 16.42
C LEU C 283 -17.96 10.81 14.96
N LYS C 284 -17.04 11.64 14.40
CA LYS C 284 -16.52 11.48 13.04
C LYS C 284 -15.68 10.20 12.92
N CYS C 285 -14.96 9.82 13.99
CA CYS C 285 -14.19 8.60 14.02
C CYS C 285 -15.13 7.44 13.92
N LEU C 286 -16.22 7.49 14.71
CA LEU C 286 -17.28 6.48 14.76
C LEU C 286 -17.93 6.32 13.41
N ILE C 287 -18.26 7.46 12.79
CA ILE C 287 -18.86 7.56 11.47
C ILE C 287 -17.97 6.88 10.39
N GLU C 288 -16.65 7.10 10.45
CA GLU C 288 -15.68 6.52 9.53
C GLU C 288 -15.42 5.04 9.84
N LEU C 289 -15.42 4.67 11.14
CA LEU C 289 -15.14 3.32 11.60
C LEU C 289 -16.27 2.33 11.39
N GLU C 290 -17.54 2.75 11.64
CA GLU C 290 -18.74 1.91 11.51
C GLU C 290 -18.74 1.02 10.22
N PRO C 291 -18.52 1.58 8.99
CA PRO C 291 -18.52 0.74 7.78
C PRO C 291 -17.38 -0.29 7.68
N VAL C 292 -16.18 0.06 8.20
CA VAL C 292 -14.99 -0.79 8.23
C VAL C 292 -15.30 -2.08 9.01
N LEU C 293 -15.85 -1.93 10.24
CA LEU C 293 -16.19 -3.01 11.16
C LEU C 293 -17.27 -3.97 10.67
N ARG C 294 -18.22 -3.48 9.84
CA ARG C 294 -19.28 -4.33 9.33
C ARG C 294 -18.73 -5.34 8.28
N THR C 295 -17.66 -4.98 7.53
CA THR C 295 -17.03 -5.88 6.54
C THR C 295 -16.73 -7.29 7.13
N PHE C 296 -16.20 -7.33 8.38
CA PHE C 296 -15.89 -8.57 9.12
C PHE C 296 -17.17 -9.14 9.74
N GLU C 297 -17.32 -10.46 9.75
CA GLU C 297 -18.51 -11.10 10.32
C GLU C 297 -18.26 -11.43 11.80
N GLU C 298 -19.29 -11.25 12.67
CA GLU C 298 -19.29 -11.46 14.14
C GLU C 298 -18.40 -12.60 14.68
N ILE C 299 -18.30 -13.70 13.93
CA ILE C 299 -17.53 -14.89 14.30
C ILE C 299 -16.02 -14.68 14.20
N THR C 300 -15.56 -13.88 13.21
CA THR C 300 -14.12 -13.59 12.97
C THR C 300 -13.43 -12.97 14.18
N PHE C 301 -14.20 -12.25 15.03
CA PHE C 301 -13.72 -11.63 16.26
C PHE C 301 -13.52 -12.74 17.29
N LEU C 302 -14.51 -13.64 17.41
CA LEU C 302 -14.47 -14.76 18.36
C LEU C 302 -13.39 -15.77 17.99
N GLU C 303 -13.09 -15.89 16.70
CA GLU C 303 -12.00 -16.78 16.33
C GLU C 303 -10.67 -16.04 16.56
N ALA C 304 -10.65 -14.69 16.40
CA ALA C 304 -9.45 -13.86 16.65
C ALA C 304 -9.01 -13.98 18.11
N VAL C 305 -9.97 -13.92 19.05
CA VAL C 305 -9.71 -14.06 20.49
C VAL C 305 -9.24 -15.49 20.81
N ILE C 306 -9.85 -16.52 20.18
CA ILE C 306 -9.45 -17.92 20.41
C ILE C 306 -8.06 -18.20 19.83
N GLN C 307 -7.69 -17.50 18.72
CA GLN C 307 -6.37 -17.59 18.09
C GLN C 307 -5.23 -17.18 19.06
N LEU C 308 -5.57 -16.40 20.10
CA LEU C 308 -4.62 -15.95 21.12
C LEU C 308 -4.43 -17.04 22.17
N LYS C 309 -5.53 -17.72 22.59
CA LYS C 309 -5.52 -18.79 23.59
C LYS C 309 -5.43 -20.17 22.95
N ALA D 4 -18.23 11.24 50.77
CA ALA D 4 -19.08 10.25 50.11
C ALA D 4 -19.17 10.48 48.60
N ILE D 5 -18.74 9.49 47.80
CA ILE D 5 -18.72 9.54 46.33
C ILE D 5 -20.05 9.12 45.72
N CYS D 6 -20.79 10.10 45.16
CA CYS D 6 -22.10 9.88 44.53
C CYS D 6 -22.05 10.08 43.01
N SER D 7 -23.04 9.50 42.32
CA SER D 7 -23.21 9.53 40.87
C SER D 7 -24.70 9.56 40.59
N ALA D 8 -25.13 10.53 39.82
CA ALA D 8 -26.53 10.66 39.48
C ALA D 8 -26.77 9.94 38.19
N LEU D 9 -27.87 9.16 38.08
CA LEU D 9 -28.21 8.42 36.86
C LEU D 9 -28.55 9.40 35.71
N PRO D 10 -27.88 9.25 34.54
CA PRO D 10 -28.15 10.18 33.43
C PRO D 10 -29.61 10.27 32.99
N THR D 11 -30.02 11.44 32.50
CA THR D 11 -31.36 11.65 31.98
C THR D 11 -31.27 11.70 30.44
N ILE D 12 -31.90 10.74 29.77
CA ILE D 12 -31.86 10.66 28.32
C ILE D 12 -33.15 11.21 27.71
N PRO D 13 -33.09 12.40 27.00
CA PRO D 13 -34.29 12.94 26.32
C PRO D 13 -34.68 12.03 25.15
N TYR D 14 -35.96 11.64 25.08
CA TYR D 14 -36.50 10.69 24.12
C TYR D 14 -36.00 10.77 22.70
N HIS D 15 -35.94 11.97 22.15
CA HIS D 15 -35.54 12.18 20.75
C HIS D 15 -34.10 11.64 20.44
N LYS D 16 -33.31 11.31 21.50
CA LYS D 16 -31.96 10.72 21.38
C LYS D 16 -32.05 9.16 21.23
N LEU D 17 -33.27 8.61 21.42
CA LEU D 17 -33.61 7.20 21.23
C LEU D 17 -34.26 7.03 19.86
N ALA D 18 -33.47 6.54 18.91
CA ALA D 18 -33.90 6.35 17.53
C ALA D 18 -34.08 4.85 17.24
N ASP D 19 -34.90 4.52 16.22
CA ASP D 19 -35.20 3.15 15.76
C ASP D 19 -35.76 2.27 16.87
N LEU D 20 -36.75 2.82 17.61
CA LEU D 20 -37.42 2.16 18.72
C LEU D 20 -38.35 1.01 18.29
N ARG D 21 -37.77 -0.19 18.12
CA ARG D 21 -38.46 -1.43 17.71
C ARG D 21 -38.83 -2.26 18.93
N TYR D 22 -40.08 -2.78 18.97
CA TYR D 22 -40.62 -3.61 20.06
C TYR D 22 -39.88 -4.95 20.19
N LEU D 23 -39.65 -5.41 21.44
CA LEU D 23 -38.99 -6.71 21.72
C LEU D 23 -39.90 -7.69 22.44
N SER D 24 -40.48 -7.27 23.59
CA SER D 24 -41.38 -8.09 24.43
C SER D 24 -42.22 -7.22 25.39
N ARG D 25 -43.31 -7.80 25.92
CA ARG D 25 -44.22 -7.16 26.88
C ARG D 25 -44.45 -8.13 28.03
N GLY D 26 -44.26 -7.64 29.25
CA GLY D 26 -44.45 -8.41 30.48
C GLY D 26 -45.14 -7.62 31.58
N ALA D 27 -45.25 -8.21 32.78
CA ALA D 27 -45.87 -7.55 33.94
C ALA D 27 -45.05 -6.35 34.43
N SER D 28 -43.70 -6.47 34.37
CA SER D 28 -42.74 -5.44 34.76
C SER D 28 -42.80 -4.23 33.80
N GLY D 29 -43.07 -4.50 32.50
CA GLY D 29 -43.17 -3.49 31.44
C GLY D 29 -42.93 -4.02 30.03
N THR D 30 -42.73 -3.08 29.08
CA THR D 30 -42.49 -3.37 27.66
C THR D 30 -41.04 -3.09 27.31
N VAL D 31 -40.32 -4.10 26.80
CA VAL D 31 -38.93 -3.95 26.34
C VAL D 31 -38.91 -3.67 24.85
N SER D 32 -38.17 -2.62 24.46
CA SER D 32 -37.97 -2.20 23.07
C SER D 32 -36.47 -1.94 22.84
N SER D 33 -35.98 -2.15 21.60
CA SER D 33 -34.59 -1.90 21.23
C SER D 33 -34.51 -0.56 20.51
N ALA D 34 -33.58 0.30 20.95
CA ALA D 34 -33.37 1.61 20.36
C ALA D 34 -31.87 1.77 20.03
N ARG D 35 -31.46 3.00 19.65
CA ARG D 35 -30.08 3.37 19.38
C ARG D 35 -29.84 4.78 19.91
N HIS D 36 -28.74 4.96 20.66
CA HIS D 36 -28.42 6.29 21.19
C HIS D 36 -27.74 7.14 20.12
N ALA D 37 -28.46 8.21 19.69
CA ALA D 37 -28.08 9.17 18.67
C ALA D 37 -26.69 9.82 18.91
N ASP D 38 -26.26 10.02 20.16
CA ASP D 38 -24.96 10.63 20.46
C ASP D 38 -23.90 9.65 20.95
N TRP D 39 -24.28 8.51 21.56
CA TRP D 39 -23.32 7.48 22.02
C TRP D 39 -22.99 6.44 20.96
N ARG D 40 -23.87 6.36 19.94
CA ARG D 40 -23.77 5.48 18.77
C ARG D 40 -23.58 4.01 19.16
N VAL D 41 -24.47 3.56 20.09
CA VAL D 41 -24.60 2.19 20.63
C VAL D 41 -26.07 1.74 20.64
N GLN D 42 -26.33 0.41 20.46
CA GLN D 42 -27.70 -0.12 20.53
C GLN D 42 -28.03 -0.35 22.00
N VAL D 43 -29.21 0.15 22.44
CA VAL D 43 -29.67 0.07 23.84
C VAL D 43 -31.05 -0.63 23.96
N ALA D 44 -31.43 -1.00 25.19
CA ALA D 44 -32.70 -1.63 25.54
C ALA D 44 -33.51 -0.63 26.40
N VAL D 45 -34.82 -0.54 26.16
CA VAL D 45 -35.69 0.40 26.86
C VAL D 45 -36.90 -0.33 27.49
N LYS D 46 -37.07 -0.26 28.82
CA LYS D 46 -38.26 -0.85 29.48
C LYS D 46 -39.26 0.27 29.83
N HIS D 47 -40.54 0.15 29.38
CA HIS D 47 -41.56 1.20 29.57
C HIS D 47 -43.00 0.68 29.71
N SER D 57 -49.05 6.69 38.83
CA SER D 57 -48.89 5.61 39.83
C SER D 57 -47.77 4.60 39.50
N GLU D 58 -47.67 4.22 38.20
CA GLU D 58 -46.72 3.29 37.56
C GLU D 58 -45.41 3.96 37.28
N ARG D 59 -45.39 5.31 37.37
CA ARG D 59 -44.20 6.17 37.23
C ARG D 59 -43.30 5.89 38.48
N LYS D 60 -43.92 5.76 39.70
CA LYS D 60 -43.27 5.41 40.97
C LYS D 60 -42.64 4.00 40.90
N ASP D 61 -43.29 3.04 40.23
CA ASP D 61 -42.85 1.66 40.04
C ASP D 61 -41.58 1.55 39.17
N VAL D 62 -41.52 2.36 38.09
CA VAL D 62 -40.39 2.42 37.15
C VAL D 62 -39.20 3.11 37.83
N LEU D 63 -39.47 4.27 38.49
CA LEU D 63 -38.46 5.05 39.21
C LEU D 63 -37.84 4.29 40.36
N ARG D 64 -38.58 3.29 40.89
CA ARG D 64 -38.10 2.41 41.96
C ARG D 64 -37.14 1.42 41.35
N GLU D 65 -37.55 0.74 40.25
CA GLU D 65 -36.73 -0.24 39.53
C GLU D 65 -35.42 0.38 39.02
N ALA D 66 -35.50 1.64 38.51
CA ALA D 66 -34.36 2.41 38.02
C ALA D 66 -33.36 2.68 39.16
N GLU D 67 -33.88 3.03 40.36
CA GLU D 67 -33.09 3.28 41.57
C GLU D 67 -32.34 1.99 41.98
N ILE D 68 -33.03 0.81 41.89
CA ILE D 68 -32.49 -0.50 42.25
C ILE D 68 -31.30 -0.82 41.38
N LEU D 69 -31.46 -0.74 40.04
CA LEU D 69 -30.42 -1.07 39.06
C LEU D 69 -29.19 -0.19 39.18
N HIS D 70 -29.38 1.08 39.61
CA HIS D 70 -28.32 2.05 39.78
C HIS D 70 -27.52 1.72 41.06
N LYS D 71 -28.23 1.31 42.11
CA LYS D 71 -27.63 1.00 43.38
C LYS D 71 -26.99 -0.40 43.42
N ALA D 72 -27.70 -1.41 42.85
CA ALA D 72 -27.31 -2.82 42.81
C ALA D 72 -26.33 -3.19 41.67
N ARG D 73 -25.63 -2.20 41.10
CA ARG D 73 -24.68 -2.41 40.02
C ARG D 73 -23.58 -3.40 40.40
N PHE D 74 -23.43 -4.44 39.56
CA PHE D 74 -22.41 -5.46 39.69
C PHE D 74 -22.19 -6.14 38.34
N SER D 75 -21.06 -6.82 38.18
CA SER D 75 -20.63 -7.52 36.98
C SER D 75 -21.68 -8.45 36.36
N TYR D 76 -22.64 -8.94 37.19
CA TYR D 76 -23.67 -9.90 36.76
C TYR D 76 -25.10 -9.36 36.90
N ILE D 77 -25.22 -8.03 37.07
CA ILE D 77 -26.46 -7.27 37.16
C ILE D 77 -26.54 -6.34 35.91
N LEU D 78 -27.69 -6.37 35.21
CA LEU D 78 -27.92 -5.57 33.99
C LEU D 78 -27.54 -4.08 34.18
N PRO D 79 -26.58 -3.58 33.37
CA PRO D 79 -26.14 -2.19 33.55
C PRO D 79 -27.14 -1.17 33.02
N ILE D 80 -27.68 -0.35 33.95
CA ILE D 80 -28.60 0.73 33.60
C ILE D 80 -27.79 1.87 33.01
N LEU D 81 -28.21 2.44 31.85
CA LEU D 81 -27.45 3.50 31.21
C LEU D 81 -28.00 4.89 31.48
N GLY D 82 -29.29 4.95 31.77
CA GLY D 82 -29.96 6.20 32.09
C GLY D 82 -31.46 6.06 32.17
N ILE D 83 -32.14 7.18 32.41
CA ILE D 83 -33.59 7.26 32.55
C ILE D 83 -34.21 8.30 31.64
N CYS D 84 -35.33 7.93 31.00
CA CYS D 84 -36.10 8.81 30.16
C CYS D 84 -37.35 9.15 30.95
N ASN D 85 -37.40 10.35 31.52
CA ASN D 85 -38.54 10.81 32.34
C ASN D 85 -39.04 12.13 31.80
N GLU D 86 -39.99 12.01 30.88
CA GLU D 86 -40.60 13.13 30.18
C GLU D 86 -42.11 13.06 30.37
N PRO D 87 -42.86 14.18 30.18
CA PRO D 87 -44.33 14.11 30.31
C PRO D 87 -44.97 13.16 29.30
N GLU D 88 -44.34 13.04 28.10
CA GLU D 88 -44.78 12.17 27.01
C GLU D 88 -44.35 10.71 27.21
N PHE D 89 -43.08 10.49 27.68
CA PHE D 89 -42.49 9.16 27.83
C PHE D 89 -41.72 8.92 29.12
N LEU D 90 -41.86 7.70 29.66
CA LEU D 90 -41.10 7.22 30.81
C LEU D 90 -40.64 5.78 30.56
N GLY D 91 -39.32 5.58 30.64
CA GLY D 91 -38.69 4.30 30.39
C GLY D 91 -37.25 4.22 30.83
N ILE D 92 -36.86 3.05 31.31
CA ILE D 92 -35.51 2.72 31.77
C ILE D 92 -34.68 2.32 30.54
N VAL D 93 -33.53 2.99 30.37
CA VAL D 93 -32.58 2.72 29.27
C VAL D 93 -31.38 1.99 29.87
N THR D 94 -31.12 0.78 29.37
CA THR D 94 -30.05 -0.09 29.85
C THR D 94 -29.24 -0.60 28.67
N GLU D 95 -28.28 -1.50 28.96
CA GLU D 95 -27.45 -2.14 27.94
C GLU D 95 -28.29 -3.13 27.16
N TYR D 96 -27.96 -3.29 25.88
CA TYR D 96 -28.62 -4.24 25.01
C TYR D 96 -27.94 -5.62 25.09
N MET D 97 -28.76 -6.67 25.35
CA MET D 97 -28.29 -8.05 25.45
C MET D 97 -28.53 -8.78 24.13
N PRO D 98 -27.46 -8.97 23.31
CA PRO D 98 -27.64 -9.54 21.96
C PRO D 98 -28.30 -10.91 21.90
N ASN D 99 -27.85 -11.86 22.75
CA ASN D 99 -28.34 -13.24 22.76
C ASN D 99 -29.64 -13.49 23.53
N GLY D 100 -30.25 -12.42 24.06
CA GLY D 100 -31.49 -12.46 24.82
C GLY D 100 -31.39 -13.03 26.22
N SER D 101 -32.22 -14.04 26.51
CA SER D 101 -32.33 -14.70 27.82
C SER D 101 -31.88 -16.16 27.81
N LEU D 102 -31.73 -16.72 29.03
CA LEU D 102 -31.32 -18.11 29.27
C LEU D 102 -32.43 -19.06 28.78
N ASN D 103 -33.71 -18.64 28.94
CA ASN D 103 -34.89 -19.39 28.49
C ASN D 103 -34.78 -19.71 27.00
N GLU D 104 -34.34 -18.72 26.20
CA GLU D 104 -34.13 -18.82 24.76
C GLU D 104 -32.99 -19.80 24.45
N LEU D 105 -31.86 -19.70 25.18
CA LEU D 105 -30.69 -20.57 24.99
C LEU D 105 -31.04 -22.03 25.28
N LEU D 106 -31.80 -22.26 26.37
CA LEU D 106 -32.19 -23.56 26.88
C LEU D 106 -33.30 -24.25 26.11
N HIS D 107 -34.26 -23.50 25.58
CA HIS D 107 -35.37 -24.18 24.95
C HIS D 107 -35.39 -24.07 23.42
N ARG D 108 -34.51 -23.25 22.81
CA ARG D 108 -34.40 -23.21 21.36
C ARG D 108 -33.37 -24.30 21.00
N LYS D 109 -33.80 -25.58 21.10
CA LYS D 109 -32.99 -26.77 20.82
C LYS D 109 -32.65 -26.95 19.32
N THR D 110 -33.34 -26.19 18.46
CA THR D 110 -33.11 -26.16 17.01
C THR D 110 -32.00 -25.15 16.72
N GLU D 111 -32.16 -23.92 17.27
CA GLU D 111 -31.25 -22.78 17.17
C GLU D 111 -29.93 -23.05 17.89
N TYR D 112 -29.99 -23.75 19.03
CA TYR D 112 -28.83 -24.11 19.83
C TYR D 112 -28.92 -25.61 20.16
N PRO D 113 -28.52 -26.51 19.24
CA PRO D 113 -28.63 -27.95 19.52
C PRO D 113 -27.65 -28.48 20.58
N ASP D 114 -26.41 -27.95 20.58
CA ASP D 114 -25.40 -28.35 21.56
C ASP D 114 -24.97 -27.18 22.43
N VAL D 115 -25.23 -27.31 23.75
CA VAL D 115 -24.87 -26.32 24.78
C VAL D 115 -24.00 -27.07 25.80
N ALA D 116 -22.70 -26.78 25.76
CA ALA D 116 -21.67 -27.45 26.57
C ALA D 116 -21.80 -27.25 28.07
N TRP D 117 -21.41 -28.27 28.85
CA TRP D 117 -21.42 -28.22 30.31
C TRP D 117 -20.60 -27.05 30.85
N PRO D 118 -19.35 -26.76 30.36
CA PRO D 118 -18.63 -25.57 30.86
C PRO D 118 -19.46 -24.29 30.83
N LEU D 119 -20.14 -24.02 29.71
CA LEU D 119 -21.00 -22.86 29.58
C LEU D 119 -22.19 -22.92 30.55
N ARG D 120 -22.87 -24.07 30.64
CA ARG D 120 -24.01 -24.29 31.55
C ARG D 120 -23.59 -24.05 33.00
N PHE D 121 -22.42 -24.55 33.39
CA PHE D 121 -21.89 -24.37 34.75
C PHE D 121 -21.37 -22.94 34.98
N ARG D 122 -20.83 -22.26 33.93
CA ARG D 122 -20.38 -20.87 34.02
C ARG D 122 -21.58 -19.98 34.31
N ILE D 123 -22.70 -20.21 33.59
CA ILE D 123 -23.99 -19.50 33.74
C ILE D 123 -24.52 -19.65 35.18
N LEU D 124 -24.61 -20.89 35.67
CA LEU D 124 -25.09 -21.18 37.00
C LEU D 124 -24.24 -20.49 38.05
N HIS D 125 -22.91 -20.53 37.89
CA HIS D 125 -21.95 -19.89 38.79
C HIS D 125 -22.16 -18.38 38.83
N GLU D 126 -22.29 -17.75 37.65
CA GLU D 126 -22.52 -16.30 37.50
C GLU D 126 -23.85 -15.83 38.13
N ILE D 127 -24.97 -16.60 37.96
CA ILE D 127 -26.26 -16.28 38.57
C ILE D 127 -26.06 -16.23 40.10
N ALA D 128 -25.45 -17.29 40.66
CA ALA D 128 -25.19 -17.38 42.10
C ALA D 128 -24.29 -16.21 42.57
N LEU D 129 -23.27 -15.84 41.78
CA LEU D 129 -22.38 -14.69 42.07
C LEU D 129 -23.13 -13.34 42.15
N GLY D 130 -24.09 -13.15 41.25
CA GLY D 130 -24.92 -11.96 41.19
C GLY D 130 -25.89 -11.89 42.37
N VAL D 131 -26.67 -12.99 42.59
CA VAL D 131 -27.65 -13.11 43.67
C VAL D 131 -26.95 -13.04 45.05
N ASN D 132 -25.74 -13.59 45.15
CA ASN D 132 -24.94 -13.51 46.36
C ASN D 132 -24.58 -12.06 46.65
N TYR D 133 -24.17 -11.27 45.62
CA TYR D 133 -23.82 -9.86 45.78
C TYR D 133 -24.99 -9.07 46.29
N LEU D 134 -26.20 -9.32 45.74
CA LEU D 134 -27.45 -8.66 46.13
C LEU D 134 -27.76 -8.90 47.60
N HIS D 135 -27.61 -10.17 48.03
CA HIS D 135 -27.88 -10.63 49.39
C HIS D 135 -26.86 -10.10 50.39
N ASN D 136 -25.67 -9.74 49.89
CA ASN D 136 -24.55 -9.18 50.68
C ASN D 136 -24.57 -7.65 50.72
N MET D 137 -25.69 -7.05 50.27
CA MET D 137 -25.85 -5.60 50.35
C MET D 137 -26.32 -5.21 51.76
N THR D 138 -26.21 -3.93 52.13
CA THR D 138 -26.62 -3.44 53.45
C THR D 138 -27.57 -2.28 53.23
N PRO D 139 -28.92 -2.49 53.33
CA PRO D 139 -29.61 -3.74 53.70
C PRO D 139 -29.58 -4.74 52.54
N PRO D 140 -29.79 -6.06 52.77
CA PRO D 140 -29.77 -7.00 51.63
C PRO D 140 -30.85 -6.70 50.61
N LEU D 141 -30.58 -6.97 49.32
CA LEU D 141 -31.58 -6.79 48.29
C LEU D 141 -31.99 -8.17 47.82
N LEU D 142 -33.30 -8.44 47.86
CA LEU D 142 -33.88 -9.71 47.46
C LEU D 142 -34.59 -9.53 46.16
N HIS D 143 -34.17 -10.28 45.13
CA HIS D 143 -34.70 -10.24 43.78
C HIS D 143 -36.20 -10.56 43.68
N HIS D 144 -36.64 -11.68 44.29
CA HIS D 144 -38.03 -12.16 44.34
C HIS D 144 -38.72 -12.35 42.98
N ASP D 145 -37.95 -12.50 41.89
CA ASP D 145 -38.48 -12.65 40.52
C ASP D 145 -37.57 -13.44 39.56
N LEU D 146 -36.66 -14.27 40.10
CA LEU D 146 -35.72 -15.06 39.29
C LEU D 146 -36.43 -16.04 38.36
N LYS D 147 -35.97 -16.02 37.10
CA LYS D 147 -36.55 -16.74 35.97
C LYS D 147 -35.47 -16.93 34.92
N THR D 148 -35.60 -17.97 34.09
CA THR D 148 -34.63 -18.15 33.00
C THR D 148 -34.75 -16.99 31.97
N GLN D 149 -35.93 -16.33 31.91
CA GLN D 149 -36.20 -15.19 31.04
C GLN D 149 -35.54 -13.90 31.58
N ASN D 150 -35.35 -13.78 32.92
CA ASN D 150 -34.75 -12.63 33.60
C ASN D 150 -33.26 -12.68 33.68
N ILE D 151 -32.67 -13.87 33.37
CA ILE D 151 -31.23 -14.14 33.29
C ILE D 151 -30.84 -13.89 31.84
N LEU D 152 -30.35 -12.68 31.57
CA LEU D 152 -29.94 -12.28 30.24
C LEU D 152 -28.47 -12.63 29.94
N LEU D 153 -28.16 -12.75 28.63
CA LEU D 153 -26.84 -13.12 28.16
C LEU D 153 -26.30 -12.10 27.17
N ASP D 154 -25.05 -11.65 27.38
CA ASP D 154 -24.41 -10.70 26.46
C ASP D 154 -23.82 -11.43 25.25
N ASN D 155 -23.16 -10.69 24.31
CA ASN D 155 -22.58 -11.26 23.09
C ASN D 155 -21.58 -12.39 23.35
N GLU D 156 -21.00 -12.44 24.56
CA GLU D 156 -20.05 -13.48 24.94
C GLU D 156 -20.63 -14.45 26.01
N PHE D 157 -21.98 -14.46 26.11
CA PHE D 157 -22.81 -15.30 26.97
C PHE D 157 -22.47 -15.23 28.47
N HIS D 158 -22.43 -13.99 29.00
CA HIS D 158 -22.23 -13.75 30.42
C HIS D 158 -23.54 -13.27 31.00
N VAL D 159 -23.85 -13.74 32.21
CA VAL D 159 -25.09 -13.49 32.95
C VAL D 159 -25.25 -12.02 33.34
N LYS D 160 -26.47 -11.52 33.11
CA LYS D 160 -26.92 -10.19 33.47
C LYS D 160 -28.36 -10.37 34.00
N ILE D 161 -28.50 -10.23 35.31
CA ILE D 161 -29.78 -10.38 36.00
C ILE D 161 -30.61 -9.12 35.78
N ALA D 162 -31.90 -9.27 35.36
CA ALA D 162 -32.82 -8.17 35.11
C ALA D 162 -34.10 -8.32 35.92
N ASP D 163 -35.07 -7.41 35.70
CA ASP D 163 -36.40 -7.37 36.35
C ASP D 163 -36.32 -7.23 37.87
N PHE D 164 -36.18 -5.98 38.30
CA PHE D 164 -36.08 -5.60 39.70
C PHE D 164 -37.36 -4.88 40.16
N GLY D 165 -38.45 -5.18 39.44
CA GLY D 165 -39.78 -4.62 39.72
C GLY D 165 -40.43 -5.19 40.97
N LEU D 166 -40.15 -6.48 41.26
CA LEU D 166 -40.67 -7.17 42.44
C LEU D 166 -39.67 -7.26 43.58
N SER D 167 -38.38 -6.93 43.31
CA SER D 167 -37.30 -6.96 44.29
C SER D 167 -37.54 -6.07 45.51
N LYS D 168 -37.12 -6.52 46.71
CA LYS D 168 -37.30 -5.78 47.96
C LYS D 168 -36.03 -5.69 48.80
N TRP D 169 -35.86 -4.56 49.53
CA TRP D 169 -34.75 -4.32 50.47
C TRP D 169 -35.11 -4.88 51.85
N ARG D 170 -34.39 -5.91 52.34
CA ARG D 170 -34.71 -6.49 53.66
C ARG D 170 -34.27 -5.56 54.81
N MET D 171 -35.22 -4.76 55.37
CA MET D 171 -34.98 -3.81 56.47
C MET D 171 -35.91 -4.08 57.67
N GLY D 187 -46.76 -14.39 34.03
CA GLY D 187 -47.16 -14.65 35.41
C GLY D 187 -46.90 -16.06 35.90
N THR D 188 -45.63 -16.52 35.74
CA THR D 188 -45.21 -17.86 36.12
C THR D 188 -44.89 -17.99 37.61
N ILE D 189 -45.51 -19.01 38.22
CA ILE D 189 -45.40 -19.37 39.62
C ILE D 189 -44.49 -20.60 39.81
N ILE D 190 -43.89 -21.10 38.71
CA ILE D 190 -43.03 -22.31 38.75
C ILE D 190 -41.69 -22.09 39.47
N TYR D 191 -41.30 -20.83 39.70
CA TYR D 191 -40.07 -20.49 40.41
C TYR D 191 -40.38 -19.96 41.80
N MET D 192 -41.67 -19.92 42.18
CA MET D 192 -42.15 -19.37 43.44
C MET D 192 -42.23 -20.42 44.53
N PRO D 193 -41.63 -20.17 45.72
CA PRO D 193 -41.72 -21.16 46.80
C PRO D 193 -43.15 -21.37 47.29
N PRO D 194 -43.48 -22.59 47.80
CA PRO D 194 -44.88 -22.86 48.22
C PRO D 194 -45.45 -22.00 49.37
N GLU D 195 -44.58 -21.42 50.23
CA GLU D 195 -44.98 -20.56 51.36
C GLU D 195 -45.52 -19.22 50.89
N ASN D 196 -45.08 -18.78 49.70
CA ASN D 196 -45.45 -17.52 49.07
C ASN D 196 -46.89 -17.50 48.62
N TYR D 197 -47.50 -18.71 48.47
CA TYR D 197 -48.91 -18.89 48.11
C TYR D 197 -49.82 -18.40 49.26
N GLU D 198 -49.50 -18.70 50.59
CA GLU D 198 -50.30 -18.15 51.73
C GLU D 198 -49.45 -17.58 52.93
N PRO D 199 -49.55 -16.25 53.20
CA PRO D 199 -48.80 -15.66 54.33
C PRO D 199 -49.62 -15.52 55.64
N ILE D 207 -37.10 -14.24 52.34
CA ILE D 207 -35.64 -14.26 52.13
C ILE D 207 -35.19 -15.49 51.34
N LYS D 208 -35.68 -16.71 51.72
CA LYS D 208 -35.36 -18.01 51.10
C LYS D 208 -36.14 -18.26 49.78
N HIS D 209 -36.68 -17.17 49.17
CA HIS D 209 -37.42 -17.20 47.91
C HIS D 209 -36.49 -17.43 46.73
N ASP D 210 -35.40 -16.61 46.63
CA ASP D 210 -34.40 -16.62 45.55
C ASP D 210 -33.66 -17.93 45.45
N ILE D 211 -33.42 -18.60 46.61
CA ILE D 211 -32.74 -19.87 46.59
C ILE D 211 -33.67 -20.94 45.94
N TYR D 212 -35.00 -21.05 46.28
CA TYR D 212 -35.95 -21.95 45.57
C TYR D 212 -35.93 -21.71 44.05
N SER D 213 -36.14 -20.44 43.61
CA SER D 213 -36.12 -20.05 42.19
C SER D 213 -34.82 -20.54 41.51
N TYR D 214 -33.65 -20.31 42.18
CA TYR D 214 -32.35 -20.73 41.68
C TYR D 214 -32.27 -22.23 41.45
N ALA D 215 -32.84 -23.04 42.36
CA ALA D 215 -32.89 -24.52 42.28
C ALA D 215 -33.68 -25.00 41.05
N VAL D 216 -34.85 -24.36 40.77
CA VAL D 216 -35.71 -24.65 39.61
C VAL D 216 -34.92 -24.31 38.33
N ILE D 217 -34.18 -23.18 38.36
CA ILE D 217 -33.34 -22.72 37.25
C ILE D 217 -32.18 -23.72 37.03
N THR D 218 -31.58 -24.21 38.12
CA THR D 218 -30.48 -25.19 38.08
C THR D 218 -30.98 -26.51 37.47
N TRP D 219 -32.21 -26.93 37.85
CA TRP D 219 -32.85 -28.11 37.32
C TRP D 219 -33.01 -27.92 35.81
N GLU D 220 -33.69 -26.83 35.42
CA GLU D 220 -33.99 -26.40 34.05
C GLU D 220 -32.75 -26.30 33.15
N VAL D 221 -31.61 -25.78 33.67
CA VAL D 221 -30.36 -25.63 32.92
C VAL D 221 -29.79 -27.00 32.56
N LEU D 222 -29.74 -27.91 33.55
CA LEU D 222 -29.18 -29.25 33.44
C LEU D 222 -30.09 -30.20 32.66
N SER D 223 -31.41 -30.08 32.86
CA SER D 223 -32.38 -30.95 32.20
C SER D 223 -32.69 -30.51 30.80
N ARG D 224 -32.62 -29.21 30.52
CA ARG D 224 -33.02 -28.66 29.22
C ARG D 224 -34.52 -29.04 28.93
N LYS D 225 -35.33 -29.02 30.01
CA LYS D 225 -36.76 -29.31 30.00
C LYS D 225 -37.55 -28.25 30.78
N GLN D 226 -38.81 -28.02 30.39
CA GLN D 226 -39.70 -27.04 31.06
C GLN D 226 -40.30 -27.67 32.31
N PRO D 227 -40.08 -27.04 33.50
CA PRO D 227 -40.65 -27.61 34.74
C PRO D 227 -42.18 -27.66 34.71
N PHE D 228 -42.75 -28.84 35.07
CA PHE D 228 -44.18 -29.13 35.09
C PHE D 228 -44.82 -28.98 33.68
N GLU D 229 -44.07 -29.44 32.65
CA GLU D 229 -44.50 -29.39 31.25
C GLU D 229 -45.78 -30.21 31.01
N ASP D 230 -45.92 -31.33 31.73
CA ASP D 230 -47.07 -32.22 31.64
C ASP D 230 -48.34 -31.64 32.30
N VAL D 231 -48.21 -30.52 33.04
CA VAL D 231 -49.32 -29.91 33.79
C VAL D 231 -49.95 -28.72 33.06
N THR D 232 -51.28 -28.84 32.83
CA THR D 232 -52.21 -27.91 32.17
C THR D 232 -52.46 -26.63 33.05
N ASN D 233 -53.22 -26.83 34.15
CA ASN D 233 -53.66 -25.81 35.08
C ASN D 233 -52.53 -25.37 36.00
N PRO D 234 -52.29 -24.04 36.10
CA PRO D 234 -51.25 -23.52 37.01
C PRO D 234 -51.57 -23.80 38.49
N LEU D 235 -52.86 -23.84 38.84
CA LEU D 235 -53.33 -24.14 40.18
C LEU D 235 -52.96 -25.57 40.59
N GLN D 236 -52.82 -26.46 39.60
CA GLN D 236 -52.44 -27.84 39.83
C GLN D 236 -50.99 -27.86 40.26
N ILE D 237 -50.13 -27.05 39.56
CA ILE D 237 -48.69 -26.88 39.84
C ILE D 237 -48.53 -26.39 41.28
N MET D 238 -49.35 -25.38 41.65
CA MET D 238 -49.38 -24.79 42.98
C MET D 238 -49.80 -25.76 44.08
N TYR D 239 -50.76 -26.68 43.76
CA TYR D 239 -51.19 -27.71 44.72
C TYR D 239 -50.06 -28.74 44.89
N SER D 240 -49.60 -29.31 43.77
CA SER D 240 -48.54 -30.29 43.73
C SER D 240 -47.34 -29.84 44.58
N VAL D 241 -46.81 -28.62 44.33
CA VAL D 241 -45.63 -28.10 45.05
C VAL D 241 -45.90 -27.91 46.53
N SER D 242 -47.08 -27.35 46.90
CA SER D 242 -47.45 -27.15 48.30
C SER D 242 -47.57 -28.47 49.09
N GLN D 243 -47.68 -29.60 48.35
CA GLN D 243 -47.75 -30.96 48.90
C GLN D 243 -46.35 -31.64 48.81
N GLY D 244 -45.34 -30.91 48.33
CA GLY D 244 -43.98 -31.39 48.23
C GLY D 244 -43.51 -31.87 46.88
N HIS D 245 -44.32 -31.68 45.83
CA HIS D 245 -43.92 -32.12 44.50
C HIS D 245 -43.01 -31.08 43.83
N ARG D 246 -42.01 -31.57 43.08
CA ARG D 246 -41.01 -30.73 42.41
C ARG D 246 -40.69 -31.36 41.07
N PRO D 247 -40.07 -30.62 40.09
CA PRO D 247 -39.69 -31.26 38.82
C PRO D 247 -38.93 -32.57 39.04
N VAL D 248 -39.29 -33.60 38.25
CA VAL D 248 -38.78 -34.97 38.38
C VAL D 248 -37.26 -35.10 38.17
N ILE D 249 -36.64 -35.92 39.03
CA ILE D 249 -35.20 -36.22 39.01
C ILE D 249 -35.09 -37.74 38.77
N ASN D 250 -34.60 -38.10 37.57
CA ASN D 250 -34.41 -39.47 37.08
C ASN D 250 -33.48 -39.45 35.86
N GLU D 251 -33.17 -40.62 35.27
CA GLU D 251 -32.31 -40.74 34.08
C GLU D 251 -32.90 -40.06 32.82
N GLU D 252 -34.25 -39.98 32.71
CA GLU D 252 -34.91 -39.33 31.58
C GLU D 252 -34.77 -37.82 31.66
N SER D 253 -35.04 -37.24 32.86
CA SER D 253 -34.94 -35.80 33.10
C SER D 253 -33.48 -35.33 33.17
N LEU D 254 -32.71 -35.85 34.13
CA LEU D 254 -31.31 -35.50 34.31
C LEU D 254 -30.42 -36.76 34.08
N PRO D 255 -29.81 -36.95 32.89
CA PRO D 255 -29.00 -38.18 32.65
C PRO D 255 -27.78 -38.35 33.56
N TYR D 256 -27.17 -39.56 33.55
CA TYR D 256 -26.02 -39.84 34.38
C TYR D 256 -24.71 -39.25 33.83
N ASP D 257 -24.71 -38.85 32.53
CA ASP D 257 -23.56 -38.24 31.87
C ASP D 257 -23.20 -36.85 32.45
N ILE D 258 -24.14 -36.23 33.20
CA ILE D 258 -24.01 -34.91 33.83
C ILE D 258 -22.80 -34.85 34.78
N PRO D 259 -21.82 -33.94 34.54
CA PRO D 259 -20.68 -33.81 35.45
C PRO D 259 -21.12 -33.33 36.84
N HIS D 260 -20.65 -34.03 37.90
CA HIS D 260 -20.97 -33.77 39.31
C HIS D 260 -22.50 -33.84 39.58
N ARG D 261 -23.19 -34.79 38.91
CA ARG D 261 -24.63 -35.06 39.00
C ARG D 261 -25.15 -35.11 40.45
N ALA D 262 -24.44 -35.85 41.32
CA ALA D 262 -24.78 -36.02 42.74
C ALA D 262 -24.74 -34.71 43.52
N ARG D 263 -23.65 -33.93 43.32
CA ARG D 263 -23.44 -32.63 43.97
C ARG D 263 -24.58 -31.70 43.54
N MET D 264 -24.92 -31.72 42.24
CA MET D 264 -25.97 -30.91 41.63
C MET D 264 -27.37 -31.27 42.16
N ILE D 265 -27.73 -32.57 42.18
CA ILE D 265 -29.03 -33.03 42.69
C ILE D 265 -29.16 -32.65 44.19
N SER D 266 -28.06 -32.77 44.96
CA SER D 266 -28.04 -32.42 46.36
C SER D 266 -28.35 -30.93 46.52
N LEU D 267 -27.75 -30.09 45.66
CA LEU D 267 -27.92 -28.65 45.62
C LEU D 267 -29.34 -28.31 45.23
N ILE D 268 -29.91 -29.01 44.20
CA ILE D 268 -31.28 -28.80 43.72
C ILE D 268 -32.35 -29.22 44.78
N GLU D 269 -32.31 -30.50 45.26
CA GLU D 269 -33.20 -31.00 46.31
C GLU D 269 -33.24 -30.04 47.53
N SER D 270 -32.03 -29.62 48.04
CA SER D 270 -31.86 -28.67 49.16
C SER D 270 -32.33 -27.28 48.80
N GLY D 271 -32.05 -26.85 47.57
CA GLY D 271 -32.50 -25.57 47.06
C GLY D 271 -34.01 -25.41 47.04
N TRP D 272 -34.75 -26.50 46.71
CA TRP D 272 -36.22 -26.48 46.66
C TRP D 272 -36.88 -27.27 47.81
N ALA D 273 -36.19 -27.38 48.97
CA ALA D 273 -36.74 -27.99 50.19
C ALA D 273 -38.10 -27.36 50.52
N GLN D 274 -38.99 -28.13 51.09
CA GLN D 274 -40.30 -27.63 51.54
C GLN D 274 -40.13 -26.64 52.73
N ASN D 275 -39.20 -26.99 53.63
CA ASN D 275 -38.79 -26.18 54.77
C ASN D 275 -37.83 -25.06 54.26
N PRO D 276 -38.21 -23.77 54.42
CA PRO D 276 -37.33 -22.68 53.96
C PRO D 276 -35.98 -22.67 54.70
N ASP D 277 -36.00 -23.01 56.00
CA ASP D 277 -34.83 -23.07 56.86
C ASP D 277 -33.84 -24.15 56.40
N GLU D 278 -34.31 -25.12 55.58
CA GLU D 278 -33.51 -26.22 55.02
C GLU D 278 -32.77 -25.86 53.72
N ARG D 279 -33.16 -24.74 53.08
CA ARG D 279 -32.58 -24.23 51.84
C ARG D 279 -31.22 -23.54 52.05
N PRO D 280 -30.21 -23.76 51.18
CA PRO D 280 -28.89 -23.15 51.42
C PRO D 280 -28.78 -21.65 51.10
N SER D 281 -27.62 -21.07 51.48
CA SER D 281 -27.33 -19.68 51.18
C SER D 281 -26.72 -19.68 49.79
N PHE D 282 -26.60 -18.50 49.17
CA PHE D 282 -25.96 -18.43 47.88
C PHE D 282 -24.45 -18.60 48.04
N LEU D 283 -23.91 -18.30 49.21
CA LEU D 283 -22.50 -18.52 49.48
C LEU D 283 -22.18 -20.02 49.47
N LYS D 284 -23.14 -20.86 49.98
CA LYS D 284 -22.96 -22.32 50.02
C LYS D 284 -22.97 -22.84 48.59
N CYS D 285 -23.88 -22.28 47.75
CA CYS D 285 -23.94 -22.64 46.35
C CYS D 285 -22.58 -22.39 45.78
N LEU D 286 -21.96 -21.28 46.19
CA LEU D 286 -20.63 -20.83 45.82
C LEU D 286 -19.55 -21.72 46.41
N ILE D 287 -19.71 -22.19 47.64
CA ILE D 287 -18.74 -23.12 48.26
C ILE D 287 -18.77 -24.51 47.51
N GLU D 288 -19.97 -24.87 46.95
CA GLU D 288 -20.20 -26.13 46.22
C GLU D 288 -19.89 -26.03 44.75
N LEU D 289 -20.15 -24.89 44.11
CA LEU D 289 -19.93 -24.70 42.66
C LEU D 289 -18.50 -24.48 42.26
N GLU D 290 -17.76 -23.62 43.00
CA GLU D 290 -16.35 -23.28 42.72
C GLU D 290 -15.46 -24.49 42.39
N PRO D 291 -15.49 -25.61 43.17
CA PRO D 291 -14.63 -26.77 42.83
C PRO D 291 -14.98 -27.51 41.54
N VAL D 292 -16.27 -27.53 41.16
CA VAL D 292 -16.73 -28.13 39.92
C VAL D 292 -16.26 -27.24 38.76
N LEU D 293 -16.48 -25.92 38.85
CA LEU D 293 -16.14 -25.01 37.77
C LEU D 293 -14.67 -25.02 37.36
N ARG D 294 -13.73 -25.36 38.27
CA ARG D 294 -12.30 -25.41 37.90
C ARG D 294 -11.92 -26.78 37.30
N THR D 295 -12.91 -27.72 37.21
CA THR D 295 -12.76 -29.01 36.52
C THR D 295 -12.51 -28.74 35.00
N PHE D 296 -12.96 -27.55 34.52
CA PHE D 296 -12.88 -27.03 33.15
C PHE D 296 -11.74 -26.02 33.00
N GLU D 297 -11.13 -25.98 31.80
CA GLU D 297 -10.05 -25.05 31.43
C GLU D 297 -10.61 -23.84 30.67
N GLU D 298 -10.05 -22.64 30.93
CA GLU D 298 -10.42 -21.32 30.38
C GLU D 298 -10.94 -21.34 28.89
N ILE D 299 -10.33 -22.19 28.04
CA ILE D 299 -10.58 -22.33 26.60
C ILE D 299 -11.93 -23.02 26.29
N THR D 300 -12.29 -24.05 27.09
CA THR D 300 -13.52 -24.85 26.92
C THR D 300 -14.79 -23.98 26.91
N PHE D 301 -14.75 -22.82 27.60
CA PHE D 301 -15.85 -21.87 27.65
C PHE D 301 -15.90 -21.10 26.32
N LEU D 302 -14.72 -20.66 25.84
CA LEU D 302 -14.61 -19.91 24.58
C LEU D 302 -14.97 -20.80 23.39
N GLU D 303 -14.69 -22.12 23.53
CA GLU D 303 -15.02 -23.13 22.52
C GLU D 303 -16.53 -23.33 22.54
N ALA D 304 -17.13 -23.35 23.76
CA ALA D 304 -18.56 -23.54 24.00
C ALA D 304 -19.38 -22.42 23.39
N VAL D 305 -18.96 -21.15 23.59
CA VAL D 305 -19.65 -19.98 23.03
C VAL D 305 -19.54 -19.96 21.49
N ILE D 306 -18.37 -20.35 20.93
CA ILE D 306 -18.19 -20.38 19.47
C ILE D 306 -19.04 -21.51 18.85
N GLN D 307 -19.17 -22.65 19.56
CA GLN D 307 -19.98 -23.78 19.13
C GLN D 307 -21.46 -23.39 18.88
N LEU D 308 -21.93 -22.28 19.50
CA LEU D 308 -23.29 -21.74 19.37
C LEU D 308 -23.40 -20.87 18.11
N LYS D 309 -22.34 -20.08 17.79
CA LYS D 309 -22.32 -19.19 16.62
C LYS D 309 -21.56 -19.83 15.46
N ALA E 4 7.47 49.19 -54.93
CA ALA E 4 7.44 48.03 -55.83
C ALA E 4 7.88 48.43 -57.25
N ILE E 5 8.92 47.74 -57.80
CA ILE E 5 9.48 48.03 -59.12
C ILE E 5 8.76 47.24 -60.21
N CYS E 6 8.03 47.96 -61.09
CA CYS E 6 7.26 47.41 -62.21
C CYS E 6 7.86 47.77 -63.58
N SER E 7 7.46 47.02 -64.63
CA SER E 7 7.82 47.21 -66.03
C SER E 7 6.68 46.66 -66.87
N ALA E 8 6.17 47.50 -67.79
CA ALA E 8 5.11 47.12 -68.71
C ALA E 8 5.74 46.63 -70.00
N LEU E 9 5.25 45.51 -70.54
CA LEU E 9 5.77 44.92 -71.78
C LEU E 9 5.47 45.84 -72.98
N PRO E 10 6.51 46.19 -73.77
CA PRO E 10 6.29 47.11 -74.91
C PRO E 10 5.22 46.65 -75.90
N THR E 11 4.52 47.62 -76.51
CA THR E 11 3.52 47.32 -77.52
C THR E 11 4.10 47.67 -78.86
N ILE E 12 4.26 46.68 -79.74
CA ILE E 12 4.85 46.85 -81.06
C ILE E 12 3.78 46.93 -82.14
N PRO E 13 3.70 48.08 -82.88
CA PRO E 13 2.72 48.19 -83.96
C PRO E 13 3.11 47.28 -85.11
N TYR E 14 2.13 46.55 -85.70
CA TYR E 14 2.35 45.61 -86.80
C TYR E 14 3.20 46.19 -87.94
N HIS E 15 3.02 47.50 -88.23
CA HIS E 15 3.74 48.19 -89.29
C HIS E 15 5.26 48.29 -89.04
N LYS E 16 5.69 48.10 -87.77
CA LYS E 16 7.11 48.10 -87.38
C LYS E 16 7.76 46.76 -87.68
N LEU E 17 6.92 45.73 -87.84
CA LEU E 17 7.34 44.40 -88.18
C LEU E 17 7.39 44.25 -89.71
N ALA E 18 8.59 44.30 -90.25
CA ALA E 18 8.87 44.21 -91.67
C ALA E 18 9.46 42.84 -92.03
N ASP E 19 9.38 42.44 -93.31
CA ASP E 19 9.92 41.18 -93.87
C ASP E 19 9.41 39.95 -93.12
N LEU E 20 8.08 39.91 -92.83
CA LEU E 20 7.44 38.83 -92.09
C LEU E 20 7.36 37.49 -92.88
N ARG E 21 8.46 36.71 -92.82
CA ARG E 21 8.61 35.41 -93.48
C ARG E 21 8.30 34.27 -92.51
N TYR E 22 7.55 33.29 -92.93
CA TYR E 22 7.08 32.23 -92.05
C TYR E 22 8.13 31.15 -91.82
N LEU E 23 8.24 30.70 -90.55
CA LEU E 23 9.25 29.75 -90.08
C LEU E 23 8.69 28.36 -89.82
N SER E 24 7.60 28.27 -88.99
CA SER E 24 6.93 27.02 -88.60
C SER E 24 5.51 27.27 -88.06
N ARG E 25 4.71 26.20 -88.00
CA ARG E 25 3.36 26.20 -87.45
C ARG E 25 3.26 25.02 -86.49
N GLY E 26 2.81 25.31 -85.27
CA GLY E 26 2.63 24.32 -84.20
C GLY E 26 1.33 24.49 -83.43
N ALA E 27 1.16 23.70 -82.35
CA ALA E 27 -0.03 23.72 -81.49
C ALA E 27 -0.17 25.07 -80.76
N SER E 28 0.97 25.62 -80.32
CA SER E 28 1.07 26.89 -79.60
C SER E 28 0.77 28.11 -80.51
N GLY E 29 1.05 27.97 -81.82
CA GLY E 29 0.82 29.00 -82.83
C GLY E 29 1.75 28.91 -84.03
N THR E 30 1.83 30.02 -84.81
CA THR E 30 2.70 30.11 -86.00
C THR E 30 3.86 31.03 -85.74
N VAL E 31 5.10 30.52 -85.93
CA VAL E 31 6.34 31.30 -85.76
C VAL E 31 6.77 31.85 -87.13
N SER E 32 7.02 33.16 -87.17
CA SER E 32 7.47 33.90 -88.35
C SER E 32 8.68 34.79 -87.96
N SER E 33 9.59 35.04 -88.92
CA SER E 33 10.75 35.89 -88.71
C SER E 33 10.44 37.25 -89.32
N ALA E 34 10.61 38.31 -88.53
CA ALA E 34 10.41 39.69 -88.96
C ALA E 34 11.70 40.49 -88.69
N ARG E 35 11.61 41.81 -88.78
CA ARG E 35 12.75 42.71 -88.58
C ARG E 35 12.19 44.06 -88.14
N HIS E 36 12.56 44.48 -86.89
CA HIS E 36 12.05 45.71 -86.30
C HIS E 36 12.56 46.95 -87.01
N ALA E 37 11.61 47.70 -87.62
CA ALA E 37 11.79 48.93 -88.39
C ALA E 37 12.62 50.01 -87.66
N ASP E 38 12.46 50.10 -86.34
CA ASP E 38 13.17 51.09 -85.52
C ASP E 38 14.44 50.57 -84.88
N TRP E 39 14.40 49.32 -84.35
CA TRP E 39 15.52 48.70 -83.64
C TRP E 39 16.57 48.12 -84.56
N ARG E 40 16.20 47.87 -85.82
CA ARG E 40 17.05 47.32 -86.89
C ARG E 40 17.78 46.00 -86.47
N VAL E 41 16.94 45.08 -85.93
CA VAL E 41 17.29 43.73 -85.45
C VAL E 41 16.24 42.72 -85.94
N GLN E 42 16.69 41.46 -86.22
CA GLN E 42 15.80 40.37 -86.64
C GLN E 42 15.12 39.79 -85.38
N VAL E 43 13.79 39.66 -85.44
CA VAL E 43 12.95 39.16 -84.33
C VAL E 43 12.12 37.95 -84.78
N ALA E 44 11.56 37.20 -83.79
CA ALA E 44 10.66 36.07 -83.97
C ALA E 44 9.26 36.50 -83.52
N VAL E 45 8.24 36.12 -84.30
CA VAL E 45 6.84 36.50 -84.09
C VAL E 45 5.92 35.25 -84.00
N LYS E 46 5.29 34.96 -82.82
CA LYS E 46 4.36 33.82 -82.68
C LYS E 46 2.90 34.33 -82.72
N HIS E 47 2.03 33.73 -83.59
CA HIS E 47 0.63 34.19 -83.79
C HIS E 47 -0.33 33.06 -84.18
N SER E 57 -11.72 35.19 -75.99
CA SER E 57 -11.59 34.82 -77.39
C SER E 57 -10.42 33.82 -77.59
N GLU E 58 -9.93 33.69 -78.84
CA GLU E 58 -8.80 32.84 -79.24
C GLU E 58 -7.43 33.44 -78.73
N ARG E 59 -7.46 34.76 -78.43
CA ARG E 59 -6.36 35.63 -77.99
C ARG E 59 -5.90 35.43 -76.57
N LYS E 60 -6.81 34.99 -75.66
CA LYS E 60 -6.57 34.74 -74.22
C LYS E 60 -5.33 33.87 -73.96
N ASP E 61 -5.12 32.83 -74.82
CA ASP E 61 -4.00 31.90 -74.76
C ASP E 61 -2.65 32.59 -75.01
N VAL E 62 -2.61 33.54 -76.00
CA VAL E 62 -1.45 34.34 -76.39
C VAL E 62 -1.07 35.37 -75.31
N LEU E 63 -2.05 36.20 -74.83
CA LEU E 63 -1.82 37.27 -73.84
C LEU E 63 -1.56 36.74 -72.39
N ARG E 64 -1.58 35.40 -72.23
CA ARG E 64 -1.25 34.68 -71.01
C ARG E 64 0.19 34.19 -71.20
N GLU E 65 0.49 33.60 -72.39
CA GLU E 65 1.83 33.15 -72.73
C GLU E 65 2.77 34.34 -72.68
N ALA E 66 2.31 35.53 -73.19
CA ALA E 66 3.07 36.79 -73.18
C ALA E 66 3.35 37.26 -71.74
N GLU E 67 2.34 37.15 -70.85
CA GLU E 67 2.46 37.50 -69.43
C GLU E 67 3.48 36.57 -68.74
N ILE E 68 3.46 35.27 -69.09
CA ILE E 68 4.34 34.24 -68.52
C ILE E 68 5.79 34.62 -68.86
N LEU E 69 6.11 34.83 -70.16
CA LEU E 69 7.47 35.14 -70.64
C LEU E 69 8.05 36.46 -70.06
N HIS E 70 7.16 37.42 -69.76
CA HIS E 70 7.54 38.69 -69.17
C HIS E 70 7.87 38.51 -67.70
N LYS E 71 7.09 37.69 -67.01
CA LYS E 71 7.26 37.42 -65.57
C LYS E 71 8.39 36.42 -65.28
N ALA E 72 8.48 35.35 -66.09
CA ALA E 72 9.46 34.27 -65.98
C ALA E 72 10.81 34.58 -66.65
N ARG E 73 11.15 35.86 -66.83
CA ARG E 73 12.41 36.27 -67.46
C ARG E 73 13.63 35.80 -66.67
N PHE E 74 14.52 35.11 -67.37
CA PHE E 74 15.77 34.59 -66.85
C PHE E 74 16.70 34.28 -68.04
N SER E 75 18.00 34.18 -67.75
CA SER E 75 19.07 33.90 -68.70
C SER E 75 18.81 32.72 -69.66
N TYR E 76 17.96 31.75 -69.26
CA TYR E 76 17.69 30.54 -70.05
C TYR E 76 16.23 30.40 -70.48
N ILE E 77 15.52 31.53 -70.37
CA ILE E 77 14.16 31.67 -70.81
C ILE E 77 14.20 32.61 -72.02
N LEU E 78 13.42 32.25 -73.08
CA LEU E 78 13.31 33.06 -74.32
C LEU E 78 12.87 34.53 -73.99
N PRO E 79 13.73 35.52 -74.34
CA PRO E 79 13.41 36.90 -74.00
C PRO E 79 12.35 37.51 -74.90
N ILE E 80 11.20 37.85 -74.29
CA ILE E 80 10.08 38.48 -74.98
C ILE E 80 10.45 39.93 -75.19
N LEU E 81 10.30 40.45 -76.42
CA LEU E 81 10.65 41.84 -76.73
C LEU E 81 9.47 42.80 -76.70
N GLY E 82 8.28 42.26 -76.91
CA GLY E 82 7.04 43.02 -76.88
C GLY E 82 5.85 42.26 -77.40
N ILE E 83 4.71 42.94 -77.44
CA ILE E 83 3.42 42.37 -77.89
C ILE E 83 2.76 43.21 -78.99
N CYS E 84 2.25 42.52 -80.01
CA CYS E 84 1.52 43.15 -81.09
C CYS E 84 0.05 42.79 -80.87
N ASN E 85 -0.74 43.76 -80.36
CA ASN E 85 -2.17 43.56 -80.08
C ASN E 85 -2.99 44.62 -80.79
N GLU E 86 -3.40 44.27 -81.99
CA GLU E 86 -4.17 45.11 -82.89
C GLU E 86 -5.45 44.37 -83.30
N PRO E 87 -6.52 45.09 -83.75
CA PRO E 87 -7.74 44.39 -84.18
C PRO E 87 -7.49 43.44 -85.37
N GLU E 88 -6.51 43.79 -86.22
CA GLU E 88 -6.11 43.00 -87.39
C GLU E 88 -5.14 41.85 -87.01
N PHE E 89 -4.14 42.15 -86.14
CA PHE E 89 -3.08 41.21 -85.76
C PHE E 89 -2.78 41.10 -84.26
N LEU E 90 -2.52 39.86 -83.82
CA LEU E 90 -2.08 39.53 -82.47
C LEU E 90 -0.97 38.47 -82.54
N GLY E 91 0.17 38.84 -81.97
CA GLY E 91 1.37 38.01 -81.95
C GLY E 91 2.43 38.46 -80.96
N ILE E 92 3.09 37.47 -80.34
CA ILE E 92 4.19 37.63 -79.38
C ILE E 92 5.50 37.86 -80.15
N VAL E 93 6.18 38.96 -79.84
CA VAL E 93 7.45 39.29 -80.48
C VAL E 93 8.55 39.03 -79.48
N THR E 94 9.50 38.16 -79.85
CA THR E 94 10.62 37.77 -78.99
C THR E 94 11.94 37.84 -79.75
N GLU E 95 13.03 37.41 -79.10
CA GLU E 95 14.35 37.38 -79.71
C GLU E 95 14.37 36.29 -80.77
N TYR E 96 15.16 36.49 -81.84
CA TYR E 96 15.33 35.49 -82.89
C TYR E 96 16.46 34.52 -82.53
N MET E 97 16.18 33.21 -82.59
CA MET E 97 17.16 32.16 -82.28
C MET E 97 17.76 31.63 -83.57
N PRO E 98 19.00 32.07 -83.90
CA PRO E 98 19.60 31.71 -85.20
C PRO E 98 19.72 30.21 -85.48
N ASN E 99 20.19 29.44 -84.47
CA ASN E 99 20.42 28.00 -84.62
C ASN E 99 19.23 27.10 -84.15
N GLY E 100 18.00 27.62 -84.34
CA GLY E 100 16.72 26.99 -84.07
C GLY E 100 16.53 26.28 -82.75
N SER E 101 16.18 24.97 -82.81
CA SER E 101 15.93 24.11 -81.65
C SER E 101 16.97 23.00 -81.45
N LEU E 102 16.93 22.36 -80.27
CA LEU E 102 17.80 21.25 -79.87
C LEU E 102 17.50 20.02 -80.74
N ASN E 103 16.22 19.84 -81.12
CA ASN E 103 15.74 18.77 -81.99
C ASN E 103 16.54 18.76 -83.29
N GLU E 104 16.75 19.95 -83.85
CA GLU E 104 17.49 20.17 -85.08
C GLU E 104 18.98 19.84 -84.89
N LEU E 105 19.58 20.26 -83.79
CA LEU E 105 21.00 20.00 -83.51
C LEU E 105 21.27 18.49 -83.33
N LEU E 106 20.36 17.81 -82.63
CA LEU E 106 20.44 16.39 -82.31
C LEU E 106 20.13 15.44 -83.45
N HIS E 107 19.20 15.81 -84.35
CA HIS E 107 18.77 14.86 -85.38
C HIS E 107 19.27 15.22 -86.81
N ARG E 108 19.82 16.44 -87.04
CA ARG E 108 20.41 16.75 -88.34
C ARG E 108 21.92 16.34 -88.29
N LYS E 109 22.15 14.99 -88.31
CA LYS E 109 23.45 14.27 -88.27
C LYS E 109 24.35 14.49 -89.52
N THR E 110 23.75 15.02 -90.60
CA THR E 110 24.44 15.36 -91.84
C THR E 110 25.04 16.76 -91.70
N GLU E 111 24.23 17.74 -91.25
CA GLU E 111 24.60 19.14 -91.03
C GLU E 111 25.52 19.28 -89.81
N TYR E 112 25.21 18.52 -88.74
CA TYR E 112 25.98 18.50 -87.51
C TYR E 112 26.50 17.08 -87.25
N PRO E 113 27.57 16.62 -87.96
CA PRO E 113 28.06 15.24 -87.73
C PRO E 113 28.72 15.04 -86.37
N ASP E 114 29.46 16.04 -85.86
CA ASP E 114 30.13 15.96 -84.55
C ASP E 114 29.56 16.99 -83.57
N VAL E 115 28.96 16.52 -82.46
CA VAL E 115 28.43 17.37 -81.39
C VAL E 115 29.14 16.88 -80.09
N ALA E 116 30.06 17.69 -79.59
CA ALA E 116 30.89 17.39 -78.43
C ALA E 116 30.13 17.29 -77.14
N TRP E 117 30.63 16.44 -76.22
CA TRP E 117 30.05 16.27 -74.89
C TRP E 117 30.03 17.60 -74.11
N PRO E 118 31.12 18.44 -74.07
CA PRO E 118 31.02 19.70 -73.32
C PRO E 118 29.78 20.49 -73.69
N LEU E 119 29.47 20.62 -75.00
CA LEU E 119 28.29 21.32 -75.46
C LEU E 119 27.00 20.64 -75.00
N ARG E 120 26.90 19.31 -75.13
CA ARG E 120 25.73 18.56 -74.73
C ARG E 120 25.51 18.63 -73.24
N PHE E 121 26.59 18.61 -72.47
CA PHE E 121 26.47 18.75 -71.02
C PHE E 121 26.15 20.20 -70.62
N ARG E 122 26.64 21.19 -71.40
CA ARG E 122 26.37 22.61 -71.15
C ARG E 122 24.87 22.86 -71.37
N ILE E 123 24.30 22.29 -72.49
CA ILE E 123 22.89 22.35 -72.86
C ILE E 123 22.01 21.77 -71.75
N LEU E 124 22.35 20.53 -71.27
CA LEU E 124 21.61 19.84 -70.23
C LEU E 124 21.57 20.64 -68.95
N HIS E 125 22.74 21.21 -68.58
CA HIS E 125 22.91 22.03 -67.40
C HIS E 125 22.01 23.27 -67.47
N GLU E 126 22.06 23.99 -68.60
CA GLU E 126 21.25 25.19 -68.87
C GLU E 126 19.73 24.93 -68.83
N ILE E 127 19.24 23.80 -69.42
CA ILE E 127 17.81 23.44 -69.36
C ILE E 127 17.40 23.30 -67.88
N ALA E 128 18.19 22.53 -67.10
CA ALA E 128 17.92 22.31 -65.68
C ALA E 128 17.93 23.64 -64.92
N LEU E 129 18.89 24.56 -65.25
CA LEU E 129 19.01 25.90 -64.63
C LEU E 129 17.77 26.75 -64.86
N GLY E 130 17.23 26.70 -66.07
CA GLY E 130 16.02 27.44 -66.42
C GLY E 130 14.79 26.89 -65.74
N VAL E 131 14.55 25.54 -65.82
CA VAL E 131 13.42 24.82 -65.22
C VAL E 131 13.45 24.94 -63.69
N ASN E 132 14.66 24.95 -63.11
CA ASN E 132 14.86 25.15 -61.69
C ASN E 132 14.39 26.57 -61.27
N TYR E 133 14.75 27.61 -62.05
CA TYR E 133 14.35 28.98 -61.78
C TYR E 133 12.84 29.12 -61.80
N LEU E 134 12.16 28.48 -62.80
CA LEU E 134 10.70 28.46 -62.95
C LEU E 134 10.05 27.87 -61.74
N HIS E 135 10.61 26.73 -61.24
CA HIS E 135 10.09 26.00 -60.07
C HIS E 135 10.33 26.74 -58.77
N ASN E 136 11.32 27.65 -58.75
CA ASN E 136 11.69 28.50 -57.60
C ASN E 136 10.91 29.84 -57.57
N MET E 137 9.90 29.98 -58.46
CA MET E 137 9.05 31.17 -58.50
C MET E 137 8.00 31.09 -57.39
N THR E 138 7.35 32.22 -57.07
CA THR E 138 6.30 32.26 -56.04
C THR E 138 5.03 32.88 -56.66
N PRO E 139 4.03 32.05 -57.07
CA PRO E 139 3.95 30.56 -56.98
C PRO E 139 4.87 29.90 -58.00
N PRO E 140 5.20 28.59 -57.82
CA PRO E 140 6.05 27.91 -58.83
C PRO E 140 5.45 27.98 -60.23
N LEU E 141 6.28 28.06 -61.29
CA LEU E 141 5.73 27.97 -62.64
C LEU E 141 6.19 26.64 -63.19
N LEU E 142 5.21 25.83 -63.67
CA LEU E 142 5.46 24.50 -64.23
C LEU E 142 5.26 24.57 -65.71
N HIS E 143 6.32 24.24 -66.50
CA HIS E 143 6.36 24.29 -67.97
C HIS E 143 5.30 23.38 -68.63
N HIS E 144 5.21 22.11 -68.20
CA HIS E 144 4.28 21.09 -68.67
C HIS E 144 4.25 20.85 -70.17
N ASP E 145 5.34 21.19 -70.89
CA ASP E 145 5.40 21.00 -72.33
C ASP E 145 6.81 20.73 -72.87
N LEU E 146 7.85 20.65 -72.00
CA LEU E 146 9.25 20.43 -72.40
C LEU E 146 9.46 19.32 -73.47
N LYS E 147 10.10 19.71 -74.63
CA LYS E 147 10.45 18.90 -75.83
C LYS E 147 11.83 19.37 -76.32
N THR E 148 12.45 18.64 -77.26
CA THR E 148 13.72 19.09 -77.85
C THR E 148 13.49 20.27 -78.81
N GLN E 149 12.24 20.45 -79.25
CA GLN E 149 11.82 21.54 -80.13
C GLN E 149 11.62 22.89 -79.36
N ASN E 150 11.27 22.82 -78.04
CA ASN E 150 11.05 23.98 -77.16
C ASN E 150 12.33 24.51 -76.54
N ILE E 151 13.41 23.73 -76.64
CA ILE E 151 14.73 24.12 -76.15
C ILE E 151 15.43 24.75 -77.36
N LEU E 152 15.40 26.09 -77.40
CA LEU E 152 16.00 26.85 -78.48
C LEU E 152 17.45 27.21 -78.21
N LEU E 153 18.21 27.45 -79.30
CA LEU E 153 19.64 27.75 -79.23
C LEU E 153 19.97 29.05 -79.92
N ASP E 154 20.69 29.94 -79.20
CA ASP E 154 21.12 31.22 -79.76
C ASP E 154 22.37 31.04 -80.65
N ASN E 155 22.91 32.15 -81.24
CA ASN E 155 24.08 32.13 -82.12
C ASN E 155 25.31 31.43 -81.50
N GLU E 156 25.38 31.41 -80.15
CA GLU E 156 26.50 30.81 -79.43
C GLU E 156 26.08 29.52 -78.69
N PHE E 157 24.95 28.92 -79.14
CA PHE E 157 24.34 27.66 -78.68
C PHE E 157 24.06 27.62 -77.17
N HIS E 158 23.39 28.66 -76.65
CA HIS E 158 22.94 28.70 -75.26
C HIS E 158 21.44 28.39 -75.33
N VAL E 159 20.92 27.78 -74.26
CA VAL E 159 19.51 27.36 -74.11
C VAL E 159 18.58 28.52 -73.81
N LYS E 160 17.45 28.50 -74.51
CA LYS E 160 16.36 29.43 -74.35
C LYS E 160 15.10 28.56 -74.41
N ILE E 161 14.42 28.45 -73.27
CA ILE E 161 13.22 27.63 -73.13
C ILE E 161 12.04 28.44 -73.67
N ALA E 162 11.24 27.82 -74.55
CA ALA E 162 10.05 28.45 -75.17
C ALA E 162 8.82 27.60 -74.94
N ASP E 163 7.68 28.00 -75.54
CA ASP E 163 6.35 27.36 -75.45
C ASP E 163 5.82 27.25 -74.03
N PHE E 164 5.25 28.36 -73.56
CA PHE E 164 4.64 28.52 -72.25
C PHE E 164 3.09 28.55 -72.38
N GLY E 165 2.61 27.94 -73.47
CA GLY E 165 1.20 27.83 -73.80
C GLY E 165 0.46 26.82 -72.95
N LEU E 166 1.15 25.76 -72.48
CA LEU E 166 0.57 24.75 -71.59
C LEU E 166 1.02 24.91 -70.13
N SER E 167 2.02 25.79 -69.88
CA SER E 167 2.58 26.05 -68.55
C SER E 167 1.52 26.55 -67.55
N LYS E 168 1.66 26.12 -66.27
CA LYS E 168 0.72 26.46 -65.21
C LYS E 168 1.42 26.91 -63.94
N TRP E 169 0.79 27.88 -63.24
CA TRP E 169 1.25 28.41 -61.97
C TRP E 169 0.77 27.47 -60.85
N ARG E 170 1.73 26.74 -60.21
CA ARG E 170 1.49 25.77 -59.15
C ARG E 170 0.95 26.39 -57.88
N MET E 171 -0.40 26.48 -57.77
CA MET E 171 -1.11 26.96 -56.61
C MET E 171 -2.03 25.83 -56.04
N GLY E 187 1.58 16.60 -81.67
CA GLY E 187 1.06 15.98 -80.46
C GLY E 187 1.92 14.84 -79.94
N THR E 188 3.17 15.15 -79.54
CA THR E 188 4.05 14.10 -79.03
C THR E 188 3.85 13.90 -77.53
N ILE E 189 3.61 12.63 -77.14
CA ILE E 189 3.38 12.16 -75.76
C ILE E 189 4.63 11.50 -75.21
N ILE E 190 5.73 11.49 -75.99
CA ILE E 190 6.96 10.79 -75.60
C ILE E 190 7.70 11.46 -74.41
N TYR E 191 7.34 12.72 -74.06
CA TYR E 191 7.95 13.44 -72.93
C TYR E 191 6.98 13.55 -71.79
N MET E 192 5.77 13.04 -71.97
CA MET E 192 4.70 13.09 -70.99
C MET E 192 4.75 11.92 -69.97
N PRO E 193 4.71 12.21 -68.65
CA PRO E 193 4.68 11.13 -67.66
C PRO E 193 3.39 10.29 -67.80
N PRO E 194 3.47 8.97 -67.52
CA PRO E 194 2.29 8.10 -67.65
C PRO E 194 1.04 8.47 -66.86
N GLU E 195 1.19 9.16 -65.70
CA GLU E 195 0.06 9.54 -64.85
C GLU E 195 -0.78 10.63 -65.52
N ASN E 196 -0.13 11.38 -66.45
CA ASN E 196 -0.75 12.44 -67.21
C ASN E 196 -1.60 11.84 -68.32
N TYR E 197 -1.48 10.52 -68.58
CA TYR E 197 -2.23 9.82 -69.63
C TYR E 197 -3.74 9.86 -69.46
N GLU E 198 -4.25 9.90 -68.23
CA GLU E 198 -5.70 9.84 -68.06
C GLU E 198 -6.26 10.44 -66.74
N PRO E 199 -7.59 10.79 -66.70
CA PRO E 199 -8.16 11.33 -65.46
C PRO E 199 -8.65 10.22 -64.52
N ILE E 207 3.26 18.26 -60.87
CA ILE E 207 4.52 18.92 -60.47
C ILE E 207 5.78 18.16 -60.99
N LYS E 208 5.82 16.80 -60.79
CA LYS E 208 6.91 15.91 -61.23
C LYS E 208 6.86 15.59 -62.77
N HIS E 209 6.15 16.42 -63.55
CA HIS E 209 5.98 16.30 -65.00
C HIS E 209 7.26 16.68 -65.70
N ASP E 210 7.77 17.91 -65.41
CA ASP E 210 8.97 18.50 -66.03
C ASP E 210 10.24 17.68 -65.83
N ILE E 211 10.37 17.00 -64.67
CA ILE E 211 11.54 16.14 -64.46
C ILE E 211 11.47 14.92 -65.39
N TYR E 212 10.25 14.37 -65.64
CA TYR E 212 10.00 13.25 -66.56
C TYR E 212 10.43 13.62 -68.00
N SER E 213 9.96 14.78 -68.54
CA SER E 213 10.32 15.30 -69.88
C SER E 213 11.82 15.52 -69.94
N TYR E 214 12.41 16.08 -68.85
CA TYR E 214 13.83 16.34 -68.77
C TYR E 214 14.66 15.08 -68.92
N ALA E 215 14.25 13.94 -68.26
CA ALA E 215 14.91 12.62 -68.33
C ALA E 215 14.93 12.04 -69.75
N VAL E 216 13.79 12.16 -70.48
CA VAL E 216 13.64 11.72 -71.87
C VAL E 216 14.57 12.59 -72.75
N ILE E 217 14.61 13.90 -72.49
CA ILE E 217 15.44 14.88 -73.20
C ILE E 217 16.92 14.54 -72.94
N THR E 218 17.27 14.18 -71.68
CA THR E 218 18.65 13.82 -71.30
C THR E 218 19.08 12.56 -72.05
N TRP E 219 18.16 11.59 -72.17
CA TRP E 219 18.39 10.34 -72.89
C TRP E 219 18.68 10.68 -74.36
N GLU E 220 17.74 11.39 -74.99
CA GLU E 220 17.77 11.90 -76.36
C GLU E 220 19.04 12.72 -76.71
N VAL E 221 19.52 13.59 -75.79
CA VAL E 221 20.73 14.42 -75.99
C VAL E 221 22.00 13.53 -76.06
N LEU E 222 22.11 12.58 -75.11
CA LEU E 222 23.24 11.67 -74.98
C LEU E 222 23.28 10.59 -76.06
N SER E 223 22.11 10.01 -76.39
CA SER E 223 21.95 8.92 -77.37
C SER E 223 22.05 9.35 -78.83
N ARG E 224 21.42 10.50 -79.19
CA ARG E 224 21.26 11.15 -80.52
C ARG E 224 20.06 10.58 -81.31
N LYS E 225 19.39 9.55 -80.74
CA LYS E 225 18.24 8.83 -81.33
C LYS E 225 16.89 9.24 -80.76
N GLN E 226 15.85 9.16 -81.63
CA GLN E 226 14.45 9.49 -81.33
C GLN E 226 13.87 8.43 -80.38
N PRO E 227 13.36 8.82 -79.18
CA PRO E 227 12.78 7.84 -78.25
C PRO E 227 11.58 7.10 -78.87
N PHE E 228 11.57 5.74 -78.74
CA PHE E 228 10.56 4.83 -79.28
C PHE E 228 10.49 4.93 -80.83
N GLU E 229 11.68 5.04 -81.48
CA GLU E 229 11.86 5.14 -82.93
C GLU E 229 11.31 3.91 -83.66
N ASP E 230 11.47 2.74 -83.04
CA ASP E 230 11.01 1.47 -83.60
C ASP E 230 9.47 1.32 -83.56
N VAL E 231 8.77 2.19 -82.77
CA VAL E 231 7.33 2.13 -82.55
C VAL E 231 6.56 3.07 -83.47
N THR E 232 5.63 2.50 -84.24
CA THR E 232 4.77 3.18 -85.23
C THR E 232 3.56 3.90 -84.58
N ASN E 233 2.70 3.14 -83.89
CA ASN E 233 1.50 3.68 -83.22
C ASN E 233 1.85 4.37 -81.90
N PRO E 234 1.42 5.64 -81.71
CA PRO E 234 1.71 6.35 -80.46
C PRO E 234 1.01 5.74 -79.25
N LEU E 235 -0.13 5.09 -79.49
CA LEU E 235 -0.92 4.41 -78.48
C LEU E 235 -0.18 3.18 -77.94
N GLN E 236 0.71 2.60 -78.76
CA GLN E 236 1.56 1.47 -78.35
C GLN E 236 2.58 2.00 -77.35
N ILE E 237 3.19 3.19 -77.62
CA ILE E 237 4.18 3.89 -76.78
C ILE E 237 3.55 4.11 -75.41
N MET E 238 2.31 4.66 -75.39
CA MET E 238 1.58 4.94 -74.17
C MET E 238 1.32 3.71 -73.38
N TYR E 239 0.91 2.60 -74.04
CA TYR E 239 0.68 1.29 -73.43
C TYR E 239 1.99 0.81 -72.79
N SER E 240 3.09 0.91 -73.54
CA SER E 240 4.41 0.51 -73.09
C SER E 240 4.83 1.25 -71.81
N VAL E 241 4.91 2.63 -71.86
CA VAL E 241 5.34 3.44 -70.69
C VAL E 241 4.40 3.20 -69.49
N SER E 242 3.09 3.12 -69.69
CA SER E 242 2.19 2.84 -68.58
C SER E 242 2.50 1.47 -67.93
N GLN E 243 2.99 0.49 -68.71
CA GLN E 243 3.34 -0.78 -68.10
C GLN E 243 4.81 -0.79 -67.62
N GLY E 244 5.45 0.37 -67.69
CA GLY E 244 6.80 0.56 -67.19
C GLY E 244 7.94 0.68 -68.18
N HIS E 245 7.67 0.51 -69.47
CA HIS E 245 8.74 0.61 -70.46
C HIS E 245 9.19 2.05 -70.70
N ARG E 246 10.45 2.23 -71.11
CA ARG E 246 11.09 3.53 -71.37
C ARG E 246 12.16 3.34 -72.46
N PRO E 247 12.69 4.43 -73.08
CA PRO E 247 13.77 4.25 -74.06
C PRO E 247 14.91 3.39 -73.48
N VAL E 248 15.42 2.45 -74.29
CA VAL E 248 16.43 1.47 -73.90
C VAL E 248 17.79 2.08 -73.53
N ILE E 249 18.39 1.51 -72.48
CA ILE E 249 19.70 1.88 -71.97
C ILE E 249 20.61 0.66 -72.12
N ASN E 250 21.59 0.76 -73.05
CA ASN E 250 22.56 -0.28 -73.39
C ASN E 250 23.72 0.36 -74.16
N GLU E 251 24.73 -0.45 -74.56
CA GLU E 251 25.91 0.00 -75.31
C GLU E 251 25.55 0.54 -76.72
N GLU E 252 24.47 0.01 -77.34
CA GLU E 252 24.02 0.44 -78.67
C GLU E 252 23.36 1.82 -78.59
N SER E 253 22.44 2.04 -77.60
CA SER E 253 21.77 3.31 -77.39
C SER E 253 22.72 4.38 -76.82
N LEU E 254 23.25 4.14 -75.60
CA LEU E 254 24.18 5.06 -74.92
C LEU E 254 25.52 4.38 -74.70
N PRO E 255 26.54 4.66 -75.54
CA PRO E 255 27.84 3.96 -75.41
C PRO E 255 28.60 4.18 -74.08
N TYR E 256 29.65 3.37 -73.85
CA TYR E 256 30.45 3.47 -72.63
C TYR E 256 31.43 4.65 -72.65
N ASP E 257 31.69 5.22 -73.83
CA ASP E 257 32.59 6.38 -73.99
C ASP E 257 32.02 7.67 -73.31
N ILE E 258 30.70 7.69 -73.00
CA ILE E 258 29.97 8.80 -72.39
C ILE E 258 30.55 9.17 -71.03
N PRO E 259 31.02 10.42 -70.86
CA PRO E 259 31.57 10.85 -69.57
C PRO E 259 30.50 10.84 -68.47
N HIS E 260 30.82 10.22 -67.31
CA HIS E 260 29.94 10.08 -66.13
C HIS E 260 28.66 9.32 -66.47
N ARG E 261 28.79 8.29 -67.35
CA ARG E 261 27.71 7.42 -67.84
C ARG E 261 26.80 6.90 -66.72
N ALA E 262 27.40 6.40 -65.63
CA ALA E 262 26.68 5.86 -64.47
C ALA E 262 25.82 6.91 -63.75
N ARG E 263 26.41 8.10 -63.50
CA ARG E 263 25.75 9.25 -62.87
C ARG E 263 24.56 9.65 -63.72
N MET E 264 24.78 9.72 -65.08
CA MET E 264 23.79 10.06 -66.08
C MET E 264 22.61 9.08 -66.15
N ILE E 265 22.90 7.77 -66.24
CA ILE E 265 21.88 6.73 -66.27
C ILE E 265 21.07 6.77 -65.00
N SER E 266 21.72 7.05 -63.88
CA SER E 266 21.04 7.15 -62.58
C SER E 266 20.05 8.26 -62.69
N LEU E 267 20.53 9.44 -63.12
CA LEU E 267 19.74 10.65 -63.28
C LEU E 267 18.53 10.40 -64.17
N ILE E 268 18.75 9.80 -65.36
CA ILE E 268 17.72 9.46 -66.35
C ILE E 268 16.67 8.50 -65.77
N GLU E 269 17.10 7.35 -65.21
CA GLU E 269 16.24 6.34 -64.59
C GLU E 269 15.45 6.85 -63.42
N SER E 270 16.06 7.67 -62.55
CA SER E 270 15.36 8.31 -61.42
C SER E 270 14.39 9.37 -61.94
N GLY E 271 14.79 10.06 -63.03
CA GLY E 271 14.03 11.10 -63.71
C GLY E 271 12.71 10.59 -64.27
N TRP E 272 12.77 9.49 -65.04
CA TRP E 272 11.55 8.90 -65.60
C TRP E 272 10.95 7.78 -64.72
N ALA E 273 11.24 7.76 -63.38
CA ALA E 273 10.68 6.77 -62.46
C ALA E 273 9.15 6.71 -62.57
N GLN E 274 8.57 5.50 -62.64
CA GLN E 274 7.11 5.29 -62.74
C GLN E 274 6.40 5.99 -61.59
N ASN E 275 6.99 5.89 -60.38
CA ASN E 275 6.54 6.55 -59.15
C ASN E 275 6.97 8.04 -59.23
N PRO E 276 5.99 8.99 -59.24
CA PRO E 276 6.36 10.42 -59.30
C PRO E 276 7.17 10.85 -58.09
N ASP E 277 6.82 10.30 -56.90
CA ASP E 277 7.49 10.56 -55.62
C ASP E 277 8.97 10.11 -55.60
N GLU E 278 9.35 9.23 -56.54
CA GLU E 278 10.70 8.71 -56.70
C GLU E 278 11.59 9.59 -57.58
N ARG E 279 10.96 10.50 -58.37
CA ARG E 279 11.66 11.41 -59.29
C ARG E 279 12.35 12.57 -58.58
N PRO E 280 13.56 12.97 -59.00
CA PRO E 280 14.23 14.09 -58.30
C PRO E 280 13.69 15.49 -58.63
N SER E 281 14.21 16.48 -57.88
CA SER E 281 13.90 17.87 -58.11
C SER E 281 14.97 18.34 -59.10
N PHE E 282 14.79 19.54 -59.69
CA PHE E 282 15.77 20.09 -60.59
C PHE E 282 17.01 20.52 -59.82
N LEU E 283 16.84 20.84 -58.52
CA LEU E 283 17.92 21.19 -57.61
C LEU E 283 18.91 20.03 -57.52
N LYS E 284 18.44 18.76 -57.35
CA LYS E 284 19.33 17.59 -57.29
C LYS E 284 19.98 17.37 -58.63
N CYS E 285 19.23 17.63 -59.76
CA CYS E 285 19.80 17.51 -61.12
C CYS E 285 20.99 18.42 -61.17
N LEU E 286 20.81 19.70 -60.71
CA LEU E 286 21.86 20.73 -60.64
C LEU E 286 23.02 20.28 -59.80
N ILE E 287 22.71 19.70 -58.64
CA ILE E 287 23.65 19.18 -57.67
C ILE E 287 24.48 18.06 -58.27
N GLU E 288 23.84 17.14 -59.04
CA GLU E 288 24.51 16.01 -59.72
C GLU E 288 25.28 16.49 -60.95
N LEU E 289 24.74 17.49 -61.66
CA LEU E 289 25.32 18.02 -62.89
C LEU E 289 26.52 18.89 -62.68
N GLU E 290 26.48 19.81 -61.68
CA GLU E 290 27.57 20.76 -61.36
C GLU E 290 28.97 20.13 -61.41
N PRO E 291 29.24 18.95 -60.75
CA PRO E 291 30.60 18.38 -60.80
C PRO E 291 31.02 17.85 -62.16
N VAL E 292 30.06 17.28 -62.93
CA VAL E 292 30.27 16.76 -64.28
C VAL E 292 30.82 17.86 -65.19
N LEU E 293 30.17 19.03 -65.17
CA LEU E 293 30.53 20.21 -65.96
C LEU E 293 31.85 20.86 -65.53
N ARG E 294 32.23 20.66 -64.26
CA ARG E 294 33.46 21.22 -63.72
C ARG E 294 34.66 20.61 -64.43
N THR E 295 34.54 19.32 -64.87
CA THR E 295 35.58 18.54 -65.57
C THR E 295 35.99 19.14 -66.94
N PHE E 296 35.02 19.74 -67.65
CA PHE E 296 35.22 20.41 -68.94
C PHE E 296 35.90 21.77 -68.72
N GLU E 297 36.84 22.09 -69.58
CA GLU E 297 37.52 23.37 -69.49
C GLU E 297 36.80 24.33 -70.39
N GLU E 298 36.53 25.51 -69.88
CA GLU E 298 35.86 26.66 -70.51
C GLU E 298 36.03 26.76 -72.07
N ILE E 299 37.25 26.53 -72.56
CA ILE E 299 37.58 26.65 -73.98
C ILE E 299 36.96 25.54 -74.86
N THR E 300 36.86 24.31 -74.35
CA THR E 300 36.30 23.13 -75.03
C THR E 300 34.86 23.34 -75.54
N PHE E 301 34.11 24.25 -74.90
CA PHE E 301 32.75 24.58 -75.30
C PHE E 301 32.81 25.41 -76.58
N LEU E 302 33.71 26.38 -76.64
CA LEU E 302 33.88 27.31 -77.76
C LEU E 302 34.35 26.54 -79.01
N GLU E 303 35.19 25.51 -78.81
CA GLU E 303 35.69 24.64 -79.88
C GLU E 303 34.53 23.80 -80.42
N ALA E 304 33.65 23.35 -79.47
CA ALA E 304 32.44 22.52 -79.69
C ALA E 304 31.44 23.25 -80.53
N VAL E 305 31.27 24.58 -80.25
CA VAL E 305 30.42 25.47 -81.03
C VAL E 305 31.07 25.73 -82.40
N ILE E 306 32.43 25.94 -82.45
CA ILE E 306 33.17 26.20 -83.70
C ILE E 306 33.10 25.04 -84.67
N GLN E 307 33.26 23.81 -84.14
CA GLN E 307 33.26 22.64 -84.98
C GLN E 307 31.87 22.32 -85.58
N LEU E 308 30.85 23.11 -85.21
CA LEU E 308 29.50 23.02 -85.80
C LEU E 308 29.45 23.98 -86.99
N LYS E 309 30.04 25.19 -86.85
CA LYS E 309 30.06 26.22 -87.89
C LYS E 309 31.37 26.18 -88.68
N ALA F 4 -3.14 45.31 -69.89
CA ALA F 4 -1.76 45.81 -69.85
C ALA F 4 -0.85 44.75 -69.18
N ILE F 5 0.25 44.32 -69.89
CA ILE F 5 1.17 43.30 -69.38
C ILE F 5 2.30 43.92 -68.54
N CYS F 6 2.26 43.72 -67.20
CA CYS F 6 3.26 44.22 -66.22
C CYS F 6 4.04 43.07 -65.58
N SER F 7 5.22 43.40 -64.99
CA SER F 7 6.08 42.45 -64.25
C SER F 7 6.80 43.18 -63.15
N ALA F 8 6.75 42.65 -61.93
CA ALA F 8 7.44 43.24 -60.78
C ALA F 8 8.81 42.61 -60.60
N LEU F 9 9.85 43.44 -60.38
CA LEU F 9 11.22 42.98 -60.24
C LEU F 9 11.39 42.13 -58.96
N PRO F 10 11.99 40.91 -59.09
CA PRO F 10 12.16 40.05 -57.92
C PRO F 10 12.94 40.67 -56.77
N THR F 11 12.60 40.27 -55.54
CA THR F 11 13.28 40.73 -54.35
C THR F 11 14.14 39.58 -53.84
N ILE F 12 15.46 39.81 -53.80
CA ILE F 12 16.42 38.81 -53.36
C ILE F 12 16.89 39.08 -51.92
N PRO F 13 16.63 38.12 -50.97
CA PRO F 13 17.15 38.26 -49.60
C PRO F 13 18.68 38.13 -49.59
N TYR F 14 19.36 39.00 -48.84
CA TYR F 14 20.82 39.04 -48.74
C TYR F 14 21.46 37.68 -48.47
N HIS F 15 20.76 36.84 -47.67
CA HIS F 15 21.26 35.51 -47.31
C HIS F 15 21.32 34.53 -48.51
N LYS F 16 20.61 34.86 -49.61
CA LYS F 16 20.59 34.08 -50.86
C LYS F 16 21.83 34.42 -51.72
N LEU F 17 22.48 35.54 -51.40
CA LEU F 17 23.71 36.00 -52.05
C LEU F 17 24.88 35.46 -51.26
N ALA F 18 25.43 34.34 -51.78
CA ALA F 18 26.55 33.55 -51.27
C ALA F 18 27.85 33.89 -52.01
N ASP F 19 29.03 33.75 -51.35
CA ASP F 19 30.37 34.00 -51.92
C ASP F 19 30.51 35.45 -52.42
N LEU F 20 30.03 36.45 -51.64
CA LEU F 20 30.10 37.87 -52.02
C LEU F 20 31.53 38.45 -52.01
N ARG F 21 32.24 38.28 -53.14
CA ARG F 21 33.62 38.74 -53.35
C ARG F 21 33.66 40.05 -54.12
N TYR F 22 34.48 41.01 -53.64
CA TYR F 22 34.69 42.33 -54.21
C TYR F 22 35.32 42.24 -55.59
N LEU F 23 34.87 43.12 -56.53
CA LEU F 23 35.42 43.24 -57.90
C LEU F 23 35.96 44.65 -58.16
N SER F 24 35.12 45.69 -57.94
CA SER F 24 35.47 47.10 -58.14
C SER F 24 34.59 48.10 -57.38
N ARG F 25 35.09 49.34 -57.24
CA ARG F 25 34.39 50.48 -56.65
C ARG F 25 34.47 51.65 -57.66
N GLY F 26 33.32 52.17 -58.06
CA GLY F 26 33.18 53.27 -59.02
C GLY F 26 32.23 54.38 -58.54
N ALA F 27 31.98 55.37 -59.41
CA ALA F 27 31.10 56.50 -59.08
C ALA F 27 29.63 56.07 -58.86
N SER F 28 29.18 55.09 -59.66
CA SER F 28 27.82 54.54 -59.60
C SER F 28 27.59 53.67 -58.37
N GLY F 29 28.67 53.01 -57.90
CA GLY F 29 28.65 52.17 -56.71
C GLY F 29 29.78 51.15 -56.60
N THR F 30 29.62 50.15 -55.70
CA THR F 30 30.59 49.08 -55.50
C THR F 30 29.99 47.76 -56.03
N VAL F 31 30.71 47.13 -56.97
CA VAL F 31 30.29 45.93 -57.69
C VAL F 31 31.03 44.69 -57.21
N SER F 32 30.26 43.76 -56.62
CA SER F 32 30.74 42.47 -56.10
C SER F 32 30.15 41.30 -56.88
N SER F 33 30.83 40.12 -56.83
CA SER F 33 30.38 38.88 -57.47
C SER F 33 29.85 37.98 -56.36
N ALA F 34 28.63 37.40 -56.53
CA ALA F 34 28.04 36.44 -55.58
C ALA F 34 27.57 35.16 -56.29
N ARG F 35 26.62 34.40 -55.71
CA ARG F 35 26.13 33.13 -56.22
C ARG F 35 24.72 32.97 -55.66
N HIS F 36 23.67 32.90 -56.51
CA HIS F 36 22.31 32.73 -55.98
C HIS F 36 22.10 31.34 -55.41
N ALA F 37 21.84 31.27 -54.08
CA ALA F 37 21.62 30.07 -53.28
C ALA F 37 20.52 29.14 -53.82
N ASP F 38 19.46 29.71 -54.45
CA ASP F 38 18.36 28.92 -54.99
C ASP F 38 18.50 28.64 -56.48
N TRP F 39 18.97 29.64 -57.28
CA TRP F 39 19.09 29.53 -58.74
C TRP F 39 20.35 28.83 -59.20
N ARG F 40 21.35 28.77 -58.31
CA ARG F 40 22.64 28.11 -58.47
C ARG F 40 23.39 28.60 -59.71
N VAL F 41 23.44 29.95 -59.85
CA VAL F 41 24.12 30.74 -60.91
C VAL F 41 24.96 31.89 -60.31
N GLN F 42 26.07 32.28 -60.96
CA GLN F 42 26.91 33.38 -60.49
C GLN F 42 26.29 34.69 -60.95
N VAL F 43 26.18 35.65 -60.04
CA VAL F 43 25.57 36.96 -60.29
C VAL F 43 26.53 38.14 -59.93
N ALA F 44 26.22 39.37 -60.42
CA ALA F 44 26.90 40.62 -60.11
C ALA F 44 25.97 41.48 -59.22
N VAL F 45 26.54 42.16 -58.21
CA VAL F 45 25.76 43.00 -57.29
C VAL F 45 26.35 44.42 -57.15
N LYS F 46 25.58 45.45 -57.52
CA LYS F 46 26.05 46.83 -57.36
C LYS F 46 25.43 47.44 -56.08
N HIS F 47 26.27 48.05 -55.18
CA HIS F 47 25.82 48.61 -53.89
C HIS F 47 26.66 49.80 -53.42
N SER F 57 17.77 59.40 -49.14
CA SER F 57 18.72 60.36 -49.69
C SER F 57 19.81 59.66 -50.54
N GLU F 58 20.20 58.44 -50.12
CA GLU F 58 21.21 57.60 -50.78
C GLU F 58 20.55 56.35 -51.43
N ARG F 59 19.41 55.88 -50.85
CA ARG F 59 18.64 54.71 -51.33
C ARG F 59 18.06 54.98 -52.74
N LYS F 60 17.18 55.99 -52.83
CA LYS F 60 16.43 56.46 -54.01
C LYS F 60 17.16 56.36 -55.35
N ASP F 61 18.48 56.61 -55.33
CA ASP F 61 19.39 56.60 -56.49
C ASP F 61 19.51 55.20 -57.12
N VAL F 62 19.63 54.16 -56.25
CA VAL F 62 19.77 52.73 -56.61
C VAL F 62 18.43 52.22 -57.12
N LEU F 63 17.32 52.51 -56.39
CA LEU F 63 15.95 52.12 -56.77
C LEU F 63 15.52 52.72 -58.12
N ARG F 64 16.11 53.88 -58.50
CA ARG F 64 15.89 54.54 -59.77
C ARG F 64 16.59 53.74 -60.86
N GLU F 65 17.91 53.44 -60.66
CA GLU F 65 18.76 52.68 -61.59
C GLU F 65 18.19 51.28 -61.84
N ALA F 66 17.67 50.63 -60.77
CA ALA F 66 17.02 49.32 -60.84
C ALA F 66 15.76 49.36 -61.70
N GLU F 67 14.95 50.43 -61.55
CA GLU F 67 13.72 50.66 -62.33
C GLU F 67 14.09 50.83 -63.82
N ILE F 68 15.18 51.57 -64.11
CA ILE F 68 15.67 51.82 -65.47
C ILE F 68 16.00 50.49 -66.17
N LEU F 69 16.87 49.65 -65.54
CA LEU F 69 17.31 48.35 -66.08
C LEU F 69 16.19 47.34 -66.32
N HIS F 70 15.12 47.45 -65.51
CA HIS F 70 13.94 46.61 -65.61
C HIS F 70 13.06 47.04 -66.78
N LYS F 71 12.96 48.35 -66.99
CA LYS F 71 12.17 48.95 -68.07
C LYS F 71 12.91 48.92 -69.42
N ALA F 72 14.21 49.23 -69.40
CA ALA F 72 15.06 49.32 -70.60
C ALA F 72 15.64 47.97 -71.06
N ARG F 73 14.99 46.87 -70.68
CA ARG F 73 15.45 45.53 -71.05
C ARG F 73 15.52 45.35 -72.59
N PHE F 74 16.68 44.97 -73.08
CA PHE F 74 16.96 44.67 -74.47
C PHE F 74 18.19 43.78 -74.56
N SER F 75 18.36 43.11 -75.71
CA SER F 75 19.45 42.18 -76.04
C SER F 75 20.87 42.70 -75.71
N TYR F 76 21.05 44.06 -75.70
CA TYR F 76 22.36 44.68 -75.48
C TYR F 76 22.41 45.55 -74.22
N ILE F 77 21.41 45.38 -73.33
CA ILE F 77 21.28 46.05 -72.04
C ILE F 77 21.43 45.00 -70.94
N LEU F 78 22.34 45.26 -69.96
CA LEU F 78 22.65 44.36 -68.84
C LEU F 78 21.37 43.82 -68.17
N PRO F 79 21.19 42.48 -68.14
CA PRO F 79 19.93 41.92 -67.60
C PRO F 79 19.88 41.96 -66.09
N ILE F 80 18.95 42.75 -65.53
CA ILE F 80 18.76 42.85 -64.09
C ILE F 80 18.02 41.62 -63.63
N LEU F 81 18.51 40.95 -62.58
CA LEU F 81 17.87 39.71 -62.08
C LEU F 81 16.95 39.94 -60.89
N GLY F 82 17.19 41.02 -60.14
CA GLY F 82 16.40 41.38 -58.98
C GLY F 82 17.02 42.47 -58.13
N ILE F 83 16.36 42.78 -56.99
CA ILE F 83 16.78 43.81 -56.04
C ILE F 83 16.88 43.30 -54.61
N CYS F 84 17.95 43.70 -53.92
CA CYS F 84 18.15 43.41 -52.51
C CYS F 84 17.91 44.72 -51.73
N ASN F 85 16.81 44.82 -50.96
CA ASN F 85 16.57 46.03 -50.17
C ASN F 85 16.06 45.73 -48.80
N GLU F 86 16.97 45.73 -47.83
CA GLU F 86 16.59 45.56 -46.44
C GLU F 86 17.30 46.64 -45.60
N PRO F 87 17.03 46.75 -44.28
CA PRO F 87 17.66 47.82 -43.48
C PRO F 87 19.19 47.74 -43.43
N GLU F 88 19.71 46.50 -43.51
CA GLU F 88 21.13 46.20 -43.49
C GLU F 88 21.81 46.42 -44.86
N PHE F 89 21.17 45.97 -45.97
CA PHE F 89 21.75 46.00 -47.31
C PHE F 89 20.81 46.44 -48.43
N LEU F 90 21.38 47.19 -49.39
CA LEU F 90 20.72 47.62 -50.62
C LEU F 90 21.70 47.51 -51.79
N GLY F 91 21.28 46.73 -52.79
CA GLY F 91 22.08 46.48 -53.99
C GLY F 91 21.31 45.84 -55.12
N ILE F 92 21.66 46.21 -56.37
CA ILE F 92 21.11 45.72 -57.64
C ILE F 92 21.81 44.42 -58.02
N VAL F 93 21.04 43.38 -58.26
CA VAL F 93 21.55 42.06 -58.64
C VAL F 93 21.23 41.85 -60.12
N THR F 94 22.28 41.62 -60.91
CA THR F 94 22.18 41.43 -62.37
C THR F 94 22.98 40.20 -62.79
N GLU F 95 23.06 39.97 -64.11
CA GLU F 95 23.82 38.86 -64.68
C GLU F 95 25.32 39.18 -64.54
N TYR F 96 26.12 38.13 -64.36
CA TYR F 96 27.57 38.24 -64.23
C TYR F 96 28.22 38.19 -65.62
N MET F 97 29.08 39.19 -65.91
CA MET F 97 29.80 39.33 -67.18
C MET F 97 31.20 38.76 -67.03
N PRO F 98 31.42 37.53 -67.55
CA PRO F 98 32.72 36.85 -67.33
C PRO F 98 33.95 37.61 -67.80
N ASN F 99 33.86 38.21 -69.00
CA ASN F 99 34.97 38.92 -69.64
C ASN F 99 34.96 40.46 -69.39
N GLY F 100 34.47 40.87 -68.21
CA GLY F 100 34.41 42.24 -67.70
C GLY F 100 33.90 43.32 -68.63
N SER F 101 34.72 44.39 -68.82
CA SER F 101 34.41 45.55 -69.66
C SER F 101 35.29 45.66 -70.90
N LEU F 102 34.87 46.54 -71.84
CA LEU F 102 35.57 46.86 -73.09
C LEU F 102 36.95 47.56 -72.81
N ASN F 103 37.04 48.41 -71.75
CA ASN F 103 38.26 49.11 -71.34
C ASN F 103 39.39 48.13 -71.19
N GLU F 104 39.14 47.01 -70.48
CA GLU F 104 40.07 45.93 -70.16
C GLU F 104 40.43 45.14 -71.43
N LEU F 105 39.45 44.95 -72.33
CA LEU F 105 39.74 44.25 -73.59
C LEU F 105 40.70 45.11 -74.43
N LEU F 106 40.45 46.42 -74.47
CA LEU F 106 41.20 47.38 -75.23
C LEU F 106 42.55 47.78 -74.66
N HIS F 107 42.67 47.86 -73.34
CA HIS F 107 43.91 48.36 -72.77
C HIS F 107 44.75 47.28 -72.09
N ARG F 108 44.22 46.03 -71.92
CA ARG F 108 45.03 44.93 -71.41
C ARG F 108 45.71 44.29 -72.62
N LYS F 109 46.73 45.01 -73.17
CA LYS F 109 47.51 44.63 -74.35
C LYS F 109 48.47 43.45 -74.12
N THR F 110 48.69 43.09 -72.84
CA THR F 110 49.50 41.93 -72.44
C THR F 110 48.61 40.68 -72.47
N GLU F 111 47.42 40.77 -71.83
CA GLU F 111 46.41 39.72 -71.72
C GLU F 111 45.75 39.47 -73.08
N TYR F 112 45.43 40.55 -73.79
CA TYR F 112 44.80 40.49 -75.12
C TYR F 112 45.70 41.21 -76.15
N PRO F 113 46.80 40.57 -76.62
CA PRO F 113 47.68 41.27 -77.58
C PRO F 113 47.02 41.49 -78.95
N ASP F 114 46.25 40.49 -79.46
CA ASP F 114 45.56 40.60 -80.74
C ASP F 114 44.04 40.57 -80.60
N VAL F 115 43.37 41.68 -80.98
CA VAL F 115 41.92 41.84 -80.98
C VAL F 115 41.50 42.17 -82.42
N ALA F 116 40.84 41.20 -83.07
CA ALA F 116 40.43 41.27 -84.47
C ALA F 116 39.39 42.33 -84.78
N TRP F 117 39.46 42.88 -86.00
CA TRP F 117 38.53 43.87 -86.51
C TRP F 117 37.08 43.37 -86.48
N PRO F 118 36.77 42.11 -86.94
CA PRO F 118 35.37 41.63 -86.85
C PRO F 118 34.77 41.79 -85.46
N LEU F 119 35.54 41.42 -84.41
CA LEU F 119 35.09 41.56 -83.03
C LEU F 119 34.90 43.05 -82.63
N ARG F 120 35.91 43.90 -82.93
CA ARG F 120 35.87 45.34 -82.65
C ARG F 120 34.65 45.98 -83.31
N PHE F 121 34.36 45.61 -84.58
CA PHE F 121 33.21 46.15 -85.31
C PHE F 121 31.88 45.58 -84.81
N ARG F 122 31.88 44.31 -84.33
CA ARG F 122 30.68 43.68 -83.79
C ARG F 122 30.27 44.42 -82.52
N ILE F 123 31.27 44.71 -81.67
CA ILE F 123 31.13 45.46 -80.41
C ILE F 123 30.53 46.87 -80.67
N LEU F 124 31.13 47.64 -81.61
CA LEU F 124 30.68 48.97 -81.99
C LEU F 124 29.25 48.96 -82.51
N HIS F 125 28.92 47.98 -83.36
CA HIS F 125 27.58 47.78 -83.88
C HIS F 125 26.56 47.55 -82.75
N GLU F 126 26.88 46.59 -81.81
CA GLU F 126 26.04 46.24 -80.67
C GLU F 126 25.80 47.40 -79.71
N ILE F 127 26.84 48.24 -79.43
CA ILE F 127 26.71 49.46 -78.58
C ILE F 127 25.66 50.38 -79.22
N ALA F 128 25.84 50.69 -80.51
CA ALA F 128 24.92 51.53 -81.26
C ALA F 128 23.48 50.96 -81.23
N LEU F 129 23.32 49.63 -81.40
CA LEU F 129 22.00 48.95 -81.35
C LEU F 129 21.31 49.12 -80.00
N GLY F 130 22.07 48.99 -78.94
CA GLY F 130 21.54 49.16 -77.60
C GLY F 130 21.11 50.57 -77.30
N VAL F 131 22.00 51.56 -77.55
CA VAL F 131 21.70 52.98 -77.23
C VAL F 131 20.64 53.51 -78.23
N ASN F 132 20.58 52.97 -79.46
CA ASN F 132 19.49 53.28 -80.39
C ASN F 132 18.14 52.83 -79.81
N TYR F 133 18.08 51.62 -79.20
CA TYR F 133 16.88 51.09 -78.58
C TYR F 133 16.42 52.00 -77.47
N LEU F 134 17.37 52.48 -76.64
CA LEU F 134 17.11 53.40 -75.52
C LEU F 134 16.49 54.70 -76.01
N HIS F 135 17.04 55.27 -77.11
CA HIS F 135 16.55 56.50 -77.75
C HIS F 135 15.15 56.32 -78.40
N ASN F 136 14.84 55.07 -78.82
CA ASN F 136 13.56 54.67 -79.42
C ASN F 136 12.47 54.30 -78.39
N MET F 137 12.74 54.55 -77.10
CA MET F 137 11.77 54.28 -76.04
C MET F 137 10.76 55.40 -75.97
N THR F 138 9.64 55.18 -75.26
CA THR F 138 8.58 56.17 -75.11
C THR F 138 8.29 56.38 -73.61
N PRO F 139 8.84 57.46 -72.98
CA PRO F 139 9.70 58.52 -73.54
C PRO F 139 11.11 58.02 -73.83
N PRO F 140 11.93 58.68 -74.68
CA PRO F 140 13.29 58.16 -74.92
C PRO F 140 14.14 58.14 -73.65
N LEU F 141 15.04 57.17 -73.54
CA LEU F 141 15.96 57.12 -72.40
C LEU F 141 17.36 57.45 -72.88
N LEU F 142 17.97 58.45 -72.21
CA LEU F 142 19.31 58.92 -72.54
C LEU F 142 20.25 58.44 -71.46
N HIS F 143 21.27 57.67 -71.85
CA HIS F 143 22.27 57.06 -70.97
C HIS F 143 23.07 58.07 -70.16
N HIS F 144 23.60 59.11 -70.84
CA HIS F 144 24.39 60.21 -70.28
C HIS F 144 25.63 59.80 -69.47
N ASP F 145 26.17 58.58 -69.70
CA ASP F 145 27.33 58.11 -68.95
C ASP F 145 28.23 57.14 -69.72
N LEU F 146 27.91 56.81 -70.98
CA LEU F 146 28.68 55.88 -71.80
C LEU F 146 30.20 56.05 -71.73
N LYS F 147 30.89 55.04 -71.22
CA LYS F 147 32.35 54.93 -71.17
C LYS F 147 32.67 53.50 -71.43
N THR F 148 33.88 53.25 -71.89
CA THR F 148 34.39 51.94 -72.27
C THR F 148 34.37 50.87 -71.10
N GLN F 149 34.17 51.32 -69.86
CA GLN F 149 34.02 50.51 -68.68
C GLN F 149 32.55 50.06 -68.50
N ASN F 150 31.60 50.83 -69.07
CA ASN F 150 30.15 50.60 -69.01
C ASN F 150 29.68 49.57 -70.02
N ILE F 151 30.51 49.33 -71.05
CA ILE F 151 30.26 48.38 -72.14
C ILE F 151 30.83 47.05 -71.69
N LEU F 152 29.96 46.21 -71.12
CA LEU F 152 30.35 44.90 -70.59
C LEU F 152 30.27 43.81 -71.62
N LEU F 153 31.06 42.75 -71.42
CA LEU F 153 31.17 41.64 -72.37
C LEU F 153 30.85 40.29 -71.73
N ASP F 154 29.94 39.51 -72.33
CA ASP F 154 29.60 38.18 -71.81
C ASP F 154 30.64 37.14 -72.23
N ASN F 155 30.45 35.87 -71.84
CA ASN F 155 31.36 34.76 -72.15
C ASN F 155 31.68 34.60 -73.65
N GLU F 156 30.80 35.11 -74.52
CA GLU F 156 30.98 35.03 -75.97
C GLU F 156 31.21 36.42 -76.59
N PHE F 157 31.62 37.39 -75.74
CA PHE F 157 31.98 38.78 -76.04
C PHE F 157 30.87 39.60 -76.76
N HIS F 158 29.70 39.59 -76.17
CA HIS F 158 28.56 40.37 -76.67
C HIS F 158 28.30 41.50 -75.68
N VAL F 159 27.99 42.68 -76.22
CA VAL F 159 27.78 43.93 -75.51
C VAL F 159 26.57 43.90 -74.62
N LYS F 160 26.78 44.40 -73.38
CA LYS F 160 25.79 44.61 -72.34
C LYS F 160 26.10 45.97 -71.76
N ILE F 161 25.25 46.94 -72.05
CA ILE F 161 25.42 48.31 -71.56
C ILE F 161 24.97 48.40 -70.10
N ALA F 162 25.81 49.01 -69.24
CA ALA F 162 25.54 49.16 -67.83
C ALA F 162 25.62 50.62 -67.38
N ASP F 163 25.49 50.90 -66.05
CA ASP F 163 25.57 52.22 -65.43
C ASP F 163 24.50 53.18 -65.93
N PHE F 164 23.31 53.04 -65.37
CA PHE F 164 22.14 53.86 -65.67
C PHE F 164 21.85 54.82 -64.48
N GLY F 165 22.91 55.12 -63.72
CA GLY F 165 22.89 56.01 -62.56
C GLY F 165 22.70 57.47 -62.92
N LEU F 166 23.23 57.89 -64.07
CA LEU F 166 23.12 59.25 -64.58
C LEU F 166 22.10 59.40 -65.70
N SER F 167 21.58 58.26 -66.21
CA SER F 167 20.59 58.23 -67.30
C SER F 167 19.29 58.97 -66.97
N LYS F 168 18.70 59.63 -67.99
CA LYS F 168 17.47 60.44 -67.85
C LYS F 168 16.46 60.16 -68.95
N TRP F 169 15.16 60.24 -68.60
CA TRP F 169 14.01 60.06 -69.51
C TRP F 169 13.67 61.40 -70.17
N ARG F 170 13.78 61.51 -71.51
CA ARG F 170 13.44 62.77 -72.20
C ARG F 170 11.91 62.97 -72.25
N MET F 171 11.36 63.80 -71.32
CA MET F 171 9.92 64.04 -71.21
C MET F 171 9.52 65.47 -71.56
N GLY F 187 35.69 59.25 -62.21
CA GLY F 187 34.92 60.40 -62.67
C GLY F 187 35.48 61.03 -63.94
N THR F 188 35.54 60.23 -65.01
CA THR F 188 36.13 60.67 -66.27
C THR F 188 35.17 61.54 -67.11
N ILE F 189 35.70 62.67 -67.58
CA ILE F 189 35.01 63.68 -68.40
C ILE F 189 35.40 63.58 -69.88
N ILE F 190 36.21 62.55 -70.23
CA ILE F 190 36.72 62.36 -71.60
C ILE F 190 35.63 61.92 -72.59
N TYR F 191 34.46 61.47 -72.10
CA TYR F 191 33.34 61.06 -72.96
C TYR F 191 32.21 62.09 -72.92
N MET F 192 32.36 63.14 -72.12
CA MET F 192 31.37 64.18 -71.89
C MET F 192 31.45 65.33 -72.92
N PRO F 193 30.32 65.73 -73.56
CA PRO F 193 30.36 66.84 -74.52
C PRO F 193 30.67 68.18 -73.83
N PRO F 194 31.34 69.11 -74.56
CA PRO F 194 31.80 70.35 -73.92
C PRO F 194 30.72 71.28 -73.36
N GLU F 195 29.47 71.19 -73.88
CA GLU F 195 28.37 72.06 -73.42
C GLU F 195 27.89 71.74 -72.01
N ASN F 196 28.14 70.49 -71.55
CA ASN F 196 27.71 69.99 -70.25
C ASN F 196 28.55 70.51 -69.10
N TYR F 197 29.77 70.99 -69.40
CA TYR F 197 30.73 71.50 -68.40
C TYR F 197 30.21 72.66 -67.50
N GLU F 198 29.46 73.64 -68.06
CA GLU F 198 28.90 74.75 -67.28
C GLU F 198 27.34 74.78 -67.23
N PRO F 199 26.70 74.84 -66.02
CA PRO F 199 25.22 74.88 -65.97
C PRO F 199 24.62 76.28 -66.07
N ILE F 207 20.61 65.66 -75.15
CA ILE F 207 20.17 64.58 -76.04
C ILE F 207 21.33 64.04 -76.92
N LYS F 208 22.12 64.95 -77.54
CA LYS F 208 23.28 64.60 -78.39
C LYS F 208 24.58 64.28 -77.57
N HIS F 209 24.40 63.94 -76.28
CA HIS F 209 25.45 63.59 -75.35
C HIS F 209 26.01 62.21 -75.68
N ASP F 210 25.14 61.19 -75.79
CA ASP F 210 25.47 59.78 -76.05
C ASP F 210 26.21 59.56 -77.36
N ILE F 211 25.88 60.31 -78.40
CA ILE F 211 26.58 60.18 -79.67
C ILE F 211 28.03 60.67 -79.51
N TYR F 212 28.19 61.75 -78.71
CA TYR F 212 29.49 62.35 -78.42
C TYR F 212 30.38 61.31 -77.71
N SER F 213 29.84 60.61 -76.67
CA SER F 213 30.52 59.55 -75.92
C SER F 213 30.85 58.39 -76.87
N TYR F 214 29.89 58.03 -77.76
CA TYR F 214 30.03 56.93 -78.70
C TYR F 214 31.18 57.11 -79.65
N ALA F 215 31.34 58.32 -80.21
CA ALA F 215 32.49 58.61 -81.13
C ALA F 215 33.88 58.49 -80.41
N VAL F 216 33.98 58.95 -79.13
CA VAL F 216 35.19 58.84 -78.31
C VAL F 216 35.47 57.32 -78.12
N ILE F 217 34.41 56.54 -77.85
CA ILE F 217 34.50 55.07 -77.68
C ILE F 217 34.94 54.41 -79.00
N THR F 218 34.39 54.90 -80.14
CA THR F 218 34.72 54.39 -81.49
C THR F 218 36.18 54.66 -81.80
N TRP F 219 36.66 55.86 -81.41
CA TRP F 219 38.05 56.29 -81.59
C TRP F 219 38.92 55.32 -80.81
N GLU F 220 38.63 55.20 -79.50
CA GLU F 220 39.29 54.32 -78.51
C GLU F 220 39.35 52.85 -78.92
N VAL F 221 38.26 52.30 -79.53
CA VAL F 221 38.19 50.90 -79.98
C VAL F 221 39.16 50.67 -81.13
N LEU F 222 39.13 51.58 -82.13
CA LEU F 222 39.95 51.52 -83.33
C LEU F 222 41.43 51.84 -83.08
N SER F 223 41.70 52.83 -82.21
CA SER F 223 43.07 53.24 -81.85
C SER F 223 43.73 52.32 -80.83
N ARG F 224 42.95 51.76 -79.89
CA ARG F 224 43.38 50.92 -78.74
C ARG F 224 44.22 51.77 -77.76
N LYS F 225 43.99 53.11 -77.77
CA LYS F 225 44.74 54.08 -76.98
C LYS F 225 43.85 54.92 -76.12
N GLN F 226 44.42 55.51 -75.05
CA GLN F 226 43.70 56.36 -74.09
C GLN F 226 43.48 57.77 -74.62
N PRO F 227 42.20 58.23 -74.78
CA PRO F 227 42.00 59.60 -75.27
C PRO F 227 42.63 60.65 -74.32
N PHE F 228 43.37 61.62 -74.90
CA PHE F 228 44.09 62.71 -74.22
C PHE F 228 45.18 62.16 -73.33
N GLU F 229 45.89 61.12 -73.82
CA GLU F 229 46.96 60.44 -73.08
C GLU F 229 48.12 61.38 -72.77
N ASP F 230 48.42 62.30 -73.69
CA ASP F 230 49.50 63.29 -73.51
C ASP F 230 49.15 64.41 -72.52
N VAL F 231 47.88 64.49 -72.05
CA VAL F 231 47.40 65.53 -71.15
C VAL F 231 47.33 65.03 -69.71
N THR F 232 48.04 65.74 -68.83
CA THR F 232 48.17 65.44 -67.40
C THR F 232 46.93 65.89 -66.59
N ASN F 233 46.62 67.19 -66.61
CA ASN F 233 45.51 67.77 -65.87
C ASN F 233 44.17 67.55 -66.58
N PRO F 234 43.15 67.00 -65.87
CA PRO F 234 41.82 66.82 -66.50
C PRO F 234 41.12 68.13 -66.89
N LEU F 235 41.36 69.22 -66.13
CA LEU F 235 40.84 70.58 -66.40
C LEU F 235 41.43 71.16 -67.71
N GLN F 236 42.58 70.63 -68.15
CA GLN F 236 43.20 71.02 -69.42
C GLN F 236 42.42 70.36 -70.56
N ILE F 237 42.06 69.05 -70.39
CA ILE F 237 41.27 68.26 -71.35
C ILE F 237 39.95 68.99 -71.60
N MET F 238 39.32 69.43 -70.51
CA MET F 238 38.07 70.19 -70.51
C MET F 238 38.19 71.53 -71.25
N TYR F 239 39.33 72.22 -71.08
CA TYR F 239 39.55 73.48 -71.78
C TYR F 239 39.74 73.21 -73.27
N SER F 240 40.70 72.31 -73.60
CA SER F 240 41.03 71.90 -74.97
C SER F 240 39.78 71.52 -75.76
N VAL F 241 38.93 70.61 -75.22
CA VAL F 241 37.70 70.18 -75.90
C VAL F 241 36.72 71.35 -76.11
N SER F 242 36.51 72.22 -75.07
CA SER F 242 35.63 73.40 -75.17
C SER F 242 36.13 74.38 -76.24
N GLN F 243 37.40 74.25 -76.66
CA GLN F 243 38.03 75.06 -77.72
C GLN F 243 38.08 74.27 -79.06
N GLY F 244 37.47 73.08 -79.08
CA GLY F 244 37.38 72.26 -80.28
C GLY F 244 38.40 71.16 -80.45
N HIS F 245 39.23 70.90 -79.42
CA HIS F 245 40.22 69.82 -79.51
C HIS F 245 39.61 68.47 -79.23
N ARG F 246 40.06 67.46 -79.99
CA ARG F 246 39.57 66.09 -79.90
C ARG F 246 40.72 65.10 -80.02
N PRO F 247 40.58 63.81 -79.58
CA PRO F 247 41.66 62.85 -79.81
C PRO F 247 42.18 62.87 -81.24
N VAL F 248 43.50 62.86 -81.40
CA VAL F 248 44.18 62.97 -82.70
C VAL F 248 43.88 61.83 -83.68
N ILE F 249 43.68 62.19 -84.95
CA ILE F 249 43.42 61.26 -86.05
C ILE F 249 44.59 61.43 -87.03
N ASN F 250 45.44 60.39 -87.15
CA ASN F 250 46.63 60.31 -88.01
C ASN F 250 47.02 58.85 -88.14
N GLU F 251 48.10 58.50 -88.89
CA GLU F 251 48.49 57.09 -89.03
C GLU F 251 49.05 56.48 -87.72
N GLU F 252 49.63 57.32 -86.82
CA GLU F 252 50.15 56.83 -85.53
C GLU F 252 48.97 56.39 -84.65
N SER F 253 47.92 57.24 -84.53
CA SER F 253 46.72 56.95 -83.73
C SER F 253 45.84 55.91 -84.41
N LEU F 254 45.38 56.22 -85.64
CA LEU F 254 44.53 55.38 -86.49
C LEU F 254 45.28 54.96 -87.77
N PRO F 255 45.89 53.75 -87.82
CA PRO F 255 46.62 53.39 -89.04
C PRO F 255 45.74 53.21 -90.28
N TYR F 256 46.38 53.15 -91.46
CA TYR F 256 45.68 52.99 -92.72
C TYR F 256 44.98 51.62 -92.74
N ASP F 257 45.69 50.54 -92.22
CA ASP F 257 45.27 49.12 -92.19
C ASP F 257 43.82 48.89 -91.74
N ILE F 258 43.25 49.86 -91.01
CA ILE F 258 41.89 49.83 -90.50
C ILE F 258 40.84 49.68 -91.61
N PRO F 259 40.01 48.61 -91.55
CA PRO F 259 38.95 48.43 -92.56
C PRO F 259 37.91 49.54 -92.50
N HIS F 260 37.59 50.14 -93.67
CA HIS F 260 36.63 51.25 -93.84
C HIS F 260 37.03 52.49 -93.01
N ARG F 261 38.35 52.75 -92.96
CA ARG F 261 38.99 53.85 -92.23
C ARG F 261 38.28 55.20 -92.45
N ALA F 262 37.99 55.53 -93.72
CA ALA F 262 37.35 56.78 -94.12
C ALA F 262 35.92 56.91 -93.58
N ARG F 263 35.11 55.81 -93.70
CA ARG F 263 33.73 55.74 -93.22
C ARG F 263 33.75 56.01 -91.69
N MET F 264 34.70 55.35 -90.99
CA MET F 264 34.89 55.44 -89.54
C MET F 264 35.26 56.84 -89.10
N ILE F 265 36.30 57.47 -89.75
CA ILE F 265 36.75 58.83 -89.42
C ILE F 265 35.61 59.84 -89.64
N SER F 266 34.83 59.63 -90.70
CA SER F 266 33.67 60.47 -91.02
C SER F 266 32.65 60.40 -89.85
N LEU F 267 32.43 59.17 -89.34
CA LEU F 267 31.52 58.88 -88.24
C LEU F 267 31.99 59.52 -86.94
N ILE F 268 33.27 59.30 -86.56
CA ILE F 268 33.88 59.85 -85.32
C ILE F 268 33.85 61.39 -85.30
N GLU F 269 34.33 62.04 -86.43
CA GLU F 269 34.38 63.49 -86.59
C GLU F 269 33.01 64.14 -86.50
N SER F 270 31.99 63.53 -87.14
CA SER F 270 30.60 64.01 -87.06
C SER F 270 30.02 63.75 -85.66
N GLY F 271 30.44 62.62 -85.06
CA GLY F 271 30.05 62.16 -83.74
C GLY F 271 30.47 63.13 -82.66
N TRP F 272 31.74 63.60 -82.68
CA TRP F 272 32.23 64.55 -81.67
C TRP F 272 32.23 66.01 -82.14
N ALA F 273 31.37 66.39 -83.13
CA ALA F 273 31.27 67.78 -83.60
C ALA F 273 30.87 68.71 -82.44
N GLN F 274 31.54 69.87 -82.34
CA GLN F 274 31.39 70.88 -81.28
C GLN F 274 29.94 71.34 -81.15
N ASN F 275 29.27 71.47 -82.27
CA ASN F 275 27.87 71.87 -82.34
C ASN F 275 26.95 70.66 -82.06
N PRO F 276 26.07 70.73 -81.01
CA PRO F 276 25.16 69.60 -80.71
C PRO F 276 24.32 69.20 -81.92
N ASP F 277 23.77 70.20 -82.62
CA ASP F 277 22.92 70.10 -83.80
C ASP F 277 23.61 69.47 -85.02
N GLU F 278 24.97 69.39 -84.99
CA GLU F 278 25.80 68.78 -86.04
C GLU F 278 26.09 67.26 -85.89
N ARG F 279 25.96 66.70 -84.66
CA ARG F 279 26.21 65.28 -84.33
C ARG F 279 25.07 64.33 -84.86
N PRO F 280 25.36 63.13 -85.42
CA PRO F 280 24.28 62.26 -85.94
C PRO F 280 23.43 61.54 -84.88
N SER F 281 22.38 60.83 -85.33
CA SER F 281 21.54 60.00 -84.48
C SER F 281 22.20 58.62 -84.49
N PHE F 282 21.80 57.73 -83.56
CA PHE F 282 22.33 56.37 -83.57
C PHE F 282 21.79 55.58 -84.76
N LEU F 283 20.62 55.98 -85.32
CA LEU F 283 20.05 55.40 -86.54
C LEU F 283 21.03 55.59 -87.69
N LYS F 284 21.66 56.80 -87.80
CA LYS F 284 22.64 57.11 -88.84
C LYS F 284 23.91 56.31 -88.65
N CYS F 285 24.28 56.05 -87.39
CA CYS F 285 25.44 55.20 -87.06
C CYS F 285 25.19 53.81 -87.54
N LEU F 286 23.97 53.29 -87.23
CA LEU F 286 23.51 51.97 -87.62
C LEU F 286 23.53 51.81 -89.14
N ILE F 287 22.96 52.81 -89.84
CA ILE F 287 22.87 52.90 -91.28
C ILE F 287 24.28 52.80 -91.92
N GLU F 288 25.28 53.50 -91.34
CA GLU F 288 26.65 53.52 -91.82
C GLU F 288 27.40 52.26 -91.43
N LEU F 289 27.10 51.69 -90.25
CA LEU F 289 27.74 50.49 -89.71
C LEU F 289 27.30 49.17 -90.36
N GLU F 290 25.98 49.00 -90.59
CA GLU F 290 25.37 47.80 -91.20
C GLU F 290 26.18 47.22 -92.40
N PRO F 291 26.55 48.05 -93.43
CA PRO F 291 27.34 47.51 -94.57
C PRO F 291 28.77 47.05 -94.22
N VAL F 292 29.43 47.73 -93.25
CA VAL F 292 30.79 47.42 -92.80
C VAL F 292 30.81 46.01 -92.22
N LEU F 293 29.83 45.71 -91.35
CA LEU F 293 29.68 44.40 -90.70
C LEU F 293 29.25 43.31 -91.68
N ARG F 294 28.58 43.74 -92.77
CA ARG F 294 28.14 42.85 -93.84
C ARG F 294 29.34 42.14 -94.52
N THR F 295 30.54 42.78 -94.52
CA THR F 295 31.77 42.27 -95.15
C THR F 295 32.33 40.99 -94.46
N PHE F 296 32.30 40.95 -93.12
CA PHE F 296 32.81 39.84 -92.30
C PHE F 296 31.89 38.62 -92.28
N GLU F 297 32.48 37.40 -92.40
CA GLU F 297 31.72 36.15 -92.34
C GLU F 297 31.54 35.69 -90.90
N GLU F 298 30.37 35.13 -90.57
CA GLU F 298 29.97 34.68 -89.21
C GLU F 298 31.08 33.96 -88.41
N ILE F 299 31.94 33.19 -89.09
CA ILE F 299 33.00 32.43 -88.46
C ILE F 299 34.16 33.30 -87.95
N THR F 300 34.50 34.39 -88.67
CA THR F 300 35.61 35.31 -88.31
C THR F 300 35.46 35.90 -86.89
N PHE F 301 34.20 36.03 -86.40
CA PHE F 301 33.86 36.53 -85.08
C PHE F 301 34.16 35.41 -84.08
N LEU F 302 33.74 34.17 -84.39
CA LEU F 302 33.98 33.01 -83.51
C LEU F 302 35.47 32.67 -83.43
N GLU F 303 36.20 32.95 -84.52
CA GLU F 303 37.65 32.78 -84.62
C GLU F 303 38.31 33.88 -83.75
N ALA F 304 37.78 35.13 -83.84
CA ALA F 304 38.25 36.28 -83.09
C ALA F 304 38.12 36.10 -81.59
N VAL F 305 36.97 35.58 -81.13
CA VAL F 305 36.73 35.34 -79.70
C VAL F 305 37.67 34.20 -79.19
N ILE F 306 37.87 33.12 -79.99
CA ILE F 306 38.77 32.04 -79.60
C ILE F 306 40.22 32.51 -79.56
N GLN F 307 40.60 33.43 -80.48
CA GLN F 307 41.94 34.03 -80.55
C GLN F 307 42.33 34.71 -79.23
N LEU F 308 41.33 35.13 -78.42
CA LEU F 308 41.53 35.79 -77.13
C LEU F 308 41.80 34.75 -76.04
N LYS F 309 41.06 33.62 -76.07
CA LYS F 309 41.19 32.55 -75.08
C LYS F 309 42.08 31.42 -75.58
N ALA G 4 33.11 -52.35 54.02
CA ALA G 4 33.96 -53.09 53.09
C ALA G 4 33.87 -54.61 53.31
N ILE G 5 33.31 -55.35 52.31
CA ILE G 5 33.14 -56.80 52.38
C ILE G 5 34.38 -57.53 51.82
N CYS G 6 35.15 -58.19 52.70
CA CYS G 6 36.35 -58.96 52.37
C CYS G 6 36.14 -60.45 52.65
N SER G 7 37.00 -61.29 52.03
CA SER G 7 37.05 -62.74 52.19
C SER G 7 38.49 -63.19 52.05
N ALA G 8 38.96 -63.96 53.03
CA ALA G 8 40.30 -64.52 53.02
C ALA G 8 40.28 -65.91 52.41
N LEU G 9 41.23 -66.19 51.51
CA LEU G 9 41.36 -67.49 50.84
C LEU G 9 41.72 -68.62 51.86
N PRO G 10 40.95 -69.73 51.86
CA PRO G 10 41.22 -70.83 52.80
C PRO G 10 42.63 -71.40 52.75
N THR G 11 43.10 -71.89 53.90
CA THR G 11 44.42 -72.50 53.99
C THR G 11 44.23 -73.99 54.15
N ILE G 12 44.73 -74.75 53.16
CA ILE G 12 44.57 -76.21 53.14
C ILE G 12 45.86 -76.91 53.61
N PRO G 13 45.78 -77.71 54.72
CA PRO G 13 46.95 -78.46 55.17
C PRO G 13 47.26 -79.59 54.19
N TYR G 14 48.56 -79.79 53.87
CA TYR G 14 49.03 -80.81 52.92
C TYR G 14 48.43 -82.19 53.15
N HIS G 15 48.27 -82.56 54.44
CA HIS G 15 47.73 -83.85 54.86
C HIS G 15 46.28 -84.09 54.43
N LYS G 16 45.53 -82.99 54.11
CA LYS G 16 44.15 -83.06 53.64
C LYS G 16 44.10 -83.38 52.16
N LEU G 17 45.24 -83.18 51.47
CA LEU G 17 45.40 -83.49 50.05
C LEU G 17 45.86 -84.93 49.90
N ALA G 18 44.91 -85.80 49.55
CA ALA G 18 45.11 -87.23 49.38
C ALA G 18 45.19 -87.61 47.89
N ASP G 19 45.78 -88.79 47.57
CA ASP G 19 45.94 -89.34 46.21
C ASP G 19 46.57 -88.32 45.20
N LEU G 20 47.60 -87.50 45.61
CA LEU G 20 48.12 -86.49 44.66
C LEU G 20 49.03 -87.08 43.57
N ARG G 21 48.37 -87.50 42.49
CA ARG G 21 48.94 -88.02 41.27
C ARG G 21 49.28 -86.86 40.32
N TYR G 22 50.45 -86.94 39.66
CA TYR G 22 50.96 -85.94 38.70
C TYR G 22 50.07 -85.86 37.46
N LEU G 23 49.87 -84.63 36.92
CA LEU G 23 49.09 -84.41 35.71
C LEU G 23 49.94 -83.86 34.56
N SER G 24 50.67 -82.76 34.80
CA SER G 24 51.51 -82.06 33.84
C SER G 24 52.52 -81.13 34.53
N ARG G 25 53.59 -80.74 33.81
CA ARG G 25 54.61 -79.81 34.29
C ARG G 25 54.77 -78.73 33.22
N GLY G 26 54.78 -77.47 33.65
CA GLY G 26 54.90 -76.32 32.76
C GLY G 26 55.72 -75.19 33.38
N ALA G 27 55.76 -74.04 32.68
CA ALA G 27 56.51 -72.84 33.14
C ALA G 27 55.90 -72.26 34.42
N SER G 28 54.56 -72.29 34.51
CA SER G 28 53.78 -71.78 35.66
C SER G 28 53.96 -72.66 36.90
N GLY G 29 54.19 -73.96 36.69
CA GLY G 29 54.42 -74.95 37.75
C GLY G 29 54.04 -76.37 37.36
N THR G 30 53.82 -77.25 38.36
CA THR G 30 53.42 -78.64 38.15
C THR G 30 51.98 -78.82 38.61
N VAL G 31 51.11 -79.30 37.72
CA VAL G 31 49.71 -79.60 38.06
C VAL G 31 49.61 -81.07 38.46
N SER G 32 48.99 -81.32 39.62
CA SER G 32 48.72 -82.66 40.17
C SER G 32 47.23 -82.76 40.59
N SER G 33 46.65 -83.96 40.51
CA SER G 33 45.27 -84.23 40.90
C SER G 33 45.28 -84.84 42.27
N ALA G 34 44.52 -84.25 43.21
CA ALA G 34 44.40 -84.71 44.58
C ALA G 34 42.90 -84.91 44.91
N ARG G 35 42.59 -85.10 46.19
CA ARG G 35 41.24 -85.30 46.72
C ARG G 35 41.22 -84.71 48.14
N HIS G 36 40.24 -83.85 48.39
CA HIS G 36 40.14 -83.24 49.71
C HIS G 36 39.51 -84.19 50.67
N ALA G 37 40.30 -84.56 51.70
CA ALA G 37 39.98 -85.49 52.78
C ALA G 37 38.67 -85.16 53.50
N ASP G 38 38.36 -83.87 53.67
CA ASP G 38 37.16 -83.39 54.35
C ASP G 38 35.99 -83.06 53.44
N TRP G 39 36.27 -82.41 52.29
CA TRP G 39 35.26 -81.98 51.31
C TRP G 39 34.76 -83.09 50.40
N ARG G 40 35.56 -84.18 50.29
CA ARG G 40 35.28 -85.40 49.51
C ARG G 40 34.95 -85.10 48.05
N VAL G 41 35.84 -84.28 47.45
CA VAL G 41 35.83 -83.81 46.05
C VAL G 41 37.24 -83.88 45.48
N GLN G 42 37.33 -84.14 44.17
CA GLN G 42 38.62 -84.20 43.48
C GLN G 42 39.04 -82.75 43.16
N VAL G 43 40.30 -82.39 43.49
CA VAL G 43 40.86 -81.06 43.29
C VAL G 43 42.13 -81.09 42.42
N ALA G 44 42.55 -79.93 41.92
CA ALA G 44 43.76 -79.72 41.14
C ALA G 44 44.74 -78.90 41.99
N VAL G 45 46.04 -79.24 41.93
CA VAL G 45 47.07 -78.57 42.72
C VAL G 45 48.24 -78.14 41.85
N LYS G 46 48.55 -76.83 41.82
CA LYS G 46 49.70 -76.33 41.06
C LYS G 46 50.83 -76.03 42.04
N HIS G 47 52.05 -76.57 41.79
CA HIS G 47 53.21 -76.41 42.69
C HIS G 47 54.56 -76.44 41.99
N SER G 57 60.66 -65.04 46.55
CA SER G 57 60.80 -65.08 45.09
C SER G 57 59.97 -66.21 44.51
N GLU G 58 60.49 -67.47 44.57
CA GLU G 58 59.88 -68.73 44.12
C GLU G 58 58.48 -68.88 44.70
N ARG G 59 58.33 -68.66 46.03
CA ARG G 59 57.04 -68.70 46.76
C ARG G 59 56.21 -67.50 46.34
N LYS G 60 56.87 -66.30 46.27
CA LYS G 60 56.25 -65.03 45.92
C LYS G 60 55.44 -65.08 44.62
N ASP G 61 55.92 -65.85 43.62
CA ASP G 61 55.28 -66.03 42.31
C ASP G 61 53.93 -66.77 42.43
N VAL G 62 53.89 -67.83 43.30
CA VAL G 62 52.72 -68.67 43.58
C VAL G 62 51.67 -67.87 44.38
N LEU G 63 52.12 -67.18 45.45
CA LEU G 63 51.28 -66.35 46.31
C LEU G 63 50.66 -65.21 45.53
N ARG G 64 51.34 -64.76 44.44
CA ARG G 64 50.84 -63.70 43.56
C ARG G 64 49.72 -64.26 42.71
N GLU G 65 49.96 -65.42 42.05
CA GLU G 65 49.00 -66.12 41.20
C GLU G 65 47.74 -66.49 41.97
N ALA G 66 47.90 -66.92 43.25
CA ALA G 66 46.81 -67.27 44.15
C ALA G 66 45.94 -66.06 44.46
N GLU G 67 46.60 -64.89 44.70
CA GLU G 67 45.93 -63.61 44.97
C GLU G 67 45.11 -63.18 43.72
N ILE G 68 45.68 -63.37 42.50
CA ILE G 68 45.05 -63.03 41.23
C ILE G 68 43.75 -63.82 41.09
N LEU G 69 43.79 -65.18 41.20
CA LEU G 69 42.62 -66.06 41.04
C LEU G 69 41.50 -65.79 42.05
N HIS G 70 41.86 -65.32 43.23
CA HIS G 70 40.92 -64.99 44.29
C HIS G 70 40.25 -63.67 43.99
N LYS G 71 41.01 -62.72 43.45
CA LYS G 71 40.55 -61.38 43.10
C LYS G 71 39.77 -61.33 41.79
N ALA G 72 40.31 -62.01 40.77
CA ALA G 72 39.73 -62.08 39.43
C ALA G 72 38.69 -63.18 39.26
N ARG G 73 38.17 -63.72 40.36
CA ARG G 73 37.23 -64.83 40.19
C ARG G 73 35.94 -64.34 39.50
N PHE G 74 35.52 -65.11 38.47
CA PHE G 74 34.37 -64.92 37.61
C PHE G 74 33.96 -66.27 37.03
N SER G 75 32.75 -66.36 36.45
CA SER G 75 32.13 -67.54 35.86
C SER G 75 33.01 -68.30 34.85
N TYR G 76 33.97 -67.60 34.25
CA TYR G 76 34.85 -68.16 33.22
C TYR G 76 36.34 -68.15 33.59
N ILE G 77 36.61 -67.94 34.91
CA ILE G 77 37.94 -67.93 35.53
C ILE G 77 37.99 -69.11 36.51
N LEU G 78 39.04 -69.92 36.41
CA LEU G 78 39.22 -71.12 37.24
C LEU G 78 39.04 -70.83 38.76
N PRO G 79 38.07 -71.53 39.40
CA PRO G 79 37.78 -71.24 40.82
C PRO G 79 38.83 -71.81 41.75
N ILE G 80 39.53 -70.89 42.43
CA ILE G 80 40.55 -71.25 43.41
C ILE G 80 39.83 -71.71 44.68
N LEU G 81 40.24 -72.85 45.24
CA LEU G 81 39.56 -73.38 46.44
C LEU G 81 40.32 -73.07 47.74
N GLY G 82 41.63 -72.83 47.61
CA GLY G 82 42.49 -72.50 48.74
C GLY G 82 43.96 -72.54 48.42
N ILE G 83 44.78 -72.31 49.46
CA ILE G 83 46.24 -72.28 49.37
C ILE G 83 46.91 -73.21 50.40
N CYS G 84 47.92 -73.96 49.92
CA CYS G 84 48.72 -74.82 50.75
C CYS G 84 50.06 -74.12 50.90
N ASN G 85 50.31 -73.50 52.06
CA ASN G 85 51.57 -72.80 52.34
C ASN G 85 52.19 -73.35 53.61
N GLU G 86 53.06 -74.35 53.43
CA GLU G 86 53.77 -75.04 54.48
C GLU G 86 55.28 -74.99 54.19
N PRO G 87 56.18 -75.19 55.20
CA PRO G 87 57.62 -75.16 54.90
C PRO G 87 58.04 -76.26 53.92
N GLU G 88 57.33 -77.42 53.97
CA GLU G 88 57.56 -78.59 53.12
C GLU G 88 56.91 -78.43 51.75
N PHE G 89 55.65 -77.91 51.71
CA PHE G 89 54.88 -77.77 50.47
C PHE G 89 54.19 -76.41 50.25
N LEU G 90 54.23 -75.95 49.00
CA LEU G 90 53.53 -74.76 48.56
C LEU G 90 52.88 -75.04 47.20
N GLY G 91 51.57 -74.86 47.17
CA GLY G 91 50.76 -75.10 45.99
C GLY G 91 49.36 -74.53 46.06
N ILE G 92 48.86 -74.10 44.90
CA ILE G 92 47.54 -73.53 44.69
C ILE G 92 46.57 -74.69 44.47
N VAL G 93 45.48 -74.70 45.25
CA VAL G 93 44.44 -75.73 45.17
C VAL G 93 43.22 -75.09 44.54
N THR G 94 42.77 -75.63 43.41
CA THR G 94 41.62 -75.14 42.66
C THR G 94 40.66 -76.29 42.32
N GLU G 95 39.62 -75.99 41.53
CA GLU G 95 38.65 -76.98 41.06
C GLU G 95 39.32 -77.89 40.05
N TYR G 96 38.91 -79.17 39.99
CA TYR G 96 39.43 -80.12 39.00
C TYR G 96 38.61 -80.07 37.71
N MET G 97 39.29 -79.93 36.57
CA MET G 97 38.66 -79.85 35.25
C MET G 97 38.73 -81.20 34.56
N PRO G 98 37.58 -81.94 34.54
CA PRO G 98 37.59 -83.31 34.01
C PRO G 98 38.05 -83.46 32.56
N ASN G 99 37.53 -82.58 31.66
CA ASN G 99 37.83 -82.61 30.22
C ASN G 99 39.03 -81.72 29.80
N GLY G 100 40.02 -81.61 30.71
CA GLY G 100 41.29 -80.91 30.55
C GLY G 100 41.25 -79.52 29.94
N SER G 101 42.01 -79.35 28.84
CA SER G 101 42.15 -78.08 28.10
C SER G 101 41.54 -78.11 26.71
N LEU G 102 41.42 -76.92 26.10
CA LEU G 102 40.88 -76.71 24.75
C LEU G 102 41.84 -77.33 23.72
N ASN G 103 43.16 -77.27 24.00
CA ASN G 103 44.22 -77.86 23.17
C ASN G 103 43.93 -79.34 22.92
N GLU G 104 43.53 -80.05 23.99
CA GLU G 104 43.18 -81.47 23.97
C GLU G 104 41.91 -81.73 23.14
N LEU G 105 40.87 -80.90 23.32
CA LEU G 105 39.62 -81.01 22.58
C LEU G 105 39.83 -80.80 21.08
N LEU G 106 40.65 -79.80 20.74
CA LEU G 106 40.92 -79.41 19.37
C LEU G 106 41.87 -80.30 18.61
N HIS G 107 42.87 -80.88 19.29
CA HIS G 107 43.85 -81.64 18.53
C HIS G 107 43.75 -83.16 18.70
N ARG G 108 42.99 -83.69 19.69
CA ARG G 108 42.84 -85.16 19.74
C ARG G 108 41.63 -85.60 18.87
N LYS G 109 41.80 -85.44 17.53
CA LYS G 109 40.85 -85.71 16.45
C LYS G 109 40.35 -87.18 16.38
N THR G 110 41.02 -88.09 17.12
CA THR G 110 40.65 -89.50 17.19
C THR G 110 39.58 -89.68 18.28
N GLU G 111 39.84 -89.13 19.49
CA GLU G 111 38.94 -89.16 20.65
C GLU G 111 37.72 -88.26 20.42
N TYR G 112 37.95 -87.07 19.83
CA TYR G 112 36.92 -86.09 19.52
C TYR G 112 36.89 -85.85 17.98
N PRO G 113 36.31 -86.77 17.18
CA PRO G 113 36.30 -86.56 15.72
C PRO G 113 35.40 -85.41 15.28
N ASP G 114 34.23 -85.27 15.89
CA ASP G 114 33.30 -84.19 15.55
C ASP G 114 33.04 -83.28 16.76
N VAL G 115 33.39 -82.00 16.58
CA VAL G 115 33.20 -80.89 17.54
C VAL G 115 32.32 -79.87 16.82
N ALA G 116 31.06 -79.79 17.25
CA ALA G 116 30.03 -78.96 16.63
C ALA G 116 30.32 -77.46 16.71
N TRP G 117 29.88 -76.70 15.70
CA TRP G 117 30.03 -75.25 15.66
C TRP G 117 29.40 -74.59 16.89
N PRO G 118 28.15 -74.96 17.33
CA PRO G 118 27.59 -74.32 18.54
C PRO G 118 28.55 -74.36 19.72
N LEU G 119 29.18 -75.54 19.99
CA LEU G 119 30.15 -75.68 21.07
C LEU G 119 31.43 -74.83 20.86
N ARG G 120 32.04 -74.89 19.64
CA ARG G 120 33.22 -74.10 19.26
C ARG G 120 32.96 -72.59 19.38
N PHE G 121 31.71 -72.14 19.08
CA PHE G 121 31.34 -70.74 19.21
C PHE G 121 31.01 -70.40 20.68
N ARG G 122 30.49 -71.37 21.47
CA ARG G 122 30.18 -71.17 22.89
C ARG G 122 31.47 -70.93 23.63
N ILE G 123 32.49 -71.74 23.32
CA ILE G 123 33.85 -71.68 23.89
C ILE G 123 34.46 -70.30 23.61
N LEU G 124 34.45 -69.86 22.33
CA LEU G 124 35.01 -68.59 21.90
C LEU G 124 34.35 -67.44 22.61
N HIS G 125 33.02 -67.50 22.73
CA HIS G 125 32.23 -66.48 23.40
C HIS G 125 32.62 -66.38 24.89
N GLU G 126 32.71 -67.53 25.57
CA GLU G 126 33.08 -67.63 26.97
C GLU G 126 34.50 -67.11 27.26
N ILE G 127 35.50 -67.43 26.41
CA ILE G 127 36.86 -66.92 26.56
C ILE G 127 36.81 -65.38 26.55
N ALA G 128 36.14 -64.79 25.53
CA ALA G 128 36.01 -63.34 25.39
C ALA G 128 35.30 -62.74 26.60
N LEU G 129 34.25 -63.40 27.13
CA LEU G 129 33.51 -62.98 28.32
C LEU G 129 34.40 -62.91 29.56
N GLY G 130 35.29 -63.88 29.72
CA GLY G 130 36.23 -63.95 30.83
C GLY G 130 37.29 -62.89 30.74
N VAL G 131 37.95 -62.78 29.55
CA VAL G 131 39.02 -61.80 29.29
C VAL G 131 38.46 -60.36 29.36
N ASN G 132 37.20 -60.18 28.95
CA ASN G 132 36.53 -58.88 29.01
C ASN G 132 36.35 -58.50 30.47
N TYR G 133 35.96 -59.46 31.33
CA TYR G 133 35.77 -59.21 32.77
C TYR G 133 37.06 -58.76 33.41
N LEU G 134 38.17 -59.42 33.05
CA LEU G 134 39.51 -59.12 33.56
C LEU G 134 39.91 -57.70 33.19
N HIS G 135 39.64 -57.31 31.93
CA HIS G 135 39.96 -55.99 31.38
C HIS G 135 39.09 -54.89 31.96
N ASN G 136 37.91 -55.26 32.47
CA ASN G 136 36.93 -54.36 33.11
C ASN G 136 37.17 -54.21 34.63
N MET G 137 38.30 -54.73 35.14
CA MET G 137 38.62 -54.60 36.54
C MET G 137 39.26 -53.23 36.78
N THR G 138 39.33 -52.78 38.03
CA THR G 138 39.93 -51.47 38.38
C THR G 138 41.00 -51.72 39.45
N PRO G 139 42.30 -51.75 39.08
CA PRO G 139 42.87 -51.55 37.74
C PRO G 139 42.60 -52.75 36.81
N PRO G 140 42.68 -52.61 35.46
CA PRO G 140 42.44 -53.80 34.62
C PRO G 140 43.45 -54.90 34.87
N LEU G 141 43.04 -56.16 34.71
CA LEU G 141 43.98 -57.26 34.81
C LEU G 141 44.20 -57.86 33.43
N LEU G 142 45.48 -57.95 33.04
CA LEU G 142 45.96 -58.47 31.78
C LEU G 142 46.48 -59.87 31.96
N HIS G 143 45.92 -60.83 31.21
CA HIS G 143 46.32 -62.24 31.27
C HIS G 143 47.77 -62.49 30.80
N HIS G 144 48.14 -61.97 29.62
CA HIS G 144 49.47 -62.05 29.02
C HIS G 144 50.03 -63.48 28.84
N ASP G 145 49.16 -64.49 28.84
CA ASP G 145 49.62 -65.87 28.66
C ASP G 145 48.62 -66.78 27.92
N LEU G 146 47.45 -66.26 27.47
CA LEU G 146 46.39 -67.02 26.78
C LEU G 146 46.89 -67.97 25.70
N LYS G 147 46.51 -69.25 25.78
CA LYS G 147 46.86 -70.35 24.87
C LYS G 147 45.81 -71.41 25.11
N THR G 148 45.54 -72.26 24.12
CA THR G 148 44.48 -73.28 24.17
C THR G 148 44.60 -74.25 25.36
N GLN G 149 45.83 -74.33 25.91
CA GLN G 149 46.19 -75.14 27.07
C GLN G 149 45.67 -74.51 28.37
N ASN G 150 45.59 -73.14 28.40
CA ASN G 150 45.13 -72.31 29.54
C ASN G 150 43.62 -72.24 29.64
N ILE G 151 42.93 -72.55 28.53
CA ILE G 151 41.49 -72.55 28.43
C ILE G 151 41.03 -73.94 28.83
N LEU G 152 40.62 -74.08 30.09
CA LEU G 152 40.18 -75.36 30.63
C LEU G 152 38.68 -75.56 30.49
N LEU G 153 38.26 -76.86 30.46
CA LEU G 153 36.87 -77.27 30.22
C LEU G 153 36.36 -78.17 31.32
N ASP G 154 35.17 -77.88 31.84
CA ASP G 154 34.61 -78.69 32.90
C ASP G 154 33.81 -79.83 32.33
N ASN G 155 33.22 -80.68 33.20
CA ASN G 155 32.44 -81.84 32.79
C ASN G 155 31.33 -81.49 31.77
N GLU G 156 30.88 -80.22 31.73
CA GLU G 156 29.85 -79.76 30.79
C GLU G 156 30.40 -78.79 29.72
N PHE G 157 31.73 -78.82 29.53
CA PHE G 157 32.51 -78.07 28.55
C PHE G 157 32.31 -76.55 28.57
N HIS G 158 32.47 -75.97 29.75
CA HIS G 158 32.42 -74.53 29.93
C HIS G 158 33.84 -74.06 30.22
N VAL G 159 34.19 -72.92 29.66
CA VAL G 159 35.52 -72.31 29.75
C VAL G 159 35.85 -71.88 31.17
N LYS G 160 37.09 -72.21 31.57
CA LYS G 160 37.72 -71.80 32.82
C LYS G 160 39.15 -71.40 32.45
N ILE G 161 39.44 -70.09 32.50
CA ILE G 161 40.74 -69.56 32.13
C ILE G 161 41.68 -69.75 33.31
N ALA G 162 42.87 -70.29 33.03
CA ALA G 162 43.89 -70.56 34.04
C ALA G 162 45.23 -69.89 33.69
N ASP G 163 46.30 -70.14 34.48
CA ASP G 163 47.65 -69.62 34.31
C ASP G 163 47.72 -68.09 34.37
N PHE G 164 47.74 -67.56 35.59
CA PHE G 164 47.81 -66.13 35.91
C PHE G 164 49.19 -65.79 36.46
N GLY G 165 50.17 -66.63 36.10
CA GLY G 165 51.56 -66.48 36.49
C GLY G 165 52.27 -65.30 35.85
N LEU G 166 51.92 -65.01 34.58
CA LEU G 166 52.47 -63.91 33.79
C LEU G 166 51.55 -62.68 33.75
N SER G 167 50.29 -62.82 34.22
CA SER G 167 49.28 -61.75 34.23
C SER G 167 49.72 -60.52 35.03
N LYS G 168 49.36 -59.32 34.57
CA LYS G 168 49.76 -58.06 35.23
C LYS G 168 48.58 -57.10 35.41
N TRP G 169 48.59 -56.31 36.49
CA TRP G 169 47.59 -55.29 36.78
C TRP G 169 48.00 -54.00 36.09
N ARG G 170 47.20 -53.48 35.14
CA ARG G 170 47.54 -52.24 34.44
C ARG G 170 47.35 -51.01 35.35
N MET G 171 48.46 -50.51 35.95
CA MET G 171 48.53 -49.35 36.84
C MET G 171 49.65 -48.39 36.43
N GLY G 187 57.43 -73.28 26.14
CA GLY G 187 57.67 -71.86 25.94
C GLY G 187 57.21 -71.37 24.58
N THR G 188 55.88 -71.52 24.29
CA THR G 188 55.27 -71.14 23.01
C THR G 188 55.03 -69.60 22.88
N ILE G 189 55.56 -69.04 21.79
CA ILE G 189 55.48 -67.64 21.40
C ILE G 189 54.45 -67.46 20.28
N ILE G 190 53.71 -68.55 19.91
CA ILE G 190 52.76 -68.50 18.79
C ILE G 190 51.49 -67.64 19.08
N TYR G 191 51.25 -67.31 20.35
CA TYR G 191 50.12 -66.47 20.76
C TYR G 191 50.58 -65.08 21.17
N MET G 192 51.90 -64.84 21.10
CA MET G 192 52.53 -63.60 21.51
C MET G 192 52.59 -62.57 20.37
N PRO G 193 52.14 -61.32 20.63
CA PRO G 193 52.21 -60.29 19.58
C PRO G 193 53.67 -59.93 19.23
N PRO G 194 53.92 -59.51 17.96
CA PRO G 194 55.31 -59.27 17.52
C PRO G 194 56.09 -58.16 18.24
N GLU G 195 55.39 -57.20 18.89
CA GLU G 195 56.01 -56.07 19.60
C GLU G 195 56.76 -56.52 20.84
N ASN G 196 56.52 -57.77 21.27
CA ASN G 196 57.20 -58.36 22.39
C ASN G 196 58.65 -58.73 22.05
N TYR G 197 58.95 -59.07 20.77
CA TYR G 197 60.36 -59.33 20.42
C TYR G 197 60.98 -58.10 19.68
N GLU G 198 61.06 -56.97 20.45
CA GLU G 198 61.61 -55.65 20.12
C GLU G 198 61.60 -54.80 21.44
N PRO G 199 62.70 -54.04 21.77
CA PRO G 199 62.69 -53.25 23.02
C PRO G 199 61.84 -51.97 22.93
N ILE G 207 49.24 -54.03 26.27
CA ILE G 207 47.77 -54.05 26.61
C ILE G 207 46.93 -54.87 25.59
N LYS G 208 47.17 -54.63 24.28
CA LYS G 208 46.56 -55.33 23.13
C LYS G 208 47.22 -56.72 22.86
N HIS G 209 47.84 -57.32 23.88
CA HIS G 209 48.49 -58.64 23.86
C HIS G 209 47.42 -59.73 23.81
N ASP G 210 46.46 -59.68 24.76
CA ASP G 210 45.38 -60.67 24.92
C ASP G 210 44.46 -60.78 23.70
N ILE G 211 44.24 -59.69 22.97
CA ILE G 211 43.42 -59.75 21.76
C ILE G 211 44.17 -60.52 20.65
N TYR G 212 45.49 -60.32 20.54
CA TYR G 212 46.36 -61.04 19.60
C TYR G 212 46.28 -62.54 19.89
N SER G 213 46.51 -62.95 21.16
CA SER G 213 46.43 -64.34 21.60
C SER G 213 45.06 -64.91 21.26
N TYR G 214 43.98 -64.15 21.57
CA TYR G 214 42.60 -64.53 21.32
C TYR G 214 42.33 -64.84 19.86
N ALA G 215 42.89 -64.02 18.93
CA ALA G 215 42.74 -64.18 17.47
C ALA G 215 43.38 -65.46 16.99
N VAL G 216 44.58 -65.81 17.52
CA VAL G 216 45.31 -67.05 17.17
C VAL G 216 44.47 -68.25 17.68
N ILE G 217 43.89 -68.12 18.90
CA ILE G 217 43.02 -69.13 19.52
C ILE G 217 41.75 -69.30 18.68
N THR G 218 41.16 -68.18 18.20
CA THR G 218 39.96 -68.18 17.36
C THR G 218 40.27 -68.88 16.02
N TRP G 219 41.46 -68.63 15.46
CA TRP G 219 41.91 -69.27 14.22
C TRP G 219 41.97 -70.78 14.47
N GLU G 220 42.75 -71.17 15.51
CA GLU G 220 42.98 -72.53 15.98
C GLU G 220 41.68 -73.31 16.27
N VAL G 221 40.66 -72.66 16.88
CA VAL G 221 39.36 -73.29 17.21
C VAL G 221 38.60 -73.64 15.92
N LEU G 222 38.54 -72.68 14.99
CA LEU G 222 37.83 -72.83 13.72
C LEU G 222 38.55 -73.76 12.74
N SER G 223 39.89 -73.67 12.68
CA SER G 223 40.71 -74.49 11.78
C SER G 223 40.95 -75.90 12.29
N ARG G 224 41.04 -76.09 13.65
CA ARG G 224 41.40 -77.33 14.36
C ARG G 224 42.84 -77.77 13.98
N LYS G 225 43.64 -76.81 13.50
CA LYS G 225 45.04 -76.96 13.07
C LYS G 225 46.00 -76.19 13.99
N GLN G 226 47.25 -76.67 14.11
CA GLN G 226 48.28 -76.03 14.93
C GLN G 226 48.93 -74.89 14.15
N PRO G 227 48.89 -73.65 14.71
CA PRO G 227 49.48 -72.50 14.00
C PRO G 227 50.98 -72.66 13.79
N PHE G 228 51.47 -72.41 12.55
CA PHE G 228 52.89 -72.53 12.12
C PHE G 228 53.43 -73.97 12.33
N GLU G 229 52.56 -75.00 12.09
CA GLU G 229 52.91 -76.42 12.28
C GLU G 229 54.07 -76.84 11.38
N ASP G 230 54.10 -76.28 10.15
CA ASP G 230 55.12 -76.58 9.16
C ASP G 230 56.48 -75.94 9.46
N VAL G 231 56.55 -75.03 10.46
CA VAL G 231 57.79 -74.32 10.83
C VAL G 231 58.51 -74.99 12.00
N THR G 232 59.79 -75.35 11.76
CA THR G 232 60.66 -76.06 12.71
C THR G 232 61.26 -75.11 13.77
N ASN G 233 62.04 -74.10 13.33
CA ASN G 233 62.70 -73.13 14.21
C ASN G 233 61.73 -72.08 14.74
N PRO G 234 61.65 -71.89 16.09
CA PRO G 234 60.74 -70.87 16.64
C PRO G 234 61.14 -69.45 16.25
N LEU G 235 62.43 -69.22 16.02
CA LEU G 235 62.97 -67.93 15.60
C LEU G 235 62.48 -67.57 14.19
N GLN G 236 62.15 -68.59 13.37
CA GLN G 236 61.59 -68.40 12.04
C GLN G 236 60.20 -67.84 12.20
N ILE G 237 59.39 -68.44 13.13
CA ILE G 237 58.01 -68.04 13.45
C ILE G 237 58.03 -66.55 13.85
N MET G 238 59.02 -66.19 14.71
CA MET G 238 59.25 -64.86 15.23
C MET G 238 59.62 -63.85 14.16
N TYR G 239 60.42 -64.29 13.16
CA TYR G 239 60.78 -63.40 12.06
C TYR G 239 59.52 -63.17 11.19
N SER G 240 58.89 -64.27 10.74
CA SER G 240 57.71 -64.26 9.90
C SER G 240 56.67 -63.30 10.45
N VAL G 241 56.27 -63.47 11.74
CA VAL G 241 55.24 -62.64 12.37
C VAL G 241 55.65 -61.18 12.45
N SER G 242 56.91 -60.88 12.85
CA SER G 242 57.42 -59.50 12.94
C SER G 242 57.43 -58.79 11.57
N GLN G 243 57.31 -59.58 10.48
CA GLN G 243 57.24 -59.08 9.12
C GLN G 243 55.80 -59.11 8.60
N GLY G 244 54.85 -59.49 9.45
CA GLY G 244 53.44 -59.50 9.12
C GLY G 244 52.82 -60.83 8.77
N HIS G 245 53.55 -61.94 8.91
CA HIS G 245 52.99 -63.25 8.62
C HIS G 245 52.17 -63.79 9.78
N ARG G 246 51.06 -64.47 9.46
CA ARG G 246 50.12 -65.02 10.44
C ARG G 246 49.61 -66.36 9.93
N PRO G 247 49.02 -67.24 10.80
CA PRO G 247 48.44 -68.50 10.28
C PRO G 247 47.56 -68.27 9.06
N VAL G 248 47.75 -69.10 8.03
CA VAL G 248 47.09 -69.01 6.73
C VAL G 248 45.56 -69.11 6.77
N ILE G 249 44.91 -68.26 5.98
CA ILE G 249 43.46 -68.18 5.82
C ILE G 249 43.18 -68.50 4.34
N ASN G 250 42.56 -69.68 4.10
CA ASN G 250 42.19 -70.23 2.78
C ASN G 250 41.16 -71.34 2.98
N GLU G 251 40.69 -71.98 1.88
CA GLU G 251 39.71 -73.08 1.95
C GLU G 251 40.21 -74.33 2.66
N GLU G 252 41.53 -74.59 2.63
CA GLU G 252 42.13 -75.76 3.30
C GLU G 252 42.16 -75.55 4.81
N SER G 253 42.59 -74.35 5.26
CA SER G 253 42.66 -73.99 6.68
C SER G 253 41.25 -73.69 7.26
N LEU G 254 40.55 -72.68 6.70
CA LEU G 254 39.19 -72.26 7.10
C LEU G 254 38.09 -72.50 6.03
N PRO G 255 37.46 -73.69 6.05
CA PRO G 255 36.42 -74.02 5.06
C PRO G 255 35.25 -73.05 4.91
N TYR G 256 34.66 -73.02 3.70
CA TYR G 256 33.51 -72.15 3.45
C TYR G 256 32.27 -72.59 4.20
N ASP G 257 32.27 -73.85 4.70
CA ASP G 257 31.22 -74.45 5.51
C ASP G 257 31.04 -73.74 6.88
N ILE G 258 32.10 -73.03 7.33
CA ILE G 258 32.14 -72.30 8.60
C ILE G 258 31.04 -71.23 8.70
N PRO G 259 30.16 -71.33 9.74
CA PRO G 259 29.13 -70.31 9.94
C PRO G 259 29.69 -68.92 10.31
N HIS G 260 29.23 -67.87 9.61
CA HIS G 260 29.68 -66.48 9.78
C HIS G 260 31.18 -66.33 9.50
N ARG G 261 31.70 -67.11 8.51
CA ARG G 261 33.09 -67.16 8.07
C ARG G 261 33.71 -65.77 7.88
N ALA G 262 33.00 -64.88 7.18
CA ALA G 262 33.44 -63.50 6.88
C ALA G 262 33.58 -62.64 8.12
N ARG G 263 32.58 -62.68 9.03
CA ARG G 263 32.58 -61.98 10.30
C ARG G 263 33.77 -62.42 11.13
N MET G 264 34.02 -63.75 11.16
CA MET G 264 35.11 -64.39 11.89
C MET G 264 36.47 -64.00 11.36
N ILE G 265 36.67 -64.08 10.02
CA ILE G 265 37.95 -63.72 9.37
C ILE G 265 38.25 -62.25 9.61
N SER G 266 37.21 -61.40 9.58
CA SER G 266 37.34 -59.97 9.85
C SER G 266 37.82 -59.75 11.29
N LEU G 267 37.21 -60.48 12.25
CA LEU G 267 37.54 -60.44 13.67
C LEU G 267 38.97 -60.94 13.88
N ILE G 268 39.30 -62.09 13.27
CA ILE G 268 40.61 -62.73 13.36
C ILE G 268 41.71 -61.77 12.88
N GLU G 269 41.62 -61.36 11.61
CA GLU G 269 42.58 -60.50 10.94
C GLU G 269 42.79 -59.16 11.66
N SER G 270 41.70 -58.57 12.21
CA SER G 270 41.80 -57.31 12.99
C SER G 270 42.41 -57.62 14.34
N GLY G 271 42.14 -58.85 14.84
CA GLY G 271 42.63 -59.37 16.10
C GLY G 271 44.14 -59.46 16.12
N TRP G 272 44.73 -60.09 15.09
CA TRP G 272 46.19 -60.21 15.00
C TRP G 272 46.86 -59.10 14.13
N ALA G 273 46.21 -57.90 13.98
CA ALA G 273 46.76 -56.76 13.26
C ALA G 273 48.18 -56.42 13.75
N GLN G 274 49.08 -56.14 12.81
CA GLN G 274 50.46 -55.77 13.11
C GLN G 274 50.50 -54.52 14.02
N ASN G 275 49.64 -53.54 13.73
CA ASN G 275 49.47 -52.34 14.51
C ASN G 275 48.59 -52.67 15.73
N PRO G 276 49.14 -52.48 16.97
CA PRO G 276 48.34 -52.81 18.18
C PRO G 276 47.09 -51.96 18.28
N ASP G 277 47.19 -50.66 17.88
CA ASP G 277 46.11 -49.66 17.87
C ASP G 277 44.98 -50.06 16.92
N GLU G 278 45.25 -50.98 15.98
CA GLU G 278 44.28 -51.49 15.00
C GLU G 278 43.45 -52.70 15.50
N ARG G 279 43.93 -53.35 16.58
CA ARG G 279 43.29 -54.52 17.18
C ARG G 279 42.04 -54.18 18.02
N PRO G 280 40.97 -55.00 17.97
CA PRO G 280 39.76 -54.63 18.73
C PRO G 280 39.82 -54.86 20.25
N SER G 281 38.79 -54.34 20.96
CA SER G 281 38.67 -54.54 22.39
C SER G 281 37.91 -55.84 22.54
N PHE G 282 37.88 -56.42 23.77
CA PHE G 282 37.09 -57.63 23.97
C PHE G 282 35.57 -57.34 23.93
N LEU G 283 35.18 -56.09 24.23
CA LEU G 283 33.79 -55.64 24.14
C LEU G 283 33.34 -55.73 22.69
N LYS G 284 34.22 -55.35 21.71
CA LYS G 284 33.90 -55.42 20.30
C LYS G 284 33.80 -56.86 19.88
N CYS G 285 34.61 -57.77 20.47
CA CYS G 285 34.55 -59.23 20.20
C CYS G 285 33.19 -59.72 20.61
N LEU G 286 32.76 -59.35 21.82
CA LEU G 286 31.47 -59.70 22.40
C LEU G 286 30.35 -59.20 21.53
N ILE G 287 30.45 -57.93 21.08
CA ILE G 287 29.49 -57.25 20.23
C ILE G 287 29.32 -58.00 18.91
N GLU G 288 30.43 -58.45 18.29
CA GLU G 288 30.44 -59.21 17.03
C GLU G 288 29.99 -60.65 17.25
N LEU G 289 30.34 -61.26 18.39
CA LEU G 289 30.03 -62.64 18.72
C LEU G 289 28.60 -62.88 19.12
N GLU G 290 28.00 -61.98 19.97
CA GLU G 290 26.62 -62.06 20.47
C GLU G 290 25.58 -62.49 19.39
N PRO G 291 25.55 -61.86 18.17
CA PRO G 291 24.59 -62.27 17.15
C PRO G 291 24.81 -63.67 16.54
N VAL G 292 26.07 -64.09 16.47
CA VAL G 292 26.48 -65.39 15.94
C VAL G 292 25.87 -66.52 16.80
N LEU G 293 25.95 -66.40 18.12
CA LEU G 293 25.43 -67.44 19.00
C LEU G 293 23.95 -67.31 19.26
N ARG G 294 23.33 -66.19 18.77
CA ARG G 294 21.88 -65.99 18.85
C ARG G 294 21.25 -67.02 17.92
N THR G 295 21.97 -67.36 16.82
CA THR G 295 21.51 -68.28 15.77
C THR G 295 21.26 -69.72 16.24
N PHE G 296 22.13 -70.25 17.11
CA PHE G 296 22.06 -71.61 17.66
C PHE G 296 21.03 -71.74 18.77
N GLU G 297 20.29 -72.86 18.79
CA GLU G 297 19.27 -73.13 19.84
C GLU G 297 19.89 -73.84 21.05
N GLU G 298 19.41 -73.52 22.27
CA GLU G 298 19.87 -74.08 23.56
C GLU G 298 20.27 -75.56 23.48
N ILE G 299 19.43 -76.38 22.83
CA ILE G 299 19.60 -77.85 22.75
C ILE G 299 20.84 -78.24 21.99
N THR G 300 21.15 -77.55 20.88
CA THR G 300 22.29 -77.86 20.01
C THR G 300 23.60 -77.84 20.78
N PHE G 301 23.61 -77.05 21.89
CA PHE G 301 24.72 -76.84 22.83
C PHE G 301 24.87 -78.04 23.73
N LEU G 302 23.74 -78.63 24.19
CA LEU G 302 23.70 -79.82 25.05
C LEU G 302 23.94 -81.09 24.21
N GLU G 303 23.48 -81.07 22.92
CA GLU G 303 23.64 -82.15 21.97
C GLU G 303 25.11 -82.25 21.60
N ALA G 304 25.77 -81.09 21.40
CA ALA G 304 27.19 -80.99 21.04
C ALA G 304 28.08 -81.62 22.11
N VAL G 305 27.77 -81.32 23.38
CA VAL G 305 28.48 -81.83 24.56
C VAL G 305 28.33 -83.36 24.61
N ILE G 306 27.09 -83.86 24.39
CA ILE G 306 26.79 -85.29 24.46
C ILE G 306 27.46 -86.05 23.32
N GLN G 307 27.55 -85.42 22.14
CA GLN G 307 28.19 -85.98 20.94
C GLN G 307 29.67 -86.35 21.20
N LEU G 308 30.30 -85.67 22.18
CA LEU G 308 31.69 -85.89 22.58
C LEU G 308 31.80 -87.06 23.57
N LYS G 309 30.89 -87.12 24.56
CA LYS G 309 30.86 -88.17 25.56
C LYS G 309 30.03 -89.39 25.12
N ALA H 4 48.30 -63.67 54.41
CA ALA H 4 46.84 -63.73 54.32
C ALA H 4 46.30 -63.13 53.01
N ILE H 5 45.70 -64.00 52.14
CA ILE H 5 45.13 -63.62 50.84
C ILE H 5 43.67 -63.15 50.99
N CYS H 6 43.42 -61.84 50.76
CA CYS H 6 42.07 -61.25 50.82
C CYS H 6 41.56 -60.80 49.46
N SER H 7 40.21 -60.67 49.34
CA SER H 7 39.48 -60.24 48.13
C SER H 7 38.24 -59.52 48.57
N ALA H 8 38.06 -58.31 48.06
CA ALA H 8 36.91 -57.45 48.37
C ALA H 8 35.84 -57.68 47.33
N LEU H 9 34.59 -57.86 47.78
CA LEU H 9 33.44 -58.11 46.90
C LEU H 9 33.15 -56.86 46.07
N PRO H 10 33.07 -57.01 44.73
CA PRO H 10 32.84 -55.84 43.86
C PRO H 10 31.59 -55.04 44.18
N THR H 11 31.66 -53.73 43.93
CA THR H 11 30.53 -52.84 44.13
C THR H 11 29.98 -52.49 42.77
N ILE H 12 28.72 -52.86 42.52
CA ILE H 12 28.05 -52.62 41.25
C ILE H 12 27.09 -51.42 41.33
N PRO H 13 27.34 -50.34 40.52
CA PRO H 13 26.41 -49.19 40.48
C PRO H 13 25.10 -49.62 39.83
N TYR H 14 23.95 -49.20 40.42
CA TYR H 14 22.62 -49.57 39.93
C TYR H 14 22.43 -49.34 38.42
N HIS H 15 23.06 -48.29 37.88
CA HIS H 15 22.96 -47.95 36.46
C HIS H 15 23.58 -49.02 35.54
N LYS H 16 24.48 -49.88 36.09
CA LYS H 16 25.13 -50.97 35.35
C LYS H 16 24.17 -52.16 35.25
N LEU H 17 23.14 -52.19 36.11
CA LEU H 17 22.14 -53.24 36.09
C LEU H 17 21.00 -52.83 35.17
N ALA H 18 21.02 -53.37 33.94
CA ALA H 18 20.04 -53.08 32.91
C ALA H 18 18.98 -54.19 32.80
N ASP H 19 17.79 -53.86 32.25
CA ASP H 19 16.67 -54.78 32.03
C ASP H 19 16.25 -55.53 33.31
N LEU H 20 16.08 -54.77 34.40
CA LEU H 20 15.69 -55.31 35.70
C LEU H 20 14.23 -55.76 35.77
N ARG H 21 13.99 -57.03 35.34
CA ARG H 21 12.68 -57.68 35.32
C ARG H 21 12.49 -58.52 36.59
N TYR H 22 11.29 -58.44 37.18
CA TYR H 22 10.93 -59.17 38.42
C TYR H 22 10.88 -60.68 38.21
N LEU H 23 11.33 -61.46 39.23
CA LEU H 23 11.29 -62.92 39.18
C LEU H 23 10.36 -63.51 40.27
N SER H 24 10.58 -63.14 41.54
CA SER H 24 9.81 -63.60 42.71
C SER H 24 10.03 -62.68 43.93
N ARG H 25 9.10 -62.74 44.91
CA ARG H 25 9.18 -62.02 46.19
C ARG H 25 8.98 -63.06 47.30
N GLY H 26 9.94 -63.15 48.21
CA GLY H 26 9.94 -64.08 49.35
C GLY H 26 10.35 -63.44 50.66
N ALA H 27 10.50 -64.27 51.72
CA ALA H 27 10.86 -63.77 53.04
C ALA H 27 12.28 -63.17 53.09
N SER H 28 13.23 -63.81 52.35
CA SER H 28 14.63 -63.36 52.28
C SER H 28 14.78 -62.05 51.46
N GLY H 29 13.86 -61.84 50.51
CA GLY H 29 13.83 -60.64 49.67
C GLY H 29 13.14 -60.81 48.33
N THR H 30 13.37 -59.85 47.39
CA THR H 30 12.80 -59.88 46.03
C THR H 30 13.88 -60.22 45.03
N VAL H 31 13.67 -61.27 44.25
CA VAL H 31 14.64 -61.67 43.23
C VAL H 31 14.17 -61.09 41.89
N SER H 32 15.10 -60.42 41.18
CA SER H 32 14.89 -59.83 39.86
C SER H 32 16.05 -60.24 38.93
N SER H 33 15.80 -60.33 37.63
CA SER H 33 16.80 -60.65 36.62
C SER H 33 17.25 -59.38 35.93
N ALA H 34 18.57 -59.15 35.89
CA ALA H 34 19.18 -57.99 35.23
C ALA H 34 20.24 -58.45 34.21
N ARG H 35 21.01 -57.51 33.66
CA ARG H 35 22.07 -57.73 32.68
C ARG H 35 23.17 -56.70 32.97
N HIS H 36 24.40 -57.18 33.25
CA HIS H 36 25.49 -56.27 33.56
C HIS H 36 25.97 -55.56 32.30
N ALA H 37 25.86 -54.21 32.31
CA ALA H 37 26.20 -53.29 31.22
C ALA H 37 27.62 -53.44 30.74
N ASP H 38 28.57 -53.79 31.66
CA ASP H 38 29.98 -53.94 31.31
C ASP H 38 30.40 -55.37 31.03
N TRP H 39 29.89 -56.33 31.83
CA TRP H 39 30.24 -57.75 31.71
C TRP H 39 29.49 -58.49 30.64
N ARG H 40 28.36 -57.91 30.19
CA ARG H 40 27.50 -58.39 29.11
C ARG H 40 27.05 -59.85 29.34
N VAL H 41 26.53 -60.08 30.57
CA VAL H 41 26.01 -61.35 31.10
C VAL H 41 24.72 -61.13 31.89
N GLN H 42 23.83 -62.15 31.91
CA GLN H 42 22.58 -62.11 32.70
C GLN H 42 22.89 -62.48 34.17
N VAL H 43 22.42 -61.65 35.10
CA VAL H 43 22.62 -61.80 36.54
C VAL H 43 21.28 -61.80 37.31
N ALA H 44 21.30 -62.28 38.57
CA ALA H 44 20.16 -62.30 39.50
C ALA H 44 20.43 -61.28 40.61
N VAL H 45 19.39 -60.57 41.04
CA VAL H 45 19.51 -59.52 42.05
C VAL H 45 18.49 -59.72 43.18
N LYS H 46 18.96 -59.90 44.42
CA LYS H 46 18.04 -60.01 45.54
C LYS H 46 17.99 -58.68 46.29
N HIS H 47 16.79 -58.13 46.57
CA HIS H 47 16.62 -56.82 47.21
C HIS H 47 15.34 -56.67 48.04
N SER H 57 19.45 -51.05 59.30
CA SER H 57 19.02 -52.26 60.00
C SER H 57 18.64 -53.43 59.07
N GLU H 58 17.73 -53.18 58.09
CA GLU H 58 17.31 -54.15 57.05
C GLU H 58 18.47 -54.30 56.08
N ARG H 59 19.24 -53.19 55.93
CA ARG H 59 20.45 -53.03 55.14
C ARG H 59 21.51 -53.98 55.70
N LYS H 60 21.67 -54.00 57.05
CA LYS H 60 22.60 -54.86 57.80
C LYS H 60 22.38 -56.35 57.52
N ASP H 61 21.11 -56.76 57.32
CA ASP H 61 20.70 -58.13 57.05
C ASP H 61 21.21 -58.64 55.69
N VAL H 62 21.13 -57.76 54.64
CA VAL H 62 21.56 -58.00 53.25
C VAL H 62 23.10 -58.06 53.19
N LEU H 63 23.76 -57.06 53.81
CA LEU H 63 25.23 -56.97 53.90
C LEU H 63 25.85 -58.16 54.64
N ARG H 64 25.09 -58.79 55.54
CA ARG H 64 25.51 -59.99 56.26
C ARG H 64 25.45 -61.20 55.30
N GLU H 65 24.30 -61.38 54.59
CA GLU H 65 24.06 -62.45 53.62
C GLU H 65 25.09 -62.41 52.49
N ALA H 66 25.43 -61.18 52.03
CA ALA H 66 26.43 -60.93 51.00
C ALA H 66 27.81 -61.38 51.46
N GLU H 67 28.15 -61.08 52.72
CA GLU H 67 29.42 -61.49 53.33
C GLU H 67 29.52 -63.04 53.44
N ILE H 68 28.39 -63.71 53.77
CA ILE H 68 28.31 -65.17 53.88
C ILE H 68 28.64 -65.82 52.55
N LEU H 69 27.92 -65.41 51.46
CA LEU H 69 28.11 -65.95 50.10
C LEU H 69 29.51 -65.76 49.53
N HIS H 70 30.20 -64.67 49.95
CA HIS H 70 31.56 -64.33 49.55
C HIS H 70 32.56 -65.22 50.27
N LYS H 71 32.30 -65.51 51.54
CA LYS H 71 33.16 -66.34 52.38
C LYS H 71 32.93 -67.87 52.12
N ALA H 72 31.67 -68.28 51.98
CA ALA H 72 31.26 -69.65 51.80
C ALA H 72 31.29 -70.14 50.35
N ARG H 73 32.06 -69.49 49.50
CA ARG H 73 32.20 -69.87 48.08
C ARG H 73 32.70 -71.31 47.88
N PHE H 74 31.91 -72.10 47.13
CA PHE H 74 32.19 -73.48 46.78
C PHE H 74 31.37 -73.86 45.55
N SER H 75 31.80 -74.92 44.85
CA SER H 75 31.20 -75.46 43.63
C SER H 75 29.68 -75.65 43.67
N TYR H 76 29.10 -75.80 44.88
CA TYR H 76 27.66 -76.05 45.07
C TYR H 76 26.94 -74.96 45.89
N ILE H 77 27.61 -73.80 46.04
CA ILE H 77 27.12 -72.59 46.71
C ILE H 77 26.98 -71.49 45.63
N LEU H 78 25.81 -70.83 45.60
CA LEU H 78 25.48 -69.76 44.63
C LEU H 78 26.59 -68.70 44.54
N PRO H 79 27.18 -68.49 43.35
CA PRO H 79 28.29 -67.54 43.25
C PRO H 79 27.84 -66.09 43.25
N ILE H 80 28.25 -65.36 44.30
CA ILE H 80 27.93 -63.94 44.43
C ILE H 80 28.87 -63.16 43.49
N LEU H 81 28.32 -62.22 42.68
CA LEU H 81 29.13 -61.47 41.73
C LEU H 81 29.50 -60.07 42.24
N GLY H 82 28.70 -59.52 43.14
CA GLY H 82 28.92 -58.20 43.71
C GLY H 82 27.75 -57.69 44.52
N ILE H 83 27.89 -56.45 45.01
CA ILE H 83 26.91 -55.76 45.84
C ILE H 83 26.54 -54.38 45.31
N CYS H 84 25.24 -54.08 45.32
CA CYS H 84 24.71 -52.78 44.94
C CYS H 84 24.26 -52.11 46.26
N ASN H 85 25.06 -51.14 46.74
CA ASN H 85 24.77 -50.41 47.97
C ASN H 85 24.78 -48.94 47.67
N GLU H 86 23.59 -48.44 47.38
CA GLU H 86 23.30 -47.03 47.08
C GLU H 86 22.23 -46.54 48.03
N PRO H 87 22.11 -45.22 48.29
CA PRO H 87 21.07 -44.75 49.22
C PRO H 87 19.66 -45.11 48.75
N GLU H 88 19.46 -45.15 47.42
CA GLU H 88 18.19 -45.48 46.76
C GLU H 88 17.98 -47.00 46.69
N PHE H 89 19.03 -47.75 46.29
CA PHE H 89 18.97 -49.20 46.07
C PHE H 89 20.02 -50.03 46.79
N LEU H 90 19.58 -51.17 47.34
CA LEU H 90 20.44 -52.16 47.99
C LEU H 90 20.00 -53.54 47.57
N GLY H 91 20.92 -54.28 46.98
CA GLY H 91 20.66 -55.64 46.50
C GLY H 91 21.91 -56.43 46.20
N ILE H 92 21.84 -57.76 46.47
CA ILE H 92 22.89 -58.74 46.23
C ILE H 92 22.82 -59.19 44.77
N VAL H 93 23.94 -59.09 44.05
CA VAL H 93 24.03 -59.49 42.64
C VAL H 93 24.81 -60.78 42.58
N THR H 94 24.20 -61.82 42.02
CA THR H 94 24.80 -63.16 41.91
C THR H 94 24.64 -63.69 40.51
N GLU H 95 25.06 -64.95 40.29
CA GLU H 95 24.92 -65.62 39.01
C GLU H 95 23.43 -65.95 38.80
N TYR H 96 23.00 -65.93 37.52
CA TYR H 96 21.61 -66.26 37.16
C TYR H 96 21.47 -67.77 36.94
N MET H 97 20.47 -68.39 37.62
CA MET H 97 20.15 -69.83 37.53
C MET H 97 19.04 -70.05 36.52
N PRO H 98 19.37 -70.50 35.29
CA PRO H 98 18.34 -70.61 34.24
C PRO H 98 17.16 -71.51 34.55
N ASN H 99 17.41 -72.70 35.15
CA ASN H 99 16.40 -73.71 35.47
C ASN H 99 15.85 -73.62 36.92
N GLY H 100 15.75 -72.39 37.43
CA GLY H 100 15.21 -72.04 38.74
C GLY H 100 15.62 -72.86 39.96
N SER H 101 14.61 -73.39 40.69
CA SER H 101 14.79 -74.19 41.91
C SER H 101 14.37 -75.66 41.75
N LEU H 102 14.76 -76.50 42.74
CA LEU H 102 14.45 -77.93 42.82
C LEU H 102 12.95 -78.13 43.02
N ASN H 103 12.30 -77.21 43.77
CA ASN H 103 10.86 -77.22 44.03
C ASN H 103 10.09 -77.21 42.72
N GLU H 104 10.54 -76.40 41.75
CA GLU H 104 9.98 -76.27 40.40
C GLU H 104 10.19 -77.57 39.61
N LEU H 105 11.38 -78.17 39.66
CA LEU H 105 11.69 -79.41 38.95
C LEU H 105 10.84 -80.58 39.45
N LEU H 106 10.67 -80.65 40.79
CA LEU H 106 9.93 -81.71 41.49
C LEU H 106 8.42 -81.61 41.43
N HIS H 107 7.87 -80.40 41.45
CA HIS H 107 6.42 -80.24 41.51
C HIS H 107 5.80 -79.75 40.18
N ARG H 108 6.64 -79.32 39.17
CA ARG H 108 6.14 -78.97 37.82
C ARG H 108 6.10 -80.29 37.03
N LYS H 109 5.11 -81.15 37.36
CA LYS H 109 4.91 -82.46 36.76
C LYS H 109 4.37 -82.40 35.32
N THR H 110 3.85 -81.23 34.87
CA THR H 110 3.37 -81.02 33.50
C THR H 110 4.56 -80.66 32.62
N GLU H 111 5.39 -79.67 33.09
CA GLU H 111 6.59 -79.16 32.42
C GLU H 111 7.69 -80.23 32.42
N TYR H 112 7.88 -80.90 33.56
CA TYR H 112 8.87 -81.95 33.75
C TYR H 112 8.16 -83.28 34.13
N PRO H 113 7.53 -83.99 33.18
CA PRO H 113 6.85 -85.25 33.54
C PRO H 113 7.81 -86.37 33.96
N ASP H 114 8.98 -86.48 33.29
CA ASP H 114 9.99 -87.51 33.56
C ASP H 114 11.29 -86.91 34.10
N VAL H 115 11.63 -87.25 35.36
CA VAL H 115 12.88 -86.83 36.02
C VAL H 115 13.57 -88.13 36.49
N ALA H 116 14.67 -88.48 35.81
CA ALA H 116 15.44 -89.70 36.03
C ALA H 116 16.13 -89.79 37.37
N TRP H 117 16.26 -91.05 37.88
CA TRP H 117 16.95 -91.36 39.14
C TRP H 117 18.41 -90.86 39.14
N PRO H 118 19.24 -91.06 38.06
CA PRO H 118 20.61 -90.51 38.08
C PRO H 118 20.64 -89.01 38.41
N LEU H 119 19.77 -88.20 37.78
CA LEU H 119 19.70 -86.77 38.06
C LEU H 119 19.26 -86.51 39.49
N ARG H 120 18.18 -87.20 39.94
CA ARG H 120 17.68 -87.07 41.31
C ARG H 120 18.82 -87.37 42.33
N PHE H 121 19.60 -88.46 42.11
CA PHE H 121 20.70 -88.86 43.00
C PHE H 121 21.89 -87.95 42.90
N ARG H 122 22.13 -87.36 41.70
CA ARG H 122 23.22 -86.41 41.49
C ARG H 122 22.94 -85.13 42.28
N ILE H 123 21.66 -84.65 42.25
CA ILE H 123 21.18 -83.48 42.99
C ILE H 123 21.36 -83.69 44.49
N LEU H 124 20.87 -84.84 45.02
CA LEU H 124 20.97 -85.17 46.45
C LEU H 124 22.43 -85.22 46.92
N HIS H 125 23.32 -85.84 46.10
CA HIS H 125 24.74 -85.91 46.35
C HIS H 125 25.35 -84.51 46.45
N GLU H 126 25.05 -83.63 45.46
CA GLU H 126 25.54 -82.24 45.39
C GLU H 126 25.10 -81.39 46.58
N ILE H 127 23.82 -81.51 47.02
CA ILE H 127 23.30 -80.78 48.20
C ILE H 127 24.17 -81.17 49.41
N ALA H 128 24.35 -82.50 49.63
CA ALA H 128 25.16 -83.02 50.74
C ALA H 128 26.60 -82.53 50.64
N LEU H 129 27.19 -82.51 49.43
CA LEU H 129 28.55 -82.01 49.19
C LEU H 129 28.73 -80.51 49.59
N GLY H 130 27.71 -79.70 49.28
CA GLY H 130 27.69 -78.29 49.60
C GLY H 130 27.55 -78.03 51.08
N VAL H 131 26.54 -78.69 51.69
CA VAL H 131 26.24 -78.57 53.14
C VAL H 131 27.41 -79.11 53.96
N ASN H 132 28.07 -80.17 53.45
CA ASN H 132 29.24 -80.75 54.11
C ASN H 132 30.38 -79.73 54.13
N TYR H 133 30.59 -79.00 53.01
CA TYR H 133 31.63 -77.98 52.90
C TYR H 133 31.40 -76.88 53.90
N LEU H 134 30.13 -76.43 54.05
CA LEU H 134 29.72 -75.38 54.98
C LEU H 134 30.04 -75.77 56.39
N HIS H 135 29.73 -77.04 56.75
CA HIS H 135 29.95 -77.62 58.08
C HIS H 135 31.41 -77.84 58.39
N ASN H 136 32.24 -77.99 57.35
CA ASN H 136 33.70 -78.15 57.42
C ASN H 136 34.46 -76.79 57.42
N MET H 137 33.75 -75.67 57.56
CA MET H 137 34.40 -74.37 57.61
C MET H 137 34.90 -74.13 59.03
N THR H 138 35.79 -73.13 59.21
CA THR H 138 36.34 -72.79 60.53
C THR H 138 36.09 -71.29 60.80
N PRO H 139 35.06 -70.91 61.58
CA PRO H 139 34.09 -71.78 62.28
C PRO H 139 33.09 -72.42 61.33
N PRO H 140 32.42 -73.54 61.69
CA PRO H 140 31.45 -74.12 60.74
C PRO H 140 30.29 -73.15 60.42
N LEU H 141 29.76 -73.22 59.19
CA LEU H 141 28.61 -72.40 58.85
C LEU H 141 27.40 -73.31 58.71
N LEU H 142 26.34 -72.95 59.44
CA LEU H 142 25.08 -73.69 59.46
C LEU H 142 24.04 -72.91 58.70
N HIS H 143 23.48 -73.51 57.64
CA HIS H 143 22.50 -72.91 56.73
C HIS H 143 21.19 -72.49 57.43
N HIS H 144 20.62 -73.39 58.24
CA HIS H 144 19.40 -73.21 59.03
C HIS H 144 18.17 -72.76 58.24
N ASP H 145 18.13 -73.02 56.91
CA ASP H 145 17.01 -72.60 56.07
C ASP H 145 16.75 -73.51 54.85
N LEU H 146 17.53 -74.58 54.65
CA LEU H 146 17.40 -75.51 53.52
C LEU H 146 15.96 -75.92 53.19
N LYS H 147 15.53 -75.62 51.95
CA LYS H 147 14.23 -75.90 51.33
C LYS H 147 14.54 -76.31 49.87
N THR H 148 13.56 -76.90 49.16
CA THR H 148 13.75 -77.27 47.74
C THR H 148 13.81 -75.99 46.85
N GLN H 149 13.29 -74.88 47.37
CA GLN H 149 13.28 -73.59 46.72
C GLN H 149 14.68 -72.96 46.77
N ASN H 150 15.46 -73.27 47.82
CA ASN H 150 16.82 -72.74 48.07
C ASN H 150 17.88 -73.45 47.25
N ILE H 151 17.55 -74.67 46.76
CA ILE H 151 18.42 -75.52 45.97
C ILE H 151 18.18 -75.15 44.54
N LEU H 152 19.03 -74.28 44.02
CA LEU H 152 18.90 -73.79 42.65
C LEU H 152 19.67 -74.66 41.66
N LEU H 153 19.24 -74.60 40.38
CA LEU H 153 19.79 -75.43 39.32
C LEU H 153 20.26 -74.57 38.16
N ASP H 154 21.52 -74.79 37.73
CA ASP H 154 22.11 -74.07 36.59
C ASP H 154 21.63 -74.67 35.26
N ASN H 155 22.11 -74.13 34.11
CA ASN H 155 21.73 -74.61 32.77
C ASN H 155 21.98 -76.12 32.55
N GLU H 156 22.85 -76.73 33.34
CA GLU H 156 23.13 -78.16 33.24
C GLU H 156 22.61 -78.94 34.50
N PHE H 157 21.71 -78.26 35.29
CA PHE H 157 20.94 -78.62 36.51
C PHE H 157 21.74 -78.94 37.79
N HIS H 158 22.96 -78.39 37.91
CA HIS H 158 23.83 -78.61 39.04
C HIS H 158 23.40 -77.71 40.18
N VAL H 159 23.45 -78.26 41.38
CA VAL H 159 23.02 -77.62 42.62
C VAL H 159 23.85 -76.37 42.98
N LYS H 160 23.12 -75.32 43.37
CA LYS H 160 23.62 -74.06 43.86
C LYS H 160 22.73 -73.70 45.04
N ILE H 161 23.28 -73.80 46.25
CA ILE H 161 22.57 -73.53 47.49
C ILE H 161 22.50 -72.02 47.68
N ALA H 162 21.29 -71.50 47.95
CA ALA H 162 21.03 -70.08 48.16
C ALA H 162 20.37 -69.83 49.53
N ASP H 163 19.95 -68.57 49.80
CA ASP H 163 19.28 -68.10 51.03
C ASP H 163 20.11 -68.35 52.28
N PHE H 164 21.06 -67.43 52.51
CA PHE H 164 21.96 -67.44 53.66
C PHE H 164 21.56 -66.35 54.66
N GLY H 165 20.27 -65.96 54.60
CA GLY H 165 19.64 -64.97 55.46
C GLY H 165 19.51 -65.39 56.91
N LEU H 166 19.24 -66.69 57.14
CA LEU H 166 19.08 -67.28 58.47
C LEU H 166 20.30 -68.06 58.94
N SER H 167 21.28 -68.29 58.03
CA SER H 167 22.52 -69.02 58.32
C SER H 167 23.35 -68.39 59.44
N LYS H 168 23.98 -69.26 60.28
CA LYS H 168 24.77 -68.85 61.45
C LYS H 168 26.10 -69.57 61.53
N TRP H 169 27.13 -68.86 62.05
CA TRP H 169 28.50 -69.37 62.27
C TRP H 169 28.57 -70.03 63.65
N ARG H 170 28.86 -71.35 63.71
CA ARG H 170 28.97 -72.04 65.00
C ARG H 170 30.29 -71.68 65.72
N MET H 171 30.22 -70.74 66.70
CA MET H 171 31.37 -70.28 67.48
C MET H 171 31.09 -70.41 68.98
N GLY H 187 9.05 -68.97 56.07
CA GLY H 187 7.62 -69.26 56.12
C GLY H 187 7.25 -70.71 56.46
N THR H 188 7.78 -71.67 55.67
CA THR H 188 7.57 -73.10 55.86
C THR H 188 8.47 -73.70 56.95
N ILE H 189 7.80 -74.41 57.85
CA ILE H 189 8.35 -75.10 59.02
C ILE H 189 8.46 -76.63 58.74
N ILE H 190 8.12 -77.08 57.52
CA ILE H 190 8.13 -78.50 57.17
C ILE H 190 9.56 -79.09 57.08
N TYR H 191 10.61 -78.23 57.02
CA TYR H 191 12.01 -78.67 56.97
C TYR H 191 12.71 -78.41 58.31
N MET H 192 11.99 -77.82 59.26
CA MET H 192 12.50 -77.41 60.55
C MET H 192 12.39 -78.54 61.59
N PRO H 193 13.49 -78.83 62.33
CA PRO H 193 13.41 -79.86 63.37
C PRO H 193 12.50 -79.42 64.54
N PRO H 194 11.80 -80.38 65.21
CA PRO H 194 10.85 -80.00 66.28
C PRO H 194 11.42 -79.25 67.48
N GLU H 195 12.74 -79.38 67.75
CA GLU H 195 13.40 -78.69 68.89
C GLU H 195 13.58 -77.20 68.65
N ASN H 196 13.55 -76.81 67.38
CA ASN H 196 13.75 -75.44 66.93
C ASN H 196 12.54 -74.56 67.13
N TYR H 197 11.34 -75.20 67.16
CA TYR H 197 10.02 -74.57 67.31
C TYR H 197 10.01 -73.52 68.43
N GLU H 198 10.07 -73.97 69.70
CA GLU H 198 10.12 -73.14 70.90
C GLU H 198 11.50 -72.48 71.05
N PRO H 199 11.62 -71.36 71.80
CA PRO H 199 12.95 -70.76 71.99
C PRO H 199 13.78 -71.49 73.07
N ILE H 207 22.62 -77.27 65.49
CA ILE H 207 23.67 -77.89 64.67
C ILE H 207 23.08 -78.99 63.77
N LYS H 208 22.29 -79.93 64.37
CA LYS H 208 21.66 -81.06 63.64
C LYS H 208 20.37 -80.64 62.88
N HIS H 209 20.23 -79.33 62.60
CA HIS H 209 19.09 -78.72 61.90
C HIS H 209 19.12 -79.08 60.42
N ASP H 210 20.26 -78.83 59.76
CA ASP H 210 20.46 -79.03 58.32
C ASP H 210 20.29 -80.47 57.86
N ILE H 211 20.63 -81.45 58.73
CA ILE H 211 20.45 -82.86 58.39
C ILE H 211 18.93 -83.21 58.36
N TYR H 212 18.13 -82.64 59.30
CA TYR H 212 16.68 -82.81 59.35
C TYR H 212 16.09 -82.22 58.09
N SER H 213 16.48 -80.98 57.71
CA SER H 213 15.98 -80.33 56.49
C SER H 213 16.31 -81.19 55.28
N TYR H 214 17.54 -81.75 55.24
CA TYR H 214 18.04 -82.59 54.16
C TYR H 214 17.23 -83.86 53.97
N ALA H 215 16.85 -84.56 55.07
CA ALA H 215 16.07 -85.79 55.01
C ALA H 215 14.66 -85.52 54.41
N VAL H 216 14.01 -84.41 54.82
CA VAL H 216 12.71 -84.00 54.28
C VAL H 216 12.86 -83.75 52.77
N ILE H 217 13.97 -83.11 52.36
CA ILE H 217 14.30 -82.82 50.96
C ILE H 217 14.51 -84.15 50.20
N THR H 218 15.21 -85.10 50.84
CA THR H 218 15.50 -86.42 50.28
C THR H 218 14.18 -87.19 50.07
N TRP H 219 13.27 -87.09 51.04
CA TRP H 219 11.93 -87.70 50.98
C TRP H 219 11.21 -87.11 49.77
N GLU H 220 11.08 -85.77 49.75
CA GLU H 220 10.46 -84.96 48.72
C GLU H 220 11.00 -85.22 47.29
N VAL H 221 12.33 -85.41 47.14
CA VAL H 221 12.97 -85.67 45.84
C VAL H 221 12.51 -87.01 45.31
N LEU H 222 12.59 -88.05 46.19
CA LEU H 222 12.25 -89.44 45.86
C LEU H 222 10.73 -89.67 45.68
N SER H 223 9.92 -89.04 46.53
CA SER H 223 8.47 -89.17 46.45
C SER H 223 7.84 -88.30 45.35
N ARG H 224 8.44 -87.10 45.05
CA ARG H 224 7.91 -86.07 44.13
C ARG H 224 6.58 -85.50 44.68
N LYS H 225 6.36 -85.67 45.99
CA LYS H 225 5.15 -85.26 46.73
C LYS H 225 5.47 -84.20 47.79
N GLN H 226 4.49 -83.33 48.09
CA GLN H 226 4.65 -82.28 49.08
C GLN H 226 4.49 -82.83 50.48
N PRO H 227 5.50 -82.67 51.38
CA PRO H 227 5.37 -83.21 52.75
C PRO H 227 4.19 -82.61 53.50
N PHE H 228 3.35 -83.51 54.11
CA PHE H 228 2.13 -83.20 54.89
C PHE H 228 1.07 -82.50 53.98
N GLU H 229 0.95 -82.94 52.71
CA GLU H 229 0.07 -82.35 51.68
C GLU H 229 -1.41 -82.24 52.09
N ASP H 230 -2.01 -83.32 52.64
CA ASP H 230 -3.41 -83.28 53.06
C ASP H 230 -3.65 -82.42 54.33
N VAL H 231 -2.57 -82.12 55.14
CA VAL H 231 -2.69 -81.29 56.36
C VAL H 231 -2.82 -79.80 56.02
N THR H 232 -3.93 -79.17 56.46
CA THR H 232 -4.26 -77.76 56.22
C THR H 232 -3.47 -76.81 57.11
N ASN H 233 -3.68 -76.95 58.43
CA ASN H 233 -3.08 -76.15 59.49
C ASN H 233 -1.58 -76.47 59.70
N PRO H 234 -0.68 -75.44 59.55
CA PRO H 234 0.75 -75.67 59.81
C PRO H 234 1.03 -76.04 61.27
N LEU H 235 0.18 -75.54 62.17
CA LEU H 235 0.24 -75.82 63.60
C LEU H 235 -0.03 -77.27 63.93
N GLN H 236 -0.86 -77.96 63.10
CA GLN H 236 -1.15 -79.39 63.29
C GLN H 236 0.13 -80.14 62.95
N ILE H 237 0.81 -79.74 61.85
CA ILE H 237 2.07 -80.32 61.46
C ILE H 237 3.03 -80.22 62.67
N MET H 238 3.21 -79.01 63.20
CA MET H 238 4.07 -78.70 64.35
C MET H 238 3.76 -79.54 65.58
N TYR H 239 2.47 -79.82 65.83
CA TYR H 239 2.02 -80.67 66.94
C TYR H 239 2.36 -82.14 66.67
N SER H 240 2.06 -82.64 65.41
CA SER H 240 2.34 -84.01 64.92
C SER H 240 3.82 -84.32 64.90
N VAL H 241 4.64 -83.42 64.31
CA VAL H 241 6.11 -83.51 64.22
C VAL H 241 6.75 -83.61 65.62
N SER H 242 6.35 -82.72 66.57
CA SER H 242 6.83 -82.68 67.95
C SER H 242 6.44 -83.97 68.73
N GLN H 243 5.45 -84.74 68.18
CA GLN H 243 4.92 -86.02 68.68
C GLN H 243 5.56 -87.20 67.91
N GLY H 244 6.57 -86.90 67.11
CA GLY H 244 7.29 -87.91 66.34
C GLY H 244 6.73 -88.25 64.98
N HIS H 245 5.71 -87.53 64.48
CA HIS H 245 5.15 -87.84 63.15
C HIS H 245 5.98 -87.21 62.04
N ARG H 246 6.13 -87.92 60.91
CA ARG H 246 6.94 -87.50 59.77
C ARG H 246 6.24 -87.85 58.44
N PRO H 247 6.67 -87.29 57.26
CA PRO H 247 6.07 -87.71 55.99
C PRO H 247 6.07 -89.24 55.86
N VAL H 248 4.93 -89.79 55.41
CA VAL H 248 4.69 -91.23 55.28
C VAL H 248 5.64 -91.95 54.31
N ILE H 249 6.12 -93.14 54.73
CA ILE H 249 6.98 -94.03 53.96
C ILE H 249 6.19 -95.32 53.74
N ASN H 250 5.79 -95.58 52.49
CA ASN H 250 5.01 -96.73 52.05
C ASN H 250 5.10 -96.84 50.52
N GLU H 251 4.46 -97.86 49.90
CA GLU H 251 4.45 -98.10 48.45
C GLU H 251 3.79 -96.96 47.67
N GLU H 252 2.78 -96.27 48.30
CA GLU H 252 2.08 -95.15 47.65
C GLU H 252 2.97 -93.91 47.59
N SER H 253 3.66 -93.57 48.70
CA SER H 253 4.56 -92.43 48.79
C SER H 253 5.89 -92.68 48.06
N LEU H 254 6.63 -93.70 48.50
CA LEU H 254 7.92 -94.05 47.89
C LEU H 254 7.81 -95.47 47.28
N PRO H 255 7.60 -95.63 45.94
CA PRO H 255 7.47 -96.99 45.37
C PRO H 255 8.69 -97.89 45.51
N TYR H 256 8.52 -99.18 45.23
CA TYR H 256 9.61 -100.16 45.34
C TYR H 256 10.59 -100.09 44.18
N ASP H 257 10.18 -99.45 43.06
CA ASP H 257 11.04 -99.29 41.87
C ASP H 257 12.25 -98.37 42.11
N ILE H 258 12.23 -97.59 43.23
CA ILE H 258 13.29 -96.66 43.64
C ILE H 258 14.64 -97.38 43.84
N PRO H 259 15.69 -96.97 43.10
CA PRO H 259 17.01 -97.61 43.27
C PRO H 259 17.59 -97.36 44.66
N HIS H 260 18.06 -98.42 45.33
CA HIS H 260 18.64 -98.39 46.68
C HIS H 260 17.64 -97.84 47.71
N ARG H 261 16.34 -98.18 47.53
CA ARG H 261 15.21 -97.78 48.38
C ARG H 261 15.49 -97.94 49.88
N ALA H 262 16.03 -99.12 50.27
CA ALA H 262 16.36 -99.47 51.65
C ALA H 262 17.43 -98.55 52.25
N ARG H 263 18.52 -98.32 51.50
CA ARG H 263 19.63 -97.46 51.89
C ARG H 263 19.11 -96.04 52.10
N MET H 264 18.24 -95.58 51.17
CA MET H 264 17.61 -94.25 51.17
C MET H 264 16.68 -94.06 52.36
N ILE H 265 15.75 -95.04 52.62
CA ILE H 265 14.83 -94.98 53.77
C ILE H 265 15.62 -94.98 55.09
N SER H 266 16.73 -95.74 55.13
CA SER H 266 17.62 -95.78 56.30
C SER H 266 18.21 -94.37 56.55
N LEU H 267 18.63 -93.69 55.46
CA LEU H 267 19.20 -92.35 55.46
C LEU H 267 18.15 -91.31 55.85
N ILE H 268 16.96 -91.35 55.25
CA ILE H 268 15.89 -90.41 55.59
C ILE H 268 15.44 -90.55 57.06
N GLU H 269 15.13 -91.78 57.50
CA GLU H 269 14.69 -92.05 58.86
C GLU H 269 15.70 -91.61 59.88
N SER H 270 17.00 -91.91 59.63
CA SER H 270 18.12 -91.48 60.48
C SER H 270 18.26 -89.95 60.50
N GLY H 271 18.14 -89.31 59.32
CA GLY H 271 18.21 -87.87 59.14
C GLY H 271 17.21 -87.09 59.98
N TRP H 272 15.90 -87.33 59.77
CA TRP H 272 14.84 -86.61 60.47
C TRP H 272 14.51 -87.15 61.90
N ALA H 273 15.37 -88.04 62.45
CA ALA H 273 15.21 -88.64 63.79
C ALA H 273 14.77 -87.60 64.85
N GLN H 274 13.79 -87.93 65.72
CA GLN H 274 13.32 -87.01 66.77
C GLN H 274 14.49 -86.60 67.66
N ASN H 275 15.39 -87.56 67.93
CA ASN H 275 16.59 -87.35 68.73
C ASN H 275 17.64 -86.71 67.82
N PRO H 276 18.11 -85.48 68.16
CA PRO H 276 19.14 -84.83 67.32
C PRO H 276 20.44 -85.62 67.28
N ASP H 277 20.82 -86.22 68.43
CA ASP H 277 22.02 -87.04 68.59
C ASP H 277 22.00 -88.32 67.73
N GLU H 278 20.79 -88.76 67.28
CA GLU H 278 20.56 -89.93 66.44
C GLU H 278 20.71 -89.64 64.95
N ARG H 279 20.70 -88.34 64.56
CA ARG H 279 20.81 -87.88 63.17
C ARG H 279 22.26 -87.95 62.65
N PRO H 280 22.50 -88.40 61.40
CA PRO H 280 23.88 -88.48 60.90
C PRO H 280 24.54 -87.15 60.54
N SER H 281 25.84 -87.21 60.24
CA SER H 281 26.60 -86.05 59.79
C SER H 281 26.45 -86.07 58.28
N PHE H 282 26.82 -84.97 57.58
CA PHE H 282 26.76 -84.97 56.12
C PHE H 282 27.87 -85.85 55.53
N LEU H 283 28.95 -86.08 56.31
CA LEU H 283 30.04 -86.97 55.93
C LEU H 283 29.51 -88.39 55.78
N LYS H 284 28.63 -88.82 56.72
CA LYS H 284 28.00 -90.15 56.69
C LYS H 284 27.04 -90.26 55.51
N CYS H 285 26.37 -89.14 55.16
CA CYS H 285 25.47 -89.10 54.00
C CYS H 285 26.30 -89.35 52.78
N LEU H 286 27.43 -88.63 52.67
CA LEU H 286 28.39 -88.74 51.56
C LEU H 286 28.91 -90.15 51.40
N ILE H 287 29.31 -90.75 52.52
CA ILE H 287 29.80 -92.12 52.64
C ILE H 287 28.77 -93.13 52.12
N GLU H 288 27.48 -92.93 52.45
CA GLU H 288 26.38 -93.79 52.02
C GLU H 288 25.97 -93.53 50.60
N LEU H 289 26.04 -92.26 50.16
CA LEU H 289 25.65 -91.83 48.82
C LEU H 289 26.66 -92.18 47.72
N GLU H 290 27.98 -92.01 47.98
CA GLU H 290 29.07 -92.29 47.03
C GLU H 290 28.89 -93.62 46.25
N PRO H 291 28.61 -94.78 46.91
CA PRO H 291 28.43 -96.04 46.14
C PRO H 291 27.18 -96.09 45.25
N VAL H 292 26.07 -95.46 45.69
CA VAL H 292 24.80 -95.37 44.96
C VAL H 292 25.05 -94.70 43.58
N LEU H 293 25.71 -93.51 43.59
CA LEU H 293 26.01 -92.71 42.39
C LEU H 293 27.08 -93.33 41.46
N ARG H 294 27.85 -94.32 41.99
CA ARG H 294 28.89 -95.02 41.24
C ARG H 294 28.28 -96.05 40.28
N THR H 295 27.07 -96.55 40.59
CA THR H 295 26.33 -97.53 39.79
C THR H 295 26.08 -96.96 38.41
N PHE H 296 25.67 -95.68 38.39
CA PHE H 296 25.33 -94.92 37.18
C PHE H 296 26.55 -94.60 36.30
N GLU H 297 26.30 -94.55 34.98
CA GLU H 297 27.32 -94.15 34.02
C GLU H 297 27.14 -92.68 33.69
N GLU H 298 28.27 -91.94 33.60
CA GLU H 298 28.36 -90.49 33.34
C GLU H 298 27.36 -89.95 32.29
N ILE H 299 27.05 -90.75 31.25
CA ILE H 299 26.14 -90.38 30.15
C ILE H 299 24.68 -90.31 30.60
N THR H 300 24.23 -91.20 31.51
CA THR H 300 22.84 -91.29 32.00
C THR H 300 22.37 -89.97 32.62
N PHE H 301 23.31 -89.16 33.17
CA PHE H 301 23.01 -87.85 33.75
C PHE H 301 22.78 -86.86 32.61
N LEU H 302 23.67 -86.89 31.58
CA LEU H 302 23.58 -85.99 30.43
C LEU H 302 22.34 -86.31 29.59
N GLU H 303 21.92 -87.59 29.61
CA GLU H 303 20.72 -88.07 28.94
C GLU H 303 19.51 -87.59 29.73
N ALA H 304 19.61 -87.65 31.09
CA ALA H 304 18.57 -87.20 32.02
C ALA H 304 18.25 -85.72 31.86
N VAL H 305 19.30 -84.87 31.74
CA VAL H 305 19.14 -83.43 31.58
C VAL H 305 18.52 -83.13 30.19
N ILE H 306 18.93 -83.86 29.13
CA ILE H 306 18.36 -83.66 27.77
C ILE H 306 16.90 -84.09 27.74
N GLN H 307 16.56 -85.17 28.49
CA GLN H 307 15.19 -85.69 28.59
C GLN H 307 14.20 -84.65 29.13
N LEU H 308 14.71 -83.59 29.82
CA LEU H 308 13.92 -82.48 30.37
C LEU H 308 13.69 -81.43 29.30
N LYS H 309 14.70 -81.15 28.45
CA LYS H 309 14.63 -80.17 27.36
C LYS H 309 14.28 -80.85 26.03
N ALA I 4 6.85 -12.89 -39.29
CA ALA I 4 8.28 -12.66 -39.43
C ALA I 4 8.61 -11.33 -40.15
N ILE I 5 9.18 -10.35 -39.40
CA ILE I 5 9.52 -9.02 -39.92
C ILE I 5 10.93 -9.02 -40.53
N CYS I 6 11.02 -8.82 -41.87
CA CYS I 6 12.31 -8.78 -42.57
C CYS I 6 12.67 -7.38 -43.13
N SER I 7 13.98 -7.15 -43.38
CA SER I 7 14.58 -5.92 -43.92
C SER I 7 15.79 -6.28 -44.75
N ALA I 8 15.82 -5.80 -45.99
CA ALA I 8 16.93 -6.04 -46.92
C ALA I 8 17.90 -4.88 -46.82
N LEU I 9 19.22 -5.18 -46.73
CA LEU I 9 20.26 -4.19 -46.60
C LEU I 9 20.35 -3.33 -47.86
N PRO I 10 20.30 -1.98 -47.72
CA PRO I 10 20.33 -1.10 -48.89
C PRO I 10 21.52 -1.30 -49.81
N THR I 11 21.29 -1.07 -51.13
CA THR I 11 22.36 -1.17 -52.12
C THR I 11 22.73 0.24 -52.52
N ILE I 12 24.01 0.60 -52.28
CA ILE I 12 24.53 1.94 -52.57
C ILE I 12 25.36 1.94 -53.86
N PRO I 13 24.95 2.74 -54.90
CA PRO I 13 25.75 2.82 -56.14
C PRO I 13 27.04 3.58 -55.86
N TYR I 14 28.19 3.11 -56.40
CA TYR I 14 29.49 3.71 -56.17
C TYR I 14 29.52 5.21 -56.41
N HIS I 15 28.74 5.69 -57.40
CA HIS I 15 28.70 7.10 -57.76
C HIS I 15 28.09 8.01 -56.66
N LYS I 16 27.35 7.39 -55.69
CA LYS I 16 26.73 8.07 -54.55
C LYS I 16 27.76 8.26 -53.46
N LEU I 17 28.88 7.53 -53.53
CA LEU I 17 29.99 7.65 -52.59
C LEU I 17 30.96 8.66 -53.14
N ALA I 18 30.88 9.88 -52.60
CA ALA I 18 31.70 11.03 -52.99
C ALA I 18 32.84 11.27 -52.01
N ASP I 19 33.95 11.88 -52.49
CA ASP I 19 35.15 12.25 -51.71
C ASP I 19 35.77 11.05 -50.98
N LEU I 20 35.94 9.95 -51.72
CA LEU I 20 36.49 8.70 -51.21
C LEU I 20 38.01 8.78 -50.89
N ARG I 21 38.31 9.25 -49.65
CA ARG I 21 39.67 9.40 -49.13
C ARG I 21 40.07 8.19 -48.29
N TYR I 22 41.30 7.72 -48.47
CA TYR I 22 41.86 6.55 -47.80
C TYR I 22 42.04 6.76 -46.31
N LEU I 23 41.77 5.71 -45.49
CA LEU I 23 41.94 5.77 -44.04
C LEU I 23 43.01 4.80 -43.55
N SER I 24 42.88 3.49 -43.90
CA SER I 24 43.80 2.41 -43.50
C SER I 24 43.62 1.17 -44.39
N ARG I 25 44.64 0.29 -44.41
CA ARG I 25 44.62 -1.00 -45.13
C ARG I 25 45.07 -2.08 -44.14
N GLY I 26 44.25 -3.11 -43.98
CA GLY I 26 44.48 -4.23 -43.06
C GLY I 26 44.12 -5.57 -43.65
N ALA I 27 44.20 -6.63 -42.84
CA ALA I 27 43.90 -7.99 -43.28
C ALA I 27 42.43 -8.18 -43.68
N SER I 28 41.49 -7.53 -42.91
CA SER I 28 40.04 -7.59 -43.15
C SER I 28 39.63 -6.82 -44.43
N GLY I 29 40.41 -5.77 -44.75
CA GLY I 29 40.19 -4.93 -45.93
C GLY I 29 40.78 -3.54 -45.84
N THR I 30 40.37 -2.65 -46.79
CA THR I 30 40.80 -1.25 -46.84
C THR I 30 39.66 -0.34 -46.40
N VAL I 31 39.88 0.47 -45.37
CA VAL I 31 38.88 1.41 -44.89
C VAL I 31 39.17 2.77 -45.55
N SER I 32 38.11 3.40 -46.11
CA SER I 32 38.13 4.73 -46.71
C SER I 32 36.93 5.54 -46.22
N SER I 33 37.07 6.87 -46.16
CA SER I 33 36.01 7.80 -45.76
C SER I 33 35.38 8.42 -47.00
N ALA I 34 34.05 8.33 -47.10
CA ALA I 34 33.28 8.90 -48.19
C ALA I 34 32.19 9.82 -47.63
N ARG I 35 31.21 10.18 -48.46
CA ARG I 35 30.09 11.07 -48.13
C ARG I 35 28.93 10.67 -49.07
N HIS I 36 27.77 10.30 -48.49
CA HIS I 36 26.63 9.89 -49.29
C HIS I 36 25.97 11.09 -49.98
N ALA I 37 25.97 11.05 -51.31
CA ALA I 37 25.45 12.11 -52.19
C ALA I 37 24.00 12.48 -51.93
N ASP I 38 23.16 11.49 -51.51
CA ASP I 38 21.75 11.68 -51.23
C ASP I 38 21.41 11.95 -49.76
N TRP I 39 22.11 11.23 -48.86
CA TRP I 39 21.87 11.32 -47.41
C TRP I 39 22.60 12.47 -46.74
N ARG I 40 23.63 13.00 -47.42
CA ARG I 40 24.44 14.16 -47.04
C ARG I 40 25.05 13.98 -45.64
N VAL I 41 25.67 12.79 -45.44
CA VAL I 41 26.37 12.34 -44.22
C VAL I 41 27.73 11.68 -44.55
N GLN I 42 28.70 11.75 -43.62
CA GLN I 42 30.01 11.10 -43.79
C GLN I 42 29.90 9.63 -43.39
N VAL I 43 30.39 8.74 -44.24
CA VAL I 43 30.34 7.29 -44.07
C VAL I 43 31.76 6.66 -44.18
N ALA I 44 31.94 5.47 -43.61
CA ALA I 44 33.18 4.67 -43.71
C ALA I 44 32.86 3.53 -44.64
N VAL I 45 33.87 3.07 -45.36
CA VAL I 45 33.68 2.02 -46.36
C VAL I 45 34.86 1.02 -46.38
N LYS I 46 34.54 -0.27 -46.17
CA LYS I 46 35.58 -1.32 -46.17
C LYS I 46 35.56 -2.06 -47.51
N HIS I 47 36.73 -2.21 -48.16
CA HIS I 47 36.84 -2.83 -49.50
C HIS I 47 38.15 -3.53 -49.77
N SER I 57 35.36 -14.66 -57.12
CA SER I 57 36.44 -14.44 -56.16
C SER I 57 35.97 -14.63 -54.67
N GLU I 58 36.81 -14.15 -53.69
CA GLU I 58 36.54 -14.15 -52.24
C GLU I 58 35.75 -12.86 -51.88
N ARG I 59 34.79 -12.51 -52.77
CA ARG I 59 33.83 -11.42 -52.62
C ARG I 59 32.85 -11.94 -51.58
N LYS I 60 32.64 -13.29 -51.59
CA LYS I 60 31.80 -14.06 -50.68
C LYS I 60 32.15 -13.75 -49.24
N ASP I 61 33.42 -13.37 -48.96
CA ASP I 61 33.90 -13.00 -47.63
C ASP I 61 33.29 -11.70 -47.13
N VAL I 62 33.21 -10.66 -48.04
CA VAL I 62 32.66 -9.31 -47.80
C VAL I 62 31.15 -9.42 -47.61
N LEU I 63 30.47 -10.12 -48.53
CA LEU I 63 29.03 -10.39 -48.48
C LEU I 63 28.59 -11.15 -47.22
N ARG I 64 29.50 -11.97 -46.65
CA ARG I 64 29.25 -12.69 -45.41
C ARG I 64 29.32 -11.70 -44.24
N GLU I 65 30.40 -10.88 -44.17
CA GLU I 65 30.64 -9.86 -43.14
C GLU I 65 29.49 -8.84 -43.11
N ALA I 66 28.99 -8.45 -44.30
CA ALA I 66 27.87 -7.53 -44.47
C ALA I 66 26.60 -8.11 -43.89
N GLU I 67 26.37 -9.42 -44.14
CA GLU I 67 25.21 -10.15 -43.61
C GLU I 67 25.26 -10.22 -42.06
N ILE I 68 26.47 -10.43 -41.50
CA ILE I 68 26.69 -10.50 -40.05
C ILE I 68 26.29 -9.18 -39.38
N LEU I 69 26.87 -8.02 -39.79
CA LEU I 69 26.59 -6.70 -39.19
C LEU I 69 25.13 -6.24 -39.30
N HIS I 70 24.40 -6.77 -40.35
CA HIS I 70 22.98 -6.50 -40.59
C HIS I 70 22.13 -7.31 -39.61
N LYS I 71 22.53 -8.55 -39.36
CA LYS I 71 21.85 -9.47 -38.45
C LYS I 71 22.19 -9.17 -36.94
N ALA I 72 23.47 -8.88 -36.67
CA ALA I 72 23.98 -8.63 -35.32
C ALA I 72 23.85 -7.19 -34.85
N ARG I 73 22.92 -6.44 -35.42
CA ARG I 73 22.67 -5.03 -35.06
C ARG I 73 22.32 -4.85 -33.59
N PHE I 74 23.10 -4.03 -32.90
CA PHE I 74 22.92 -3.69 -31.48
C PHE I 74 23.63 -2.38 -31.19
N SER I 75 23.24 -1.72 -30.10
CA SER I 75 23.74 -0.43 -29.64
C SER I 75 25.28 -0.30 -29.59
N TYR I 76 26.00 -1.45 -29.50
CA TYR I 76 27.47 -1.48 -29.39
C TYR I 76 28.16 -2.26 -30.52
N ILE I 77 27.40 -2.49 -31.60
CA ILE I 77 27.82 -3.14 -32.85
C ILE I 77 27.74 -2.07 -33.97
N LEU I 78 28.85 -1.91 -34.75
CA LEU I 78 28.97 -0.93 -35.82
C LEU I 78 27.76 -0.96 -36.76
N PRO I 79 27.06 0.18 -36.91
CA PRO I 79 25.85 0.16 -37.74
C PRO I 79 26.16 0.16 -39.23
N ILE I 80 25.80 -0.93 -39.92
CA ILE I 80 26.01 -1.06 -41.36
C ILE I 80 24.93 -0.21 -42.05
N LEU I 81 25.31 0.63 -43.04
CA LEU I 81 24.35 1.49 -43.72
C LEU I 81 23.88 0.92 -45.05
N GLY I 82 24.72 0.10 -45.67
CA GLY I 82 24.42 -0.53 -46.95
C GLY I 82 25.61 -1.23 -47.58
N ILE I 83 25.39 -1.76 -48.79
CA ILE I 83 26.39 -2.51 -49.56
C ILE I 83 26.57 -1.96 -50.98
N CYS I 84 27.84 -1.83 -51.40
CA CYS I 84 28.21 -1.43 -52.74
C CYS I 84 28.72 -2.70 -53.45
N ASN I 85 27.88 -3.29 -54.33
CA ASN I 85 28.23 -4.49 -55.07
C ASN I 85 28.03 -4.23 -56.54
N GLU I 86 29.14 -3.82 -57.16
CA GLU I 86 29.23 -3.53 -58.59
C GLU I 86 30.34 -4.38 -59.18
N PRO I 87 30.36 -4.65 -60.52
CA PRO I 87 31.45 -5.46 -61.09
C PRO I 87 32.83 -4.81 -60.88
N GLU I 88 32.86 -3.45 -60.89
CA GLU I 88 34.05 -2.63 -60.70
C GLU I 88 34.43 -2.50 -59.21
N PHE I 89 33.43 -2.26 -58.33
CA PHE I 89 33.64 -2.03 -56.90
C PHE I 89 32.76 -2.84 -55.95
N LEU I 90 33.39 -3.34 -54.87
CA LEU I 90 32.70 -4.03 -53.79
C LEU I 90 33.22 -3.55 -52.45
N GLY I 91 32.32 -3.04 -51.62
CA GLY I 91 32.65 -2.52 -50.31
C GLY I 91 31.45 -2.34 -49.38
N ILE I 92 31.66 -2.58 -48.08
CA ILE I 92 30.70 -2.44 -46.99
C ILE I 92 30.68 -0.98 -46.57
N VAL I 93 29.49 -0.38 -46.58
CA VAL I 93 29.30 1.02 -46.19
C VAL I 93 28.63 1.02 -44.82
N THR I 94 29.29 1.65 -43.84
CA THR I 94 28.80 1.72 -42.46
C THR I 94 28.88 3.16 -41.96
N GLU I 95 28.55 3.36 -40.67
CA GLU I 95 28.65 4.66 -40.02
C GLU I 95 30.13 5.01 -39.84
N TYR I 96 30.44 6.34 -39.91
CA TYR I 96 31.79 6.83 -39.72
C TYR I 96 32.06 7.09 -38.22
N MET I 97 33.18 6.53 -37.71
CA MET I 97 33.60 6.68 -36.32
C MET I 97 34.65 7.78 -36.21
N PRO I 98 34.24 8.99 -35.74
CA PRO I 98 35.18 10.14 -35.74
C PRO I 98 36.48 9.93 -34.95
N ASN I 99 36.38 9.34 -33.75
CA ASN I 99 37.53 9.13 -32.85
C ASN I 99 38.19 7.74 -32.97
N GLY I 100 38.20 7.22 -34.21
CA GLY I 100 38.83 5.96 -34.61
C GLY I 100 38.60 4.72 -33.75
N SER I 101 39.71 4.08 -33.34
CA SER I 101 39.73 2.87 -32.52
C SER I 101 40.27 3.10 -31.10
N LEU I 102 40.06 2.11 -30.22
CA LEU I 102 40.50 2.09 -28.83
C LEU I 102 42.03 2.05 -28.78
N ASN I 103 42.66 1.32 -29.74
CA ASN I 103 44.11 1.20 -29.89
C ASN I 103 44.76 2.60 -29.99
N GLU I 104 44.14 3.49 -30.78
CA GLU I 104 44.57 4.87 -30.97
C GLU I 104 44.40 5.69 -29.67
N LEU I 105 43.27 5.53 -28.95
CA LEU I 105 43.01 6.25 -27.70
C LEU I 105 44.01 5.85 -26.61
N LEU I 106 44.30 4.54 -26.53
CA LEU I 106 45.20 3.92 -25.54
C LEU I 106 46.67 4.13 -25.77
N HIS I 107 47.12 4.14 -27.04
CA HIS I 107 48.55 4.22 -27.31
C HIS I 107 49.01 5.59 -27.85
N ARG I 108 48.08 6.52 -28.22
CA ARG I 108 48.47 7.87 -28.65
C ARG I 108 48.52 8.73 -27.38
N LYS I 109 49.58 8.51 -26.58
CA LYS I 109 49.83 9.15 -25.29
C LYS I 109 50.22 10.66 -25.40
N THR I 110 50.57 11.12 -26.61
CA THR I 110 50.88 12.52 -26.88
C THR I 110 49.58 13.27 -27.15
N GLU I 111 48.72 12.69 -28.05
CA GLU I 111 47.41 13.22 -28.46
C GLU I 111 46.41 13.15 -27.31
N TYR I 112 46.41 12.01 -26.60
CA TYR I 112 45.55 11.74 -25.45
C TYR I 112 46.41 11.44 -24.20
N PRO I 113 46.98 12.48 -23.55
CA PRO I 113 47.81 12.22 -22.36
C PRO I 113 47.01 11.71 -21.15
N ASP I 114 45.79 12.24 -20.94
CA ASP I 114 44.95 11.84 -19.81
C ASP I 114 43.66 11.18 -20.27
N VAL I 115 43.46 9.89 -19.90
CA VAL I 115 42.26 9.11 -20.19
C VAL I 115 41.73 8.60 -18.83
N ALA I 116 40.62 9.20 -18.37
CA ALA I 116 39.98 8.93 -17.08
C ALA I 116 39.41 7.54 -16.91
N TRP I 117 39.44 7.05 -15.65
CA TRP I 117 38.89 5.75 -15.27
C TRP I 117 37.41 5.61 -15.61
N PRO I 118 36.51 6.62 -15.34
CA PRO I 118 35.10 6.48 -15.75
C PRO I 118 34.96 6.09 -17.22
N LEU I 119 35.68 6.80 -18.12
CA LEU I 119 35.64 6.52 -19.55
C LEU I 119 36.18 5.12 -19.85
N ARG I 120 37.34 4.76 -19.26
CA ARG I 120 37.95 3.44 -19.43
C ARG I 120 36.96 2.32 -19.04
N PHE I 121 36.29 2.49 -17.88
CA PHE I 121 35.34 1.51 -17.35
C PHE I 121 34.05 1.43 -18.13
N ARG I 122 33.57 2.57 -18.71
CA ARG I 122 32.34 2.51 -19.52
C ARG I 122 32.65 1.93 -20.90
N ILE I 123 33.90 2.03 -21.40
CA ILE I 123 34.35 1.38 -22.64
C ILE I 123 34.33 -0.15 -22.40
N LEU I 124 34.98 -0.63 -21.31
CA LEU I 124 35.05 -2.05 -20.96
C LEU I 124 33.66 -2.67 -20.79
N HIS I 125 32.76 -1.93 -20.10
CA HIS I 125 31.37 -2.32 -19.88
C HIS I 125 30.65 -2.51 -21.23
N GLU I 126 30.77 -1.50 -22.13
CA GLU I 126 30.15 -1.51 -23.45
C GLU I 126 30.63 -2.65 -24.35
N ILE I 127 31.96 -2.96 -24.36
CA ILE I 127 32.53 -4.10 -25.12
C ILE I 127 31.84 -5.40 -24.64
N ALA I 128 31.80 -5.62 -23.30
CA ALA I 128 31.16 -6.78 -22.70
C ALA I 128 29.68 -6.86 -23.08
N LEU I 129 28.97 -5.70 -23.04
CA LEU I 129 27.54 -5.60 -23.41
C LEU I 129 27.27 -6.04 -24.87
N GLY I 130 28.17 -5.64 -25.78
CA GLY I 130 28.09 -5.99 -27.18
C GLY I 130 28.36 -7.45 -27.43
N VAL I 131 29.48 -7.96 -26.88
CA VAL I 131 29.89 -9.36 -27.02
C VAL I 131 28.86 -10.29 -26.36
N ASN I 132 28.26 -9.84 -25.24
CA ASN I 132 27.21 -10.58 -24.55
C ASN I 132 26.00 -10.74 -25.44
N TYR I 133 25.60 -9.65 -26.14
CA TYR I 133 24.45 -9.68 -27.04
C TYR I 133 24.66 -10.67 -28.16
N LEU I 134 25.89 -10.71 -28.73
CA LEU I 134 26.29 -11.60 -29.81
C LEU I 134 26.15 -13.03 -29.38
N HIS I 135 26.61 -13.33 -28.16
CA HIS I 135 26.59 -14.68 -27.55
C HIS I 135 25.19 -15.13 -27.20
N ASN I 136 24.29 -14.17 -26.97
CA ASN I 136 22.87 -14.39 -26.66
C ASN I 136 21.96 -14.44 -27.93
N MET I 137 22.57 -14.53 -29.12
CA MET I 137 21.81 -14.66 -30.37
C MET I 137 21.43 -16.12 -30.55
N THR I 138 20.48 -16.40 -31.45
CA THR I 138 20.03 -17.79 -31.73
C THR I 138 20.16 -18.05 -33.24
N PRO I 139 21.24 -18.73 -33.71
CA PRO I 139 22.33 -19.34 -32.93
C PRO I 139 23.30 -18.29 -32.39
N PRO I 140 24.11 -18.56 -31.34
CA PRO I 140 25.03 -17.52 -30.87
C PRO I 140 26.04 -17.11 -31.94
N LEU I 141 26.46 -15.83 -31.93
CA LEU I 141 27.49 -15.39 -32.85
C LEU I 141 28.77 -15.13 -32.07
N LEU I 142 29.87 -15.73 -32.52
CA LEU I 142 31.18 -15.61 -31.89
C LEU I 142 32.06 -14.77 -32.77
N HIS I 143 32.57 -13.65 -32.23
CA HIS I 143 33.43 -12.67 -32.91
C HIS I 143 34.78 -13.24 -33.44
N HIS I 144 35.57 -13.92 -32.55
CA HIS I 144 36.87 -14.56 -32.81
C HIS I 144 37.98 -13.66 -33.25
N ASP I 145 37.76 -12.36 -33.24
CA ASP I 145 38.76 -11.42 -33.74
C ASP I 145 38.96 -10.17 -32.89
N LEU I 146 38.26 -10.03 -31.74
CA LEU I 146 38.37 -8.88 -30.83
C LEU I 146 39.80 -8.40 -30.56
N LYS I 147 40.07 -7.13 -30.91
CA LYS I 147 41.34 -6.38 -30.78
C LYS I 147 40.95 -4.97 -30.35
N THR I 148 41.89 -4.15 -29.87
CA THR I 148 41.61 -2.75 -29.51
C THR I 148 41.35 -1.89 -30.78
N GLN I 149 41.79 -2.39 -31.94
CA GLN I 149 41.62 -1.75 -33.23
C GLN I 149 40.18 -1.96 -33.71
N ASN I 150 39.53 -3.08 -33.32
CA ASN I 150 38.17 -3.45 -33.71
C ASN I 150 37.10 -2.73 -32.90
N ILE I 151 37.51 -2.22 -31.72
CA ILE I 151 36.66 -1.49 -30.80
C ILE I 151 36.72 -0.05 -31.19
N LEU I 152 35.74 0.37 -31.98
CA LEU I 152 35.66 1.74 -32.48
C LEU I 152 34.90 2.66 -31.55
N LEU I 153 35.21 3.97 -31.66
CA LEU I 153 34.64 5.00 -30.80
C LEU I 153 33.98 6.10 -31.61
N ASP I 154 32.71 6.42 -31.27
CA ASP I 154 31.98 7.50 -31.93
C ASP I 154 32.39 8.89 -31.40
N ASN I 155 31.77 9.99 -31.89
CA ASN I 155 32.09 11.35 -31.44
C ASN I 155 32.00 11.57 -29.91
N GLU I 156 31.26 10.71 -29.21
CA GLU I 156 31.14 10.78 -27.75
C GLU I 156 31.83 9.56 -27.04
N PHE I 157 32.70 8.83 -27.80
CA PHE I 157 33.58 7.67 -27.46
C PHE I 157 32.87 6.40 -27.00
N HIS I 158 31.69 6.14 -27.56
CA HIS I 158 30.91 4.95 -27.24
C HIS I 158 31.35 3.84 -28.18
N VAL I 159 31.47 2.64 -27.62
CA VAL I 159 31.95 1.44 -28.29
C VAL I 159 31.05 0.99 -29.44
N LYS I 160 31.71 0.63 -30.54
CA LYS I 160 31.14 0.06 -31.75
C LYS I 160 32.12 -1.03 -32.17
N ILE I 161 31.71 -2.28 -32.01
CA ILE I 161 32.51 -3.43 -32.35
C ILE I 161 32.43 -3.66 -33.87
N ALA I 162 33.62 -3.81 -34.51
CA ALA I 162 33.75 -4.02 -35.95
C ALA I 162 34.52 -5.31 -36.24
N ASP I 163 34.87 -5.56 -37.52
CA ASP I 163 35.61 -6.73 -38.03
C ASP I 163 34.93 -8.06 -37.69
N PHE I 164 33.93 -8.41 -38.50
CA PHE I 164 33.15 -9.64 -38.39
C PHE I 164 33.56 -10.60 -39.53
N GLY I 165 34.78 -10.42 -40.03
CA GLY I 165 35.39 -11.22 -41.08
C GLY I 165 35.70 -12.64 -40.67
N LEU I 166 36.10 -12.84 -39.40
CA LEU I 166 36.44 -14.13 -38.82
C LEU I 166 35.36 -14.71 -37.95
N SER I 167 34.33 -13.90 -37.61
CA SER I 167 33.21 -14.31 -36.77
C SER I 167 32.42 -15.52 -37.31
N LYS I 168 31.96 -16.41 -36.39
CA LYS I 168 31.23 -17.64 -36.72
C LYS I 168 29.99 -17.86 -35.88
N TRP I 169 28.95 -18.49 -36.48
CA TRP I 169 27.67 -18.83 -35.85
C TRP I 169 27.78 -20.20 -35.18
N ARG I 170 27.63 -20.29 -33.84
CA ARG I 170 27.70 -21.58 -33.13
C ARG I 170 26.41 -22.42 -33.37
N MET I 171 26.46 -23.38 -34.31
CA MET I 171 25.31 -24.23 -34.66
C MET I 171 25.54 -25.74 -34.40
N GLY I 187 46.41 -11.04 -39.43
CA GLY I 187 46.32 -10.26 -38.19
C GLY I 187 47.29 -10.68 -37.09
N THR I 188 46.92 -10.37 -35.80
CA THR I 188 47.73 -10.68 -34.61
C THR I 188 47.00 -11.69 -33.67
N ILE I 189 47.85 -12.52 -33.00
CA ILE I 189 47.52 -13.62 -32.08
C ILE I 189 47.68 -13.24 -30.58
N ILE I 190 48.03 -11.96 -30.26
CA ILE I 190 48.18 -11.55 -28.85
C ILE I 190 46.81 -11.60 -28.08
N TYR I 191 45.69 -11.67 -28.82
CA TYR I 191 44.34 -11.76 -28.25
C TYR I 191 43.76 -13.16 -28.45
N MET I 192 44.52 -14.06 -29.06
CA MET I 192 44.09 -15.42 -29.40
C MET I 192 44.41 -16.42 -28.29
N PRO I 193 43.40 -17.25 -27.88
CA PRO I 193 43.68 -18.27 -26.85
C PRO I 193 44.63 -19.36 -27.37
N PRO I 194 45.46 -19.95 -26.49
CA PRO I 194 46.47 -20.93 -26.95
C PRO I 194 45.94 -22.20 -27.65
N GLU I 195 44.68 -22.60 -27.40
CA GLU I 195 44.07 -23.79 -28.01
C GLU I 195 43.71 -23.58 -29.48
N ASN I 196 43.61 -22.31 -29.88
CA ASN I 196 43.26 -21.91 -31.22
C ASN I 196 44.41 -22.01 -32.21
N TYR I 197 45.67 -22.09 -31.70
CA TYR I 197 46.88 -22.16 -32.51
C TYR I 197 46.86 -23.33 -33.49
N GLU I 198 46.90 -24.55 -32.98
CA GLU I 198 46.84 -25.75 -33.80
C GLU I 198 45.42 -25.98 -34.36
N PRO I 199 45.26 -26.83 -35.41
CA PRO I 199 43.91 -27.09 -35.94
C PRO I 199 43.19 -28.20 -35.17
N ILE I 207 34.46 -21.38 -28.45
CA ILE I 207 33.42 -20.60 -27.76
C ILE I 207 34.04 -19.61 -26.74
N LYS I 208 34.96 -20.12 -25.88
CA LYS I 208 35.65 -19.33 -24.84
C LYS I 208 36.81 -18.45 -25.40
N HIS I 209 36.80 -18.19 -26.71
CA HIS I 209 37.81 -17.42 -27.43
C HIS I 209 37.67 -15.93 -27.08
N ASP I 210 36.46 -15.38 -27.23
CA ASP I 210 36.14 -13.96 -27.03
C ASP I 210 36.40 -13.46 -25.61
N ILE I 211 36.22 -14.34 -24.60
CA ILE I 211 36.50 -13.97 -23.21
C ILE I 211 38.03 -13.78 -23.03
N TYR I 212 38.85 -14.65 -23.69
CA TYR I 212 40.31 -14.58 -23.70
C TYR I 212 40.75 -13.25 -24.27
N SER I 213 40.26 -12.90 -25.48
CA SER I 213 40.57 -11.64 -26.15
C SER I 213 40.18 -10.46 -25.24
N TYR I 214 38.96 -10.53 -24.63
CA TYR I 214 38.43 -9.50 -23.76
C TYR I 214 39.33 -9.21 -22.59
N ALA I 215 39.88 -10.27 -21.94
CA ALA I 215 40.79 -10.17 -20.80
C ALA I 215 42.12 -9.44 -21.19
N VAL I 216 42.67 -9.74 -22.38
CA VAL I 216 43.88 -9.09 -22.88
C VAL I 216 43.57 -7.59 -23.13
N ILE I 217 42.36 -7.30 -23.67
CA ILE I 217 41.88 -5.94 -23.93
C ILE I 217 41.71 -5.19 -22.60
N THR I 218 41.16 -5.89 -21.57
CA THR I 218 40.95 -5.32 -20.24
C THR I 218 42.30 -4.98 -19.61
N TRP I 219 43.30 -5.86 -19.78
CA TRP I 219 44.67 -5.65 -19.31
C TRP I 219 45.21 -4.38 -19.98
N GLU I 220 45.21 -4.37 -21.32
CA GLU I 220 45.65 -3.28 -22.20
C GLU I 220 45.00 -1.93 -21.89
N VAL I 221 43.67 -1.91 -21.58
CA VAL I 221 42.93 -0.68 -21.27
C VAL I 221 43.45 -0.07 -19.96
N LEU I 222 43.56 -0.93 -18.92
CA LEU I 222 44.02 -0.55 -17.57
C LEU I 222 45.50 -0.20 -17.50
N SER I 223 46.35 -0.98 -18.20
CA SER I 223 47.79 -0.77 -18.23
C SER I 223 48.24 0.36 -19.15
N ARG I 224 47.51 0.64 -20.26
CA ARG I 224 47.89 1.62 -21.28
C ARG I 224 49.22 1.16 -21.95
N LYS I 225 49.51 -0.15 -21.91
CA LYS I 225 50.74 -0.78 -22.43
C LYS I 225 50.45 -1.89 -23.45
N GLN I 226 51.38 -2.11 -24.40
CA GLN I 226 51.23 -3.13 -25.44
C GLN I 226 51.59 -4.50 -24.89
N PRO I 227 50.64 -5.49 -24.94
CA PRO I 227 50.94 -6.83 -24.41
C PRO I 227 52.11 -7.49 -25.13
N PHE I 228 53.08 -8.03 -24.33
CA PHE I 228 54.31 -8.69 -24.78
C PHE I 228 55.20 -7.74 -25.60
N GLU I 229 55.27 -6.45 -25.21
CA GLU I 229 56.01 -5.40 -25.92
C GLU I 229 57.52 -5.68 -26.16
N ASP I 230 58.27 -6.13 -25.13
CA ASP I 230 59.72 -6.37 -25.19
C ASP I 230 60.13 -7.78 -25.74
N VAL I 231 59.17 -8.59 -26.27
CA VAL I 231 59.49 -9.90 -26.87
C VAL I 231 59.27 -9.81 -28.40
N THR I 232 60.40 -9.74 -29.14
CA THR I 232 60.58 -9.55 -30.58
C THR I 232 59.79 -10.53 -31.44
N ASN I 233 60.02 -11.83 -31.26
CA ASN I 233 59.36 -12.90 -32.01
C ASN I 233 57.91 -13.11 -31.56
N PRO I 234 56.94 -13.05 -32.51
CA PRO I 234 55.53 -13.31 -32.16
C PRO I 234 55.31 -14.79 -31.79
N LEU I 235 56.12 -15.68 -32.41
CA LEU I 235 56.15 -17.13 -32.21
C LEU I 235 56.66 -17.47 -30.79
N GLN I 236 57.51 -16.61 -30.18
CA GLN I 236 57.96 -16.91 -28.82
C GLN I 236 56.83 -16.62 -27.88
N ILE I 237 56.02 -15.61 -28.20
CA ILE I 237 54.81 -15.24 -27.46
C ILE I 237 53.83 -16.44 -27.51
N MET I 238 53.74 -17.13 -28.67
CA MET I 238 52.90 -18.30 -28.95
C MET I 238 53.36 -19.57 -28.25
N TYR I 239 54.63 -19.60 -27.85
CA TYR I 239 55.26 -20.67 -27.12
C TYR I 239 55.05 -20.40 -25.63
N SER I 240 55.31 -19.13 -25.19
CA SER I 240 55.13 -18.65 -23.84
C SER I 240 53.68 -18.73 -23.37
N VAL I 241 52.72 -18.24 -24.19
CA VAL I 241 51.29 -18.32 -23.85
C VAL I 241 50.78 -19.79 -23.80
N SER I 242 51.26 -20.66 -24.75
CA SER I 242 50.91 -22.09 -24.79
C SER I 242 51.47 -22.87 -23.56
N GLN I 243 52.47 -22.29 -22.85
CA GLN I 243 53.00 -22.89 -21.62
C GLN I 243 52.56 -22.03 -20.38
N GLY I 244 51.53 -21.21 -20.58
CA GLY I 244 50.86 -20.46 -19.54
C GLY I 244 51.29 -19.03 -19.24
N HIS I 245 52.14 -18.43 -20.07
CA HIS I 245 52.57 -17.06 -19.81
C HIS I 245 51.57 -16.05 -20.33
N ARG I 246 51.39 -14.94 -19.60
CA ARG I 246 50.42 -13.89 -19.94
C ARG I 246 51.01 -12.50 -19.65
N PRO I 247 50.45 -11.38 -20.18
CA PRO I 247 50.98 -10.05 -19.83
C PRO I 247 51.11 -9.88 -18.32
N VAL I 248 52.25 -9.33 -17.89
CA VAL I 248 52.62 -9.15 -16.48
C VAL I 248 51.66 -8.24 -15.69
N ILE I 249 51.35 -8.69 -14.45
CA ILE I 249 50.50 -7.98 -13.49
C ILE I 249 51.39 -7.66 -12.29
N ASN I 250 51.70 -6.37 -12.10
CA ASN I 250 52.55 -5.81 -11.04
C ASN I 250 52.29 -4.30 -10.93
N GLU I 251 52.98 -3.61 -10.00
CA GLU I 251 52.86 -2.16 -9.78
C GLU I 251 53.31 -1.33 -10.98
N GLU I 252 54.29 -1.84 -11.77
CA GLU I 252 54.80 -1.14 -12.96
C GLU I 252 53.79 -1.20 -14.10
N SER I 253 53.20 -2.40 -14.36
CA SER I 253 52.21 -2.62 -15.40
C SER I 253 50.84 -2.03 -15.00
N LEU I 254 50.25 -2.53 -13.91
CA LEU I 254 48.96 -2.05 -13.43
C LEU I 254 49.13 -1.41 -12.04
N PRO I 255 49.20 -0.05 -11.91
CA PRO I 255 49.41 0.55 -10.57
C PRO I 255 48.31 0.29 -9.54
N TYR I 256 48.58 0.61 -8.27
CA TYR I 256 47.62 0.38 -7.19
C TYR I 256 46.53 1.43 -7.15
N ASP I 257 46.74 2.59 -7.83
CA ASP I 257 45.78 3.69 -7.90
C ASP I 257 44.49 3.31 -8.68
N ILE I 258 44.54 2.20 -9.46
CA ILE I 258 43.44 1.67 -10.27
C ILE I 258 42.21 1.34 -9.42
N PRO I 259 41.06 1.97 -9.73
CA PRO I 259 39.83 1.68 -8.97
C PRO I 259 39.37 0.23 -9.19
N HIS I 260 39.05 -0.46 -8.09
CA HIS I 260 38.62 -1.86 -8.08
C HIS I 260 39.66 -2.80 -8.72
N ARG I 261 40.96 -2.48 -8.50
CA ARG I 261 42.13 -3.23 -9.00
C ARG I 261 42.00 -4.75 -8.79
N ALA I 262 41.59 -5.16 -7.58
CA ALA I 262 41.39 -6.55 -7.18
C ALA I 262 40.34 -7.29 -8.01
N ARG I 263 39.12 -6.72 -8.15
CA ARG I 263 38.04 -7.35 -8.93
C ARG I 263 38.38 -7.36 -10.42
N MET I 264 39.19 -6.36 -10.88
CA MET I 264 39.68 -6.29 -12.27
C MET I 264 40.71 -7.39 -12.53
N ILE I 265 41.74 -7.53 -11.66
CA ILE I 265 42.77 -8.58 -11.78
C ILE I 265 42.12 -9.97 -11.70
N SER I 266 41.11 -10.13 -10.83
CA SER I 266 40.37 -11.39 -10.70
C SER I 266 39.68 -11.73 -12.03
N LEU I 267 39.07 -10.69 -12.67
CA LEU I 267 38.37 -10.79 -13.95
C LEU I 267 39.33 -11.13 -15.08
N ILE I 268 40.47 -10.40 -15.18
CA ILE I 268 41.49 -10.63 -16.22
C ILE I 268 42.10 -12.08 -16.12
N GLU I 269 42.56 -12.43 -14.90
CA GLU I 269 43.16 -13.73 -14.65
C GLU I 269 42.22 -14.87 -14.99
N SER I 270 40.94 -14.75 -14.59
CA SER I 270 39.90 -15.75 -14.91
C SER I 270 39.58 -15.77 -16.41
N GLY I 271 39.60 -14.58 -17.06
CA GLY I 271 39.33 -14.43 -18.48
C GLY I 271 40.29 -15.17 -19.40
N TRP I 272 41.59 -14.98 -19.17
CA TRP I 272 42.59 -15.61 -20.02
C TRP I 272 43.07 -16.98 -19.48
N ALA I 273 42.28 -17.60 -18.58
CA ALA I 273 42.57 -18.90 -17.94
C ALA I 273 43.02 -19.98 -18.94
N GLN I 274 44.24 -20.54 -18.78
CA GLN I 274 44.74 -21.58 -19.70
C GLN I 274 43.66 -22.61 -20.02
N ASN I 275 42.87 -22.98 -19.00
CA ASN I 275 41.74 -23.89 -19.09
C ASN I 275 40.55 -23.10 -19.61
N PRO I 276 40.01 -23.47 -20.79
CA PRO I 276 38.85 -22.75 -21.34
C PRO I 276 37.62 -22.83 -20.44
N ASP I 277 37.41 -24.00 -19.79
CA ASP I 277 36.31 -24.27 -18.86
C ASP I 277 36.36 -23.38 -17.61
N GLU I 278 37.54 -22.83 -17.29
CA GLU I 278 37.77 -21.95 -16.14
C GLU I 278 37.44 -20.49 -16.42
N ARG I 279 37.30 -20.11 -17.71
CA ARG I 279 37.02 -18.74 -18.17
C ARG I 279 35.54 -18.35 -17.98
N PRO I 280 35.24 -17.11 -17.53
CA PRO I 280 33.83 -16.75 -17.33
C PRO I 280 33.02 -16.44 -18.58
N SER I 281 31.70 -16.28 -18.40
CA SER I 281 30.81 -15.89 -19.49
C SER I 281 30.84 -14.37 -19.49
N PHE I 282 30.30 -13.74 -20.56
CA PHE I 282 30.23 -12.27 -20.59
C PHE I 282 29.18 -11.76 -19.61
N LEU I 283 28.19 -12.63 -19.27
CA LEU I 283 27.16 -12.33 -18.27
C LEU I 283 27.83 -12.11 -16.92
N LYS I 284 28.82 -12.96 -16.56
CA LYS I 284 29.58 -12.84 -15.31
C LYS I 284 30.45 -11.59 -15.30
N CYS I 285 30.96 -11.19 -16.47
CA CYS I 285 31.73 -9.96 -16.61
C CYS I 285 30.83 -8.80 -16.30
N LEU I 286 29.62 -8.81 -16.91
CA LEU I 286 28.58 -7.79 -16.71
C LEU I 286 28.19 -7.68 -15.24
N ILE I 287 27.95 -8.82 -14.61
CA ILE I 287 27.59 -8.96 -13.21
C ILE I 287 28.67 -8.33 -12.31
N GLU I 288 29.95 -8.54 -12.63
CA GLU I 288 31.07 -7.99 -11.87
C GLU I 288 31.31 -6.54 -12.18
N LEU I 289 31.07 -6.12 -13.44
CA LEU I 289 31.28 -4.75 -13.91
C LEU I 289 30.21 -3.75 -13.47
N GLU I 290 28.91 -4.16 -13.51
CA GLU I 290 27.75 -3.33 -13.12
C GLU I 290 27.98 -2.50 -11.84
N PRO I 291 28.42 -3.11 -10.70
CA PRO I 291 28.64 -2.31 -9.48
C PRO I 291 29.80 -1.30 -9.55
N VAL I 292 30.88 -1.63 -10.29
CA VAL I 292 32.05 -0.78 -10.49
C VAL I 292 31.61 0.54 -11.13
N LEU I 293 30.79 0.43 -12.20
CA LEU I 293 30.28 1.55 -12.97
C LEU I 293 29.25 2.39 -12.21
N ARG I 294 28.57 1.78 -11.23
CA ARG I 294 27.56 2.49 -10.43
C ARG I 294 28.18 3.55 -9.56
N THR I 295 29.47 3.36 -9.18
CA THR I 295 30.26 4.27 -8.33
C THR I 295 30.40 5.67 -8.95
N PHE I 296 30.69 5.72 -10.28
CA PHE I 296 30.90 6.95 -11.04
C PHE I 296 29.61 7.71 -11.31
N GLU I 297 29.65 9.06 -11.18
CA GLU I 297 28.51 9.93 -11.45
C GLU I 297 28.50 10.27 -12.93
N GLU I 298 27.31 10.25 -13.55
CA GLU I 298 27.05 10.47 -14.98
C GLU I 298 27.86 11.64 -15.63
N ILE I 299 28.17 12.70 -14.85
CA ILE I 299 28.93 13.86 -15.33
C ILE I 299 30.41 13.55 -15.55
N THR I 300 31.03 12.69 -14.70
CA THR I 300 32.45 12.32 -14.75
C THR I 300 32.86 11.74 -16.11
N PHE I 301 31.91 11.10 -16.82
CA PHE I 301 32.12 10.55 -18.15
C PHE I 301 32.16 11.68 -19.16
N LEU I 302 31.19 12.63 -19.05
CA LEU I 302 31.10 13.78 -19.94
C LEU I 302 32.29 14.72 -19.75
N GLU I 303 32.81 14.76 -18.52
CA GLU I 303 33.99 15.55 -18.15
C GLU I 303 35.22 14.86 -18.75
N ALA I 304 35.26 13.50 -18.67
CA ALA I 304 36.34 12.66 -19.20
C ALA I 304 36.50 12.82 -20.72
N VAL I 305 35.37 12.82 -21.47
CA VAL I 305 35.39 12.98 -22.92
C VAL I 305 35.84 14.41 -23.29
N ILE I 306 35.41 15.44 -22.52
CA ILE I 306 35.82 16.83 -22.79
C ILE I 306 37.32 17.02 -22.50
N GLN I 307 37.87 16.33 -21.47
CA GLN I 307 39.30 16.45 -21.14
C GLN I 307 40.23 15.75 -22.20
N LEU I 308 39.62 15.18 -23.27
CA LEU I 308 40.33 14.62 -24.42
C LEU I 308 40.35 15.74 -25.46
N LYS I 309 39.31 16.60 -25.43
CA LYS I 309 39.08 17.77 -26.28
C LYS I 309 39.60 19.08 -25.64
N ALA J 4 21.11 -11.05 -52.30
CA ALA J 4 20.12 -10.35 -51.46
C ALA J 4 20.37 -10.50 -49.94
N ILE J 5 20.75 -9.38 -49.28
CA ILE J 5 21.00 -9.38 -47.83
C ILE J 5 19.74 -9.03 -47.05
N CYS J 6 19.16 -10.02 -46.33
CA CYS J 6 17.97 -9.89 -45.48
C CYS J 6 18.33 -10.13 -44.04
N SER J 7 17.48 -9.59 -43.12
CA SER J 7 17.60 -9.71 -41.67
C SER J 7 16.21 -9.72 -41.08
N ALA J 8 15.94 -10.71 -40.23
CA ALA J 8 14.67 -10.86 -39.53
C ALA J 8 14.76 -10.20 -38.17
N LEU J 9 13.74 -9.40 -37.82
CA LEU J 9 13.67 -8.71 -36.53
C LEU J 9 13.50 -9.72 -35.37
N PRO J 10 14.38 -9.64 -34.32
CA PRO J 10 14.29 -10.60 -33.20
C PRO J 10 12.93 -10.66 -32.51
N THR J 11 12.60 -11.85 -32.00
CA THR J 11 11.36 -12.05 -31.26
C THR J 11 11.71 -12.16 -29.79
N ILE J 12 11.21 -11.23 -28.97
CA ILE J 12 11.50 -11.18 -27.55
C ILE J 12 10.35 -11.76 -26.72
N PRO J 13 10.61 -12.83 -25.95
CA PRO J 13 9.57 -13.39 -25.07
C PRO J 13 9.28 -12.44 -23.92
N TYR J 14 7.99 -12.27 -23.59
CA TYR J 14 7.53 -11.36 -22.51
C TYR J 14 8.28 -11.54 -21.20
N HIS J 15 8.62 -12.79 -20.86
CA HIS J 15 9.32 -13.14 -19.63
C HIS J 15 10.75 -12.57 -19.53
N LYS J 16 11.35 -12.18 -20.70
CA LYS J 16 12.68 -11.58 -20.79
C LYS J 16 12.60 -10.08 -20.46
N LEU J 17 11.37 -9.52 -20.53
CA LEU J 17 11.10 -8.13 -20.21
C LEU J 17 10.77 -8.00 -18.73
N ALA J 18 11.77 -7.54 -17.97
CA ALA J 18 11.68 -7.36 -16.53
C ALA J 18 11.53 -5.88 -16.16
N ASP J 19 11.04 -5.58 -14.92
CA ASP J 19 10.83 -4.22 -14.36
C ASP J 19 9.99 -3.31 -15.30
N LEU J 20 8.89 -3.84 -15.85
CA LEU J 20 8.02 -3.12 -16.78
C LEU J 20 7.20 -1.97 -16.12
N ARG J 21 7.83 -0.79 -16.01
CA ARG J 21 7.24 0.42 -15.44
C ARG J 21 6.70 1.33 -16.54
N TYR J 22 5.50 1.90 -16.34
CA TYR J 22 4.81 2.80 -17.28
C TYR J 22 5.57 4.12 -17.46
N LEU J 23 5.60 4.65 -18.71
CA LEU J 23 6.24 5.93 -19.03
C LEU J 23 5.23 7.00 -19.48
N SER J 24 4.42 6.65 -20.51
CA SER J 24 3.41 7.52 -21.11
C SER J 24 2.37 6.71 -21.92
N ARG J 25 1.23 7.32 -22.21
CA ARG J 25 0.15 6.73 -23.01
C ARG J 25 -0.23 7.77 -24.07
N GLY J 26 -0.32 7.33 -25.32
CA GLY J 26 -0.66 8.17 -26.45
C GLY J 26 -1.52 7.47 -27.49
N ALA J 27 -1.76 8.15 -28.64
CA ALA J 27 -2.56 7.62 -29.75
C ALA J 27 -1.92 6.37 -30.38
N SER J 28 -0.58 6.40 -30.52
CA SER J 28 0.26 5.33 -31.08
C SER J 28 0.30 4.09 -30.19
N GLY J 29 0.16 4.29 -28.86
CA GLY J 29 0.17 3.23 -27.85
C GLY J 29 0.65 3.67 -26.48
N THR J 30 1.05 2.70 -25.63
CA THR J 30 1.58 2.96 -24.28
C THR J 30 3.06 2.64 -24.24
N VAL J 31 3.89 3.63 -23.85
CA VAL J 31 5.34 3.44 -23.72
C VAL J 31 5.62 3.07 -22.27
N SER J 32 6.38 1.96 -22.07
CA SER J 32 6.82 1.47 -20.77
C SER J 32 8.34 1.19 -20.83
N SER J 33 9.03 1.33 -19.68
CA SER J 33 10.46 1.05 -19.56
C SER J 33 10.62 -0.32 -18.93
N ALA J 34 11.41 -1.16 -19.57
CA ALA J 34 11.71 -2.52 -19.10
C ALA J 34 13.24 -2.70 -19.04
N ARG J 35 13.68 -3.96 -18.85
CA ARG J 35 15.07 -4.37 -18.80
C ARG J 35 15.22 -5.81 -19.35
N HIS J 36 16.07 -5.96 -20.37
CA HIS J 36 16.24 -7.27 -20.97
C HIS J 36 17.04 -8.17 -20.09
N ALA J 37 16.40 -9.28 -19.65
CA ALA J 37 16.92 -10.31 -18.75
C ALA J 37 18.26 -10.91 -19.20
N ASP J 38 18.46 -11.04 -20.54
CA ASP J 38 19.68 -11.61 -21.13
C ASP J 38 20.72 -10.58 -21.54
N TRP J 39 20.27 -9.47 -22.15
CA TRP J 39 21.13 -8.40 -22.66
C TRP J 39 21.63 -7.44 -21.60
N ARG J 40 20.93 -7.41 -20.44
CA ARG J 40 21.22 -6.60 -19.25
C ARG J 40 21.37 -5.13 -19.57
N VAL J 41 20.37 -4.62 -20.31
CA VAL J 41 20.21 -3.23 -20.77
C VAL J 41 18.77 -2.76 -20.56
N GLN J 42 18.60 -1.44 -20.33
CA GLN J 42 17.27 -0.85 -20.18
C GLN J 42 16.69 -0.60 -21.58
N VAL J 43 15.45 -1.05 -21.82
CA VAL J 43 14.74 -0.93 -23.09
C VAL J 43 13.40 -0.19 -22.94
N ALA J 44 12.83 0.25 -24.07
CA ALA J 44 11.53 0.90 -24.18
C ALA J 44 10.58 -0.07 -24.90
N VAL J 45 9.33 -0.15 -24.41
CA VAL J 45 8.29 -1.04 -24.97
C VAL J 45 7.01 -0.27 -25.28
N LYS J 46 6.59 -0.27 -26.55
CA LYS J 46 5.33 0.37 -26.93
C LYS J 46 4.26 -0.71 -27.12
N HIS J 47 3.07 -0.55 -26.48
CA HIS J 47 2.01 -1.56 -26.52
C HIS J 47 0.59 -0.98 -26.35
N SER J 57 -5.86 -6.60 -36.71
CA SER J 57 -6.46 -5.29 -37.01
C SER J 57 -5.92 -4.22 -36.06
N GLU J 58 -5.96 -4.51 -34.74
CA GLU J 58 -5.41 -3.71 -33.66
C GLU J 58 -3.92 -4.08 -33.56
N ARG J 59 -3.63 -5.39 -33.71
CA ARG J 59 -2.31 -6.00 -33.74
C ARG J 59 -1.58 -5.54 -35.00
N LYS J 60 -2.33 -5.50 -36.12
CA LYS J 60 -1.88 -5.13 -37.45
C LYS J 60 -1.16 -3.77 -37.47
N ASP J 61 -1.63 -2.80 -36.69
CA ASP J 61 -1.08 -1.44 -36.59
C ASP J 61 0.35 -1.46 -36.01
N VAL J 62 0.57 -2.30 -34.96
CA VAL J 62 1.84 -2.48 -34.24
C VAL J 62 2.85 -3.21 -35.13
N LEU J 63 2.44 -4.34 -35.74
CA LEU J 63 3.26 -5.15 -36.65
C LEU J 63 3.70 -4.35 -37.87
N ARG J 64 2.89 -3.34 -38.27
CA ARG J 64 3.19 -2.46 -39.40
C ARG J 64 4.30 -1.49 -38.96
N GLU J 65 4.10 -0.82 -37.80
CA GLU J 65 5.05 0.14 -37.20
C GLU J 65 6.41 -0.52 -36.94
N ALA J 66 6.40 -1.78 -36.48
CA ALA J 66 7.60 -2.56 -36.23
C ALA J 66 8.36 -2.83 -37.52
N GLU J 67 7.63 -3.16 -38.60
CA GLU J 67 8.21 -3.38 -39.94
C GLU J 67 8.87 -2.08 -40.48
N ILE J 68 8.20 -0.92 -40.25
CA ILE J 68 8.67 0.41 -40.64
C ILE J 68 10.03 0.69 -39.99
N LEU J 69 10.12 0.59 -38.65
CA LEU J 69 11.35 0.88 -37.88
C LEU J 69 12.53 -0.05 -38.25
N HIS J 70 12.22 -1.26 -38.68
CA HIS J 70 13.24 -2.23 -39.08
C HIS J 70 13.76 -1.89 -40.46
N LYS J 71 12.86 -1.45 -41.35
CA LYS J 71 13.18 -1.07 -42.73
C LYS J 71 13.81 0.32 -42.83
N ALA J 72 13.29 1.30 -42.07
CA ALA J 72 13.73 2.69 -42.04
C ALA J 72 14.89 2.95 -41.07
N ARG J 73 15.63 1.91 -40.67
CA ARG J 73 16.71 2.15 -39.69
C ARG J 73 17.80 3.05 -40.25
N PHE J 74 18.13 4.13 -39.48
CA PHE J 74 19.14 5.14 -39.77
C PHE J 74 19.60 5.78 -38.46
N SER J 75 20.76 6.45 -38.49
CA SER J 75 21.40 7.15 -37.37
C SER J 75 20.49 8.08 -36.56
N TYR J 76 19.42 8.58 -37.18
CA TYR J 76 18.50 9.52 -36.54
C TYR J 76 17.05 8.99 -36.43
N ILE J 77 16.89 7.66 -36.60
CA ILE J 77 15.63 6.91 -36.47
C ILE J 77 15.80 5.96 -35.27
N LEU J 78 14.83 5.97 -34.35
CA LEU J 78 14.83 5.13 -33.17
C LEU J 78 15.13 3.63 -33.48
N PRO J 79 16.19 3.08 -32.87
CA PRO J 79 16.57 1.69 -33.19
C PRO J 79 15.67 0.68 -32.53
N ILE J 80 14.99 -0.11 -33.37
CA ILE J 80 14.10 -1.17 -32.89
C ILE J 80 14.97 -2.36 -32.50
N LEU J 81 14.74 -2.94 -31.32
CA LEU J 81 15.56 -4.06 -30.84
C LEU J 81 14.90 -5.42 -31.06
N GLY J 82 13.58 -5.44 -31.19
CA GLY J 82 12.81 -6.65 -31.44
C GLY J 82 11.31 -6.47 -31.27
N ILE J 83 10.58 -7.58 -31.41
CA ILE J 83 9.11 -7.63 -31.30
C ILE J 83 8.63 -8.72 -30.32
N CYS J 84 7.65 -8.33 -29.46
CA CYS J 84 7.02 -9.23 -28.52
C CYS J 84 5.64 -9.51 -29.07
N ASN J 85 5.44 -10.69 -29.67
CA ASN J 85 4.15 -11.09 -30.24
C ASN J 85 3.71 -12.42 -29.64
N GLU J 86 2.93 -12.31 -28.56
CA GLU J 86 2.39 -13.41 -27.78
C GLU J 86 0.87 -13.27 -27.70
N PRO J 87 0.11 -14.39 -27.42
CA PRO J 87 -1.36 -14.25 -27.29
C PRO J 87 -1.78 -13.33 -26.13
N GLU J 88 -0.94 -13.27 -25.08
CA GLU J 88 -1.15 -12.43 -23.91
C GLU J 88 -0.67 -10.99 -24.14
N PHE J 89 0.54 -10.83 -24.76
CA PHE J 89 1.16 -9.51 -24.97
C PHE J 89 1.70 -9.24 -26.39
N LEU J 90 1.52 -8.00 -26.83
CA LEU J 90 2.06 -7.49 -28.09
C LEU J 90 2.60 -6.07 -27.88
N GLY J 91 3.88 -5.91 -28.20
CA GLY J 91 4.59 -4.66 -28.04
C GLY J 91 5.93 -4.62 -28.76
N ILE J 92 6.27 -3.42 -29.24
CA ILE J 92 7.52 -3.08 -29.92
C ILE J 92 8.59 -2.77 -28.85
N VAL J 93 9.72 -3.45 -28.94
CA VAL J 93 10.86 -3.26 -28.03
C VAL J 93 11.94 -2.52 -28.79
N THR J 94 12.32 -1.35 -28.29
CA THR J 94 13.35 -0.49 -28.91
C THR J 94 14.39 -0.05 -27.86
N GLU J 95 15.30 0.85 -28.27
CA GLU J 95 16.31 1.41 -27.39
C GLU J 95 15.63 2.39 -26.43
N TYR J 96 16.16 2.52 -25.20
CA TYR J 96 15.64 3.47 -24.23
C TYR J 96 16.34 4.84 -24.37
N MET J 97 15.55 5.92 -24.45
CA MET J 97 16.07 7.29 -24.59
C MET J 97 16.03 7.97 -23.23
N PRO J 98 17.19 8.10 -22.56
CA PRO J 98 17.20 8.70 -21.22
C PRO J 98 16.61 10.10 -21.19
N ASN J 99 17.15 11.03 -22.01
CA ASN J 99 16.72 12.43 -21.98
C ASN J 99 15.38 12.71 -22.73
N GLY J 100 14.47 11.72 -22.71
CA GLY J 100 13.12 11.75 -23.28
C GLY J 100 12.97 12.37 -24.66
N SER J 101 12.14 13.45 -24.74
CA SER J 101 11.86 14.14 -26.00
C SER J 101 12.40 15.56 -26.08
N LEU J 102 12.21 16.17 -27.26
CA LEU J 102 12.59 17.55 -27.54
C LEU J 102 11.60 18.49 -26.83
N ASN J 103 10.31 18.08 -26.75
CA ASN J 103 9.25 18.84 -26.08
C ASN J 103 9.64 19.14 -24.63
N GLU J 104 10.20 18.13 -23.96
CA GLU J 104 10.68 18.21 -22.58
C GLU J 104 11.89 19.15 -22.46
N LEU J 105 12.85 19.06 -23.39
CA LEU J 105 14.04 19.91 -23.41
C LEU J 105 13.66 21.39 -23.62
N LEU J 106 12.71 21.64 -24.52
CA LEU J 106 12.26 22.96 -24.90
C LEU J 106 11.33 23.63 -23.94
N HIS J 107 10.47 22.88 -23.26
CA HIS J 107 9.48 23.54 -22.43
C HIS J 107 9.75 23.45 -20.92
N ARG J 108 10.69 22.62 -20.48
CA ARG J 108 11.07 22.59 -19.07
C ARG J 108 12.18 23.66 -18.84
N LYS J 109 11.76 24.94 -18.90
CA LYS J 109 12.63 26.11 -18.73
C LYS J 109 13.22 26.25 -17.30
N THR J 110 12.68 25.48 -16.34
CA THR J 110 13.18 25.44 -14.95
C THR J 110 14.32 24.43 -14.87
N GLU J 111 14.08 23.20 -15.41
CA GLU J 111 15.03 22.08 -15.46
C GLU J 111 16.21 22.38 -16.42
N TYR J 112 15.87 22.96 -17.59
CA TYR J 112 16.81 23.34 -18.64
C TYR J 112 16.69 24.86 -18.91
N PRO J 113 17.27 25.73 -18.04
CA PRO J 113 17.14 27.17 -18.26
C PRO J 113 17.85 27.68 -19.50
N ASP J 114 19.06 27.15 -19.80
CA ASP J 114 19.77 27.54 -20.99
C ASP J 114 20.13 26.40 -21.91
N VAL J 115 19.74 26.56 -23.19
CA VAL J 115 20.03 25.65 -24.32
C VAL J 115 20.83 26.48 -25.30
N ALA J 116 22.07 26.08 -25.53
CA ALA J 116 22.94 26.80 -26.46
C ALA J 116 22.46 26.65 -27.91
N TRP J 117 22.62 27.71 -28.72
CA TRP J 117 22.28 27.71 -30.13
C TRP J 117 22.93 26.54 -30.86
N PRO J 118 24.26 26.27 -30.71
CA PRO J 118 24.86 25.10 -31.38
C PRO J 118 24.09 23.77 -31.19
N LEU J 119 23.59 23.47 -29.96
CA LEU J 119 22.76 22.28 -29.70
C LEU J 119 21.37 22.38 -30.39
N ARG J 120 20.70 23.56 -30.28
CA ARG J 120 19.40 23.88 -30.89
C ARG J 120 19.45 23.77 -32.43
N PHE J 121 20.60 24.09 -33.04
CA PHE J 121 20.82 23.96 -34.48
C PHE J 121 21.29 22.53 -34.82
N ARG J 122 21.93 21.80 -33.85
CA ARG J 122 22.40 20.43 -34.08
C ARG J 122 21.19 19.52 -34.20
N ILE J 123 20.23 19.74 -33.31
CA ILE J 123 18.96 19.02 -33.24
C ILE J 123 18.19 19.22 -34.53
N LEU J 124 18.12 20.49 -34.96
CA LEU J 124 17.46 20.99 -36.15
C LEU J 124 17.98 20.22 -37.36
N HIS J 125 19.29 20.19 -37.48
CA HIS J 125 20.02 19.57 -38.56
C HIS J 125 19.75 18.07 -38.61
N GLU J 126 19.82 17.39 -37.44
CA GLU J 126 19.60 15.95 -37.29
C GLU J 126 18.17 15.53 -37.67
N ILE J 127 17.13 16.29 -37.25
CA ILE J 127 15.75 15.99 -37.62
C ILE J 127 15.64 15.96 -39.17
N ALA J 128 16.18 17.01 -39.84
CA ALA J 128 16.17 17.15 -41.30
C ALA J 128 16.96 16.02 -41.98
N LEU J 129 18.06 15.58 -41.34
CA LEU J 129 18.87 14.47 -41.83
C LEU J 129 18.10 13.15 -41.82
N GLY J 130 17.33 12.91 -40.74
CA GLY J 130 16.51 11.73 -40.56
C GLY J 130 15.35 11.66 -41.52
N VAL J 131 14.52 12.70 -41.58
CA VAL J 131 13.35 12.71 -42.45
C VAL J 131 13.77 12.87 -43.95
N ASN J 132 14.98 13.42 -44.21
CA ASN J 132 15.53 13.43 -45.57
C ASN J 132 15.83 11.98 -45.99
N TYR J 133 16.40 11.17 -45.07
CA TYR J 133 16.72 9.78 -45.35
C TYR J 133 15.46 8.99 -45.66
N LEU J 134 14.39 9.24 -44.90
CA LEU J 134 13.08 8.61 -45.06
C LEU J 134 12.53 8.93 -46.44
N HIS J 135 12.64 10.21 -46.87
CA HIS J 135 12.13 10.69 -48.15
C HIS J 135 12.94 10.17 -49.34
N ASN J 136 14.21 9.78 -49.06
CA ASN J 136 15.16 9.22 -50.04
C ASN J 136 15.06 7.69 -50.18
N MET J 137 14.05 7.08 -49.53
CA MET J 137 13.85 5.64 -49.62
C MET J 137 13.13 5.31 -50.91
N THR J 138 13.13 4.04 -51.33
CA THR J 138 12.44 3.61 -52.57
C THR J 138 11.49 2.45 -52.21
N PRO J 139 10.16 2.72 -52.04
CA PRO J 139 9.46 4.01 -52.23
C PRO J 139 9.76 4.97 -51.08
N PRO J 140 9.55 6.30 -51.21
CA PRO J 140 9.82 7.20 -50.07
C PRO J 140 8.92 6.89 -48.88
N LEU J 141 9.43 7.08 -47.67
CA LEU J 141 8.61 6.91 -46.48
C LEU J 141 8.31 8.28 -45.88
N LEU J 142 7.01 8.56 -45.67
CA LEU J 142 6.55 9.83 -45.13
C LEU J 142 6.08 9.60 -43.73
N HIS J 143 6.69 10.32 -42.76
CA HIS J 143 6.40 10.24 -41.33
C HIS J 143 4.95 10.57 -40.95
N HIS J 144 4.42 11.71 -41.47
CA HIS J 144 3.05 12.19 -41.27
C HIS J 144 2.61 12.36 -39.79
N ASP J 145 3.57 12.48 -38.85
CA ASP J 145 3.22 12.63 -37.46
C ASP J 145 4.23 13.46 -36.63
N LEU J 146 5.30 14.00 -37.26
CA LEU J 146 6.34 14.80 -36.60
C LEU J 146 5.83 15.87 -35.61
N LYS J 147 6.27 15.75 -34.35
CA LYS J 147 5.95 16.62 -33.20
C LYS J 147 7.25 16.67 -32.39
N THR J 148 7.40 17.64 -31.47
CA THR J 148 8.60 17.74 -30.60
C THR J 148 8.66 16.56 -29.59
N GLN J 149 7.48 15.99 -29.31
CA GLN J 149 7.23 14.85 -28.43
C GLN J 149 7.66 13.51 -29.15
N ASN J 150 7.83 13.56 -30.52
CA ASN J 150 8.19 12.47 -31.45
C ASN J 150 9.70 12.42 -31.78
N ILE J 151 10.42 13.51 -31.42
CA ILE J 151 11.86 13.72 -31.60
C ILE J 151 12.50 13.40 -30.26
N LEU J 152 13.03 12.18 -30.14
CA LEU J 152 13.66 11.72 -28.92
C LEU J 152 15.14 12.04 -28.86
N LEU J 153 15.69 12.13 -27.62
CA LEU J 153 17.09 12.48 -27.39
C LEU J 153 17.79 11.42 -26.55
N ASP J 154 18.96 10.96 -27.04
CA ASP J 154 19.74 9.99 -26.30
C ASP J 154 20.59 10.67 -25.21
N ASN J 155 21.39 9.89 -24.44
CA ASN J 155 22.24 10.43 -23.35
C ASN J 155 23.19 11.56 -23.79
N GLU J 156 23.50 11.63 -25.10
CA GLU J 156 24.38 12.66 -25.63
C GLU J 156 23.63 13.65 -26.54
N PHE J 157 22.29 13.69 -26.37
CA PHE J 157 21.34 14.59 -27.03
C PHE J 157 21.40 14.56 -28.56
N HIS J 158 21.29 13.35 -29.10
CA HIS J 158 21.21 13.13 -30.53
C HIS J 158 19.78 12.70 -30.84
N VAL J 159 19.24 13.22 -31.92
CA VAL J 159 17.89 12.99 -32.39
C VAL J 159 17.64 11.55 -32.78
N LYS J 160 16.49 11.04 -32.35
CA LYS J 160 15.96 9.73 -32.69
C LYS J 160 14.47 9.94 -32.95
N ILE J 161 14.06 9.84 -34.20
CA ILE J 161 12.67 10.04 -34.62
C ILE J 161 11.87 8.77 -34.32
N ALA J 162 10.71 8.92 -33.66
CA ALA J 162 9.84 7.80 -33.30
C ALA J 162 8.42 8.03 -33.84
N ASP J 163 7.46 7.14 -33.48
CA ASP J 163 6.05 7.18 -33.87
C ASP J 163 5.82 7.09 -35.38
N PHE J 164 5.89 5.86 -35.89
CA PHE J 164 5.72 5.52 -37.31
C PHE J 164 4.36 4.83 -37.51
N GLY J 165 3.44 5.12 -36.58
CA GLY J 165 2.08 4.59 -36.61
C GLY J 165 1.21 5.16 -37.72
N LEU J 166 1.42 6.46 -38.03
CA LEU J 166 0.71 7.20 -39.08
C LEU J 166 1.51 7.32 -40.38
N SER J 167 2.81 6.95 -40.35
CA SER J 167 3.70 7.01 -41.52
C SER J 167 3.21 6.15 -42.68
N LYS J 168 3.42 6.63 -43.92
CA LYS J 168 2.99 5.95 -45.14
C LYS J 168 4.09 5.89 -46.20
N TRP J 169 4.12 4.80 -47.00
CA TRP J 169 5.04 4.59 -48.10
C TRP J 169 4.44 5.23 -49.36
N ARG J 170 5.10 6.25 -49.96
CA ARG J 170 4.59 6.92 -51.16
C ARG J 170 4.77 6.04 -52.40
N MET J 171 3.67 5.34 -52.81
CA MET J 171 3.59 4.42 -53.95
C MET J 171 2.40 4.78 -54.86
N GLY J 187 -3.88 14.42 -29.40
CA GLY J 187 -4.24 14.54 -30.81
C GLY J 187 -4.02 15.94 -31.35
N THR J 188 -2.74 16.40 -31.33
CA THR J 188 -2.34 17.75 -31.75
C THR J 188 -2.27 17.92 -33.28
N ILE J 189 -2.98 18.96 -33.76
CA ILE J 189 -3.11 19.37 -35.14
C ILE J 189 -2.20 20.57 -35.45
N ILE J 190 -1.41 21.03 -34.44
CA ILE J 190 -0.57 22.23 -34.58
C ILE J 190 0.62 22.05 -35.55
N TYR J 191 0.94 20.79 -35.89
CA TYR J 191 2.03 20.46 -36.83
C TYR J 191 1.48 19.97 -38.17
N MET J 192 0.16 19.89 -38.29
CA MET J 192 -0.56 19.43 -39.47
C MET J 192 -0.83 20.55 -40.49
N PRO J 193 -0.47 20.32 -41.78
CA PRO J 193 -0.74 21.34 -42.79
C PRO J 193 -2.26 21.55 -43.03
N PRO J 194 -2.68 22.78 -43.41
CA PRO J 194 -4.12 23.07 -43.54
C PRO J 194 -4.91 22.25 -44.59
N GLU J 195 -4.22 21.65 -45.60
CA GLU J 195 -4.84 20.85 -46.66
C GLU J 195 -5.42 19.61 -46.07
N ASN J 196 -4.64 19.04 -45.13
CA ASN J 196 -4.90 17.80 -44.44
C ASN J 196 -6.24 17.81 -43.68
N TYR J 197 -6.77 19.01 -43.38
CA TYR J 197 -8.06 19.13 -42.69
C TYR J 197 -9.19 18.68 -43.62
N GLU J 198 -9.05 18.94 -44.97
CA GLU J 198 -9.99 18.53 -46.03
C GLU J 198 -9.27 17.67 -47.13
N PRO J 199 -9.09 16.33 -46.92
CA PRO J 199 -8.40 15.51 -47.95
C PRO J 199 -9.22 15.30 -49.23
N ILE J 207 2.49 14.66 -49.20
CA ILE J 207 3.97 14.57 -49.30
C ILE J 207 4.66 15.76 -48.59
N LYS J 208 4.20 17.01 -48.84
CA LYS J 208 4.71 18.25 -48.24
C LYS J 208 4.18 18.50 -46.79
N HIS J 209 3.72 17.41 -46.12
CA HIS J 209 3.21 17.39 -44.76
C HIS J 209 4.38 17.56 -43.79
N ASP J 210 5.42 16.70 -43.90
CA ASP J 210 6.59 16.67 -43.02
C ASP J 210 7.38 17.97 -42.98
N ILE J 211 7.45 18.70 -44.12
CA ILE J 211 8.15 19.99 -44.13
C ILE J 211 7.37 21.04 -43.31
N TYR J 212 6.03 21.03 -43.40
CA TYR J 212 5.14 21.89 -42.60
C TYR J 212 5.38 21.64 -41.09
N SER J 213 5.31 20.37 -40.66
CA SER J 213 5.56 19.96 -39.27
C SER J 213 6.95 20.45 -38.84
N TYR J 214 7.98 20.22 -39.69
CA TYR J 214 9.35 20.63 -39.44
C TYR J 214 9.51 22.11 -39.17
N ALA J 215 8.81 22.98 -39.97
CA ALA J 215 8.84 24.44 -39.84
C ALA J 215 8.26 24.91 -38.51
N VAL J 216 7.14 24.28 -38.05
CA VAL J 216 6.49 24.58 -36.76
C VAL J 216 7.49 24.18 -35.64
N ILE J 217 8.18 23.02 -35.83
CA ILE J 217 9.18 22.51 -34.87
C ILE J 217 10.41 23.42 -34.85
N THR J 218 10.81 23.98 -36.01
CA THR J 218 11.94 24.92 -36.12
C THR J 218 11.58 26.23 -35.41
N TRP J 219 10.31 26.68 -35.55
CA TRP J 219 9.81 27.87 -34.87
C TRP J 219 9.91 27.64 -33.36
N GLU J 220 9.29 26.54 -32.91
CA GLU J 220 9.24 26.06 -31.52
C GLU J 220 10.63 25.92 -30.87
N VAL J 221 11.64 25.41 -31.61
CA VAL J 221 13.02 25.22 -31.11
C VAL J 221 13.67 26.59 -30.84
N LEU J 222 13.55 27.51 -31.82
CA LEU J 222 14.12 28.85 -31.75
C LEU J 222 13.41 29.77 -30.76
N SER J 223 12.07 29.69 -30.71
CA SER J 223 11.24 30.51 -29.81
C SER J 223 11.19 29.98 -28.38
N ARG J 224 11.21 28.60 -28.25
CA ARG J 224 11.07 27.78 -27.02
C ARG J 224 9.63 27.86 -26.46
N LYS J 225 8.74 28.53 -27.22
CA LYS J 225 7.33 28.80 -26.94
C LYS J 225 6.40 27.77 -27.61
N GLN J 226 5.22 27.51 -27.01
CA GLN J 226 4.21 26.60 -27.54
C GLN J 226 3.39 27.32 -28.63
N PRO J 227 3.37 26.75 -29.86
CA PRO J 227 2.62 27.39 -30.95
C PRO J 227 1.12 27.46 -30.65
N PHE J 228 0.51 28.65 -30.87
CA PHE J 228 -0.91 28.96 -30.61
C PHE J 228 -1.28 28.76 -29.13
N GLU J 229 -0.35 29.14 -28.21
CA GLU J 229 -0.52 28.99 -26.76
C GLU J 229 -1.72 29.78 -26.25
N ASP J 230 -1.94 30.97 -26.81
CA ASP J 230 -3.04 31.86 -26.46
C ASP J 230 -4.42 31.40 -26.96
N VAL J 231 -4.47 30.35 -27.81
CA VAL J 231 -5.71 29.82 -28.40
C VAL J 231 -6.24 28.62 -27.63
N THR J 232 -7.49 28.73 -27.17
CA THR J 232 -8.21 27.74 -26.36
C THR J 232 -8.78 26.59 -27.21
N ASN J 233 -9.69 26.92 -28.14
CA ASN J 233 -10.37 25.95 -29.00
C ASN J 233 -9.45 25.48 -30.14
N PRO J 234 -9.27 24.15 -30.32
CA PRO J 234 -8.40 23.66 -31.41
C PRO J 234 -8.97 23.97 -32.79
N LEU J 235 -10.30 24.08 -32.90
CA LEU J 235 -10.99 24.42 -34.13
C LEU J 235 -10.67 25.86 -34.55
N GLN J 236 -10.32 26.73 -33.59
CA GLN J 236 -9.94 28.10 -33.86
C GLN J 236 -8.58 28.07 -34.53
N ILE J 237 -7.63 27.24 -34.01
CA ILE J 237 -6.28 27.05 -34.55
C ILE J 237 -6.41 26.62 -36.02
N MET J 238 -7.32 25.63 -36.27
CA MET J 238 -7.62 25.06 -37.57
C MET J 238 -8.21 26.06 -38.54
N TYR J 239 -9.05 26.99 -38.03
CA TYR J 239 -9.61 28.05 -38.88
C TYR J 239 -8.50 29.04 -39.25
N SER J 240 -7.81 29.57 -38.23
CA SER J 240 -6.73 30.54 -38.37
C SER J 240 -5.73 30.09 -39.40
N VAL J 241 -5.20 28.85 -39.27
CA VAL J 241 -4.20 28.30 -40.18
C VAL J 241 -4.73 28.14 -41.60
N SER J 242 -5.97 27.62 -41.76
CA SER J 242 -6.61 27.46 -43.09
C SER J 242 -6.83 28.81 -43.80
N GLN J 243 -6.74 29.91 -43.05
CA GLN J 243 -6.86 31.27 -43.55
C GLN J 243 -5.46 31.94 -43.69
N GLY J 244 -4.41 31.18 -43.40
CA GLY J 244 -3.03 31.62 -43.55
C GLY J 244 -2.31 32.05 -42.29
N HIS J 245 -2.91 31.87 -41.12
CA HIS J 245 -2.24 32.24 -39.87
C HIS J 245 -1.28 31.17 -39.39
N ARG J 246 -0.15 31.62 -38.83
CA ARG J 246 0.94 30.77 -38.35
C ARG J 246 1.50 31.36 -37.06
N PRO J 247 2.25 30.59 -36.23
CA PRO J 247 2.88 31.18 -35.03
C PRO J 247 3.62 32.48 -35.36
N VAL J 248 3.43 33.50 -34.52
CA VAL J 248 3.96 34.86 -34.71
C VAL J 248 5.48 34.94 -34.73
N ILE J 249 5.99 35.77 -35.65
CA ILE J 249 7.41 36.06 -35.86
C ILE J 249 7.61 37.55 -35.59
N ASN J 250 8.29 37.87 -34.47
CA ASN J 250 8.58 39.22 -33.99
C ASN J 250 9.73 39.16 -32.98
N GLU J 251 10.14 40.31 -32.41
CA GLU J 251 11.22 40.38 -31.42
C GLU J 251 10.90 39.64 -30.10
N GLU J 252 9.61 39.55 -29.72
CA GLU J 252 9.19 38.87 -28.49
C GLU J 252 9.27 37.37 -28.67
N SER J 253 8.74 36.84 -29.81
CA SER J 253 8.76 35.40 -30.13
C SER J 253 10.16 34.91 -30.52
N LEU J 254 10.70 35.40 -31.66
CA LEU J 254 12.04 35.04 -32.14
C LEU J 254 12.98 36.27 -32.10
N PRO J 255 13.79 36.44 -31.01
CA PRO J 255 14.63 37.66 -30.88
C PRO J 255 15.70 37.90 -31.95
N TYR J 256 16.37 39.07 -31.88
CA TYR J 256 17.39 39.45 -32.85
C TYR J 256 18.75 38.82 -32.55
N ASP J 257 18.96 38.35 -31.30
CA ASP J 257 20.22 37.73 -30.89
C ASP J 257 20.46 36.35 -31.56
N ILE J 258 19.40 35.76 -32.12
CA ILE J 258 19.46 34.43 -32.70
C ILE J 258 20.32 34.43 -34.00
N PRO J 259 21.30 33.51 -34.01
CA PRO J 259 22.22 33.38 -35.16
C PRO J 259 21.52 32.95 -36.45
N HIS J 260 21.81 33.69 -37.53
CA HIS J 260 21.24 33.47 -38.88
C HIS J 260 19.71 33.59 -38.87
N ARG J 261 19.18 34.53 -38.06
CA ARG J 261 17.76 34.85 -37.88
C ARG J 261 16.99 34.95 -39.21
N ALA J 262 17.54 35.71 -40.17
CA ALA J 262 16.96 35.95 -41.49
C ALA J 262 16.83 34.68 -42.33
N ARG J 263 17.92 33.87 -42.36
CA ARG J 263 17.99 32.59 -43.06
C ARG J 263 16.92 31.65 -42.50
N MET J 264 16.80 31.63 -41.15
CA MET J 264 15.87 30.81 -40.41
C MET J 264 14.43 31.20 -40.68
N ILE J 265 14.09 32.52 -40.60
CA ILE J 265 12.75 33.03 -40.84
C ILE J 265 12.33 32.74 -42.28
N SER J 266 13.27 32.86 -43.21
CA SER J 266 13.03 32.55 -44.62
C SER J 266 12.68 31.06 -44.79
N LEU J 267 13.45 30.18 -44.10
CA LEU J 267 13.25 28.73 -44.08
C LEU J 267 11.92 28.40 -43.43
N ILE J 268 11.65 29.00 -42.27
CA ILE J 268 10.43 28.78 -41.50
C ILE J 268 9.20 29.13 -42.35
N GLU J 269 9.11 30.40 -42.78
CA GLU J 269 7.99 30.91 -43.55
C GLU J 269 7.72 30.10 -44.82
N SER J 270 8.79 29.66 -45.53
CA SER J 270 8.69 28.82 -46.73
C SER J 270 8.25 27.43 -46.34
N GLY J 271 8.75 26.96 -45.19
CA GLY J 271 8.46 25.66 -44.60
C GLY J 271 6.98 25.49 -44.34
N TRP J 272 6.37 26.48 -43.68
CA TRP J 272 4.93 26.45 -43.43
C TRP J 272 4.07 27.31 -44.44
N ALA J 273 4.48 27.39 -45.73
CA ALA J 273 3.77 28.09 -46.80
C ALA J 273 2.36 27.49 -47.02
N GLN J 274 1.33 28.35 -47.23
CA GLN J 274 -0.04 27.90 -47.48
C GLN J 274 -0.11 27.00 -48.70
N ASN J 275 0.65 27.34 -49.73
CA ASN J 275 0.78 26.58 -50.96
C ASN J 275 1.78 25.44 -50.70
N PRO J 276 1.33 24.16 -50.83
CA PRO J 276 2.26 23.02 -50.60
C PRO J 276 3.45 23.03 -51.57
N ASP J 277 3.18 23.40 -52.85
CA ASP J 277 4.16 23.51 -53.94
C ASP J 277 5.23 24.55 -53.64
N GLU J 278 4.96 25.50 -52.71
CA GLU J 278 5.88 26.56 -52.28
C GLU J 278 6.85 26.14 -51.16
N ARG J 279 6.54 25.04 -50.46
CA ARG J 279 7.34 24.49 -49.36
C ARG J 279 8.62 23.78 -49.84
N PRO J 280 9.76 23.95 -49.14
CA PRO J 280 11.00 23.30 -49.64
C PRO J 280 11.10 21.80 -49.39
N SER J 281 12.13 21.18 -50.01
CA SER J 281 12.40 19.76 -49.80
C SER J 281 13.27 19.69 -48.56
N PHE J 282 13.47 18.49 -47.98
CA PHE J 282 14.39 18.40 -46.85
C PHE J 282 15.88 18.57 -47.29
N LEU J 283 16.16 18.28 -48.56
CA LEU J 283 17.47 18.50 -49.14
C LEU J 283 17.80 20.01 -49.10
N LYS J 284 16.79 20.88 -49.38
CA LYS J 284 16.97 22.33 -49.33
C LYS J 284 17.17 22.76 -47.90
N CYS J 285 16.51 22.07 -46.95
CA CYS J 285 16.69 22.34 -45.51
C CYS J 285 18.14 22.12 -45.17
N LEU J 286 18.65 20.96 -45.57
CA LEU J 286 20.01 20.53 -45.34
C LEU J 286 20.98 21.50 -45.94
N ILE J 287 20.71 21.91 -47.19
CA ILE J 287 21.50 22.85 -47.96
C ILE J 287 21.61 24.21 -47.26
N GLU J 288 20.48 24.73 -46.69
CA GLU J 288 20.43 25.99 -45.96
C GLU J 288 21.08 25.87 -44.60
N LEU J 289 20.90 24.70 -43.94
CA LEU J 289 21.39 24.43 -42.58
C LEU J 289 22.87 24.17 -42.49
N GLU J 290 23.44 23.39 -43.43
CA GLU J 290 24.87 23.03 -43.48
C GLU J 290 25.82 24.21 -43.18
N PRO J 291 25.68 25.40 -43.84
CA PRO J 291 26.58 26.53 -43.53
C PRO J 291 26.43 27.15 -42.14
N VAL J 292 25.20 27.15 -41.61
CA VAL J 292 24.89 27.66 -40.27
C VAL J 292 25.65 26.83 -39.21
N LEU J 293 25.62 25.51 -39.34
CA LEU J 293 26.28 24.57 -38.42
C LEU J 293 27.79 24.57 -38.56
N ARG J 294 28.28 25.02 -39.73
CA ARG J 294 29.71 25.12 -40.02
C ARG J 294 30.37 26.17 -39.12
N THR J 295 29.59 27.15 -38.65
CA THR J 295 30.06 28.26 -37.82
C THR J 295 30.49 27.80 -36.41
N PHE J 296 29.75 26.85 -35.81
CA PHE J 296 29.98 26.31 -34.45
C PHE J 296 31.14 25.31 -34.37
N GLU J 297 31.90 25.36 -33.26
CA GLU J 297 33.06 24.49 -33.01
C GLU J 297 32.66 23.13 -32.41
N GLU J 298 33.35 22.04 -32.81
CA GLU J 298 33.09 20.69 -32.31
C GLU J 298 32.88 20.61 -30.79
N ILE J 299 33.66 21.41 -30.01
CA ILE J 299 33.60 21.48 -28.54
C ILE J 299 32.36 22.13 -28.05
N THR J 300 31.95 23.20 -28.74
CA THR J 300 30.84 24.02 -28.31
C THR J 300 29.53 23.21 -28.32
N PHE J 301 29.53 21.98 -28.93
CA PHE J 301 28.40 21.03 -28.96
C PHE J 301 28.45 20.19 -27.68
N LEU J 302 29.67 19.77 -27.30
CA LEU J 302 29.93 18.98 -26.10
C LEU J 302 29.78 19.86 -24.83
N GLU J 303 30.09 21.17 -24.94
CA GLU J 303 29.94 22.16 -23.88
C GLU J 303 28.46 22.38 -23.62
N ALA J 304 27.67 22.51 -24.71
CA ALA J 304 26.22 22.71 -24.73
C ALA J 304 25.47 21.59 -24.03
N VAL J 305 25.87 20.32 -24.27
CA VAL J 305 25.22 19.16 -23.66
C VAL J 305 25.59 19.09 -22.17
N ILE J 306 26.86 19.43 -21.81
CA ILE J 306 27.30 19.41 -20.41
C ILE J 306 26.62 20.53 -19.62
N GLN J 307 26.37 21.68 -20.26
CA GLN J 307 25.67 22.84 -19.66
C GLN J 307 24.27 22.46 -19.15
N LEU J 308 23.67 21.40 -19.74
CA LEU J 308 22.36 20.87 -19.36
C LEU J 308 22.46 19.99 -18.12
N LYS J 309 23.48 19.10 -18.08
CA LYS J 309 23.73 18.18 -16.97
C LYS J 309 24.64 18.79 -15.88
N ALA K 4 -36.02 53.66 -53.31
CA ALA K 4 -35.12 54.48 -52.49
C ALA K 4 -35.18 55.99 -52.85
N ILE K 5 -35.61 56.83 -51.89
CA ILE K 5 -35.73 58.28 -52.07
C ILE K 5 -34.40 59.00 -51.75
N CYS K 6 -33.73 59.51 -52.79
CA CYS K 6 -32.45 60.24 -52.69
C CYS K 6 -32.62 61.74 -52.93
N SER K 7 -31.63 62.54 -52.44
CA SER K 7 -31.60 63.99 -52.53
C SER K 7 -30.16 64.42 -52.70
N ALA K 8 -29.88 65.23 -53.73
CA ALA K 8 -28.53 65.71 -53.97
C ALA K 8 -28.36 67.05 -53.31
N LEU K 9 -27.21 67.28 -52.66
CA LEU K 9 -26.94 68.54 -51.97
C LEU K 9 -26.78 69.71 -52.99
N PRO K 10 -27.56 70.81 -52.80
CA PRO K 10 -27.49 71.94 -53.74
C PRO K 10 -26.10 72.54 -53.97
N THR K 11 -25.85 73.06 -55.17
CA THR K 11 -24.60 73.72 -55.49
C THR K 11 -24.84 75.23 -55.56
N ILE K 12 -24.19 75.99 -54.67
CA ILE K 12 -24.37 77.44 -54.57
C ILE K 12 -23.23 78.20 -55.25
N PRO K 13 -23.56 79.07 -56.27
CA PRO K 13 -22.52 79.89 -56.92
C PRO K 13 -22.03 80.97 -55.97
N TYR K 14 -20.70 81.17 -55.90
CA TYR K 14 -20.05 82.14 -55.02
C TYR K 14 -20.67 83.52 -55.09
N HIS K 15 -21.08 83.95 -56.30
CA HIS K 15 -21.68 85.26 -56.53
C HIS K 15 -23.05 85.45 -55.82
N LYS K 16 -23.69 84.34 -55.39
CA LYS K 16 -24.95 84.34 -54.64
C LYS K 16 -24.69 84.61 -53.15
N LEU K 17 -23.45 84.40 -52.72
CA LEU K 17 -23.02 84.65 -51.36
C LEU K 17 -22.51 86.10 -51.27
N ALA K 18 -23.35 86.97 -50.73
CA ALA K 18 -23.04 88.38 -50.59
C ALA K 18 -22.66 88.72 -49.14
N ASP K 19 -21.83 89.76 -48.94
CA ASP K 19 -21.37 90.29 -47.64
C ASP K 19 -20.74 89.26 -46.68
N LEU K 20 -19.62 88.59 -47.09
CA LEU K 20 -18.96 87.57 -46.25
C LEU K 20 -17.85 88.11 -45.33
N ARG K 21 -18.02 87.95 -43.98
CA ARG K 21 -17.12 88.46 -42.93
C ARG K 21 -16.42 87.35 -42.12
N TYR K 22 -15.13 87.56 -41.72
CA TYR K 22 -14.41 86.59 -40.87
C TYR K 22 -15.13 86.45 -39.53
N LEU K 23 -15.35 85.19 -39.07
CA LEU K 23 -16.03 84.87 -37.80
C LEU K 23 -15.21 83.97 -36.89
N SER K 24 -14.32 83.13 -37.46
CA SER K 24 -13.44 82.17 -36.76
C SER K 24 -12.61 81.31 -37.70
N ARG K 25 -11.35 81.10 -37.34
CA ARG K 25 -10.44 80.24 -38.07
C ARG K 25 -10.02 79.11 -37.13
N GLY K 26 -10.13 77.88 -37.61
CA GLY K 26 -9.76 76.67 -36.87
C GLY K 26 -9.11 75.63 -37.75
N ALA K 27 -8.84 74.43 -37.19
CA ALA K 27 -8.23 73.32 -37.93
C ALA K 27 -9.16 72.78 -39.03
N SER K 28 -10.48 72.76 -38.73
CA SER K 28 -11.56 72.30 -39.61
C SER K 28 -11.72 73.26 -40.82
N GLY K 29 -11.46 74.56 -40.59
CA GLY K 29 -11.55 75.63 -41.60
C GLY K 29 -11.86 77.01 -41.04
N THR K 30 -12.26 77.94 -41.94
CA THR K 30 -12.61 79.34 -41.62
C THR K 30 -14.12 79.54 -41.80
N VAL K 31 -14.83 80.05 -40.76
CA VAL K 31 -16.26 80.36 -40.89
C VAL K 31 -16.47 81.85 -41.13
N SER K 32 -17.35 82.14 -42.06
CA SER K 32 -17.73 83.50 -42.43
C SER K 32 -19.25 83.61 -42.53
N SER K 33 -19.79 84.80 -42.31
CA SER K 33 -21.22 85.00 -42.40
C SER K 33 -21.49 85.66 -43.73
N ALA K 34 -22.42 85.11 -44.51
CA ALA K 34 -22.82 85.66 -45.81
C ALA K 34 -24.35 85.81 -45.81
N ARG K 35 -24.92 86.09 -47.00
CA ARG K 35 -26.36 86.19 -47.20
C ARG K 35 -26.67 85.66 -48.60
N HIS K 36 -27.69 84.79 -48.71
CA HIS K 36 -28.04 84.23 -50.01
C HIS K 36 -28.88 85.20 -50.81
N ALA K 37 -28.31 85.64 -51.96
CA ALA K 37 -28.87 86.59 -52.92
C ALA K 37 -30.28 86.23 -53.41
N ASP K 38 -30.60 84.91 -53.52
CA ASP K 38 -31.89 84.42 -53.99
C ASP K 38 -32.84 84.04 -52.87
N TRP K 39 -32.32 83.39 -51.81
CA TRP K 39 -33.13 82.92 -50.68
C TRP K 39 -33.46 83.99 -49.64
N ARG K 40 -32.72 85.12 -49.67
CA ARG K 40 -32.80 86.28 -48.79
C ARG K 40 -32.83 85.87 -47.31
N VAL K 41 -31.80 85.07 -46.93
CA VAL K 41 -31.54 84.55 -45.58
C VAL K 41 -30.02 84.66 -45.25
N GLN K 42 -29.68 84.88 -43.95
CA GLN K 42 -28.27 84.95 -43.55
C GLN K 42 -27.77 83.50 -43.36
N VAL K 43 -26.61 83.18 -43.96
CA VAL K 43 -26.00 81.83 -43.91
C VAL K 43 -24.55 81.86 -43.36
N ALA K 44 -24.02 80.68 -42.98
CA ALA K 44 -22.66 80.47 -42.50
C ALA K 44 -21.90 79.66 -43.56
N VAL K 45 -20.63 80.02 -43.78
CA VAL K 45 -19.79 79.36 -44.77
C VAL K 45 -18.46 78.90 -44.18
N LYS K 46 -18.17 77.58 -44.22
CA LYS K 46 -16.88 77.07 -43.76
C LYS K 46 -15.94 76.80 -44.96
N HIS K 47 -14.69 77.36 -44.95
CA HIS K 47 -13.76 77.26 -46.09
C HIS K 47 -12.28 77.30 -45.71
N SER K 57 -6.47 68.17 -53.03
CA SER K 57 -5.84 67.52 -51.88
C SER K 57 -6.51 67.95 -50.56
N GLU K 58 -6.83 69.26 -50.52
CA GLU K 58 -7.46 70.05 -49.46
C GLU K 58 -9.00 69.93 -49.56
N ARG K 59 -9.51 69.81 -50.80
CA ARG K 59 -10.94 69.70 -51.18
C ARG K 59 -11.61 68.42 -50.72
N LYS K 60 -10.87 67.28 -50.76
CA LYS K 60 -11.36 65.94 -50.37
C LYS K 60 -11.88 65.94 -48.93
N ASP K 61 -11.18 66.66 -48.03
CA ASP K 61 -11.50 66.77 -46.61
C ASP K 61 -12.84 67.50 -46.34
N VAL K 62 -13.06 68.62 -47.07
CA VAL K 62 -14.27 69.45 -46.99
C VAL K 62 -15.46 68.74 -47.64
N LEU K 63 -15.24 68.12 -48.81
CA LEU K 63 -16.26 67.35 -49.53
C LEU K 63 -16.72 66.14 -48.72
N ARG K 64 -15.87 65.65 -47.81
CA ARG K 64 -16.17 64.53 -46.92
C ARG K 64 -17.10 65.04 -45.84
N GLU K 65 -16.71 66.18 -45.18
CA GLU K 65 -17.49 66.86 -44.12
C GLU K 65 -18.88 67.25 -44.62
N ALA K 66 -18.98 67.73 -45.89
CA ALA K 66 -20.22 68.12 -46.55
C ALA K 66 -21.13 66.88 -46.73
N GLU K 67 -20.52 65.75 -47.18
CA GLU K 67 -21.18 64.44 -47.38
C GLU K 67 -21.79 63.98 -46.05
N ILE K 68 -21.00 64.13 -44.93
CA ILE K 68 -21.36 63.77 -43.55
C ILE K 68 -22.63 64.49 -43.15
N LEU K 69 -22.60 65.85 -43.15
CA LEU K 69 -23.69 66.74 -42.70
C LEU K 69 -25.01 66.52 -43.44
N HIS K 70 -24.90 66.11 -44.72
CA HIS K 70 -26.05 65.81 -45.57
C HIS K 70 -26.68 64.48 -45.18
N LYS K 71 -25.86 63.49 -44.85
CA LYS K 71 -26.31 62.16 -44.48
C LYS K 71 -26.78 62.09 -43.04
N ALA K 72 -26.03 62.71 -42.11
CA ALA K 72 -26.28 62.73 -40.66
C ALA K 72 -27.31 63.78 -40.20
N ARG K 73 -28.15 64.25 -41.11
CA ARG K 73 -29.18 65.25 -40.81
C ARG K 73 -30.13 64.79 -39.71
N PHE K 74 -30.21 65.61 -38.66
CA PHE K 74 -31.13 65.40 -37.56
C PHE K 74 -31.41 66.73 -36.87
N SER K 75 -32.49 66.79 -36.09
CA SER K 75 -32.97 67.95 -35.37
C SER K 75 -31.90 68.68 -34.54
N TYR K 76 -30.83 67.97 -34.14
CA TYR K 76 -29.76 68.50 -33.29
C TYR K 76 -28.37 68.50 -33.96
N ILE K 77 -28.36 68.34 -35.30
CA ILE K 77 -27.18 68.35 -36.18
C ILE K 77 -27.32 69.57 -37.10
N LEU K 78 -26.24 70.38 -37.20
CA LEU K 78 -26.21 71.61 -38.01
C LEU K 78 -26.71 71.35 -39.45
N PRO K 79 -27.77 72.09 -39.86
CA PRO K 79 -28.32 71.86 -41.20
C PRO K 79 -27.47 72.47 -42.30
N ILE K 80 -26.90 71.59 -43.17
CA ILE K 80 -26.13 72.00 -44.34
C ILE K 80 -27.12 72.48 -45.41
N LEU K 81 -26.88 73.64 -46.02
CA LEU K 81 -27.81 74.19 -47.02
C LEU K 81 -27.36 73.94 -48.47
N GLY K 82 -26.07 73.76 -48.65
CA GLY K 82 -25.47 73.50 -49.95
C GLY K 82 -23.96 73.58 -49.95
N ILE K 83 -23.36 73.41 -51.15
CA ILE K 83 -21.92 73.42 -51.35
C ILE K 83 -21.49 74.40 -52.45
N CYS K 84 -20.42 75.15 -52.18
CA CYS K 84 -19.83 76.06 -53.14
C CYS K 84 -18.53 75.40 -53.58
N ASN K 85 -18.54 74.83 -54.79
CA ASN K 85 -17.37 74.13 -55.35
C ASN K 85 -17.05 74.72 -56.72
N GLU K 86 -16.18 75.70 -56.68
CA GLU K 86 -15.70 76.43 -57.83
C GLU K 86 -14.16 76.37 -57.86
N PRO K 87 -13.52 76.57 -59.03
CA PRO K 87 -12.04 76.56 -59.05
C PRO K 87 -11.43 77.65 -58.18
N GLU K 88 -12.14 78.81 -58.06
CA GLU K 88 -11.76 79.97 -57.26
C GLU K 88 -12.05 79.75 -55.75
N PHE K 89 -13.27 79.22 -55.44
CA PHE K 89 -13.76 79.02 -54.06
C PHE K 89 -14.37 77.66 -53.75
N LEU K 90 -14.07 77.14 -52.56
CA LEU K 90 -14.67 75.92 -52.00
C LEU K 90 -15.01 76.13 -50.54
N GLY K 91 -16.29 75.93 -50.23
CA GLY K 91 -16.82 76.12 -48.88
C GLY K 91 -18.20 75.55 -48.68
N ILE K 92 -18.43 75.02 -47.47
CA ILE K 92 -19.68 74.44 -47.01
C ILE K 92 -20.60 75.57 -46.56
N VAL K 93 -21.82 75.61 -47.11
CA VAL K 93 -22.84 76.62 -46.76
C VAL K 93 -23.89 75.91 -45.93
N THR K 94 -24.13 76.44 -44.72
CA THR K 94 -25.00 75.85 -43.73
C THR K 94 -25.86 76.92 -43.17
N GLU K 95 -26.64 76.62 -42.12
CA GLU K 95 -27.52 77.57 -41.44
C GLU K 95 -26.68 78.46 -40.54
N TYR K 96 -27.10 79.73 -40.36
CA TYR K 96 -26.43 80.66 -39.48
C TYR K 96 -26.99 80.55 -38.04
N MET K 97 -26.09 80.37 -37.06
CA MET K 97 -26.43 80.24 -35.64
C MET K 97 -26.25 81.59 -34.96
N PRO K 98 -27.37 82.30 -34.67
CA PRO K 98 -27.26 83.67 -34.12
C PRO K 98 -26.52 83.79 -32.80
N ASN K 99 -26.80 82.86 -31.86
CA ASN K 99 -26.21 82.88 -30.52
C ASN K 99 -24.93 82.02 -30.39
N GLY K 100 -24.06 82.07 -31.44
CA GLY K 100 -22.77 81.39 -31.52
C GLY K 100 -22.67 79.94 -31.10
N SER K 101 -21.88 79.67 -30.05
CA SER K 101 -21.59 78.37 -29.45
C SER K 101 -21.90 78.34 -27.95
N LEU K 102 -21.87 77.13 -27.36
CA LEU K 102 -22.13 76.87 -25.95
C LEU K 102 -21.00 77.47 -25.11
N ASN K 103 -19.75 77.44 -25.65
CA ASN K 103 -18.56 78.01 -25.04
C ASN K 103 -18.78 79.49 -24.70
N GLU K 104 -19.41 80.22 -25.63
CA GLU K 104 -19.76 81.64 -25.51
C GLU K 104 -20.84 81.86 -24.43
N LEU K 105 -21.89 81.00 -24.43
CA LEU K 105 -22.97 81.09 -23.44
C LEU K 105 -22.46 80.86 -22.02
N LEU K 106 -21.57 79.85 -21.87
CA LEU K 106 -20.99 79.40 -20.61
C LEU K 106 -19.91 80.28 -20.05
N HIS K 107 -19.08 80.90 -20.89
CA HIS K 107 -17.95 81.65 -20.35
C HIS K 107 -18.10 83.18 -20.47
N ARG K 108 -19.11 83.69 -21.22
CA ARG K 108 -19.36 85.14 -21.27
C ARG K 108 -20.32 85.45 -20.10
N LYS K 109 -19.77 85.41 -18.87
CA LYS K 109 -20.49 85.63 -17.61
C LYS K 109 -20.95 87.08 -17.40
N THR K 110 -20.43 88.01 -18.20
CA THR K 110 -20.79 89.43 -18.17
C THR K 110 -22.03 89.63 -19.04
N GLU K 111 -21.99 89.10 -20.28
CA GLU K 111 -23.06 89.15 -21.29
C GLU K 111 -24.26 88.30 -20.85
N TYR K 112 -24.00 87.06 -20.33
CA TYR K 112 -25.02 86.14 -19.83
C TYR K 112 -24.74 85.85 -18.37
N PRO K 113 -25.12 86.74 -17.43
CA PRO K 113 -24.84 86.46 -16.00
C PRO K 113 -25.65 85.31 -15.39
N ASP K 114 -26.93 85.18 -15.80
CA ASP K 114 -27.80 84.11 -15.31
C ASP K 114 -28.23 83.16 -16.42
N VAL K 115 -27.84 81.88 -16.29
CA VAL K 115 -28.20 80.79 -17.21
C VAL K 115 -28.89 79.73 -16.35
N ALA K 116 -30.21 79.62 -16.50
CA ALA K 116 -31.07 78.73 -15.72
C ALA K 116 -30.81 77.25 -15.92
N TRP K 117 -31.04 76.45 -14.86
CA TRP K 117 -30.89 75.00 -14.90
C TRP K 117 -31.76 74.36 -15.98
N PRO K 118 -33.08 74.73 -16.15
CA PRO K 118 -33.87 74.13 -17.23
C PRO K 118 -33.17 74.22 -18.60
N LEU K 119 -32.62 75.40 -18.95
CA LEU K 119 -31.89 75.58 -20.20
C LEU K 119 -30.62 74.73 -20.24
N ARG K 120 -29.83 74.71 -19.13
CA ARG K 120 -28.60 73.93 -18.91
C ARG K 120 -28.83 72.41 -18.98
N PHE K 121 -30.04 71.95 -18.65
CA PHE K 121 -30.40 70.54 -18.75
C PHE K 121 -31.04 70.22 -20.12
N ARG K 122 -31.70 71.21 -20.75
CA ARG K 122 -32.28 71.06 -22.09
C ARG K 122 -31.15 70.86 -23.09
N ILE K 123 -30.08 71.69 -22.97
CA ILE K 123 -28.85 71.67 -23.80
C ILE K 123 -28.19 70.31 -23.69
N LEU K 124 -27.95 69.84 -22.46
CA LEU K 124 -27.31 68.55 -22.21
C LEU K 124 -28.10 67.40 -22.81
N HIS K 125 -29.43 67.42 -22.65
CA HIS K 125 -30.35 66.43 -23.21
C HIS K 125 -30.26 66.42 -24.74
N GLU K 126 -30.33 67.58 -25.38
CA GLU K 126 -30.24 67.73 -26.83
C GLU K 126 -28.90 67.23 -27.42
N ILE K 127 -27.74 67.53 -26.77
CA ILE K 127 -26.43 67.05 -27.22
C ILE K 127 -26.48 65.51 -27.24
N ALA K 128 -26.93 64.89 -26.12
CA ALA K 128 -27.05 63.44 -25.99
C ALA K 128 -27.99 62.87 -27.06
N LEU K 129 -29.13 63.54 -27.34
CA LEU K 129 -30.09 63.14 -28.38
C LEU K 129 -29.47 63.11 -29.80
N GLY K 130 -28.63 64.10 -30.09
CA GLY K 130 -27.92 64.21 -31.36
C GLY K 130 -26.85 63.15 -31.52
N VAL K 131 -25.98 63.01 -30.50
CA VAL K 131 -24.87 62.05 -30.48
C VAL K 131 -25.44 60.62 -30.48
N ASN K 132 -26.57 60.38 -29.81
CA ASN K 132 -27.25 59.11 -29.79
C ASN K 132 -27.73 58.76 -31.19
N TYR K 133 -28.29 59.74 -31.94
CA TYR K 133 -28.76 59.52 -33.30
C TYR K 133 -27.63 59.10 -34.21
N LEU K 134 -26.46 59.76 -34.08
CA LEU K 134 -25.24 59.50 -34.87
C LEU K 134 -24.76 58.08 -34.61
N HIS K 135 -24.80 57.66 -33.30
CA HIS K 135 -24.37 56.37 -32.76
C HIS K 135 -25.39 55.32 -32.92
N ASN K 136 -26.49 55.62 -33.62
CA ASN K 136 -27.58 54.70 -34.01
C ASN K 136 -27.70 54.62 -35.54
N MET K 137 -26.72 55.18 -36.26
CA MET K 137 -26.70 55.10 -37.71
C MET K 137 -26.15 53.73 -38.15
N THR K 138 -26.34 53.34 -39.40
CA THR K 138 -25.85 52.05 -39.92
C THR K 138 -25.00 52.33 -41.17
N PRO K 139 -23.66 52.35 -41.07
CA PRO K 139 -22.82 52.09 -39.88
C PRO K 139 -22.88 53.25 -38.90
N PRO K 140 -22.51 53.07 -37.62
CA PRO K 140 -22.56 54.23 -36.69
C PRO K 140 -21.62 55.36 -37.10
N LEU K 141 -22.01 56.63 -36.82
CA LEU K 141 -21.11 57.74 -37.09
C LEU K 141 -20.60 58.28 -35.79
N LEU K 142 -19.27 58.37 -35.67
CA LEU K 142 -18.60 58.85 -34.46
C LEU K 142 -18.05 60.21 -34.72
N HIS K 143 -18.49 61.21 -33.92
CA HIS K 143 -18.09 62.61 -34.01
C HIS K 143 -16.59 62.86 -33.84
N HIS K 144 -15.99 62.29 -32.78
CA HIS K 144 -14.57 62.36 -32.44
C HIS K 144 -13.99 63.78 -32.30
N ASP K 145 -14.84 64.79 -32.07
CA ASP K 145 -14.39 66.19 -31.97
C ASP K 145 -15.23 67.08 -31.03
N LEU K 146 -16.27 66.54 -30.37
CA LEU K 146 -17.15 67.28 -29.46
C LEU K 146 -16.44 68.23 -28.49
N LYS K 147 -16.76 69.53 -28.58
CA LYS K 147 -16.28 70.65 -27.76
C LYS K 147 -17.48 71.54 -27.47
N THR K 148 -17.42 72.47 -26.49
CA THR K 148 -18.50 73.43 -26.24
C THR K 148 -18.59 74.46 -27.39
N GLN K 149 -17.51 74.62 -28.19
CA GLN K 149 -17.43 75.50 -29.35
C GLN K 149 -18.17 74.86 -30.54
N ASN K 150 -18.23 73.49 -30.61
CA ASN K 150 -18.91 72.71 -31.67
C ASN K 150 -20.40 72.60 -31.45
N ILE K 151 -20.85 72.84 -30.20
CA ILE K 151 -22.25 72.80 -29.79
C ILE K 151 -22.79 74.20 -30.04
N LEU K 152 -23.42 74.39 -31.18
CA LEU K 152 -23.99 75.67 -31.56
C LEU K 152 -25.42 75.81 -31.06
N LEU K 153 -25.83 77.07 -30.87
CA LEU K 153 -27.15 77.39 -30.36
C LEU K 153 -27.82 78.33 -31.34
N ASP K 154 -29.10 78.05 -31.68
CA ASP K 154 -29.90 78.87 -32.60
C ASP K 154 -30.54 80.03 -31.84
N ASN K 155 -31.34 80.90 -32.53
CA ASN K 155 -32.00 82.05 -31.91
C ASN K 155 -32.89 81.70 -30.70
N GLU K 156 -33.32 80.45 -30.60
CA GLU K 156 -34.15 79.98 -29.48
C GLU K 156 -33.36 78.99 -28.54
N PHE K 157 -32.02 79.03 -28.65
CA PHE K 157 -31.03 78.27 -27.88
C PHE K 157 -31.23 76.73 -27.92
N HIS K 158 -31.32 76.19 -29.13
CA HIS K 158 -31.42 74.75 -29.35
C HIS K 158 -30.11 74.29 -29.95
N VAL K 159 -29.66 73.11 -29.52
CA VAL K 159 -28.39 72.50 -29.89
C VAL K 159 -28.33 72.11 -31.34
N LYS K 160 -27.19 72.44 -31.96
CA LYS K 160 -26.82 72.10 -33.33
C LYS K 160 -25.33 71.71 -33.28
N ILE K 161 -25.07 70.42 -33.41
CA ILE K 161 -23.73 69.87 -33.37
C ILE K 161 -23.03 70.15 -34.73
N ALA K 162 -21.80 70.71 -34.69
CA ALA K 162 -21.01 71.04 -35.88
C ALA K 162 -19.66 70.35 -35.85
N ASP K 163 -18.78 70.67 -36.82
CA ASP K 163 -17.42 70.14 -36.98
C ASP K 163 -17.37 68.62 -37.12
N PHE K 164 -17.60 68.16 -38.37
CA PHE K 164 -17.59 66.74 -38.74
C PHE K 164 -16.34 66.40 -39.56
N GLY K 165 -15.31 67.22 -39.39
CA GLY K 165 -14.04 67.09 -40.07
C GLY K 165 -13.19 65.93 -39.57
N LEU K 166 -13.32 65.60 -38.26
CA LEU K 166 -12.61 64.48 -37.64
C LEU K 166 -13.49 63.25 -37.44
N SER K 167 -14.82 63.38 -37.66
CA SER K 167 -15.80 62.30 -37.52
C SER K 167 -15.54 61.11 -38.46
N LYS K 168 -15.81 59.88 -37.98
CA LYS K 168 -15.58 58.64 -38.72
C LYS K 168 -16.75 57.66 -38.65
N TRP K 169 -16.96 56.88 -39.74
CA TRP K 169 -17.99 55.85 -39.83
C TRP K 169 -17.43 54.53 -39.30
N ARG K 170 -18.00 53.98 -38.21
CA ARG K 170 -17.51 52.72 -37.64
C ARG K 170 -17.91 51.51 -38.52
N MET K 171 -16.97 51.03 -39.39
CA MET K 171 -17.19 49.89 -40.31
C MET K 171 -16.14 48.78 -40.12
N GLY K 187 -6.54 73.65 -30.97
CA GLY K 187 -5.95 72.34 -30.71
C GLY K 187 -6.14 71.86 -29.28
N THR K 188 -7.40 71.82 -28.83
CA THR K 188 -7.73 71.43 -27.47
C THR K 188 -7.90 69.88 -27.35
N ILE K 189 -7.15 69.32 -26.39
CA ILE K 189 -7.12 67.92 -26.03
C ILE K 189 -7.89 67.68 -24.73
N ILE K 190 -8.55 68.72 -24.18
CA ILE K 190 -9.27 68.63 -22.90
C ILE K 190 -10.54 67.78 -22.98
N TYR K 191 -11.03 67.48 -24.19
CA TYR K 191 -12.22 66.64 -24.39
C TYR K 191 -11.84 65.26 -24.93
N MET K 192 -10.53 65.02 -25.13
CA MET K 192 -10.00 63.80 -25.68
C MET K 192 -9.72 62.75 -24.62
N PRO K 193 -10.22 61.48 -24.79
CA PRO K 193 -9.91 60.42 -23.80
C PRO K 193 -8.43 60.08 -23.74
N PRO K 194 -7.94 59.64 -22.56
CA PRO K 194 -6.49 59.38 -22.42
C PRO K 194 -5.88 58.27 -23.30
N GLU K 195 -6.70 57.32 -23.79
CA GLU K 195 -6.22 56.23 -24.67
C GLU K 195 -5.90 56.72 -26.09
N ASN K 196 -6.51 57.86 -26.48
CA ASN K 196 -6.37 58.51 -27.77
C ASN K 196 -5.00 59.15 -27.95
N TYR K 197 -4.28 59.37 -26.81
CA TYR K 197 -2.92 59.90 -26.78
C TYR K 197 -1.99 58.79 -27.25
N GLU K 198 -1.99 57.61 -26.51
CA GLU K 198 -1.14 56.46 -26.86
C GLU K 198 -1.89 55.20 -27.43
N PRO K 199 -1.82 54.92 -28.77
CA PRO K 199 -2.54 53.75 -29.32
C PRO K 199 -1.66 52.49 -29.46
N ILE K 207 -14.62 54.34 -30.17
CA ILE K 207 -16.09 54.41 -30.05
C ILE K 207 -16.54 55.18 -28.79
N LYS K 208 -15.91 54.86 -27.62
CA LYS K 208 -16.16 55.47 -26.30
C LYS K 208 -15.47 56.86 -26.12
N HIS K 209 -15.09 57.50 -27.26
CA HIS K 209 -14.45 58.81 -27.32
C HIS K 209 -15.47 59.90 -27.01
N ASP K 210 -16.61 59.90 -27.74
CA ASP K 210 -17.70 60.88 -27.63
C ASP K 210 -18.35 60.94 -26.24
N ILE K 211 -18.43 59.81 -25.54
CA ILE K 211 -18.98 59.82 -24.19
C ILE K 211 -18.01 60.56 -23.22
N TYR K 212 -16.67 60.37 -23.39
CA TYR K 212 -15.62 61.06 -22.63
C TYR K 212 -15.77 62.58 -22.82
N SER K 213 -15.81 63.05 -24.10
CA SER K 213 -15.99 64.45 -24.46
C SER K 213 -17.27 65.00 -23.79
N TYR K 214 -18.39 64.23 -23.89
CA TYR K 214 -19.68 64.62 -23.31
C TYR K 214 -19.59 64.86 -21.81
N ALA K 215 -18.86 64.01 -21.08
CA ALA K 215 -18.69 64.14 -19.63
C ALA K 215 -17.97 65.46 -19.24
N VAL K 216 -16.94 65.84 -20.03
CA VAL K 216 -16.16 67.07 -19.80
C VAL K 216 -17.09 68.26 -20.08
N ILE K 217 -17.93 68.16 -21.15
CA ILE K 217 -18.91 69.17 -21.53
C ILE K 217 -19.98 69.29 -20.44
N THR K 218 -20.43 68.15 -19.88
CA THR K 218 -21.44 68.11 -18.82
C THR K 218 -20.86 68.76 -17.54
N TRP K 219 -19.58 68.52 -17.24
CA TRP K 219 -18.89 69.13 -16.11
C TRP K 219 -18.90 70.65 -16.33
N GLU K 220 -18.35 71.09 -17.48
CA GLU K 220 -18.23 72.47 -17.94
C GLU K 220 -19.55 73.25 -17.93
N VAL K 221 -20.68 72.59 -18.34
CA VAL K 221 -22.01 73.22 -18.37
C VAL K 221 -22.47 73.54 -16.94
N LEU K 222 -22.34 72.55 -16.04
CA LEU K 222 -22.76 72.63 -14.65
C LEU K 222 -21.85 73.52 -13.79
N SER K 223 -20.53 73.46 -14.05
CA SER K 223 -19.56 74.25 -13.29
C SER K 223 -19.42 75.66 -13.76
N ARG K 224 -19.67 75.92 -15.04
CA ARG K 224 -19.43 77.24 -15.63
C ARG K 224 -17.97 77.67 -15.32
N LYS K 225 -17.04 76.70 -15.51
CA LYS K 225 -15.58 76.83 -15.35
C LYS K 225 -14.83 76.11 -16.49
N GLN K 226 -13.64 76.62 -16.86
CA GLN K 226 -12.81 76.01 -17.91
C GLN K 226 -12.03 74.83 -17.34
N PRO K 227 -12.19 73.61 -17.91
CA PRO K 227 -11.48 72.44 -17.38
C PRO K 227 -9.96 72.62 -17.46
N PHE K 228 -9.25 72.35 -16.33
CA PHE K 228 -7.79 72.47 -16.18
C PHE K 228 -7.32 73.92 -16.40
N GLU K 229 -8.11 74.90 -15.91
CA GLU K 229 -7.82 76.34 -16.06
C GLU K 229 -6.48 76.72 -15.38
N ASP K 230 -6.16 76.07 -14.26
CA ASP K 230 -4.94 76.29 -13.49
C ASP K 230 -3.69 75.73 -14.18
N VAL K 231 -3.86 74.94 -15.27
CA VAL K 231 -2.74 74.29 -15.96
C VAL K 231 -2.31 75.04 -17.22
N THR K 232 -1.01 75.42 -17.25
CA THR K 232 -0.37 76.16 -18.34
C THR K 232 -0.01 75.28 -19.58
N ASN K 233 0.86 74.26 -19.37
CA ASN K 233 1.30 73.33 -20.42
C ASN K 233 0.22 72.29 -20.75
N PRO K 234 -0.15 72.15 -22.06
CA PRO K 234 -1.15 71.14 -22.44
C PRO K 234 -0.68 69.70 -22.21
N LEU K 235 0.64 69.49 -22.28
CA LEU K 235 1.26 68.19 -22.02
C LEU K 235 1.08 67.77 -20.57
N GLN K 236 0.94 68.75 -19.66
CA GLN K 236 0.70 68.50 -18.26
C GLN K 236 -0.70 67.96 -18.10
N ILE K 237 -1.69 68.55 -18.84
CA ILE K 237 -3.11 68.15 -18.85
C ILE K 237 -3.19 66.69 -19.32
N MET K 238 -2.41 66.37 -20.38
CA MET K 238 -2.30 65.05 -20.98
C MET K 238 -1.71 64.00 -20.03
N TYR K 239 -0.67 64.37 -19.23
CA TYR K 239 -0.08 63.46 -18.25
C TYR K 239 -1.03 63.25 -17.06
N SER K 240 -1.64 64.33 -16.54
CA SER K 240 -2.61 64.27 -15.44
C SER K 240 -3.77 63.32 -15.74
N VAL K 241 -4.41 63.50 -16.91
CA VAL K 241 -5.56 62.68 -17.33
C VAL K 241 -5.18 61.21 -17.52
N SER K 242 -4.02 60.93 -18.18
CA SER K 242 -3.53 59.56 -18.39
C SER K 242 -3.26 58.80 -17.07
N GLN K 243 -3.20 59.57 -15.95
CA GLN K 243 -3.00 59.07 -14.59
C GLN K 243 -4.31 59.05 -13.77
N GLY K 244 -5.42 59.36 -14.45
CA GLY K 244 -6.73 59.37 -13.82
C GLY K 244 -7.28 60.71 -13.37
N HIS K 245 -6.54 61.82 -13.63
CA HIS K 245 -7.03 63.13 -13.22
C HIS K 245 -8.07 63.65 -14.18
N ARG K 246 -9.12 64.23 -13.62
CA ARG K 246 -10.26 64.79 -14.34
C ARG K 246 -10.63 66.09 -13.64
N PRO K 247 -11.30 67.05 -14.32
CA PRO K 247 -11.71 68.29 -13.63
C PRO K 247 -12.32 68.04 -12.25
N VAL K 248 -11.93 68.86 -11.26
CA VAL K 248 -12.29 68.70 -9.84
C VAL K 248 -13.80 68.77 -9.56
N ILE K 249 -14.26 67.87 -8.69
CA ILE K 249 -15.66 67.78 -8.25
C ILE K 249 -15.65 68.02 -6.74
N ASN K 250 -16.18 69.18 -6.32
CA ASN K 250 -16.28 69.65 -4.93
C ASN K 250 -17.32 70.76 -4.87
N GLU K 251 -17.58 71.30 -3.67
CA GLU K 251 -18.53 72.40 -3.45
C GLU K 251 -18.15 73.71 -4.17
N GLU K 252 -16.83 73.96 -4.39
CA GLU K 252 -16.36 75.16 -5.08
C GLU K 252 -16.63 75.06 -6.60
N SER K 253 -16.30 73.89 -7.20
CA SER K 253 -16.50 73.63 -8.64
C SER K 253 -17.99 73.41 -8.98
N LEU K 254 -18.62 72.38 -8.38
CA LEU K 254 -20.03 72.07 -8.58
C LEU K 254 -20.80 72.23 -7.25
N PRO K 255 -21.50 73.37 -7.02
CA PRO K 255 -22.19 73.54 -5.73
C PRO K 255 -23.29 72.52 -5.44
N TYR K 256 -23.78 72.49 -4.18
CA TYR K 256 -24.83 71.57 -3.78
C TYR K 256 -26.22 72.00 -4.25
N ASP K 257 -26.38 73.28 -4.65
CA ASP K 257 -27.64 73.83 -5.15
C ASP K 257 -28.09 73.19 -6.51
N ILE K 258 -27.14 72.51 -7.21
CA ILE K 258 -27.34 71.84 -8.51
C ILE K 258 -28.44 70.79 -8.43
N PRO K 259 -29.52 70.93 -9.24
CA PRO K 259 -30.59 69.91 -9.25
C PRO K 259 -30.08 68.56 -9.75
N HIS K 260 -30.40 67.48 -9.01
CA HIS K 260 -29.99 66.09 -9.27
C HIS K 260 -28.44 65.96 -9.33
N ARG K 261 -27.74 66.71 -8.45
CA ARG K 261 -26.27 66.75 -8.32
C ARG K 261 -25.63 65.37 -8.32
N ALA K 262 -26.19 64.44 -7.51
CA ALA K 262 -25.72 63.06 -7.38
C ALA K 262 -25.80 62.27 -8.67
N ARG K 263 -26.95 62.35 -9.35
CA ARG K 263 -27.21 61.68 -10.63
C ARG K 263 -26.23 62.20 -11.67
N MET K 264 -26.02 63.53 -11.68
CA MET K 264 -25.10 64.23 -12.59
C MET K 264 -23.65 63.84 -12.37
N ILE K 265 -23.17 63.88 -11.11
CA ILE K 265 -21.80 63.51 -10.79
C ILE K 265 -21.55 62.04 -11.14
N SER K 266 -22.57 61.14 -10.92
CA SER K 266 -22.50 59.73 -11.26
C SER K 266 -22.29 59.58 -12.77
N LEU K 267 -23.04 60.38 -13.55
CA LEU K 267 -23.01 60.41 -15.01
C LEU K 267 -21.65 60.93 -15.51
N ILE K 268 -21.13 62.07 -14.92
CA ILE K 268 -19.85 62.72 -15.29
C ILE K 268 -18.62 61.85 -14.92
N GLU K 269 -18.65 61.16 -13.77
CA GLU K 269 -17.57 60.27 -13.35
C GLU K 269 -17.51 58.97 -14.20
N SER K 270 -18.68 58.40 -14.52
CA SER K 270 -18.79 57.22 -15.38
C SER K 270 -18.45 57.59 -16.84
N GLY K 271 -18.82 58.81 -17.23
CA GLY K 271 -18.53 59.34 -18.54
C GLY K 271 -17.04 59.41 -18.82
N TRP K 272 -16.24 60.00 -17.90
CA TRP K 272 -14.78 60.12 -18.09
C TRP K 272 -13.97 58.99 -17.41
N ALA K 273 -14.60 57.81 -17.18
CA ALA K 273 -13.93 56.62 -16.61
C ALA K 273 -12.64 56.29 -17.37
N GLN K 274 -11.56 55.97 -16.66
CA GLN K 274 -10.27 55.57 -17.24
C GLN K 274 -10.42 54.34 -18.15
N ASN K 275 -11.27 53.38 -17.71
CA ASN K 275 -11.63 52.19 -18.47
C ASN K 275 -12.70 52.58 -19.49
N PRO K 276 -12.44 52.43 -20.83
CA PRO K 276 -13.45 52.80 -21.84
C PRO K 276 -14.72 51.94 -21.73
N ASP K 277 -14.56 50.66 -21.37
CA ASP K 277 -15.63 49.69 -21.20
C ASP K 277 -16.55 50.06 -20.03
N GLU K 278 -16.08 50.96 -19.13
CA GLU K 278 -16.83 51.46 -17.96
C GLU K 278 -17.68 52.68 -18.26
N ARG K 279 -17.44 53.31 -19.41
CA ARG K 279 -18.17 54.50 -19.86
C ARG K 279 -19.56 54.16 -20.42
N PRO K 280 -20.63 54.95 -20.13
CA PRO K 280 -21.95 54.59 -20.62
C PRO K 280 -22.22 54.87 -22.10
N SER K 281 -23.38 54.38 -22.57
CA SER K 281 -23.85 54.64 -23.92
C SER K 281 -24.61 55.93 -23.84
N PHE K 282 -24.92 56.54 -24.99
CA PHE K 282 -25.72 57.76 -24.98
C PHE K 282 -27.18 57.43 -24.65
N LEU K 283 -27.60 56.18 -24.92
CA LEU K 283 -28.94 55.71 -24.58
C LEU K 283 -29.11 55.75 -23.04
N LYS K 284 -28.06 55.33 -22.28
CA LYS K 284 -28.04 55.34 -20.82
C LYS K 284 -28.08 56.77 -20.30
N CYS K 285 -27.41 57.71 -21.00
CA CYS K 285 -27.42 59.13 -20.65
C CYS K 285 -28.83 59.60 -20.75
N LEU K 286 -29.48 59.26 -21.89
CA LEU K 286 -30.86 59.65 -22.20
C LEU K 286 -31.82 59.11 -21.16
N ILE K 287 -31.68 57.81 -20.81
CA ILE K 287 -32.56 57.21 -19.80
C ILE K 287 -32.34 57.89 -18.42
N GLU K 288 -31.10 58.24 -18.07
CA GLU K 288 -30.85 58.88 -16.77
C GLU K 288 -31.13 60.38 -16.80
N LEU K 289 -31.21 61.01 -18.00
CA LEU K 289 -31.52 62.44 -18.16
C LEU K 289 -33.02 62.70 -18.23
N GLU K 290 -33.77 61.87 -18.99
CA GLU K 290 -35.22 61.99 -19.21
C GLU K 290 -36.01 62.31 -17.92
N PRO K 291 -35.82 61.58 -16.78
CA PRO K 291 -36.59 61.90 -15.56
C PRO K 291 -36.32 63.28 -14.96
N VAL K 292 -35.08 63.77 -15.17
CA VAL K 292 -34.64 65.08 -14.71
C VAL K 292 -35.43 66.14 -15.51
N LEU K 293 -35.31 66.13 -16.85
CA LEU K 293 -35.96 67.11 -17.69
C LEU K 293 -37.44 67.21 -17.46
N ARG K 294 -38.08 66.10 -17.05
CA ARG K 294 -39.52 65.98 -16.77
C ARG K 294 -39.96 66.81 -15.58
N THR K 295 -39.04 67.04 -14.62
CA THR K 295 -39.30 67.88 -13.45
C THR K 295 -39.68 69.31 -13.88
N PHE K 296 -38.95 69.89 -14.86
CA PHE K 296 -39.14 71.24 -15.40
C PHE K 296 -40.40 71.38 -16.26
N GLU K 297 -41.15 72.48 -16.07
CA GLU K 297 -42.35 72.77 -16.90
C GLU K 297 -41.93 73.53 -18.16
N GLU K 298 -42.56 73.20 -19.31
CA GLU K 298 -42.25 73.74 -20.65
C GLU K 298 -41.99 75.28 -20.71
N ILE K 299 -42.65 76.05 -19.85
CA ILE K 299 -42.51 77.50 -19.79
C ILE K 299 -41.15 77.96 -19.22
N THR K 300 -40.62 77.24 -18.20
CA THR K 300 -39.35 77.56 -17.52
C THR K 300 -38.17 77.68 -18.49
N PHE K 301 -38.24 76.95 -19.63
CA PHE K 301 -37.22 76.98 -20.69
C PHE K 301 -37.37 78.28 -21.46
N LEU K 302 -38.62 78.63 -21.81
CA LEU K 302 -38.94 79.85 -22.57
C LEU K 302 -38.63 81.10 -21.73
N GLU K 303 -38.79 80.97 -20.39
CA GLU K 303 -38.49 82.02 -19.43
C GLU K 303 -36.96 82.17 -19.35
N ALA K 304 -36.25 81.02 -19.33
CA ALA K 304 -34.78 80.93 -19.30
C ALA K 304 -34.12 81.60 -20.50
N VAL K 305 -34.64 81.34 -21.72
CA VAL K 305 -34.11 81.93 -22.96
C VAL K 305 -34.38 83.45 -22.98
N ILE K 306 -35.57 83.90 -22.48
CA ILE K 306 -35.90 85.32 -22.46
C ILE K 306 -35.03 86.06 -21.42
N GLN K 307 -34.71 85.38 -20.29
CA GLN K 307 -33.84 85.92 -19.25
C GLN K 307 -32.45 86.30 -19.78
N LEU K 308 -32.04 85.72 -20.94
CA LEU K 308 -30.75 85.99 -21.61
C LEU K 308 -30.86 87.26 -22.46
N LYS K 309 -32.02 87.46 -23.15
CA LYS K 309 -32.27 88.61 -24.02
C LYS K 309 -33.07 89.68 -23.31
N ALA L 4 -21.26 64.19 -57.27
CA ALA L 4 -22.55 64.63 -56.78
C ALA L 4 -22.83 64.03 -55.38
N ILE L 5 -23.14 64.90 -54.38
CA ILE L 5 -23.37 64.49 -52.99
C ILE L 5 -24.84 64.10 -52.77
N CYS L 6 -25.07 62.81 -52.52
CA CYS L 6 -26.39 62.22 -52.24
C CYS L 6 -26.53 61.73 -50.79
N SER L 7 -27.79 61.54 -50.36
CA SER L 7 -28.24 60.99 -49.09
C SER L 7 -29.57 60.29 -49.32
N ALA L 8 -29.68 59.02 -48.92
CA ALA L 8 -30.91 58.26 -49.09
C ALA L 8 -31.73 58.40 -47.83
N LEU L 9 -33.05 58.66 -47.97
CA LEU L 9 -33.96 58.84 -46.83
C LEU L 9 -34.07 57.55 -45.98
N PRO L 10 -33.83 57.66 -44.65
CA PRO L 10 -33.88 56.45 -43.80
C PRO L 10 -35.17 55.65 -43.88
N THR L 11 -35.07 54.32 -43.69
CA THR L 11 -36.24 53.44 -43.66
C THR L 11 -36.48 53.03 -42.21
N ILE L 12 -37.65 53.44 -41.66
CA ILE L 12 -38.02 53.15 -40.27
C ILE L 12 -38.98 51.96 -40.16
N PRO L 13 -38.59 50.87 -39.43
CA PRO L 13 -39.50 49.73 -39.24
C PRO L 13 -40.68 50.13 -38.34
N TYR L 14 -41.91 49.71 -38.69
CA TYR L 14 -43.13 50.03 -37.95
C TYR L 14 -43.03 49.78 -36.44
N HIS L 15 -42.30 48.71 -36.05
CA HIS L 15 -42.13 48.32 -34.65
C HIS L 15 -41.31 49.35 -33.83
N LYS L 16 -40.55 50.24 -34.53
CA LYS L 16 -39.76 51.32 -33.92
C LYS L 16 -40.66 52.51 -33.58
N LEU L 17 -41.85 52.55 -34.21
CA LEU L 17 -42.83 53.58 -33.96
C LEU L 17 -43.75 53.10 -32.84
N ALA L 18 -43.50 53.62 -31.62
CA ALA L 18 -44.21 53.29 -30.37
C ALA L 18 -45.17 54.38 -30.02
N ASP L 19 -46.21 54.05 -29.22
CA ASP L 19 -47.26 54.97 -28.73
C ASP L 19 -47.96 55.69 -29.89
N LEU L 20 -48.33 54.95 -30.96
CA LEU L 20 -48.96 55.52 -32.15
C LEU L 20 -50.39 56.00 -31.89
N ARG L 21 -50.50 57.25 -31.45
CA ARG L 21 -51.77 57.90 -31.13
C ARG L 21 -52.21 58.79 -32.31
N TYR L 22 -53.50 58.70 -32.70
CA TYR L 22 -54.10 59.47 -33.78
C TYR L 22 -54.10 60.98 -33.47
N LEU L 23 -53.89 61.81 -34.52
CA LEU L 23 -53.91 63.28 -34.38
C LEU L 23 -55.04 63.88 -35.20
N SER L 24 -55.08 63.59 -36.51
CA SER L 24 -56.07 64.10 -37.47
C SER L 24 -56.14 63.25 -38.74
N ARG L 25 -57.24 63.38 -39.50
CA ARG L 25 -57.47 62.71 -40.78
C ARG L 25 -57.89 63.77 -41.81
N GLY L 26 -57.23 63.76 -42.97
CA GLY L 26 -57.45 64.71 -44.05
C GLY L 26 -57.29 64.11 -45.42
N ALA L 27 -57.33 64.97 -46.48
CA ALA L 27 -57.22 64.56 -47.88
C ALA L 27 -55.84 63.99 -48.20
N SER L 28 -54.77 64.60 -47.62
CA SER L 28 -53.39 64.16 -47.84
C SER L 28 -53.08 62.84 -47.12
N GLY L 29 -53.81 62.58 -46.00
CA GLY L 29 -53.69 61.34 -45.22
C GLY L 29 -54.11 61.48 -43.77
N THR L 30 -53.68 60.51 -42.92
CA THR L 30 -53.94 60.51 -41.47
C THR L 30 -52.64 60.83 -40.73
N VAL L 31 -52.66 61.89 -39.90
CA VAL L 31 -51.50 62.25 -39.09
C VAL L 31 -51.65 61.62 -37.69
N SER L 32 -50.58 60.95 -37.21
CA SER L 32 -50.50 60.29 -35.89
C SER L 32 -49.18 60.66 -35.22
N SER L 33 -49.15 60.67 -33.88
CA SER L 33 -47.96 60.95 -33.07
C SER L 33 -47.40 59.63 -32.55
N ALA L 34 -46.08 59.42 -32.75
CA ALA L 34 -45.32 58.23 -32.33
C ALA L 34 -44.02 58.65 -31.66
N ARG L 35 -43.32 57.70 -31.07
CA ARG L 35 -42.02 57.99 -30.48
C ARG L 35 -40.99 56.95 -30.93
N HIS L 36 -39.93 57.40 -31.61
CA HIS L 36 -38.91 56.50 -32.13
C HIS L 36 -38.20 55.75 -31.01
N ALA L 37 -38.35 54.41 -31.02
CA ALA L 37 -37.79 53.45 -30.06
C ALA L 37 -36.29 53.56 -29.86
N ASP L 38 -35.55 53.92 -30.92
CA ASP L 38 -34.08 54.04 -30.88
C ASP L 38 -33.60 55.46 -30.63
N TRP L 39 -34.24 56.46 -31.28
CA TRP L 39 -33.87 57.88 -31.19
C TRP L 39 -34.37 58.58 -29.95
N ARG L 40 -35.42 58.00 -29.32
CA ARG L 40 -36.07 58.45 -28.08
C ARG L 40 -36.51 59.92 -28.18
N VAL L 41 -37.22 60.22 -29.29
CA VAL L 41 -37.82 61.51 -29.68
C VAL L 41 -39.24 61.29 -30.23
N GLN L 42 -40.12 62.28 -30.03
CA GLN L 42 -41.50 62.21 -30.51
C GLN L 42 -41.51 62.64 -31.97
N VAL L 43 -42.07 61.76 -32.81
CA VAL L 43 -42.24 61.92 -34.25
C VAL L 43 -43.75 61.99 -34.62
N ALA L 44 -44.02 62.51 -35.82
CA ALA L 44 -45.33 62.62 -36.42
C ALA L 44 -45.30 61.79 -37.72
N VAL L 45 -46.34 60.95 -37.90
CA VAL L 45 -46.47 60.01 -39.01
C VAL L 45 -47.72 60.27 -39.87
N LYS L 46 -47.55 60.50 -41.19
CA LYS L 46 -48.69 60.66 -42.10
C LYS L 46 -48.90 59.35 -42.88
N HIS L 47 -50.14 58.81 -42.88
CA HIS L 47 -50.45 57.52 -43.52
C HIS L 47 -51.90 57.40 -44.06
N SER L 57 -53.55 50.62 -55.32
CA SER L 57 -52.24 50.79 -54.71
C SER L 57 -51.51 52.06 -55.23
N GLU L 58 -52.22 53.20 -55.10
CA GLU L 58 -51.74 54.55 -55.45
C GLU L 58 -51.01 55.16 -54.24
N ARG L 59 -50.22 54.29 -53.55
CA ARG L 59 -49.32 54.49 -52.42
C ARG L 59 -48.20 55.41 -52.89
N LYS L 60 -48.05 55.53 -54.22
CA LYS L 60 -47.12 56.35 -54.95
C LYS L 60 -47.13 57.83 -54.52
N ASP L 61 -48.29 58.34 -53.99
CA ASP L 61 -48.40 59.72 -53.49
C ASP L 61 -47.53 59.88 -52.26
N VAL L 62 -47.59 58.88 -51.34
CA VAL L 62 -46.81 58.79 -50.11
C VAL L 62 -45.34 58.68 -50.44
N LEU L 63 -45.00 57.89 -51.47
CA LEU L 63 -43.62 57.72 -51.94
C LEU L 63 -43.07 59.00 -52.58
N ARG L 64 -43.89 59.68 -53.40
CA ARG L 64 -43.48 60.91 -54.07
C ARG L 64 -43.39 62.10 -53.11
N GLU L 65 -44.41 62.26 -52.21
CA GLU L 65 -44.44 63.31 -51.19
C GLU L 65 -43.19 63.23 -50.29
N ALA L 66 -42.75 62.02 -49.92
CA ALA L 66 -41.54 61.84 -49.15
C ALA L 66 -40.30 62.32 -49.94
N GLU L 67 -40.22 61.94 -51.24
CA GLU L 67 -39.12 62.36 -52.11
C GLU L 67 -39.05 63.90 -52.18
N ILE L 68 -40.23 64.57 -52.24
CA ILE L 68 -40.33 66.03 -52.27
C ILE L 68 -39.73 66.63 -50.98
N LEU L 69 -40.19 66.18 -49.80
CA LEU L 69 -39.74 66.68 -48.49
C LEU L 69 -38.25 66.47 -48.23
N HIS L 70 -37.69 65.41 -48.82
CA HIS L 70 -36.27 65.09 -48.73
C HIS L 70 -35.46 66.02 -49.61
N LYS L 71 -35.99 66.33 -50.80
CA LYS L 71 -35.32 67.20 -51.76
C LYS L 71 -35.47 68.69 -51.43
N ALA L 72 -36.68 69.08 -51.00
CA ALA L 72 -37.03 70.47 -50.66
C ALA L 72 -36.68 70.89 -49.22
N ARG L 73 -35.74 70.22 -48.59
CA ARG L 73 -35.29 70.53 -47.25
C ARG L 73 -34.78 71.96 -47.10
N PHE L 74 -35.36 72.70 -46.13
CA PHE L 74 -34.99 74.06 -45.79
C PHE L 74 -35.52 74.38 -44.41
N SER L 75 -34.98 75.44 -43.78
CA SER L 75 -35.30 75.93 -42.43
C SER L 75 -36.81 76.14 -42.16
N TYR L 76 -37.62 76.33 -43.22
CA TYR L 76 -39.07 76.58 -43.14
C TYR L 76 -39.91 75.51 -43.84
N ILE L 77 -39.31 74.36 -44.10
CA ILE L 77 -39.93 73.18 -44.71
C ILE L 77 -39.85 72.06 -43.69
N LEU L 78 -40.99 71.40 -43.43
CA LEU L 78 -41.12 70.31 -42.45
C LEU L 78 -40.03 69.23 -42.63
N PRO L 79 -39.20 69.01 -41.61
CA PRO L 79 -38.11 68.05 -41.76
C PRO L 79 -38.58 66.61 -41.69
N ILE L 80 -38.41 65.91 -42.81
CA ILE L 80 -38.76 64.49 -42.92
C ILE L 80 -37.66 63.71 -42.24
N LEU L 81 -38.03 62.75 -41.37
CA LEU L 81 -37.04 61.95 -40.64
C LEU L 81 -36.76 60.57 -41.27
N GLY L 82 -37.73 60.08 -42.04
CA GLY L 82 -37.64 58.80 -42.72
C GLY L 82 -38.97 58.32 -43.26
N ILE L 83 -38.95 57.09 -43.82
CA ILE L 83 -40.11 56.44 -44.44
C ILE L 83 -40.34 55.03 -43.88
N CYS L 84 -41.61 54.72 -43.63
CA CYS L 84 -42.05 53.40 -43.20
C CYS L 84 -42.76 52.77 -44.39
N ASN L 85 -42.10 51.83 -45.07
CA ASN L 85 -42.66 51.15 -46.24
C ASN L 85 -42.62 49.65 -46.03
N GLU L 86 -43.74 49.14 -45.50
CA GLU L 86 -43.94 47.74 -45.18
C GLU L 86 -45.21 47.24 -45.87
N PRO L 87 -45.37 45.89 -46.09
CA PRO L 87 -46.62 45.40 -46.72
C PRO L 87 -47.88 45.74 -45.90
N GLU L 88 -47.72 45.79 -44.56
CA GLU L 88 -48.78 46.12 -43.61
C GLU L 88 -49.01 47.64 -43.47
N PHE L 89 -47.90 48.41 -43.39
CA PHE L 89 -47.93 49.85 -43.15
C PHE L 89 -47.06 50.69 -44.07
N LEU L 90 -47.59 51.85 -44.47
CA LEU L 90 -46.90 52.86 -45.25
C LEU L 90 -47.24 54.23 -44.70
N GLY L 91 -46.20 54.96 -44.30
CA GLY L 91 -46.34 56.29 -43.73
C GLY L 91 -45.05 57.08 -43.68
N ILE L 92 -45.17 58.40 -43.86
CA ILE L 92 -44.10 59.40 -43.83
C ILE L 92 -43.87 59.79 -42.39
N VAL L 93 -42.60 59.65 -41.91
CA VAL L 93 -42.20 59.98 -40.53
C VAL L 93 -41.42 61.28 -40.59
N THR L 94 -41.91 62.30 -39.88
CA THR L 94 -41.30 63.63 -39.86
C THR L 94 -41.14 64.14 -38.43
N GLU L 95 -40.69 65.42 -38.32
CA GLU L 95 -40.49 66.14 -37.07
C GLU L 95 -41.86 66.53 -36.47
N TYR L 96 -42.07 66.27 -35.15
CA TYR L 96 -43.34 66.58 -34.48
C TYR L 96 -43.44 68.07 -34.18
N MET L 97 -44.55 68.70 -34.60
CA MET L 97 -44.83 70.12 -34.39
C MET L 97 -45.71 70.30 -33.16
N PRO L 98 -45.12 70.70 -32.01
CA PRO L 98 -45.91 70.78 -30.77
C PRO L 98 -47.14 71.69 -30.82
N ASN L 99 -47.04 72.84 -31.51
CA ASN L 99 -48.12 73.83 -31.57
C ASN L 99 -49.14 73.59 -32.72
N GLY L 100 -48.89 72.60 -33.57
CA GLY L 100 -49.80 72.23 -34.64
C GLY L 100 -49.73 73.09 -35.86
N SER L 101 -50.85 73.74 -36.24
CA SER L 101 -50.93 74.59 -37.43
C SER L 101 -51.28 76.05 -37.13
N LEU L 102 -51.08 76.90 -38.15
CA LEU L 102 -51.37 78.34 -38.14
C LEU L 102 -52.90 78.57 -37.98
N ASN L 103 -53.71 77.66 -38.58
CA ASN L 103 -55.17 77.66 -38.50
C ASN L 103 -55.63 77.60 -37.04
N GLU L 104 -54.97 76.77 -36.25
CA GLU L 104 -55.23 76.58 -34.83
C GLU L 104 -54.88 77.83 -33.98
N LEU L 105 -53.70 78.46 -34.18
CA LEU L 105 -53.38 79.68 -33.42
C LEU L 105 -54.38 80.79 -33.77
N LEU L 106 -54.65 80.97 -35.09
CA LEU L 106 -55.53 82.02 -35.60
C LEU L 106 -56.98 81.90 -35.21
N HIS L 107 -57.52 80.69 -35.15
CA HIS L 107 -58.96 80.56 -34.91
C HIS L 107 -59.33 80.04 -33.53
N ARG L 108 -58.37 79.54 -32.72
CA ARG L 108 -58.68 79.12 -31.34
C ARG L 108 -58.51 80.36 -30.46
N LYS L 109 -59.52 81.27 -30.56
CA LYS L 109 -59.57 82.57 -29.88
C LYS L 109 -59.81 82.46 -28.36
N THR L 110 -60.20 81.27 -27.88
CA THR L 110 -60.39 80.99 -26.45
C THR L 110 -59.04 80.59 -25.84
N GLU L 111 -58.34 79.64 -26.50
CA GLU L 111 -57.03 79.10 -26.13
C GLU L 111 -55.94 80.17 -26.33
N TYR L 112 -56.00 80.88 -27.47
CA TYR L 112 -55.06 81.95 -27.82
C TYR L 112 -55.83 83.28 -28.00
N PRO L 113 -56.21 83.96 -26.90
CA PRO L 113 -56.95 85.22 -27.04
C PRO L 113 -56.14 86.36 -27.66
N ASP L 114 -54.85 86.47 -27.31
CA ASP L 114 -53.98 87.52 -27.85
C ASP L 114 -52.80 86.94 -28.63
N VAL L 115 -52.74 87.27 -29.94
CA VAL L 115 -51.68 86.91 -30.87
C VAL L 115 -51.06 88.24 -31.39
N ALA L 116 -49.86 88.58 -30.90
CA ALA L 116 -49.16 89.84 -31.21
C ALA L 116 -48.77 90.03 -32.67
N TRP L 117 -48.77 91.29 -33.13
CA TRP L 117 -48.36 91.66 -34.47
C TRP L 117 -46.94 91.19 -34.79
N PRO L 118 -45.89 91.40 -33.93
CA PRO L 118 -44.55 90.87 -34.27
C PRO L 118 -44.55 89.38 -34.67
N LEU L 119 -45.30 88.53 -33.92
CA LEU L 119 -45.42 87.11 -34.22
C LEU L 119 -46.16 86.88 -35.55
N ARG L 120 -47.31 87.53 -35.75
CA ARG L 120 -48.10 87.44 -36.99
C ARG L 120 -47.22 87.80 -38.17
N PHE L 121 -46.41 88.89 -38.00
CA PHE L 121 -45.47 89.44 -38.98
C PHE L 121 -44.20 88.58 -39.17
N ARG L 122 -43.76 87.80 -38.13
CA ARG L 122 -42.63 86.87 -38.29
C ARG L 122 -43.08 85.59 -39.06
N ILE L 123 -44.32 85.09 -38.76
CA ILE L 123 -44.96 83.94 -39.42
C ILE L 123 -45.09 84.19 -40.93
N LEU L 124 -45.69 85.36 -41.32
CA LEU L 124 -45.88 85.72 -42.71
C LEU L 124 -44.55 85.72 -43.43
N HIS L 125 -43.56 86.43 -42.86
CA HIS L 125 -42.19 86.54 -43.37
C HIS L 125 -41.59 85.16 -43.67
N GLU L 126 -41.69 84.24 -42.68
CA GLU L 126 -41.19 82.87 -42.74
C GLU L 126 -41.84 82.02 -43.84
N ILE L 127 -43.19 82.12 -43.98
CA ILE L 127 -43.93 81.42 -45.06
C ILE L 127 -43.34 81.85 -46.42
N ALA L 128 -43.22 83.19 -46.63
CA ALA L 128 -42.68 83.75 -47.87
C ALA L 128 -41.23 83.25 -48.10
N LEU L 129 -40.39 83.19 -47.02
CA LEU L 129 -39.00 82.71 -47.08
C LEU L 129 -38.91 81.24 -47.54
N GLY L 130 -39.83 80.40 -47.06
CA GLY L 130 -39.94 78.99 -47.42
C GLY L 130 -40.38 78.80 -48.86
N VAL L 131 -41.51 79.46 -49.24
CA VAL L 131 -42.09 79.41 -50.60
C VAL L 131 -41.10 80.00 -51.65
N ASN L 132 -40.35 81.04 -51.24
CA ASN L 132 -39.33 81.64 -52.09
C ASN L 132 -38.23 80.62 -52.38
N TYR L 133 -37.78 79.85 -51.34
CA TYR L 133 -36.75 78.84 -51.49
C TYR L 133 -37.18 77.77 -52.46
N LEU L 134 -38.45 77.32 -52.35
CA LEU L 134 -39.07 76.30 -53.21
C LEU L 134 -39.02 76.75 -54.67
N HIS L 135 -39.38 78.02 -54.90
CA HIS L 135 -39.45 78.62 -56.22
C HIS L 135 -38.07 78.84 -56.81
N ASN L 136 -37.05 78.94 -55.95
CA ASN L 136 -35.65 79.13 -56.34
C ASN L 136 -34.88 77.81 -56.59
N MET L 137 -35.57 76.66 -56.51
CA MET L 137 -34.98 75.35 -56.75
C MET L 137 -34.73 75.12 -58.23
N THR L 138 -33.93 74.10 -58.59
CA THR L 138 -33.64 73.77 -59.99
C THR L 138 -33.98 72.30 -60.28
N PRO L 139 -35.16 71.98 -60.88
CA PRO L 139 -36.22 72.90 -61.35
C PRO L 139 -37.02 73.51 -60.19
N PRO L 140 -37.74 74.64 -60.36
CA PRO L 140 -38.49 75.19 -59.23
C PRO L 140 -39.57 74.24 -58.73
N LEU L 141 -39.88 74.30 -57.43
CA LEU L 141 -40.95 73.46 -56.89
C LEU L 141 -42.08 74.35 -56.49
N LEU L 142 -43.28 74.00 -56.97
CA LEU L 142 -44.51 74.73 -56.69
C LEU L 142 -45.38 73.91 -55.76
N HIS L 143 -45.69 74.48 -54.59
CA HIS L 143 -46.46 73.85 -53.52
C HIS L 143 -47.89 73.45 -53.94
N HIS L 144 -48.63 74.36 -54.58
CA HIS L 144 -49.99 74.18 -55.10
C HIS L 144 -51.03 73.70 -54.09
N ASP L 145 -50.76 73.90 -52.77
CA ASP L 145 -51.69 73.49 -51.74
C ASP L 145 -51.67 74.36 -50.48
N LEU L 146 -50.88 75.45 -50.44
CA LEU L 146 -50.78 76.34 -49.28
C LEU L 146 -52.12 76.74 -48.63
N LYS L 147 -52.27 76.42 -47.34
CA LYS L 147 -53.41 76.69 -46.46
C LYS L 147 -52.81 77.04 -45.09
N THR L 148 -53.61 77.58 -44.15
CA THR L 148 -53.17 77.87 -42.78
C THR L 148 -52.92 76.60 -41.99
N GLN L 149 -53.54 75.49 -42.43
CA GLN L 149 -53.41 74.15 -41.84
C GLN L 149 -52.06 73.54 -42.19
N ASN L 150 -51.52 73.87 -43.38
CA ASN L 150 -50.23 73.40 -43.90
C ASN L 150 -49.01 74.08 -43.29
N ILE L 151 -49.23 75.28 -42.72
CA ILE L 151 -48.21 76.11 -42.10
C ILE L 151 -48.18 75.70 -40.65
N LEU L 152 -47.22 74.83 -40.34
CA LEU L 152 -47.05 74.29 -39.00
C LEU L 152 -46.16 75.15 -38.13
N LEU L 153 -46.36 75.05 -36.82
CA LEU L 153 -45.68 75.82 -35.80
C LEU L 153 -44.94 74.91 -34.85
N ASP L 154 -43.63 75.18 -34.66
CA ASP L 154 -42.82 74.42 -33.70
C ASP L 154 -43.00 74.96 -32.26
N ASN L 155 -42.29 74.36 -31.28
CA ASN L 155 -42.32 74.74 -29.86
C ASN L 155 -42.04 76.24 -29.60
N GLU L 156 -41.36 76.90 -30.53
CA GLU L 156 -41.05 78.32 -30.43
C GLU L 156 -41.77 79.18 -31.51
N PHE L 157 -42.85 78.61 -32.12
CA PHE L 157 -43.71 79.26 -33.12
C PHE L 157 -42.97 79.72 -34.39
N HIS L 158 -42.25 78.81 -35.01
CA HIS L 158 -41.58 79.08 -36.27
C HIS L 158 -42.23 78.22 -37.33
N VAL L 159 -42.34 78.74 -38.55
CA VAL L 159 -43.01 78.13 -39.68
C VAL L 159 -42.27 76.90 -40.23
N LYS L 160 -43.05 75.88 -40.54
CA LYS L 160 -42.66 74.62 -41.12
C LYS L 160 -43.80 74.28 -42.12
N ILE L 161 -43.53 74.45 -43.43
CA ILE L 161 -44.49 74.19 -44.51
C ILE L 161 -44.61 72.67 -44.74
N ALA L 162 -45.86 72.16 -44.77
CA ALA L 162 -46.15 70.73 -44.97
C ALA L 162 -47.08 70.53 -46.15
N ASP L 163 -47.54 69.26 -46.37
CA ASP L 163 -48.47 68.84 -47.44
C ASP L 163 -47.94 69.13 -48.83
N PHE L 164 -47.08 68.23 -49.31
CA PHE L 164 -46.45 68.28 -50.63
C PHE L 164 -47.06 67.22 -51.55
N GLY L 165 -48.31 66.83 -51.22
CA GLY L 165 -49.13 65.85 -51.93
C GLY L 165 -49.55 66.30 -53.31
N LEU L 166 -49.83 67.61 -53.45
CA LEU L 166 -50.25 68.25 -54.69
C LEU L 166 -49.15 69.06 -55.38
N SER L 167 -48.01 69.26 -54.70
CA SER L 167 -46.86 70.01 -55.23
C SER L 167 -46.28 69.45 -56.52
N LYS L 168 -45.81 70.33 -57.43
CA LYS L 168 -45.25 69.95 -58.71
C LYS L 168 -43.95 70.68 -59.06
N TRP L 169 -43.05 69.99 -59.79
CA TRP L 169 -41.77 70.52 -60.26
C TRP L 169 -41.95 71.21 -61.61
N ARG L 170 -41.65 72.52 -61.70
CA ARG L 170 -41.80 73.25 -62.97
C ARG L 170 -40.66 72.89 -63.95
N MET L 171 -40.93 71.94 -64.88
CA MET L 171 -39.96 71.47 -65.89
C MET L 171 -40.47 71.67 -67.33
N GLY L 187 -60.74 69.55 -48.33
CA GLY L 187 -60.74 69.99 -49.72
C GLY L 187 -61.21 71.41 -49.91
N THR L 188 -60.48 72.38 -49.31
CA THR L 188 -60.78 73.81 -49.41
C THR L 188 -60.20 74.46 -50.66
N ILE L 189 -61.07 75.20 -51.33
CA ILE L 189 -60.78 75.91 -52.57
C ILE L 189 -60.49 77.40 -52.32
N ILE L 190 -60.72 77.89 -51.08
CA ILE L 190 -60.63 79.30 -50.67
C ILE L 190 -59.22 79.92 -50.89
N TYR L 191 -58.18 79.10 -51.10
CA TYR L 191 -56.81 79.57 -51.34
C TYR L 191 -56.41 79.37 -52.81
N MET L 192 -57.33 78.84 -53.61
CA MET L 192 -57.10 78.51 -55.00
C MET L 192 -57.38 79.67 -55.95
N PRO L 193 -56.43 80.01 -56.87
CA PRO L 193 -56.70 81.09 -57.83
C PRO L 193 -57.81 80.71 -58.81
N PRO L 194 -58.61 81.67 -59.32
CA PRO L 194 -59.77 81.31 -60.16
C PRO L 194 -59.47 80.58 -61.48
N GLU L 195 -58.24 80.72 -62.01
CA GLU L 195 -57.81 80.09 -63.28
C GLU L 195 -57.52 78.61 -63.13
N ASN L 196 -57.17 78.21 -61.89
CA ASN L 196 -56.79 76.84 -61.60
C ASN L 196 -57.99 75.98 -61.15
N TYR L 197 -59.22 76.56 -61.17
CA TYR L 197 -60.51 75.92 -60.88
C TYR L 197 -60.72 74.73 -61.81
N GLU L 198 -60.48 74.92 -63.12
CA GLU L 198 -60.53 73.88 -64.16
C GLU L 198 -59.26 73.96 -65.02
N PRO L 199 -58.52 72.83 -65.27
CA PRO L 199 -57.33 72.93 -66.15
C PRO L 199 -57.65 73.32 -67.61
N ILE L 207 -48.15 78.44 -61.94
CA ILE L 207 -46.98 79.03 -61.27
C ILE L 207 -47.36 80.11 -60.24
N LYS L 208 -48.24 81.09 -60.62
CA LYS L 208 -48.70 82.20 -59.75
C LYS L 208 -49.83 81.76 -58.78
N HIS L 209 -49.93 80.44 -58.51
CA HIS L 209 -50.90 79.81 -57.63
C HIS L 209 -50.57 80.13 -56.17
N ASP L 210 -49.33 79.85 -55.76
CA ASP L 210 -48.82 80.00 -54.39
C ASP L 210 -48.90 81.42 -53.86
N ILE L 211 -48.70 82.44 -54.73
CA ILE L 211 -48.83 83.85 -54.32
C ILE L 211 -50.31 84.18 -53.98
N TYR L 212 -51.27 83.61 -54.77
CA TYR L 212 -52.70 83.78 -54.53
C TYR L 212 -53.07 83.22 -53.17
N SER L 213 -52.64 81.97 -52.88
CA SER L 213 -52.90 81.28 -51.61
C SER L 213 -52.39 82.08 -50.39
N TYR L 214 -51.17 82.70 -50.53
CA TYR L 214 -50.44 83.52 -49.55
C TYR L 214 -51.17 84.81 -49.25
N ALA L 215 -51.80 85.41 -50.27
CA ALA L 215 -52.58 86.62 -50.09
C ALA L 215 -53.80 86.36 -49.17
N VAL L 216 -54.49 85.21 -49.38
CA VAL L 216 -55.67 84.79 -48.59
C VAL L 216 -55.26 84.51 -47.14
N ILE L 217 -54.02 83.97 -46.96
CA ILE L 217 -53.45 83.66 -45.66
C ILE L 217 -53.02 84.96 -44.95
N THR L 218 -52.35 85.89 -45.65
CA THR L 218 -51.95 87.16 -45.04
C THR L 218 -53.20 87.98 -44.68
N TRP L 219 -54.32 87.78 -45.42
CA TRP L 219 -55.61 88.38 -45.09
C TRP L 219 -56.07 87.73 -43.76
N GLU L 220 -56.17 86.39 -43.76
CA GLU L 220 -56.57 85.53 -42.64
C GLU L 220 -55.77 85.76 -41.35
N VAL L 221 -54.44 86.00 -41.44
CA VAL L 221 -53.58 86.22 -40.25
C VAL L 221 -53.90 87.56 -39.60
N LEU L 222 -53.94 88.63 -40.43
CA LEU L 222 -54.25 89.99 -40.02
C LEU L 222 -55.67 90.14 -39.49
N SER L 223 -56.66 89.56 -40.23
CA SER L 223 -58.08 89.62 -39.87
C SER L 223 -58.46 88.72 -38.69
N ARG L 224 -57.82 87.53 -38.55
CA ARG L 224 -58.13 86.49 -37.56
C ARG L 224 -59.57 85.98 -37.80
N LYS L 225 -60.02 86.07 -39.08
CA LYS L 225 -61.34 85.67 -39.55
C LYS L 225 -61.24 84.64 -40.68
N GLN L 226 -62.25 83.75 -40.78
CA GLN L 226 -62.31 82.71 -41.81
C GLN L 226 -62.79 83.32 -43.12
N PRO L 227 -62.01 83.21 -44.23
CA PRO L 227 -62.45 83.80 -45.52
C PRO L 227 -63.75 83.20 -46.01
N PHE L 228 -64.70 84.08 -46.38
CA PHE L 228 -66.06 83.77 -46.87
C PHE L 228 -66.89 83.05 -45.78
N GLU L 229 -66.72 83.43 -44.50
CA GLU L 229 -67.41 82.82 -43.36
C GLU L 229 -68.91 83.03 -43.44
N ASP L 230 -69.32 84.21 -43.93
CA ASP L 230 -70.72 84.61 -44.08
C ASP L 230 -71.43 83.89 -45.23
N VAL L 231 -70.67 83.30 -46.17
CA VAL L 231 -71.31 82.58 -47.27
C VAL L 231 -71.35 81.08 -46.94
N THR L 232 -72.51 80.44 -47.23
CA THR L 232 -72.79 79.03 -46.94
C THR L 232 -72.25 78.04 -48.02
N ASN L 233 -72.75 78.16 -49.26
CA ASN L 233 -72.40 77.30 -50.38
C ASN L 233 -70.99 77.62 -50.91
N PRO L 234 -70.07 76.63 -50.85
CA PRO L 234 -68.69 76.85 -51.32
C PRO L 234 -68.53 77.01 -52.83
N LEU L 235 -69.56 76.60 -53.60
CA LEU L 235 -69.58 76.76 -55.05
C LEU L 235 -70.09 78.18 -55.36
N GLN L 236 -70.74 78.83 -54.33
CA GLN L 236 -71.22 80.21 -54.40
C GLN L 236 -69.98 81.13 -54.32
N ILE L 237 -68.98 80.71 -53.51
CA ILE L 237 -67.68 81.36 -53.38
C ILE L 237 -67.03 81.24 -54.75
N MET L 238 -66.91 79.99 -55.26
CA MET L 238 -66.28 79.63 -56.55
C MET L 238 -66.64 80.55 -57.72
N TYR L 239 -67.93 80.82 -57.89
CA TYR L 239 -68.38 81.71 -58.94
C TYR L 239 -67.89 83.13 -58.68
N SER L 240 -68.19 83.72 -57.47
CA SER L 240 -67.79 85.08 -57.05
C SER L 240 -66.30 85.35 -57.23
N VAL L 241 -65.46 84.37 -56.87
CA VAL L 241 -64.02 84.48 -56.99
C VAL L 241 -63.63 84.44 -58.47
N SER L 242 -64.44 83.77 -59.30
CA SER L 242 -64.20 83.72 -60.74
C SER L 242 -64.75 85.01 -61.36
N GLN L 243 -65.61 85.72 -60.59
CA GLN L 243 -66.21 87.00 -60.95
C GLN L 243 -65.25 88.15 -60.53
N GLY L 244 -64.23 87.82 -59.74
CA GLY L 244 -63.21 88.74 -59.26
C GLY L 244 -63.39 89.26 -57.84
N HIS L 245 -64.18 88.55 -57.02
CA HIS L 245 -64.43 88.92 -55.63
C HIS L 245 -63.47 88.20 -54.72
N ARG L 246 -63.06 88.86 -53.62
CA ARG L 246 -62.12 88.31 -52.64
C ARG L 246 -62.50 88.71 -51.22
N PRO L 247 -62.02 88.02 -50.12
CA PRO L 247 -62.39 88.42 -48.75
C PRO L 247 -62.39 89.93 -48.54
N VAL L 248 -63.41 90.44 -47.87
CA VAL L 248 -63.64 91.87 -47.66
C VAL L 248 -62.53 92.58 -46.87
N ILE L 249 -62.18 93.79 -47.34
CA ILE L 249 -61.19 94.67 -46.74
C ILE L 249 -61.93 95.95 -46.30
N ASN L 250 -62.07 96.14 -44.99
CA ASN L 250 -62.77 97.27 -44.35
C ASN L 250 -62.35 97.33 -42.87
N GLU L 251 -62.88 98.31 -42.11
CA GLU L 251 -62.57 98.49 -40.68
C GLU L 251 -63.04 97.32 -39.80
N GLU L 252 -64.13 96.61 -40.21
CA GLU L 252 -64.66 95.46 -39.47
C GLU L 252 -63.75 94.24 -39.63
N SER L 253 -63.34 93.95 -40.89
CA SER L 253 -62.44 92.83 -41.21
C SER L 253 -61.00 93.11 -40.76
N LEU L 254 -60.38 94.16 -41.33
CA LEU L 254 -59.00 94.54 -41.01
C LEU L 254 -58.99 95.94 -40.37
N PRO L 255 -58.92 96.07 -39.02
CA PRO L 255 -58.95 97.42 -38.40
C PRO L 255 -57.79 98.35 -38.78
N TYR L 256 -57.92 99.64 -38.43
CA TYR L 256 -56.89 100.66 -38.73
C TYR L 256 -55.68 100.58 -37.78
N ASP L 257 -55.85 99.88 -36.62
CA ASP L 257 -54.81 99.66 -35.60
C ASP L 257 -53.64 98.79 -36.14
N ILE L 258 -53.86 98.08 -37.26
CA ILE L 258 -52.89 97.18 -37.92
C ILE L 258 -51.63 97.95 -38.39
N PRO L 259 -50.44 97.55 -37.87
CA PRO L 259 -49.18 98.19 -38.31
C PRO L 259 -48.91 97.96 -39.81
N HIS L 260 -48.60 99.04 -40.55
CA HIS L 260 -48.33 99.07 -42.00
C HIS L 260 -49.53 98.52 -42.80
N ARG L 261 -50.76 98.84 -42.34
CA ARG L 261 -52.04 98.42 -42.92
C ARG L 261 -52.09 98.59 -44.45
N ALA L 262 -51.69 99.77 -44.93
CA ALA L 262 -51.66 100.16 -46.35
C ALA L 262 -50.70 99.29 -47.16
N ARG L 263 -49.49 99.05 -46.63
CA ARG L 263 -48.44 98.23 -47.26
C ARG L 263 -48.96 96.79 -47.41
N MET L 264 -49.64 96.31 -46.34
CA MET L 264 -50.21 94.99 -46.25
C MET L 264 -51.35 94.80 -47.24
N ILE L 265 -52.31 95.74 -47.28
CA ILE L 265 -53.44 95.68 -48.21
C ILE L 265 -52.93 95.73 -49.66
N SER L 266 -51.87 96.50 -49.91
CA SER L 266 -51.25 96.62 -51.24
C SER L 266 -50.72 95.25 -51.66
N LEU L 267 -50.06 94.55 -50.71
CA LEU L 267 -49.47 93.21 -50.88
C LEU L 267 -50.58 92.16 -51.14
N ILE L 268 -51.62 92.14 -50.28
CA ILE L 268 -52.76 91.23 -50.36
C ILE L 268 -53.50 91.35 -51.69
N GLU L 269 -53.89 92.59 -52.06
CA GLU L 269 -54.63 92.90 -53.29
C GLU L 269 -53.86 92.55 -54.55
N SER L 270 -52.55 92.81 -54.57
CA SER L 270 -51.68 92.47 -55.72
C SER L 270 -51.49 90.95 -55.76
N GLY L 271 -51.49 90.34 -54.56
CA GLY L 271 -51.36 88.91 -54.34
C GLY L 271 -52.52 88.14 -54.96
N TRP L 272 -53.76 88.56 -54.67
CA TRP L 272 -54.92 87.88 -55.23
C TRP L 272 -55.49 88.55 -56.51
N ALA L 273 -54.62 89.26 -57.28
CA ALA L 273 -54.97 89.90 -58.55
C ALA L 273 -55.59 88.86 -59.51
N GLN L 274 -56.72 89.21 -60.19
CA GLN L 274 -57.40 88.31 -61.13
C GLN L 274 -56.46 87.93 -62.32
N ASN L 275 -55.57 88.87 -62.66
CA ASN L 275 -54.55 88.67 -63.69
C ASN L 275 -53.36 88.01 -62.99
N PRO L 276 -52.97 86.78 -63.42
CA PRO L 276 -51.81 86.11 -62.81
C PRO L 276 -50.50 86.87 -62.99
N ASP L 277 -50.34 87.51 -64.18
CA ASP L 277 -49.20 88.34 -64.57
C ASP L 277 -49.05 89.57 -63.68
N GLU L 278 -50.14 89.99 -63.00
CA GLU L 278 -50.16 91.13 -62.08
C GLU L 278 -49.73 90.80 -60.65
N ARG L 279 -49.70 89.51 -60.29
CA ARG L 279 -49.33 89.01 -58.96
C ARG L 279 -47.82 89.07 -58.71
N PRO L 280 -47.35 89.44 -57.50
CA PRO L 280 -45.89 89.56 -57.27
C PRO L 280 -45.15 88.23 -57.10
N SER L 281 -43.81 88.32 -57.06
CA SER L 281 -42.95 87.18 -56.81
C SER L 281 -42.81 87.16 -55.31
N PHE L 282 -42.31 86.04 -54.76
CA PHE L 282 -42.10 85.94 -53.31
C PHE L 282 -40.92 86.80 -52.88
N LEU L 283 -39.99 87.08 -53.81
CA LEU L 283 -38.84 87.96 -53.61
C LEU L 283 -39.34 89.38 -53.31
N LYS L 284 -40.38 89.84 -54.06
CA LYS L 284 -41.01 91.15 -53.87
C LYS L 284 -41.72 91.20 -52.52
N CYS L 285 -42.31 90.08 -52.08
CA CYS L 285 -42.98 89.99 -50.79
C CYS L 285 -41.95 90.20 -49.73
N LEU L 286 -40.79 89.52 -49.86
CA LEU L 286 -39.66 89.61 -48.92
C LEU L 286 -39.08 91.01 -48.86
N ILE L 287 -38.94 91.64 -50.02
CA ILE L 287 -38.49 93.02 -50.18
C ILE L 287 -39.46 94.01 -49.48
N GLU L 288 -40.79 93.78 -49.66
CA GLU L 288 -41.89 94.56 -49.08
C GLU L 288 -42.19 94.21 -47.58
N LEU L 289 -41.64 93.08 -47.06
CA LEU L 289 -41.80 92.63 -45.67
C LEU L 289 -40.60 92.96 -44.76
N GLU L 290 -39.36 92.83 -45.28
CA GLU L 290 -38.11 93.11 -44.57
C GLU L 290 -38.16 94.40 -43.70
N PRO L 291 -38.58 95.59 -44.26
CA PRO L 291 -38.63 96.81 -43.41
C PRO L 291 -39.68 96.80 -42.30
N VAL L 292 -40.83 96.15 -42.55
CA VAL L 292 -41.94 96.03 -41.61
C VAL L 292 -41.49 95.26 -40.38
N LEU L 293 -40.89 94.07 -40.58
CA LEU L 293 -40.46 93.17 -39.52
C LEU L 293 -39.40 93.78 -38.58
N ARG L 294 -38.60 94.75 -39.05
CA ARG L 294 -37.64 95.35 -38.14
C ARG L 294 -38.13 96.69 -37.56
N THR L 295 -39.46 96.83 -37.42
CA THR L 295 -40.14 97.94 -36.75
C THR L 295 -40.14 97.54 -35.25
N PHE L 296 -40.24 96.22 -35.02
CA PHE L 296 -40.24 95.55 -33.72
C PHE L 296 -38.87 94.87 -33.49
N GLU L 297 -38.35 94.94 -32.25
CA GLU L 297 -37.06 94.32 -31.89
C GLU L 297 -37.26 92.82 -31.66
N GLU L 298 -36.15 92.02 -31.68
CA GLU L 298 -36.17 90.56 -31.49
C GLU L 298 -36.86 90.10 -30.17
N ILE L 299 -36.76 90.92 -29.12
CA ILE L 299 -37.32 90.62 -27.79
C ILE L 299 -38.85 90.56 -27.80
N THR L 300 -39.48 91.31 -28.72
CA THR L 300 -40.95 91.42 -28.87
C THR L 300 -41.57 90.12 -29.38
N PHE L 301 -40.80 89.33 -30.17
CA PHE L 301 -41.24 88.05 -30.71
C PHE L 301 -41.23 87.03 -29.58
N LEU L 302 -40.15 87.01 -28.77
CA LEU L 302 -40.01 86.06 -27.66
C LEU L 302 -41.02 86.38 -26.55
N GLU L 303 -41.43 87.64 -26.45
CA GLU L 303 -42.45 88.09 -25.52
C GLU L 303 -43.82 87.61 -26.07
N ALA L 304 -44.01 87.71 -27.40
CA ALA L 304 -45.23 87.31 -28.10
C ALA L 304 -45.47 85.82 -27.95
N VAL L 305 -44.39 85.03 -28.08
CA VAL L 305 -44.41 83.57 -27.98
C VAL L 305 -44.80 83.16 -26.57
N ILE L 306 -44.23 83.83 -25.54
CA ILE L 306 -44.51 83.54 -24.13
C ILE L 306 -45.93 83.97 -23.74
N GLN L 307 -46.49 84.99 -24.45
CA GLN L 307 -47.86 85.51 -24.27
C GLN L 307 -48.94 84.43 -24.55
N LEU L 308 -48.59 83.42 -25.36
CA LEU L 308 -49.49 82.34 -25.71
C LEU L 308 -49.46 81.27 -24.64
N LYS L 309 -48.32 81.11 -23.92
CA LYS L 309 -48.17 80.12 -22.84
C LYS L 309 -48.16 80.75 -21.46
N ALA M 4 -16.94 48.38 4.58
CA ALA M 4 -16.86 47.26 3.65
C ALA M 4 -17.46 45.92 4.19
N ILE M 5 -18.62 45.53 3.64
CA ILE M 5 -19.33 44.30 3.99
C ILE M 5 -18.86 43.13 3.10
N CYS M 6 -18.21 42.13 3.71
CA CYS M 6 -17.65 40.95 3.04
C CYS M 6 -18.36 39.67 3.45
N SER M 7 -18.13 38.58 2.69
CA SER M 7 -18.63 37.23 2.94
C SER M 7 -17.68 36.23 2.31
N ALA M 8 -17.25 35.25 3.11
CA ALA M 8 -16.34 34.20 2.63
C ALA M 8 -17.16 33.01 2.14
N LEU M 9 -16.78 32.45 0.99
CA LEU M 9 -17.47 31.29 0.42
C LEU M 9 -17.22 30.02 1.30
N PRO M 10 -18.31 29.32 1.72
CA PRO M 10 -18.15 28.14 2.57
C PRO M 10 -17.24 27.05 2.01
N THR M 11 -16.57 26.32 2.92
CA THR M 11 -15.71 25.21 2.53
C THR M 11 -16.41 23.94 2.93
N ILE M 12 -16.74 23.11 1.93
CA ILE M 12 -17.47 21.87 2.14
C ILE M 12 -16.54 20.65 2.13
N PRO M 13 -16.51 19.88 3.25
CA PRO M 13 -15.66 18.68 3.28
C PRO M 13 -16.26 17.59 2.39
N TYR M 14 -15.44 16.91 1.58
CA TYR M 14 -15.87 15.87 0.65
C TYR M 14 -16.79 14.81 1.28
N HIS M 15 -16.53 14.47 2.56
CA HIS M 15 -17.31 13.50 3.31
C HIS M 15 -18.74 13.99 3.61
N LYS M 16 -18.98 15.33 3.52
CA LYS M 16 -20.31 15.88 3.67
C LYS M 16 -21.15 15.62 2.39
N LEU M 17 -20.48 15.43 1.23
CA LEU M 17 -21.10 15.16 -0.08
C LEU M 17 -21.36 13.65 -0.26
N ALA M 18 -22.65 13.24 -0.10
CA ALA M 18 -23.11 11.84 -0.19
C ALA M 18 -24.00 11.56 -1.40
N ASP M 19 -23.84 10.36 -2.01
CA ASP M 19 -24.52 9.84 -3.21
C ASP M 19 -24.05 10.62 -4.47
N LEU M 20 -22.71 10.75 -4.62
CA LEU M 20 -22.09 11.45 -5.74
C LEU M 20 -22.23 10.69 -7.08
N ARG M 21 -23.36 10.90 -7.76
CA ARG M 21 -23.67 10.29 -9.05
C ARG M 21 -23.31 11.23 -10.21
N TYR M 22 -22.67 10.70 -11.27
CA TYR M 22 -22.26 11.44 -12.48
C TYR M 22 -23.47 12.01 -13.23
N LEU M 23 -23.32 13.24 -13.77
CA LEU M 23 -24.38 13.95 -14.48
C LEU M 23 -24.02 14.30 -15.95
N SER M 24 -22.76 14.77 -16.22
CA SER M 24 -22.20 15.14 -17.53
C SER M 24 -20.70 15.49 -17.45
N ARG M 25 -19.99 15.42 -18.59
CA ARG M 25 -18.58 15.79 -18.71
C ARG M 25 -18.45 16.74 -19.89
N GLY M 26 -17.82 17.89 -19.66
CA GLY M 26 -17.61 18.93 -20.66
C GLY M 26 -16.22 19.55 -20.59
N ALA M 27 -15.98 20.59 -21.41
CA ALA M 27 -14.68 21.31 -21.45
C ALA M 27 -14.39 22.05 -20.13
N SER M 28 -15.44 22.63 -19.50
CA SER M 28 -15.36 23.35 -18.23
C SER M 28 -15.08 22.40 -17.05
N GLY M 29 -15.53 21.14 -17.17
CA GLY M 29 -15.34 20.11 -16.15
C GLY M 29 -16.39 19.02 -16.15
N THR M 30 -16.48 18.26 -15.05
CA THR M 30 -17.45 17.18 -14.88
C THR M 30 -18.49 17.57 -13.84
N VAL M 31 -19.76 17.53 -14.23
CA VAL M 31 -20.87 17.81 -13.31
C VAL M 31 -21.38 16.47 -12.72
N SER M 32 -21.56 16.42 -11.39
CA SER M 32 -22.08 15.28 -10.63
C SER M 32 -23.13 15.78 -9.62
N SER M 33 -24.13 14.96 -9.30
CA SER M 33 -25.18 15.26 -8.33
C SER M 33 -24.86 14.58 -7.02
N ALA M 34 -24.87 15.34 -5.93
CA ALA M 34 -24.61 14.85 -4.57
C ALA M 34 -25.78 15.23 -3.65
N ARG M 35 -25.62 14.99 -2.33
CA ARG M 35 -26.57 15.31 -1.27
C ARG M 35 -25.78 15.73 -0.03
N HIS M 36 -26.00 16.98 0.46
CA HIS M 36 -25.31 17.49 1.66
C HIS M 36 -25.81 16.81 2.93
N ALA M 37 -24.88 16.19 3.69
CA ALA M 37 -25.07 15.43 4.93
C ALA M 37 -25.71 16.24 6.04
N ASP M 38 -25.37 17.55 6.13
CA ASP M 38 -25.91 18.46 7.15
C ASP M 38 -27.13 19.27 6.70
N TRP M 39 -27.09 19.80 5.47
CA TRP M 39 -28.15 20.63 4.94
C TRP M 39 -29.34 19.86 4.42
N ARG M 40 -29.14 18.56 4.10
CA ARG M 40 -30.14 17.61 3.62
C ARG M 40 -30.94 18.14 2.40
N VAL M 41 -30.14 18.62 1.41
CA VAL M 41 -30.55 19.17 0.12
C VAL M 41 -29.72 18.53 -1.01
N GLN M 42 -30.30 18.37 -2.21
CA GLN M 42 -29.55 17.84 -3.35
C GLN M 42 -28.74 19.00 -3.97
N VAL M 43 -27.44 18.76 -4.24
CA VAL M 43 -26.52 19.78 -4.80
C VAL M 43 -25.85 19.27 -6.09
N ALA M 44 -25.25 20.20 -6.85
CA ALA M 44 -24.48 19.93 -8.08
C ALA M 44 -23.00 20.21 -7.79
N VAL M 45 -22.09 19.36 -8.31
CA VAL M 45 -20.65 19.49 -8.09
C VAL M 45 -19.88 19.47 -9.41
N LYS M 46 -19.13 20.54 -9.73
CA LYS M 46 -18.30 20.59 -10.94
C LYS M 46 -16.84 20.33 -10.53
N HIS M 47 -16.20 19.29 -11.10
CA HIS M 47 -14.82 18.92 -10.70
C HIS M 47 -13.90 18.56 -11.88
N LEU M 48 -12.70 18.02 -11.55
CA LEU M 48 -11.70 17.59 -12.52
C LEU M 48 -11.60 16.07 -12.55
N SER M 57 -3.82 18.24 -11.19
CA SER M 57 -2.86 19.16 -11.82
C SER M 57 -2.83 20.56 -11.15
N GLU M 58 -3.49 21.59 -11.78
CA GLU M 58 -3.56 22.98 -11.29
C GLU M 58 -5.00 23.44 -10.88
N ARG M 59 -5.10 24.03 -9.68
CA ARG M 59 -6.34 24.52 -9.06
C ARG M 59 -6.93 25.79 -9.70
N LYS M 60 -6.17 26.94 -9.64
CA LYS M 60 -6.43 28.33 -10.09
C LYS M 60 -7.68 28.56 -10.96
N ASP M 61 -7.85 27.77 -12.04
CA ASP M 61 -8.94 27.79 -13.02
C ASP M 61 -10.34 27.51 -12.41
N VAL M 62 -10.42 26.55 -11.46
CA VAL M 62 -11.65 26.18 -10.70
C VAL M 62 -11.87 27.27 -9.63
N LEU M 63 -10.78 27.54 -8.85
CA LEU M 63 -10.60 28.53 -7.79
C LEU M 63 -11.01 29.94 -8.24
N ARG M 64 -10.86 30.28 -9.54
CA ARG M 64 -11.34 31.58 -9.98
C ARG M 64 -12.76 31.49 -10.54
N GLU M 65 -13.21 30.37 -11.22
CA GLU M 65 -14.63 30.19 -11.64
C GLU M 65 -15.52 30.32 -10.38
N ALA M 66 -15.04 29.77 -9.24
CA ALA M 66 -15.68 29.83 -7.92
C ALA M 66 -15.75 31.28 -7.43
N GLU M 67 -14.65 32.04 -7.61
CA GLU M 67 -14.58 33.47 -7.25
C GLU M 67 -15.59 34.30 -8.09
N ILE M 68 -15.73 33.96 -9.39
CA ILE M 68 -16.64 34.63 -10.32
C ILE M 68 -18.07 34.45 -9.80
N LEU M 69 -18.52 33.20 -9.58
CA LEU M 69 -19.89 32.87 -9.13
C LEU M 69 -20.27 33.48 -7.76
N HIS M 70 -19.27 33.67 -6.90
CA HIS M 70 -19.44 34.27 -5.59
C HIS M 70 -19.61 35.79 -5.72
N LYS M 71 -18.84 36.41 -6.62
CA LYS M 71 -18.86 37.84 -6.85
C LYS M 71 -20.07 38.28 -7.73
N ALA M 72 -20.33 37.52 -8.82
CA ALA M 72 -21.38 37.76 -9.79
C ALA M 72 -22.77 37.25 -9.39
N ARG M 73 -23.01 37.05 -8.08
CA ARG M 73 -24.27 36.59 -7.55
C ARG M 73 -25.46 37.51 -7.93
N PHE M 74 -26.47 36.92 -8.57
CA PHE M 74 -27.68 37.59 -8.98
C PHE M 74 -28.76 36.54 -9.20
N SER M 75 -30.03 37.00 -9.20
CA SER M 75 -31.25 36.21 -9.36
C SER M 75 -31.23 35.26 -10.54
N TYR M 76 -30.42 35.55 -11.57
CA TYR M 76 -30.36 34.75 -12.80
C TYR M 76 -28.97 34.13 -13.07
N ILE M 77 -28.11 34.13 -12.02
CA ILE M 77 -26.76 33.55 -12.01
C ILE M 77 -26.78 32.37 -11.03
N LEU M 78 -26.27 31.20 -11.48
CA LEU M 78 -26.26 29.95 -10.69
C LEU M 78 -25.69 30.17 -9.28
N PRO M 79 -26.49 29.87 -8.23
CA PRO M 79 -26.02 30.13 -6.87
C PRO M 79 -25.00 29.10 -6.39
N ILE M 80 -23.77 29.59 -6.16
CA ILE M 80 -22.68 28.78 -5.64
C ILE M 80 -22.94 28.57 -4.15
N LEU M 81 -22.85 27.32 -3.68
CA LEU M 81 -23.10 27.01 -2.26
C LEU M 81 -21.85 26.90 -1.44
N GLY M 82 -20.74 26.58 -2.10
CA GLY M 82 -19.44 26.46 -1.46
C GLY M 82 -18.40 25.81 -2.34
N ILE M 83 -17.21 25.59 -1.75
CA ILE M 83 -16.05 25.00 -2.41
C ILE M 83 -15.48 23.81 -1.65
N CYS M 84 -15.14 22.74 -2.39
CA CYS M 84 -14.50 21.57 -1.85
C CYS M 84 -13.04 21.62 -2.30
N ASN M 85 -12.13 21.99 -1.40
CA ASN M 85 -10.70 22.08 -1.68
C ASN M 85 -9.90 21.23 -0.70
N GLU M 86 -9.67 19.99 -1.12
CA GLU M 86 -8.97 18.95 -0.36
C GLU M 86 -7.83 18.36 -1.20
N PRO M 87 -6.81 17.70 -0.54
CA PRO M 87 -5.74 17.03 -1.32
C PRO M 87 -6.27 15.92 -2.24
N GLU M 88 -7.36 15.28 -1.85
CA GLU M 88 -8.00 14.22 -2.63
C GLU M 88 -8.96 14.77 -3.70
N PHE M 89 -9.74 15.83 -3.36
CA PHE M 89 -10.77 16.39 -4.22
C PHE M 89 -10.83 17.91 -4.28
N LEU M 90 -11.12 18.45 -5.49
CA LEU M 90 -11.39 19.86 -5.75
C LEU M 90 -12.57 19.98 -6.71
N GLY M 91 -13.60 20.70 -6.26
CA GLY M 91 -14.84 20.89 -7.01
C GLY M 91 -15.74 21.97 -6.44
N ILE M 92 -16.43 22.67 -7.35
CA ILE M 92 -17.39 23.74 -7.07
C ILE M 92 -18.75 23.10 -6.75
N VAL M 93 -19.32 23.45 -5.58
CA VAL M 93 -20.62 22.97 -5.13
C VAL M 93 -21.61 24.11 -5.28
N THR M 94 -22.67 23.88 -6.06
CA THR M 94 -23.71 24.86 -6.33
C THR M 94 -25.09 24.25 -6.14
N GLU M 95 -26.14 25.03 -6.42
CA GLU M 95 -27.52 24.58 -6.35
C GLU M 95 -27.77 23.57 -7.48
N TYR M 96 -28.67 22.59 -7.22
CA TYR M 96 -29.04 21.59 -8.21
C TYR M 96 -30.22 22.11 -9.02
N MET M 97 -30.09 22.06 -10.37
CA MET M 97 -31.11 22.50 -11.31
C MET M 97 -31.91 21.29 -11.79
N PRO M 98 -33.15 21.10 -11.25
CA PRO M 98 -33.92 19.90 -11.58
C PRO M 98 -34.23 19.68 -13.04
N ASN M 99 -34.62 20.76 -13.75
CA ASN M 99 -35.02 20.72 -15.15
C ASN M 99 -33.87 20.88 -16.18
N GLY M 100 -32.62 20.69 -15.71
CA GLY M 100 -31.39 20.77 -16.49
C GLY M 100 -31.12 22.10 -17.18
N SER M 101 -30.92 22.03 -18.52
CA SER M 101 -30.61 23.17 -19.39
C SER M 101 -31.70 23.48 -20.40
N LEU M 102 -31.58 24.66 -21.06
CA LEU M 102 -32.51 25.12 -22.09
C LEU M 102 -32.41 24.28 -23.35
N ASN M 103 -31.20 23.75 -23.62
CA ASN M 103 -30.93 22.88 -24.75
C ASN M 103 -31.87 21.66 -24.68
N GLU M 104 -32.04 21.11 -23.46
CA GLU M 104 -32.90 19.96 -23.17
C GLU M 104 -34.38 20.30 -23.39
N LEU M 105 -34.83 21.45 -22.89
CA LEU M 105 -36.21 21.92 -23.02
C LEU M 105 -36.58 22.14 -24.48
N LEU M 106 -35.66 22.74 -25.24
CA LEU M 106 -35.85 23.08 -26.64
C LEU M 106 -35.77 21.94 -27.62
N HIS M 107 -34.91 20.95 -27.36
CA HIS M 107 -34.73 19.92 -28.38
C HIS M 107 -35.36 18.55 -28.02
N ARG M 108 -35.79 18.32 -26.76
CA ARG M 108 -36.49 17.08 -26.48
C ARG M 108 -37.99 17.34 -26.72
N LYS M 109 -38.36 17.35 -28.03
CA LYS M 109 -39.70 17.62 -28.60
C LYS M 109 -40.74 16.50 -28.35
N THR M 110 -40.29 15.34 -27.89
CA THR M 110 -41.16 14.23 -27.55
C THR M 110 -41.62 14.40 -26.09
N GLU M 111 -40.66 14.68 -25.18
CA GLU M 111 -40.86 14.91 -23.75
C GLU M 111 -41.58 16.24 -23.52
N TYR M 112 -41.18 17.29 -24.26
CA TYR M 112 -41.75 18.63 -24.18
C TYR M 112 -42.33 19.01 -25.57
N PRO M 113 -43.53 18.48 -25.96
CA PRO M 113 -44.07 18.81 -27.28
C PRO M 113 -44.49 20.27 -27.44
N ASP M 114 -45.13 20.83 -26.39
CA ASP M 114 -45.55 22.24 -26.45
C ASP M 114 -44.91 23.03 -25.31
N VAL M 115 -44.16 24.06 -25.71
CA VAL M 115 -43.48 25.05 -24.86
C VAL M 115 -44.07 26.41 -25.29
N ALA M 116 -44.88 26.98 -24.39
CA ALA M 116 -45.61 28.23 -24.62
C ALA M 116 -44.74 29.45 -24.81
N TRP M 117 -45.23 30.40 -25.61
CA TRP M 117 -44.57 31.68 -25.86
C TRP M 117 -44.29 32.45 -24.57
N PRO M 118 -45.26 32.59 -23.62
CA PRO M 118 -44.95 33.28 -22.37
C PRO M 118 -43.67 32.76 -21.70
N LEU M 119 -43.51 31.41 -21.59
CA LEU M 119 -42.32 30.79 -21.00
C LEU M 119 -41.06 31.07 -21.82
N ARG M 120 -41.14 30.90 -23.16
CA ARG M 120 -40.05 31.18 -24.08
C ARG M 120 -39.58 32.63 -23.94
N PHE M 121 -40.53 33.58 -23.84
CA PHE M 121 -40.21 35.00 -23.70
C PHE M 121 -39.72 35.35 -22.30
N ARG M 122 -40.19 34.61 -21.27
CA ARG M 122 -39.75 34.81 -19.89
C ARG M 122 -38.28 34.42 -19.79
N ILE M 123 -37.92 33.27 -20.40
CA ILE M 123 -36.55 32.73 -20.47
C ILE M 123 -35.61 33.73 -21.14
N LEU M 124 -35.98 34.23 -22.32
CA LEU M 124 -35.20 35.20 -23.08
C LEU M 124 -34.97 36.48 -22.28
N HIS M 125 -36.04 36.97 -21.64
CA HIS M 125 -35.99 38.14 -20.78
C HIS M 125 -34.98 37.95 -19.62
N GLU M 126 -35.09 36.80 -18.91
CA GLU M 126 -34.23 36.44 -17.80
C GLU M 126 -32.74 36.31 -18.19
N ILE M 127 -32.42 35.68 -19.36
CA ILE M 127 -31.02 35.57 -19.86
C ILE M 127 -30.45 36.99 -20.02
N ALA M 128 -31.20 37.87 -20.72
CA ALA M 128 -30.81 39.25 -20.95
C ALA M 128 -30.61 39.98 -19.61
N LEU M 129 -31.53 39.77 -18.63
CA LEU M 129 -31.44 40.37 -17.29
C LEU M 129 -30.16 39.97 -16.54
N GLY M 130 -29.76 38.69 -16.67
CA GLY M 130 -28.55 38.17 -16.05
C GLY M 130 -27.31 38.73 -16.67
N VAL M 131 -27.20 38.64 -18.01
CA VAL M 131 -26.06 39.12 -18.81
C VAL M 131 -25.91 40.64 -18.69
N ASN M 132 -27.06 41.36 -18.57
CA ASN M 132 -27.06 42.79 -18.35
C ASN M 132 -26.43 43.15 -16.98
N TYR M 133 -26.78 42.37 -15.92
CA TYR M 133 -26.23 42.58 -14.59
C TYR M 133 -24.73 42.44 -14.59
N LEU M 134 -24.23 41.39 -15.31
CA LEU M 134 -22.81 41.06 -15.45
C LEU M 134 -22.08 42.20 -16.11
N HIS M 135 -22.67 42.75 -17.17
CA HIS M 135 -22.10 43.85 -17.94
C HIS M 135 -22.11 45.17 -17.19
N ASN M 136 -23.02 45.29 -16.20
CA ASN M 136 -23.16 46.48 -15.35
C ASN M 136 -22.27 46.44 -14.09
N MET M 137 -21.41 45.41 -13.98
CA MET M 137 -20.51 45.27 -12.85
C MET M 137 -19.33 46.23 -13.00
N THR M 138 -18.56 46.46 -11.93
CA THR M 138 -17.42 47.39 -11.99
C THR M 138 -16.19 46.65 -11.48
N PRO M 139 -15.30 46.16 -12.37
CA PRO M 139 -15.32 46.25 -13.84
C PRO M 139 -16.39 45.33 -14.44
N PRO M 140 -16.85 45.53 -15.70
CA PRO M 140 -17.87 44.63 -16.26
C PRO M 140 -17.38 43.19 -16.35
N LEU M 141 -18.29 42.22 -16.18
CA LEU M 141 -17.91 40.82 -16.37
C LEU M 141 -18.54 40.30 -17.66
N LEU M 142 -17.69 39.74 -18.54
CA LEU M 142 -18.11 39.20 -19.83
C LEU M 142 -18.07 37.70 -19.77
N HIS M 143 -19.23 37.04 -20.01
CA HIS M 143 -19.43 35.60 -19.99
C HIS M 143 -18.53 34.82 -20.97
N HIS M 144 -18.51 35.25 -22.24
CA HIS M 144 -17.71 34.69 -23.34
C HIS M 144 -17.90 33.17 -23.59
N ASP M 145 -19.03 32.58 -23.14
CA ASP M 145 -19.30 31.17 -23.34
C ASP M 145 -20.78 30.81 -23.47
N LEU M 146 -21.70 31.80 -23.45
CA LEU M 146 -23.16 31.57 -23.53
C LEU M 146 -23.60 30.57 -24.61
N LYS M 147 -24.30 29.48 -24.16
CA LYS M 147 -24.88 28.37 -24.95
C LYS M 147 -26.21 28.05 -24.29
N THR M 148 -27.09 27.27 -24.98
CA THR M 148 -28.39 26.84 -24.42
C THR M 148 -28.19 25.81 -23.28
N GLN M 149 -27.00 25.16 -23.27
CA GLN M 149 -26.59 24.19 -22.28
C GLN M 149 -26.19 24.92 -21.00
N ASN M 150 -25.74 26.20 -21.14
CA ASN M 150 -25.29 27.08 -20.04
C ASN M 150 -26.42 27.74 -19.31
N ILE M 151 -27.52 28.00 -20.00
CA ILE M 151 -28.63 28.67 -19.34
C ILE M 151 -29.57 27.56 -18.74
N LEU M 152 -29.35 27.29 -17.44
CA LEU M 152 -30.02 26.28 -16.64
C LEU M 152 -31.38 26.72 -16.14
N LEU M 153 -32.26 25.73 -15.84
CA LEU M 153 -33.64 25.95 -15.41
C LEU M 153 -33.93 25.26 -14.08
N ASP M 154 -34.48 26.02 -13.11
CA ASP M 154 -34.83 25.48 -11.80
C ASP M 154 -36.18 24.76 -11.85
N ASN M 155 -36.65 24.22 -10.70
CA ASN M 155 -37.94 23.50 -10.61
C ASN M 155 -39.14 24.30 -11.16
N GLU M 156 -39.04 25.65 -11.18
CA GLU M 156 -40.11 26.51 -11.68
C GLU M 156 -39.74 27.22 -12.99
N PHE M 157 -38.73 26.65 -13.70
CA PHE M 157 -38.21 27.05 -15.00
C PHE M 157 -37.74 28.53 -15.09
N HIS M 158 -36.88 28.91 -14.13
CA HIS M 158 -36.27 30.22 -14.10
C HIS M 158 -34.80 30.05 -14.45
N VAL M 159 -34.28 30.99 -15.25
CA VAL M 159 -32.91 31.01 -15.78
C VAL M 159 -31.87 31.16 -14.70
N LYS M 160 -30.82 30.35 -14.81
CA LYS M 160 -29.62 30.35 -13.98
C LYS M 160 -28.45 30.14 -14.95
N ILE M 161 -27.68 31.21 -15.17
CA ILE M 161 -26.53 31.20 -16.09
C ILE M 161 -25.33 30.53 -15.37
N ALA M 162 -24.69 29.57 -16.05
CA ALA M 162 -23.55 28.80 -15.55
C ALA M 162 -22.35 28.91 -16.50
N ASP M 163 -21.25 28.18 -16.19
CA ASP M 163 -19.99 28.10 -16.96
C ASP M 163 -19.30 29.45 -17.11
N PHE M 164 -18.57 29.82 -16.06
CA PHE M 164 -17.80 31.06 -15.97
C PHE M 164 -16.29 30.75 -16.08
N GLY M 165 -15.99 29.62 -16.72
CA GLY M 165 -14.63 29.14 -16.97
C GLY M 165 -13.88 29.94 -18.01
N LEU M 166 -14.60 30.48 -19.02
CA LEU M 166 -14.05 31.34 -20.07
C LEU M 166 -14.33 32.83 -19.85
N SER M 167 -15.20 33.18 -18.88
CA SER M 167 -15.59 34.56 -18.56
C SER M 167 -14.42 35.44 -18.13
N LYS M 168 -14.43 36.73 -18.52
CA LYS M 168 -13.37 37.70 -18.24
C LYS M 168 -13.88 39.03 -17.73
N TRP M 169 -13.10 39.67 -16.85
CA TRP M 169 -13.37 41.00 -16.29
C TRP M 169 -12.81 42.07 -17.23
N ARG M 170 -13.65 42.94 -17.83
CA ARG M 170 -13.18 43.98 -18.73
C ARG M 170 -12.47 45.12 -17.97
N MET M 171 -11.11 45.06 -17.89
CA MET M 171 -10.22 46.03 -17.22
C MET M 171 -9.05 46.31 -18.14
N GLY M 187 -17.57 22.17 -26.82
CA GLY M 187 -16.72 23.08 -27.59
C GLY M 187 -17.31 23.61 -28.88
N THR M 188 -18.63 23.98 -28.84
CA THR M 188 -19.36 24.53 -29.97
C THR M 188 -19.05 26.02 -30.21
N ILE M 189 -18.82 26.34 -31.48
CA ILE M 189 -18.49 27.66 -32.00
C ILE M 189 -19.70 28.35 -32.64
N ILE M 190 -20.90 27.71 -32.57
CA ILE M 190 -22.11 28.24 -33.20
C ILE M 190 -22.65 29.52 -32.50
N TYR M 191 -22.17 29.82 -31.28
CA TYR M 191 -22.57 31.00 -30.54
C TYR M 191 -21.44 32.03 -30.51
N MET M 192 -20.31 31.73 -31.15
CA MET M 192 -19.12 32.57 -31.18
C MET M 192 -19.15 33.56 -32.34
N PRO M 193 -18.88 34.85 -32.08
CA PRO M 193 -18.86 35.82 -33.19
C PRO M 193 -17.68 35.58 -34.15
N PRO M 194 -17.81 35.92 -35.47
CA PRO M 194 -16.74 35.61 -36.43
C PRO M 194 -15.38 36.29 -36.17
N GLU M 195 -15.34 37.42 -35.43
CA GLU M 195 -14.09 38.15 -35.13
C GLU M 195 -13.22 37.43 -34.13
N ASN M 196 -13.82 36.54 -33.36
CA ASN M 196 -13.20 35.74 -32.32
C ASN M 196 -12.45 34.54 -32.89
N TYR M 197 -12.68 34.18 -34.15
CA TYR M 197 -12.03 33.04 -34.79
C TYR M 197 -10.52 33.21 -34.88
N GLU M 198 -10.10 34.48 -34.91
CA GLU M 198 -8.75 35.00 -35.05
C GLU M 198 -8.27 35.81 -33.81
N PRO M 199 -6.94 35.98 -33.55
CA PRO M 199 -6.53 36.86 -32.42
C PRO M 199 -6.58 38.35 -32.79
N ILE M 207 -16.01 42.28 -26.29
CA ILE M 207 -17.11 42.83 -25.50
C ILE M 207 -18.51 42.50 -26.09
N LYS M 208 -18.69 42.71 -27.41
CA LYS M 208 -19.95 42.43 -28.13
C LYS M 208 -20.09 40.91 -28.51
N HIS M 209 -19.39 40.03 -27.77
CA HIS M 209 -19.39 38.57 -27.94
C HIS M 209 -20.72 38.01 -27.45
N ASP M 210 -21.09 38.35 -26.19
CA ASP M 210 -22.29 37.87 -25.49
C ASP M 210 -23.60 38.19 -26.19
N ILE M 211 -23.66 39.34 -26.89
CA ILE M 211 -24.86 39.70 -27.64
C ILE M 211 -24.98 38.77 -28.85
N TYR M 212 -23.83 38.38 -29.46
CA TYR M 212 -23.83 37.45 -30.58
C TYR M 212 -24.50 36.13 -30.18
N SER M 213 -23.91 35.44 -29.18
CA SER M 213 -24.40 34.19 -28.58
C SER M 213 -25.87 34.30 -28.27
N TYR M 214 -26.25 35.43 -27.58
CA TYR M 214 -27.62 35.70 -27.18
C TYR M 214 -28.56 35.67 -28.36
N ALA M 215 -28.15 36.31 -29.45
CA ALA M 215 -28.89 36.40 -30.68
C ALA M 215 -29.14 35.00 -31.31
N VAL M 216 -28.16 34.08 -31.27
CA VAL M 216 -28.38 32.74 -31.84
C VAL M 216 -29.23 31.91 -30.87
N ILE M 217 -29.10 32.18 -29.54
CA ILE M 217 -29.93 31.55 -28.50
C ILE M 217 -31.41 31.97 -28.70
N THR M 218 -31.70 33.26 -29.00
CA THR M 218 -33.07 33.71 -29.25
C THR M 218 -33.61 33.08 -30.51
N TRP M 219 -32.76 32.96 -31.57
CA TRP M 219 -33.13 32.28 -32.82
C TRP M 219 -33.58 30.86 -32.44
N GLU M 220 -32.67 30.12 -31.79
CA GLU M 220 -32.86 28.75 -31.29
C GLU M 220 -34.09 28.57 -30.41
N VAL M 221 -34.40 29.53 -29.51
CA VAL M 221 -35.56 29.45 -28.61
C VAL M 221 -36.87 29.55 -29.41
N LEU M 222 -36.92 30.53 -30.33
CA LEU M 222 -38.08 30.80 -31.18
C LEU M 222 -38.30 29.75 -32.27
N SER M 223 -37.19 29.27 -32.89
CA SER M 223 -37.24 28.26 -33.94
C SER M 223 -37.42 26.81 -33.42
N ARG M 224 -36.84 26.50 -32.24
CA ARG M 224 -36.78 25.17 -31.61
C ARG M 224 -35.94 24.22 -32.47
N LYS M 225 -35.08 24.80 -33.34
CA LYS M 225 -34.20 24.12 -34.28
C LYS M 225 -32.73 24.36 -33.95
N GLN M 226 -31.87 23.39 -34.28
CA GLN M 226 -30.43 23.48 -34.02
C GLN M 226 -29.75 24.33 -35.09
N PRO M 227 -29.03 25.43 -34.70
CA PRO M 227 -28.39 26.29 -35.71
C PRO M 227 -27.33 25.53 -36.51
N PHE M 228 -27.39 25.66 -37.85
CA PHE M 228 -26.50 24.99 -38.82
C PHE M 228 -26.62 23.45 -38.71
N GLU M 229 -27.85 22.94 -38.52
CA GLU M 229 -28.15 21.51 -38.38
C GLU M 229 -27.76 20.73 -39.64
N ASP M 230 -27.97 21.35 -40.81
CA ASP M 230 -27.67 20.78 -42.11
C ASP M 230 -26.16 20.69 -42.42
N VAL M 231 -25.32 21.39 -41.63
CA VAL M 231 -23.85 21.44 -41.80
C VAL M 231 -23.14 20.43 -40.90
N THR M 232 -22.35 19.54 -41.52
CA THR M 232 -21.60 18.46 -40.85
C THR M 232 -20.28 18.98 -40.23
N ASN M 233 -19.39 19.57 -41.06
CA ASN M 233 -18.10 20.08 -40.61
C ASN M 233 -18.24 21.42 -39.88
N PRO M 234 -17.71 21.51 -38.63
CA PRO M 234 -17.78 22.79 -37.89
C PRO M 234 -16.98 23.91 -38.56
N LEU M 235 -15.91 23.54 -39.25
CA LEU M 235 -15.06 24.48 -39.98
C LEU M 235 -15.83 25.15 -41.15
N GLN M 236 -16.87 24.45 -41.67
CA GLN M 236 -17.72 24.95 -42.74
C GLN M 236 -18.58 26.03 -42.15
N ILE M 237 -19.14 25.79 -40.93
CA ILE M 237 -19.97 26.75 -40.18
C ILE M 237 -19.16 28.04 -39.97
N MET M 238 -17.88 27.87 -39.56
CA MET M 238 -16.94 28.95 -39.29
C MET M 238 -16.62 29.74 -40.54
N TYR M 239 -16.52 29.06 -41.72
CA TYR M 239 -16.28 29.78 -42.95
C TYR M 239 -17.54 30.56 -43.32
N SER M 240 -18.68 29.88 -43.41
CA SER M 240 -19.97 30.47 -43.77
C SER M 240 -20.23 31.74 -42.97
N VAL M 241 -20.12 31.68 -41.59
CA VAL M 241 -20.36 32.83 -40.72
C VAL M 241 -19.35 33.97 -40.98
N SER M 242 -18.05 33.66 -41.15
CA SER M 242 -17.05 34.69 -41.44
C SER M 242 -17.27 35.37 -42.80
N GLN M 243 -18.14 34.77 -43.65
CA GLN M 243 -18.56 35.30 -44.94
C GLN M 243 -19.95 35.97 -44.83
N GLY M 244 -20.51 36.02 -43.62
CA GLY M 244 -21.79 36.66 -43.33
C GLY M 244 -23.00 35.76 -43.21
N HIS M 245 -22.82 34.43 -43.26
CA HIS M 245 -23.95 33.52 -43.16
C HIS M 245 -24.38 33.30 -41.72
N ARG M 246 -25.69 33.18 -41.49
CA ARG M 246 -26.28 33.01 -40.17
C ARG M 246 -27.46 32.05 -40.25
N PRO M 247 -27.94 31.43 -39.13
CA PRO M 247 -29.14 30.57 -39.21
C PRO M 247 -30.29 31.23 -39.98
N VAL M 248 -30.93 30.46 -40.86
CA VAL M 248 -31.97 30.92 -41.78
C VAL M 248 -33.23 31.46 -41.08
N ILE M 249 -33.73 32.59 -41.62
CA ILE M 249 -34.95 33.28 -41.15
C ILE M 249 -35.95 33.23 -42.31
N ASN M 250 -37.04 32.43 -42.12
CA ASN M 250 -38.11 32.20 -43.10
C ASN M 250 -39.31 31.60 -42.39
N GLU M 251 -40.42 31.34 -43.11
CA GLU M 251 -41.64 30.72 -42.57
C GLU M 251 -41.41 29.29 -42.02
N GLU M 252 -40.47 28.51 -42.61
CA GLU M 252 -40.17 27.15 -42.18
C GLU M 252 -39.39 27.16 -40.85
N SER M 253 -38.36 28.03 -40.73
CA SER M 253 -37.55 28.16 -39.51
C SER M 253 -38.32 28.89 -38.40
N LEU M 254 -38.72 30.15 -38.64
CA LEU M 254 -39.47 30.95 -37.68
C LEU M 254 -40.88 31.29 -38.25
N PRO M 255 -41.95 30.56 -37.85
CA PRO M 255 -43.29 30.83 -38.42
C PRO M 255 -43.87 32.21 -38.13
N TYR M 256 -44.94 32.58 -38.86
CA TYR M 256 -45.60 33.89 -38.69
C TYR M 256 -46.48 33.97 -37.44
N ASP M 257 -46.83 32.82 -36.84
CA ASP M 257 -47.64 32.75 -35.62
C ASP M 257 -46.91 33.32 -34.38
N ILE M 258 -45.56 33.48 -34.48
CA ILE M 258 -44.69 33.99 -33.42
C ILE M 258 -45.09 35.42 -32.98
N PRO M 259 -45.38 35.60 -31.67
CA PRO M 259 -45.72 36.94 -31.18
C PRO M 259 -44.54 37.90 -31.27
N HIS M 260 -44.80 39.10 -31.85
CA HIS M 260 -43.82 40.19 -32.07
C HIS M 260 -42.64 39.71 -32.95
N ARG M 261 -42.96 38.85 -33.96
CA ARG M 261 -42.02 38.25 -34.92
C ARG M 261 -41.05 39.26 -35.52
N ALA M 262 -41.60 40.42 -35.97
CA ALA M 262 -40.82 41.50 -36.59
C ALA M 262 -39.80 42.13 -35.62
N ARG M 263 -40.25 42.43 -34.37
CA ARG M 263 -39.41 42.99 -33.31
C ARG M 263 -38.27 42.01 -33.00
N MET M 264 -38.62 40.72 -32.92
CA MET M 264 -37.69 39.64 -32.63
C MET M 264 -36.63 39.47 -33.72
N ILE M 265 -37.05 39.41 -35.00
CA ILE M 265 -36.14 39.26 -36.14
C ILE M 265 -35.21 40.49 -36.21
N SER M 266 -35.74 41.66 -35.89
CA SER M 266 -34.94 42.89 -35.87
C SER M 266 -33.85 42.79 -34.81
N LEU M 267 -34.22 42.25 -33.61
CA LEU M 267 -33.33 42.02 -32.47
C LEU M 267 -32.26 41.00 -32.84
N ILE M 268 -32.67 39.88 -33.44
CA ILE M 268 -31.79 38.79 -33.88
C ILE M 268 -30.77 39.29 -34.88
N GLU M 269 -31.23 39.84 -35.99
CA GLU M 269 -30.38 40.33 -37.07
C GLU M 269 -29.40 41.45 -36.64
N SER M 270 -29.77 42.22 -35.58
CA SER M 270 -28.98 43.30 -34.98
C SER M 270 -27.98 42.70 -34.01
N GLY M 271 -28.48 41.74 -33.23
CA GLY M 271 -27.69 41.02 -32.25
C GLY M 271 -26.52 40.26 -32.86
N TRP M 272 -26.74 39.70 -34.05
CA TRP M 272 -25.69 38.97 -34.72
C TRP M 272 -25.12 39.75 -35.90
N ALA M 273 -25.32 41.07 -35.95
CA ALA M 273 -24.78 41.90 -37.01
C ALA M 273 -23.25 41.73 -37.06
N GLN M 274 -22.69 41.17 -38.17
CA GLN M 274 -21.23 40.96 -38.38
C GLN M 274 -20.37 42.14 -37.81
N ASN M 275 -20.80 43.43 -38.01
CA ASN M 275 -20.11 44.59 -37.42
C ASN M 275 -20.42 44.56 -35.92
N PRO M 276 -19.39 44.41 -35.04
CA PRO M 276 -19.65 44.37 -33.59
C PRO M 276 -20.27 45.66 -33.07
N ASP M 277 -19.82 46.80 -33.63
CA ASP M 277 -20.28 48.15 -33.29
C ASP M 277 -21.78 48.33 -33.62
N GLU M 278 -22.33 47.51 -34.54
CA GLU M 278 -23.74 47.52 -34.97
C GLU M 278 -24.66 46.69 -34.08
N ARG M 279 -24.07 45.78 -33.28
CA ARG M 279 -24.81 44.92 -32.37
C ARG M 279 -25.27 45.71 -31.11
N PRO M 280 -26.47 45.43 -30.55
CA PRO M 280 -26.95 46.18 -29.39
C PRO M 280 -26.36 45.81 -28.02
N SER M 281 -26.70 46.60 -27.01
CA SER M 281 -26.32 46.36 -25.63
C SER M 281 -27.44 45.50 -25.07
N PHE M 282 -27.23 44.89 -23.90
CA PHE M 282 -28.27 44.10 -23.28
C PHE M 282 -29.37 44.99 -22.71
N LEU M 283 -29.02 46.27 -22.41
CA LEU M 283 -29.97 47.29 -21.97
C LEU M 283 -31.00 47.50 -23.07
N LYS M 284 -30.55 47.57 -24.34
CA LYS M 284 -31.42 47.74 -25.50
C LYS M 284 -32.30 46.51 -25.71
N CYS M 285 -31.79 45.31 -25.41
CA CYS M 285 -32.55 44.06 -25.48
C CYS M 285 -33.65 44.15 -24.50
N LEU M 286 -33.31 44.54 -23.25
CA LEU M 286 -34.27 44.69 -22.15
C LEU M 286 -35.36 45.71 -22.51
N ILE M 287 -34.95 46.87 -23.07
CA ILE M 287 -35.80 47.96 -23.52
C ILE M 287 -36.82 47.48 -24.57
N GLU M 288 -36.37 46.63 -25.52
CA GLU M 288 -37.18 46.03 -26.60
C GLU M 288 -38.04 44.87 -26.08
N LEU M 289 -37.52 44.10 -25.11
CA LEU M 289 -38.20 42.95 -24.55
C LEU M 289 -39.29 43.30 -23.58
N GLU M 290 -39.05 44.30 -22.68
CA GLU M 290 -40.00 44.75 -21.63
C GLU M 290 -41.45 44.87 -22.14
N PRO M 291 -41.74 45.58 -23.29
CA PRO M 291 -43.14 45.67 -23.77
C PRO M 291 -43.76 44.34 -24.26
N VAL M 292 -42.95 43.45 -24.84
CA VAL M 292 -43.37 42.15 -25.32
C VAL M 292 -43.90 41.33 -24.15
N LEU M 293 -43.14 41.30 -23.04
CA LEU M 293 -43.47 40.56 -21.84
C LEU M 293 -44.61 41.16 -21.06
N ARG M 294 -44.82 42.48 -21.21
CA ARG M 294 -45.90 43.20 -20.53
C ARG M 294 -47.27 42.73 -21.03
N THR M 295 -47.33 42.17 -22.27
CA THR M 295 -48.55 41.65 -22.91
C THR M 295 -49.13 40.46 -22.13
N PHE M 296 -48.27 39.48 -21.74
CA PHE M 296 -48.66 38.25 -21.04
C PHE M 296 -49.04 38.47 -19.59
N GLU M 297 -50.11 37.78 -19.14
CA GLU M 297 -50.58 37.84 -17.74
C GLU M 297 -49.81 36.80 -16.90
N GLU M 298 -49.44 37.17 -15.65
CA GLU M 298 -48.63 36.36 -14.73
C GLU M 298 -49.00 34.86 -14.62
N ILE M 299 -50.29 34.52 -14.83
CA ILE M 299 -50.80 33.15 -14.77
C ILE M 299 -50.38 32.28 -15.96
N THR M 300 -50.31 32.89 -17.17
CA THR M 300 -49.95 32.20 -18.42
C THR M 300 -48.58 31.52 -18.34
N PHE M 301 -47.67 32.05 -17.50
CA PHE M 301 -46.34 31.48 -17.25
C PHE M 301 -46.49 30.25 -16.35
N LEU M 302 -47.31 30.36 -15.29
CA LEU M 302 -47.55 29.26 -14.36
C LEU M 302 -48.32 28.10 -15.06
N GLU M 303 -49.18 28.46 -16.05
CA GLU M 303 -49.92 27.51 -16.87
C GLU M 303 -48.91 26.83 -17.81
N ALA M 304 -47.99 27.61 -18.38
CA ALA M 304 -46.94 27.14 -19.29
C ALA M 304 -46.01 26.11 -18.62
N VAL M 305 -45.57 26.37 -17.37
CA VAL M 305 -44.71 25.47 -16.62
C VAL M 305 -45.45 24.18 -16.28
N ILE M 306 -46.76 24.27 -15.93
CA ILE M 306 -47.58 23.09 -15.58
C ILE M 306 -47.81 22.23 -16.83
N GLN M 307 -47.98 22.88 -17.99
CA GLN M 307 -48.18 22.21 -19.27
C GLN M 307 -47.03 21.26 -19.61
N LEU M 308 -45.82 21.51 -19.02
CA LEU M 308 -44.62 20.69 -19.22
C LEU M 308 -44.65 19.45 -18.31
N LYS M 309 -45.06 19.64 -17.04
CA LYS M 309 -45.15 18.57 -16.04
C LYS M 309 -46.55 17.96 -15.99
N ALA N 4 -8.40 32.46 0.80
CA ALA N 4 -9.81 32.54 1.20
C ALA N 4 -10.65 33.34 0.18
N ILE N 5 -11.77 32.75 -0.32
CA ILE N 5 -12.64 33.36 -1.34
C ILE N 5 -13.72 34.23 -0.70
N CYS N 6 -13.62 35.55 -0.91
CA CYS N 6 -14.54 36.57 -0.40
C CYS N 6 -15.28 37.27 -1.55
N SER N 7 -16.35 38.02 -1.19
CA SER N 7 -17.17 38.85 -2.08
C SER N 7 -17.66 40.05 -1.28
N ALA N 8 -17.51 41.25 -1.83
CA ALA N 8 -17.95 42.47 -1.18
C ALA N 8 -19.38 42.81 -1.59
N LEU N 9 -20.27 43.14 -0.60
CA LEU N 9 -21.66 43.50 -0.89
C LEU N 9 -21.75 44.86 -1.65
N PRO N 10 -22.45 44.88 -2.82
CA PRO N 10 -22.52 46.11 -3.61
C PRO N 10 -23.08 47.31 -2.89
N THR N 11 -22.63 48.51 -3.27
CA THR N 11 -23.13 49.76 -2.72
C THR N 11 -23.99 50.43 -3.77
N ILE N 12 -25.28 50.59 -3.48
CA ILE N 12 -26.25 51.15 -4.43
C ILE N 12 -26.54 52.62 -4.12
N PRO N 13 -26.25 53.55 -5.09
CA PRO N 13 -26.55 54.98 -4.86
C PRO N 13 -28.06 55.20 -4.86
N TYR N 14 -28.57 56.03 -3.92
CA TYR N 14 -29.99 56.32 -3.77
C TYR N 14 -30.68 56.67 -5.08
N HIS N 15 -29.97 57.40 -5.97
CA HIS N 15 -30.51 57.81 -7.28
C HIS N 15 -30.76 56.60 -8.24
N LYS N 16 -30.16 55.42 -7.91
CA LYS N 16 -30.32 54.16 -8.66
C LYS N 16 -31.60 53.44 -8.21
N LEU N 17 -32.20 53.91 -7.12
CA LEU N 17 -33.47 53.41 -6.58
C LEU N 17 -34.60 54.35 -7.02
N ALA N 18 -35.34 53.91 -8.05
CA ALA N 18 -36.43 54.64 -8.67
C ALA N 18 -37.78 54.08 -8.25
N ASP N 19 -38.83 54.91 -8.32
CA ASP N 19 -40.23 54.59 -7.98
C ASP N 19 -40.38 53.99 -6.57
N LEU N 20 -39.77 54.64 -5.57
CA LEU N 20 -39.76 54.20 -4.18
C LEU N 20 -41.13 54.37 -3.49
N ARG N 21 -41.98 53.33 -3.64
CA ARG N 21 -43.35 53.25 -3.08
C ARG N 21 -43.34 52.46 -1.78
N TYR N 22 -44.03 52.97 -0.75
CA TYR N 22 -44.15 52.36 0.58
C TYR N 22 -44.86 51.00 0.56
N LEU N 23 -44.39 50.04 1.40
CA LEU N 23 -44.98 48.70 1.52
C LEU N 23 -45.53 48.46 2.92
N SER N 24 -44.66 48.51 3.95
CA SER N 24 -45.04 48.30 5.36
C SER N 24 -43.97 48.83 6.33
N ARG N 25 -44.38 49.20 7.55
CA ARG N 25 -43.51 49.69 8.62
C ARG N 25 -43.58 48.69 9.82
N GLY N 26 -42.42 48.34 10.36
CA GLY N 26 -42.30 47.41 11.49
C GLY N 26 -41.16 47.75 12.41
N ALA N 27 -40.89 46.86 13.39
CA ALA N 27 -39.81 47.03 14.37
C ALA N 27 -38.41 46.97 13.73
N SER N 28 -38.24 46.09 12.72
CA SER N 28 -36.99 45.94 11.98
C SER N 28 -36.71 47.12 11.05
N GLY N 29 -37.78 47.79 10.58
CA GLY N 29 -37.70 48.97 9.72
C GLY N 29 -38.90 49.18 8.82
N THR N 30 -38.73 50.07 7.81
CA THR N 30 -39.75 50.43 6.82
C THR N 30 -39.39 49.81 5.48
N VAL N 31 -40.27 48.95 4.95
CA VAL N 31 -40.06 48.28 3.68
C VAL N 31 -40.74 49.13 2.61
N SER N 32 -40.04 49.34 1.50
CA SER N 32 -40.52 50.06 0.34
C SER N 32 -40.10 49.30 -0.90
N SER N 33 -40.88 49.41 -1.98
CA SER N 33 -40.59 48.78 -3.28
C SER N 33 -40.01 49.84 -4.20
N ALA N 34 -38.87 49.52 -4.81
CA ALA N 34 -38.18 50.40 -5.73
C ALA N 34 -37.90 49.64 -7.03
N ARG N 35 -37.04 50.24 -7.89
CA ARG N 35 -36.59 49.74 -9.18
C ARG N 35 -35.11 50.07 -9.36
N HIS N 36 -34.30 49.08 -9.76
CA HIS N 36 -32.89 49.39 -10.01
C HIS N 36 -32.75 49.93 -11.42
N ALA N 37 -32.31 51.20 -11.51
CA ALA N 37 -32.09 51.97 -12.74
C ALA N 37 -31.20 51.25 -13.79
N ASP N 38 -30.21 50.48 -13.32
CA ASP N 38 -29.28 49.77 -14.18
C ASP N 38 -29.64 48.33 -14.44
N TRP N 39 -30.08 47.61 -13.39
CA TRP N 39 -30.41 46.18 -13.46
C TRP N 39 -31.77 45.89 -14.04
N ARG N 40 -32.64 46.93 -14.06
CA ARG N 40 -33.99 46.93 -14.61
C ARG N 40 -34.84 45.81 -14.05
N VAL N 41 -34.84 45.72 -12.70
CA VAL N 41 -35.57 44.77 -11.86
C VAL N 41 -36.21 45.48 -10.66
N GLN N 42 -37.37 44.98 -10.20
CA GLN N 42 -38.05 45.50 -9.01
C GLN N 42 -37.36 44.92 -7.76
N VAL N 43 -37.03 45.79 -6.81
CA VAL N 43 -36.32 45.44 -5.57
C VAL N 43 -37.12 45.88 -4.33
N ALA N 44 -36.74 45.35 -3.15
CA ALA N 44 -37.30 45.70 -1.85
C ALA N 44 -36.19 46.47 -1.07
N VAL N 45 -36.58 47.54 -0.35
CA VAL N 45 -35.65 48.37 0.44
C VAL N 45 -36.13 48.53 1.89
N LYS N 46 -35.33 48.07 2.86
CA LYS N 46 -35.67 48.22 4.29
C LYS N 46 -34.86 49.37 4.87
N HIS N 47 -35.52 50.34 5.56
CA HIS N 47 -34.86 51.53 6.10
C HIS N 47 -35.50 52.07 7.39
N LYS N 60 -27.03 53.52 11.09
CA LYS N 60 -25.71 52.86 11.20
C LYS N 60 -25.85 51.54 11.97
N ASP N 61 -27.08 51.21 12.28
CA ASP N 61 -27.37 50.04 13.09
C ASP N 61 -27.66 48.82 12.19
N VAL N 62 -28.17 49.09 10.97
CA VAL N 62 -28.61 48.13 9.95
C VAL N 62 -27.46 47.33 9.31
N LEU N 63 -26.25 47.91 9.29
CA LEU N 63 -25.02 47.34 8.72
C LEU N 63 -24.69 45.94 9.25
N ARG N 64 -25.19 45.58 10.46
CA ARG N 64 -25.03 44.21 10.98
C ARG N 64 -26.01 43.26 10.25
N GLU N 65 -27.32 43.67 10.12
CA GLU N 65 -28.35 42.90 9.44
C GLU N 65 -27.95 42.63 7.98
N ALA N 66 -27.34 43.64 7.33
CA ALA N 66 -26.85 43.55 5.96
C ALA N 66 -25.70 42.53 5.87
N GLU N 67 -24.80 42.55 6.87
CA GLU N 67 -23.68 41.61 6.96
C GLU N 67 -24.19 40.16 7.15
N ILE N 68 -25.26 39.99 7.98
CA ILE N 68 -25.88 38.70 8.25
C ILE N 68 -26.40 38.09 6.95
N LEU N 69 -27.25 38.85 6.20
CA LEU N 69 -27.88 38.39 4.95
C LEU N 69 -26.88 38.02 3.87
N HIS N 70 -25.72 38.70 3.87
CA HIS N 70 -24.64 38.46 2.92
C HIS N 70 -23.90 37.17 3.28
N LYS N 71 -23.67 36.94 4.58
CA LYS N 71 -22.98 35.76 5.09
C LYS N 71 -23.87 34.49 5.09
N ALA N 72 -25.14 34.64 5.54
CA ALA N 72 -26.12 33.58 5.65
C ALA N 72 -26.90 33.25 4.38
N ARG N 73 -26.33 33.57 3.22
CA ARG N 73 -26.95 33.30 1.92
C ARG N 73 -27.26 31.83 1.70
N PHE N 74 -28.53 31.51 1.44
CA PHE N 74 -29.00 30.16 1.13
C PHE N 74 -30.29 30.25 0.35
N SER N 75 -30.68 29.15 -0.32
CA SER N 75 -31.89 29.00 -1.15
C SER N 75 -33.19 29.45 -0.48
N TYR N 76 -33.23 29.45 0.86
CA TYR N 76 -34.42 29.80 1.64
C TYR N 76 -34.22 31.02 2.55
N ILE N 77 -33.16 31.81 2.28
CA ILE N 77 -32.79 33.04 2.97
C ILE N 77 -32.89 34.17 1.97
N LEU N 78 -33.62 35.25 2.32
CA LEU N 78 -33.85 36.40 1.45
C LEU N 78 -32.54 36.95 0.81
N PRO N 79 -32.44 36.96 -0.54
CA PRO N 79 -31.19 37.37 -1.18
C PRO N 79 -30.98 38.88 -1.15
N ILE N 80 -29.92 39.31 -0.43
CA ILE N 80 -29.55 40.73 -0.34
C ILE N 80 -28.88 41.12 -1.62
N LEU N 81 -29.29 42.22 -2.24
CA LEU N 81 -28.69 42.65 -3.53
C LEU N 81 -27.61 43.72 -3.37
N GLY N 82 -27.69 44.49 -2.29
CA GLY N 82 -26.74 45.54 -1.96
C GLY N 82 -27.16 46.40 -0.81
N ILE N 83 -26.36 47.44 -0.54
CA ILE N 83 -26.58 48.39 0.55
C ILE N 83 -26.54 49.85 0.06
N CYS N 84 -27.47 50.65 0.56
CA CYS N 84 -27.53 52.08 0.29
C CYS N 84 -27.07 52.78 1.56
N ASN N 85 -25.82 53.25 1.58
CA ASN N 85 -25.24 53.94 2.73
C ASN N 85 -24.75 55.32 2.33
N GLU N 86 -25.64 56.28 2.48
CA GLU N 86 -25.42 57.68 2.17
C GLU N 86 -25.71 58.53 3.43
N PRO N 87 -25.16 59.77 3.53
CA PRO N 87 -25.48 60.60 4.71
C PRO N 87 -27.00 60.90 4.84
N GLU N 88 -27.70 60.96 3.69
CA GLU N 88 -29.14 61.22 3.62
C GLU N 88 -29.96 59.97 3.84
N PHE N 89 -29.60 58.87 3.13
CA PHE N 89 -30.36 57.61 3.16
C PHE N 89 -29.52 56.35 3.44
N LEU N 90 -30.03 55.50 4.36
CA LEU N 90 -29.48 54.19 4.71
C LEU N 90 -30.59 53.13 4.70
N GLY N 91 -30.37 52.10 3.88
CA GLY N 91 -31.33 51.04 3.68
C GLY N 91 -30.78 49.84 2.94
N ILE N 92 -31.25 48.66 3.33
CA ILE N 92 -30.89 47.35 2.79
C ILE N 92 -31.73 47.08 1.55
N VAL N 93 -31.07 46.78 0.43
CA VAL N 93 -31.72 46.50 -0.86
C VAL N 93 -31.59 45.00 -1.11
N THR N 94 -32.75 44.33 -1.25
CA THR N 94 -32.82 42.88 -1.45
C THR N 94 -33.75 42.58 -2.62
N GLU N 95 -34.01 41.28 -2.85
CA GLU N 95 -34.94 40.81 -3.87
C GLU N 95 -36.37 41.13 -3.43
N TYR N 96 -37.24 41.38 -4.41
CA TYR N 96 -38.64 41.68 -4.15
C TYR N 96 -39.45 40.37 -4.12
N MET N 97 -40.24 40.17 -3.05
CA MET N 97 -41.07 38.97 -2.88
C MET N 97 -42.50 39.28 -3.31
N PRO N 98 -42.89 38.85 -4.53
CA PRO N 98 -44.21 39.26 -5.07
C PRO N 98 -45.45 38.89 -4.25
N ASN N 99 -45.45 37.64 -3.71
CA ASN N 99 -46.58 37.05 -2.98
C ASN N 99 -46.53 37.22 -1.43
N GLY N 100 -46.20 38.46 -0.98
CA GLY N 100 -46.20 38.92 0.41
C GLY N 100 -45.39 38.25 1.50
N SER N 101 -46.09 37.66 2.47
CA SER N 101 -45.55 36.93 3.63
C SER N 101 -46.42 35.65 3.85
N LEU N 102 -46.06 34.81 4.85
CA LEU N 102 -46.83 33.61 5.20
C LEU N 102 -48.10 34.02 5.99
N ASN N 103 -47.95 35.06 6.84
CA ASN N 103 -49.02 35.63 7.64
C ASN N 103 -50.19 36.05 6.74
N GLU N 104 -49.87 36.68 5.59
CA GLU N 104 -50.83 37.13 4.60
C GLU N 104 -51.51 35.93 3.93
N LEU N 105 -50.74 34.90 3.56
CA LEU N 105 -51.27 33.70 2.92
C LEU N 105 -52.25 32.93 3.82
N LEU N 106 -51.92 32.87 5.13
CA LEU N 106 -52.67 32.16 6.16
C LEU N 106 -53.89 32.88 6.70
N HIS N 107 -53.84 34.20 6.81
CA HIS N 107 -54.96 34.89 7.41
C HIS N 107 -55.84 35.70 6.44
N ARG N 108 -55.42 35.84 5.14
CA ARG N 108 -56.27 36.48 4.14
C ARG N 108 -57.16 35.37 3.57
N LYS N 109 -58.16 34.92 4.36
CA LYS N 109 -59.10 33.84 4.06
C LYS N 109 -60.14 34.20 2.95
N THR N 110 -60.25 35.49 2.61
CA THR N 110 -61.12 35.98 1.55
C THR N 110 -60.36 35.88 0.21
N GLU N 111 -59.10 36.40 0.20
CA GLU N 111 -58.17 36.41 -0.94
C GLU N 111 -57.68 35.00 -1.25
N TYR N 112 -57.35 34.22 -0.21
CA TYR N 112 -56.89 32.85 -0.31
C TYR N 112 -57.84 31.93 0.47
N PRO N 113 -59.04 31.59 -0.08
CA PRO N 113 -59.97 30.72 0.68
C PRO N 113 -59.49 29.29 0.86
N ASP N 114 -58.87 28.71 -0.19
CA ASP N 114 -58.35 27.35 -0.16
C ASP N 114 -56.82 27.33 -0.37
N VAL N 115 -56.11 26.85 0.67
CA VAL N 115 -54.65 26.69 0.72
C VAL N 115 -54.38 25.19 0.93
N ALA N 116 -53.86 24.54 -0.11
CA ALA N 116 -53.57 23.12 -0.18
C ALA N 116 -52.52 22.68 0.82
N TRP N 117 -52.77 21.51 1.44
CA TRP N 117 -51.89 20.87 2.41
C TRP N 117 -50.49 20.67 1.87
N PRO N 118 -50.28 20.21 0.60
CA PRO N 118 -48.92 20.05 0.11
C PRO N 118 -48.18 21.38 0.03
N LEU N 119 -48.90 22.50 -0.18
CA LEU N 119 -48.23 23.80 -0.18
C LEU N 119 -47.73 24.08 1.24
N ARG N 120 -48.62 23.97 2.24
CA ARG N 120 -48.38 24.14 3.67
C ARG N 120 -47.22 23.23 4.16
N PHE N 121 -47.12 22.00 3.61
CA PHE N 121 -46.10 21.01 3.92
C PHE N 121 -44.76 21.43 3.40
N ARG N 122 -44.68 21.80 2.08
CA ARG N 122 -43.52 22.31 1.35
C ARG N 122 -43.05 23.58 2.03
N ILE N 123 -43.98 24.45 2.47
CA ILE N 123 -43.70 25.68 3.21
C ILE N 123 -42.99 25.34 4.50
N LEU N 124 -43.56 24.41 5.27
CA LEU N 124 -42.98 23.99 6.54
C LEU N 124 -41.62 23.34 6.40
N HIS N 125 -41.45 22.48 5.39
CA HIS N 125 -40.20 21.80 5.06
C HIS N 125 -39.10 22.83 4.74
N GLU N 126 -39.47 23.85 3.93
CA GLU N 126 -38.60 24.91 3.46
C GLU N 126 -38.15 25.86 4.56
N ILE N 127 -38.99 26.13 5.56
CA ILE N 127 -38.61 26.94 6.73
C ILE N 127 -37.53 26.16 7.52
N ALA N 128 -37.79 24.85 7.81
CA ALA N 128 -36.88 23.98 8.53
C ALA N 128 -35.54 23.87 7.80
N LEU N 129 -35.55 23.74 6.44
CA LEU N 129 -34.34 23.69 5.61
C LEU N 129 -33.46 24.92 5.74
N GLY N 130 -34.08 26.10 5.78
CA GLY N 130 -33.40 27.38 5.95
C GLY N 130 -32.80 27.55 7.33
N VAL N 131 -33.62 27.33 8.38
CA VAL N 131 -33.23 27.43 9.79
C VAL N 131 -32.16 26.38 10.12
N ASN N 132 -32.26 25.20 9.51
CA ASN N 132 -31.27 24.14 9.69
C ASN N 132 -29.93 24.60 9.12
N TYR N 133 -29.91 25.24 7.92
CA TYR N 133 -28.70 25.74 7.30
C TYR N 133 -28.01 26.75 8.20
N LEU N 134 -28.80 27.68 8.80
CA LEU N 134 -28.35 28.73 9.71
C LEU N 134 -27.67 28.12 10.91
N HIS N 135 -28.29 27.08 11.49
CA HIS N 135 -27.80 26.36 12.67
C HIS N 135 -26.54 25.53 12.37
N ASN N 136 -26.35 25.14 11.10
CA ASN N 136 -25.21 24.38 10.60
C ASN N 136 -24.01 25.27 10.17
N MET N 137 -24.10 26.59 10.41
CA MET N 137 -23.04 27.55 10.08
C MET N 137 -21.91 27.45 11.12
N THR N 138 -20.75 28.04 10.81
CA THR N 138 -19.59 28.03 11.70
C THR N 138 -19.12 29.47 11.95
N PRO N 139 -19.49 30.12 13.11
CA PRO N 139 -20.33 29.62 14.21
C PRO N 139 -21.81 29.52 13.80
N PRO N 140 -22.67 28.77 14.50
CA PRO N 140 -24.08 28.71 14.09
C PRO N 140 -24.75 30.08 14.18
N LEU N 141 -25.72 30.33 13.30
CA LEU N 141 -26.48 31.58 13.36
C LEU N 141 -27.88 31.27 13.82
N LEU N 142 -28.32 31.99 14.87
CA LEU N 142 -29.64 31.82 15.46
C LEU N 142 -30.47 33.03 15.09
N HIS N 143 -31.61 32.78 14.41
CA HIS N 143 -32.55 33.80 13.93
C HIS N 143 -33.16 34.67 15.04
N HIS N 144 -33.66 34.02 16.12
CA HIS N 144 -34.26 34.65 17.29
C HIS N 144 -35.42 35.63 17.02
N ASP N 145 -36.08 35.53 15.85
CA ASP N 145 -37.18 36.42 15.53
C ASP N 145 -38.27 35.81 14.62
N LEU N 146 -38.13 34.52 14.20
CA LEU N 146 -39.08 33.80 13.33
C LEU N 146 -40.56 34.06 13.61
N LYS N 147 -41.27 34.60 12.62
CA LYS N 147 -42.70 34.92 12.62
C LYS N 147 -43.19 34.52 11.23
N THR N 148 -44.52 34.45 11.03
CA THR N 148 -45.06 34.13 9.70
C THR N 148 -44.84 35.32 8.75
N GLN N 149 -44.71 36.53 9.33
CA GLN N 149 -44.45 37.79 8.64
C GLN N 149 -43.00 37.79 8.06
N ASN N 150 -42.07 37.08 8.73
CA ASN N 150 -40.65 36.94 8.34
C ASN N 150 -40.41 35.89 7.27
N ILE N 151 -41.33 34.92 7.17
CA ILE N 151 -41.36 33.79 6.24
C ILE N 151 -42.07 34.37 4.99
N LEU N 152 -41.27 35.01 4.10
CA LEU N 152 -41.81 35.61 2.86
C LEU N 152 -41.91 34.57 1.71
N LEU N 153 -42.78 34.88 0.69
CA LEU N 153 -43.09 34.04 -0.48
C LEU N 153 -42.84 34.75 -1.79
N ASP N 154 -42.12 34.07 -2.69
CA ASP N 154 -41.81 34.57 -4.01
C ASP N 154 -42.96 34.31 -4.95
N ASN N 155 -42.77 34.57 -6.25
CA ASN N 155 -43.84 34.37 -7.23
C ASN N 155 -44.31 32.91 -7.32
N GLU N 156 -43.46 31.95 -6.91
CA GLU N 156 -43.79 30.53 -6.98
C GLU N 156 -43.97 29.90 -5.59
N PHE N 157 -44.20 30.77 -4.59
CA PHE N 157 -44.46 30.46 -3.18
C PHE N 157 -43.37 29.57 -2.52
N HIS N 158 -42.12 29.98 -2.68
CA HIS N 158 -41.00 29.31 -2.03
C HIS N 158 -40.53 30.24 -0.96
N VAL N 159 -40.21 29.68 0.20
CA VAL N 159 -39.83 30.41 1.39
C VAL N 159 -38.52 31.19 1.28
N LYS N 160 -38.49 32.41 1.84
CA LYS N 160 -37.28 33.23 1.92
C LYS N 160 -37.36 33.95 3.24
N ILE N 161 -36.62 33.45 4.24
CA ILE N 161 -36.57 33.92 5.63
C ILE N 161 -35.92 35.31 5.69
N ALA N 162 -36.59 36.24 6.37
CA ALA N 162 -36.10 37.62 6.49
C ALA N 162 -35.98 38.04 7.95
N ASP N 163 -35.70 39.34 8.24
CA ASP N 163 -35.56 39.95 9.57
C ASP N 163 -34.47 39.29 10.42
N PHE N 164 -33.23 39.71 10.17
CA PHE N 164 -32.05 39.23 10.87
C PHE N 164 -31.52 40.29 11.83
N GLY N 165 -32.41 41.20 12.24
CA GLY N 165 -32.13 42.30 13.16
C GLY N 165 -31.84 41.88 14.59
N LEU N 166 -32.52 40.79 15.04
CA LEU N 166 -32.37 40.21 16.39
C LEU N 166 -31.50 38.95 16.40
N SER N 167 -31.16 38.41 15.20
CA SER N 167 -30.32 37.22 15.03
C SER N 167 -28.92 37.34 15.66
N LYS N 168 -28.39 36.23 16.20
CA LYS N 168 -27.11 36.18 16.89
C LYS N 168 -26.27 34.95 16.52
N TRP N 169 -24.95 35.13 16.52
CA TRP N 169 -23.96 34.08 16.21
C TRP N 169 -23.60 33.33 17.50
N ARG N 170 -23.89 32.01 17.58
CA ARG N 170 -23.58 31.22 18.77
C ARG N 170 -22.07 30.96 18.88
N MET N 171 -21.38 31.76 19.73
CA MET N 171 -19.93 31.65 19.95
C MET N 171 -19.59 31.32 21.41
N GLY N 187 -44.30 44.06 17.57
CA GLY N 187 -43.67 43.50 18.76
C GLY N 187 -44.39 42.29 19.31
N THR N 188 -44.55 41.24 18.49
CA THR N 188 -45.25 40.01 18.89
C THR N 188 -44.30 39.04 19.64
N ILE N 189 -44.77 38.59 20.81
CA ILE N 189 -44.10 37.67 21.72
C ILE N 189 -44.69 36.26 21.62
N ILE N 190 -45.66 36.04 20.71
CA ILE N 190 -46.35 34.74 20.56
C ILE N 190 -45.45 33.63 19.98
N TYR N 191 -44.28 34.00 19.43
CA TYR N 191 -43.32 33.03 18.87
C TYR N 191 -42.08 32.88 19.77
N MET N 192 -42.05 33.64 20.86
CA MET N 192 -40.96 33.69 21.81
C MET N 192 -41.09 32.61 22.92
N PRO N 193 -40.03 31.80 23.18
CA PRO N 193 -40.11 30.81 24.26
C PRO N 193 -40.21 31.48 25.64
N PRO N 194 -40.87 30.81 26.62
CA PRO N 194 -41.09 31.45 27.92
C PRO N 194 -39.84 31.83 28.74
N GLU N 195 -38.71 31.11 28.53
CA GLU N 195 -37.44 31.35 29.22
C GLU N 195 -36.82 32.69 28.82
N ASN N 196 -37.17 33.19 27.62
CA ASN N 196 -36.69 34.44 27.02
C ASN N 196 -37.30 35.70 27.66
N TYR N 197 -38.41 35.52 28.40
CA TYR N 197 -39.08 36.63 29.09
C TYR N 197 -38.25 36.98 30.28
N GLU N 198 -37.87 35.96 31.07
CA GLU N 198 -37.08 36.11 32.28
C GLU N 198 -35.55 36.10 32.03
N PRO N 199 -34.78 37.10 32.60
CA PRO N 199 -33.31 37.08 32.42
C PRO N 199 -32.61 36.14 33.39
N ILE N 207 -30.62 29.88 22.33
CA ILE N 207 -30.31 28.67 21.56
C ILE N 207 -31.57 28.03 20.90
N LYS N 208 -32.24 27.08 21.63
CA LYS N 208 -33.43 26.31 21.19
C LYS N 208 -34.73 27.19 20.99
N HIS N 209 -34.55 28.52 20.87
CA HIS N 209 -35.54 29.57 20.64
C HIS N 209 -36.27 29.35 19.32
N ASP N 210 -35.50 29.15 18.23
CA ASP N 210 -36.01 28.97 16.87
C ASP N 210 -36.90 27.75 16.69
N ILE N 211 -36.63 26.65 17.42
CA ILE N 211 -37.49 25.47 17.37
C ILE N 211 -38.89 25.79 17.98
N TYR N 212 -38.92 26.60 19.07
CA TYR N 212 -40.15 27.06 19.72
C TYR N 212 -40.97 27.90 18.72
N SER N 213 -40.31 28.88 18.06
CA SER N 213 -40.97 29.74 17.08
C SER N 213 -41.53 28.86 15.97
N TYR N 214 -40.72 27.93 15.46
CA TYR N 214 -41.09 27.00 14.40
C TYR N 214 -42.36 26.22 14.70
N ALA N 215 -42.50 25.69 15.94
CA ALA N 215 -43.66 24.91 16.43
C ALA N 215 -44.97 25.74 16.42
N VAL N 216 -44.90 27.04 16.85
CA VAL N 216 -46.03 27.95 16.83
C VAL N 216 -46.44 28.25 15.37
N ILE N 217 -45.44 28.40 14.48
CA ILE N 217 -45.62 28.60 13.04
C ILE N 217 -46.27 27.34 12.42
N THR N 218 -45.81 26.13 12.83
CA THR N 218 -46.33 24.84 12.38
C THR N 218 -47.80 24.70 12.76
N TRP N 219 -48.13 25.12 14.01
CA TRP N 219 -49.50 25.09 14.52
C TRP N 219 -50.35 26.00 13.64
N GLU N 220 -49.93 27.27 13.52
CA GLU N 220 -50.55 28.35 12.76
C GLU N 220 -50.80 28.00 11.31
N VAL N 221 -49.90 27.30 10.63
CA VAL N 221 -50.13 26.99 9.22
C VAL N 221 -51.24 25.95 9.05
N LEU N 222 -51.19 24.84 9.83
CA LEU N 222 -52.19 23.75 9.74
C LEU N 222 -53.55 24.16 10.28
N SER N 223 -53.56 24.97 11.37
CA SER N 223 -54.81 25.49 11.95
C SER N 223 -55.42 26.64 11.13
N ARG N 224 -54.55 27.51 10.53
CA ARG N 224 -54.91 28.74 9.79
C ARG N 224 -55.55 29.77 10.76
N LYS N 225 -55.31 29.59 12.08
CA LYS N 225 -55.82 30.41 13.17
C LYS N 225 -54.71 31.19 13.86
N GLN N 226 -55.03 32.38 14.42
CA GLN N 226 -54.05 33.22 15.14
C GLN N 226 -53.82 32.67 16.53
N PRO N 227 -52.56 32.33 16.91
CA PRO N 227 -52.32 31.79 18.26
C PRO N 227 -52.70 32.77 19.35
N PHE N 228 -53.46 32.30 20.36
CA PHE N 228 -53.95 33.11 21.49
C PHE N 228 -54.87 34.26 21.03
N GLU N 229 -55.70 33.99 20.01
CA GLU N 229 -56.70 34.91 19.47
C GLU N 229 -57.75 35.30 20.54
N ASP N 230 -58.10 34.35 21.41
CA ASP N 230 -59.05 34.51 22.51
C ASP N 230 -58.52 35.41 23.63
N VAL N 231 -57.16 35.59 23.75
CA VAL N 231 -56.57 36.46 24.77
C VAL N 231 -56.49 37.89 24.26
N THR N 232 -56.90 38.85 25.10
CA THR N 232 -56.86 40.29 24.79
C THR N 232 -55.46 40.87 25.06
N ASN N 233 -55.04 40.81 26.33
CA ASN N 233 -53.78 41.36 26.79
C ASN N 233 -52.58 40.48 26.42
N PRO N 234 -51.54 41.05 25.78
CA PRO N 234 -50.34 40.26 25.46
C PRO N 234 -49.59 39.76 26.71
N LEU N 235 -49.69 40.52 27.83
CA LEU N 235 -49.09 40.15 29.10
C LEU N 235 -49.73 38.89 29.66
N GLN N 236 -51.01 38.67 29.34
CA GLN N 236 -51.74 37.47 29.75
C GLN N 236 -51.15 36.27 29.02
N ILE N 237 -50.90 36.37 27.68
CA ILE N 237 -50.35 35.26 26.90
C ILE N 237 -48.94 34.93 27.40
N MET N 238 -48.17 35.98 27.78
CA MET N 238 -46.84 35.82 28.37
C MET N 238 -46.90 35.07 29.68
N TYR N 239 -47.84 35.44 30.57
CA TYR N 239 -48.02 34.75 31.84
C TYR N 239 -48.50 33.31 31.57
N SER N 240 -49.53 33.15 30.74
CA SER N 240 -50.09 31.85 30.42
C SER N 240 -49.07 30.88 29.89
N VAL N 241 -48.24 31.30 28.90
CA VAL N 241 -47.22 30.41 28.33
C VAL N 241 -46.14 30.05 29.37
N SER N 242 -45.71 31.04 30.21
CA SER N 242 -44.72 30.79 31.27
C SER N 242 -45.30 29.85 32.31
N GLN N 243 -46.64 29.67 32.25
CA GLN N 243 -47.39 28.76 33.10
C GLN N 243 -47.83 27.50 32.33
N GLY N 244 -47.00 27.13 31.35
CA GLY N 244 -47.14 25.94 30.50
C GLY N 244 -48.25 25.88 29.46
N HIS N 245 -48.92 27.00 29.14
CA HIS N 245 -49.98 26.98 28.15
C HIS N 245 -49.49 27.26 26.74
N ARG N 246 -50.14 26.62 25.75
CA ARG N 246 -49.81 26.70 24.33
C ARG N 246 -51.09 26.72 23.51
N PRO N 247 -51.05 27.18 22.23
CA PRO N 247 -52.27 27.14 21.40
C PRO N 247 -52.94 25.76 21.45
N VAL N 248 -54.28 25.78 21.59
CA VAL N 248 -55.14 24.59 21.73
C VAL N 248 -55.06 23.62 20.53
N ILE N 249 -54.99 22.32 20.88
CA ILE N 249 -54.97 21.20 19.94
C ILE N 249 -56.24 20.39 20.22
N ASN N 250 -57.17 20.40 19.27
CA ASN N 250 -58.46 19.72 19.31
C ASN N 250 -59.03 19.63 17.89
N GLU N 251 -60.22 19.01 17.71
CA GLU N 251 -60.90 18.87 16.43
C GLU N 251 -61.31 20.23 15.81
N GLU N 252 -61.60 21.25 16.64
CA GLU N 252 -61.99 22.58 16.17
C GLU N 252 -60.78 23.33 15.62
N SER N 253 -59.64 23.31 16.35
CA SER N 253 -58.38 23.97 15.94
C SER N 253 -57.69 23.21 14.80
N LEU N 254 -57.32 21.95 15.04
CA LEU N 254 -56.66 21.11 14.04
C LEU N 254 -57.54 19.88 13.72
N PRO N 255 -58.32 19.89 12.61
CA PRO N 255 -59.21 18.74 12.31
C PRO N 255 -58.52 17.40 12.07
N TYR N 256 -59.32 16.31 12.05
CA TYR N 256 -58.82 14.95 11.86
C TYR N 256 -58.44 14.64 10.41
N ASP N 257 -58.96 15.45 9.46
CA ASP N 257 -58.69 15.28 8.03
C ASP N 257 -57.21 15.58 7.66
N ILE N 258 -56.47 16.28 8.56
CA ILE N 258 -55.06 16.66 8.39
C ILE N 258 -54.15 15.44 8.14
N PRO N 259 -53.44 15.42 6.97
CA PRO N 259 -52.52 14.31 6.69
C PRO N 259 -51.36 14.26 7.68
N HIS N 260 -51.08 13.06 8.25
CA HIS N 260 -50.03 12.79 9.25
C HIS N 260 -50.21 13.63 10.51
N ARG N 261 -51.50 13.86 10.92
CA ARG N 261 -51.92 14.65 12.07
C ARG N 261 -51.13 14.33 13.35
N ALA N 262 -50.99 13.03 13.65
CA ALA N 262 -50.28 12.55 14.84
C ALA N 262 -48.79 12.90 14.83
N ARG N 263 -48.11 12.70 13.67
CA ARG N 263 -46.69 12.98 13.42
C ARG N 263 -46.42 14.47 13.55
N MET N 264 -47.41 15.31 13.13
CA MET N 264 -47.40 16.78 13.19
C MET N 264 -47.59 17.29 14.62
N ILE N 265 -48.62 16.79 15.34
CA ILE N 265 -48.90 17.18 16.74
C ILE N 265 -47.72 16.78 17.64
N SER N 266 -47.09 15.63 17.35
CA SER N 266 -45.92 15.16 18.09
C SER N 266 -44.78 16.17 17.94
N LEU N 267 -44.58 16.64 16.68
CA LEU N 267 -43.58 17.63 16.32
C LEU N 267 -43.84 18.98 17.04
N ILE N 268 -45.09 19.50 16.96
CA ILE N 268 -45.59 20.76 17.53
C ILE N 268 -45.46 20.80 19.07
N GLU N 269 -45.88 19.70 19.75
CA GLU N 269 -45.81 19.56 21.21
C GLU N 269 -44.36 19.48 21.73
N SER N 270 -43.49 18.70 21.03
CA SER N 270 -42.06 18.58 21.37
C SER N 270 -41.33 19.89 21.05
N GLY N 271 -41.76 20.56 19.98
CA GLY N 271 -41.24 21.85 19.52
C GLY N 271 -41.42 22.93 20.55
N TRP N 272 -42.66 23.11 21.06
CA TRP N 272 -42.91 24.14 22.07
C TRP N 272 -42.81 23.61 23.52
N ALA N 273 -42.07 22.47 23.77
CA ALA N 273 -41.86 21.84 25.08
C ALA N 273 -41.27 22.82 26.12
N GLN N 274 -41.98 23.08 27.27
CA GLN N 274 -41.60 24.04 28.35
C GLN N 274 -40.12 23.90 28.68
N ASN N 275 -39.63 22.64 28.67
CA ASN N 275 -38.23 22.32 28.89
C ASN N 275 -37.48 22.53 27.59
N PRO N 276 -36.47 23.45 27.56
CA PRO N 276 -35.73 23.69 26.31
C PRO N 276 -34.97 22.44 25.85
N ASP N 277 -34.43 21.67 26.83
CA ASP N 277 -33.68 20.44 26.60
C ASP N 277 -34.55 19.32 25.97
N GLU N 278 -35.89 19.46 26.06
CA GLU N 278 -36.88 18.53 25.50
C GLU N 278 -37.24 18.83 24.05
N ARG N 279 -36.86 20.01 23.54
CA ARG N 279 -37.16 20.46 22.18
C ARG N 279 -36.21 19.85 21.13
N PRO N 280 -36.71 19.43 19.94
CA PRO N 280 -35.81 18.81 18.94
C PRO N 280 -34.90 19.78 18.18
N SER N 281 -33.99 19.20 17.37
CA SER N 281 -33.13 19.96 16.48
C SER N 281 -33.91 20.10 15.17
N PHE N 282 -33.47 21.01 14.28
CA PHE N 282 -34.11 21.15 12.98
C PHE N 282 -33.82 19.94 12.08
N LEU N 283 -32.68 19.23 12.38
CA LEU N 283 -32.25 18.00 11.70
C LEU N 283 -33.23 16.84 12.00
N LYS N 284 -33.87 16.85 13.17
CA LYS N 284 -34.88 15.86 13.55
C LYS N 284 -36.18 16.23 12.86
N CYS N 285 -36.48 17.53 12.73
CA CYS N 285 -37.67 18.02 12.04
C CYS N 285 -37.62 17.55 10.61
N LEU N 286 -36.43 17.73 9.97
CA LEU N 286 -36.22 17.38 8.57
C LEU N 286 -36.30 15.90 8.35
N ILE N 287 -35.76 15.13 9.28
CA ILE N 287 -35.81 13.66 9.30
C ILE N 287 -37.28 13.19 9.34
N GLU N 288 -38.14 13.83 10.19
CA GLU N 288 -39.57 13.51 10.33
C GLU N 288 -40.40 14.00 9.17
N LEU N 289 -40.03 15.17 8.61
CA LEU N 289 -40.75 15.81 7.50
C LEU N 289 -40.51 15.15 6.16
N GLU N 290 -39.25 14.79 5.84
CA GLU N 290 -38.85 14.17 4.55
C GLU N 290 -39.83 13.07 4.05
N PRO N 291 -40.22 12.05 4.88
CA PRO N 291 -41.16 11.02 4.38
C PRO N 291 -42.59 11.51 4.09
N VAL N 292 -43.05 12.52 4.86
CA VAL N 292 -44.37 13.11 4.71
C VAL N 292 -44.49 13.76 3.30
N LEU N 293 -43.46 14.54 2.92
CA LEU N 293 -43.36 15.24 1.66
C LEU N 293 -43.10 14.31 0.48
N ARG N 294 -42.47 13.14 0.72
CA ARG N 294 -42.18 12.17 -0.35
C ARG N 294 -43.46 11.53 -0.91
N THR N 295 -44.60 11.63 -0.17
CA THR N 295 -45.90 11.11 -0.59
C THR N 295 -46.49 11.92 -1.76
N PHE N 296 -46.40 13.27 -1.70
CA PHE N 296 -46.94 14.20 -2.70
C PHE N 296 -46.08 14.25 -3.98
N GLU N 297 -46.73 14.23 -5.16
CA GLU N 297 -46.04 14.34 -6.48
C GLU N 297 -45.79 15.83 -6.73
N GLU N 298 -44.57 16.22 -7.12
CA GLU N 298 -44.17 17.63 -7.29
C GLU N 298 -45.18 18.50 -8.09
N ILE N 299 -46.14 17.86 -8.79
CA ILE N 299 -47.21 18.42 -9.64
C ILE N 299 -48.44 18.86 -8.81
N THR N 300 -48.59 18.30 -7.61
CA THR N 300 -49.61 18.65 -6.62
C THR N 300 -49.30 20.07 -6.09
N PHE N 301 -48.01 20.38 -5.87
CA PHE N 301 -47.53 21.67 -5.36
C PHE N 301 -47.69 22.76 -6.39
N LEU N 302 -47.53 22.42 -7.68
CA LEU N 302 -47.66 23.38 -8.76
C LEU N 302 -49.14 23.64 -9.02
N GLU N 303 -49.99 22.62 -8.76
CA GLU N 303 -51.46 22.75 -8.83
C GLU N 303 -51.94 23.61 -7.64
N ALA N 304 -51.31 23.38 -6.47
CA ALA N 304 -51.58 24.08 -5.22
C ALA N 304 -51.39 25.59 -5.38
N VAL N 305 -50.22 26.01 -5.92
CA VAL N 305 -49.87 27.41 -6.12
C VAL N 305 -50.78 28.08 -7.17
N ILE N 306 -51.15 27.32 -8.24
CA ILE N 306 -52.03 27.85 -9.29
C ILE N 306 -53.46 28.04 -8.74
N GLN N 307 -53.87 27.17 -7.80
CA GLN N 307 -55.16 27.25 -7.14
C GLN N 307 -55.38 28.58 -6.40
N LEU N 308 -54.27 29.27 -6.07
CA LEU N 308 -54.29 30.57 -5.39
C LEU N 308 -54.54 31.69 -6.41
N LYS N 309 -53.91 31.60 -7.60
CA LYS N 309 -54.05 32.60 -8.66
C LYS N 309 -55.07 32.16 -9.71
N ALA O 4 -31.00 -48.41 58.16
CA ALA O 4 -31.12 -47.54 59.33
C ALA O 4 -30.34 -48.02 60.59
N ILE O 5 -29.20 -47.36 60.87
CA ILE O 5 -28.35 -47.67 62.03
C ILE O 5 -28.79 -46.85 63.25
N CYS O 6 -29.32 -47.55 64.27
CA CYS O 6 -29.79 -46.97 65.52
C CYS O 6 -28.93 -47.37 66.72
N SER O 7 -29.08 -46.64 67.82
CA SER O 7 -28.41 -46.85 69.11
C SER O 7 -29.31 -46.26 70.19
N ALA O 8 -29.64 -47.06 71.20
CA ALA O 8 -30.47 -46.60 72.29
C ALA O 8 -29.57 -46.05 73.40
N LEU O 9 -29.93 -44.90 73.97
CA LEU O 9 -29.17 -44.26 75.02
C LEU O 9 -29.21 -45.12 76.32
N PRO O 10 -28.03 -45.42 76.90
CA PRO O 10 -27.98 -46.28 78.11
C PRO O 10 -28.82 -45.79 79.27
N THR O 11 -29.33 -46.74 80.07
CA THR O 11 -30.13 -46.41 81.25
C THR O 11 -29.27 -46.72 82.46
N ILE O 12 -28.97 -45.67 83.24
CA ILE O 12 -28.12 -45.77 84.42
C ILE O 12 -28.96 -45.83 85.71
N PRO O 13 -28.84 -46.93 86.51
CA PRO O 13 -29.58 -46.98 87.78
C PRO O 13 -28.94 -46.04 88.79
N TYR O 14 -29.77 -45.28 89.54
CA TYR O 14 -29.33 -44.31 90.53
C TYR O 14 -28.28 -44.84 91.51
N HIS O 15 -28.39 -46.13 91.87
CA HIS O 15 -27.46 -46.80 92.79
C HIS O 15 -26.05 -46.96 92.21
N LYS O 16 -25.95 -46.90 90.86
CA LYS O 16 -24.66 -46.92 90.18
C LYS O 16 -23.97 -45.54 90.29
N LEU O 17 -24.73 -44.53 90.72
CA LEU O 17 -24.23 -43.17 90.90
C LEU O 17 -23.82 -42.91 92.34
N ALA O 18 -22.48 -42.85 92.54
CA ALA O 18 -21.84 -42.65 93.84
C ALA O 18 -21.21 -41.28 93.99
N ASP O 19 -21.18 -40.79 95.25
CA ASP O 19 -20.63 -39.49 95.68
C ASP O 19 -21.23 -38.30 94.93
N LEU O 20 -22.57 -38.28 94.89
CA LEU O 20 -23.35 -37.26 94.22
C LEU O 20 -23.27 -35.89 94.92
N ARG O 21 -22.15 -35.22 94.69
CA ARG O 21 -21.89 -33.90 95.25
C ARG O 21 -22.35 -32.84 94.24
N TYR O 22 -23.26 -31.93 94.64
CA TYR O 22 -23.81 -30.83 93.82
C TYR O 22 -22.76 -29.86 93.28
N LEU O 23 -23.01 -29.33 92.07
CA LEU O 23 -22.13 -28.39 91.36
C LEU O 23 -22.74 -26.99 91.28
N SER O 24 -23.97 -26.88 90.73
CA SER O 24 -24.69 -25.62 90.50
C SER O 24 -26.20 -25.87 90.29
N ARG O 25 -27.00 -24.80 90.36
CA ARG O 25 -28.46 -24.82 90.13
C ARG O 25 -28.77 -23.67 89.16
N GLY O 26 -29.51 -24.00 88.11
CA GLY O 26 -29.90 -23.05 87.07
C GLY O 26 -31.31 -23.28 86.56
N ALA O 27 -31.71 -22.53 85.51
CA ALA O 27 -33.04 -22.61 84.90
C ALA O 27 -33.30 -23.99 84.26
N SER O 28 -32.24 -24.54 83.60
CA SER O 28 -32.23 -25.84 82.93
C SER O 28 -32.33 -27.02 83.90
N GLY O 29 -31.80 -26.82 85.12
CA GLY O 29 -31.82 -27.81 86.19
C GLY O 29 -30.67 -27.67 87.18
N THR O 30 -30.41 -28.70 87.94
CA THR O 30 -29.33 -28.67 88.90
C THR O 30 -28.29 -29.67 88.45
N VAL O 31 -27.03 -29.19 88.32
CA VAL O 31 -25.87 -30.02 87.95
C VAL O 31 -25.18 -30.52 89.23
N SER O 32 -24.85 -31.83 89.27
CA SER O 32 -24.15 -32.50 90.36
C SER O 32 -23.06 -33.41 89.76
N SER O 33 -21.93 -33.60 90.49
CA SER O 33 -20.84 -34.48 90.10
C SER O 33 -20.98 -35.81 90.84
N ALA O 34 -20.93 -36.91 90.09
CA ALA O 34 -21.02 -38.27 90.63
C ALA O 34 -19.83 -39.08 90.13
N ARG O 35 -19.86 -40.40 90.38
CA ARG O 35 -18.84 -41.36 89.98
C ARG O 35 -19.57 -42.66 89.58
N HIS O 36 -19.41 -43.12 88.30
CA HIS O 36 -20.07 -44.36 87.87
C HIS O 36 -19.39 -45.56 88.51
N ALA O 37 -20.16 -46.27 89.35
CA ALA O 37 -19.77 -47.46 90.13
C ALA O 37 -19.14 -48.58 89.31
N ASP O 38 -19.59 -48.75 88.04
CA ASP O 38 -19.07 -49.78 87.14
C ASP O 38 -17.99 -49.28 86.18
N TRP O 39 -18.16 -48.06 85.62
CA TRP O 39 -17.23 -47.49 84.66
C TRP O 39 -16.01 -46.87 85.28
N ARG O 40 -16.10 -46.53 86.58
CA ARG O 40 -15.04 -45.94 87.41
C ARG O 40 -14.44 -44.67 86.78
N VAL O 41 -15.36 -43.77 86.39
CA VAL O 41 -15.13 -42.46 85.78
C VAL O 41 -16.03 -41.42 86.46
N GLN O 42 -15.53 -40.17 86.55
CA GLN O 42 -16.31 -39.08 87.11
C GLN O 42 -17.29 -38.56 86.04
N VAL O 43 -18.57 -38.41 86.40
CA VAL O 43 -19.62 -37.96 85.49
C VAL O 43 -20.35 -36.72 86.04
N ALA O 44 -21.10 -36.04 85.18
CA ALA O 44 -21.95 -34.89 85.52
C ALA O 44 -23.43 -35.32 85.38
N VAL O 45 -24.29 -34.89 86.33
CA VAL O 45 -25.71 -35.26 86.32
C VAL O 45 -26.61 -34.02 86.42
N LYS O 46 -27.49 -33.81 85.41
CA LYS O 46 -28.44 -32.68 85.41
C LYS O 46 -29.81 -33.21 85.79
N HIS O 47 -30.48 -32.57 86.79
CA HIS O 47 -31.78 -33.04 87.31
C HIS O 47 -32.71 -31.97 87.89
N LEU O 48 -33.79 -32.45 88.55
CA LEU O 48 -34.83 -31.66 89.22
C LEU O 48 -34.74 -31.85 90.76
N HIS O 49 -33.91 -30.97 91.42
CA HIS O 49 -33.61 -30.91 92.85
C HIS O 49 -34.82 -31.00 93.77
N GLU O 58 -43.42 -32.69 84.05
CA GLU O 58 -42.20 -31.98 83.61
C GLU O 58 -41.00 -32.94 83.34
N ARG O 59 -41.31 -34.25 83.22
CA ARG O 59 -40.34 -35.30 82.90
C ARG O 59 -40.03 -35.22 81.41
N LYS O 60 -41.08 -35.03 80.56
CA LYS O 60 -41.02 -34.88 79.10
C LYS O 60 -39.95 -33.89 78.63
N ASP O 61 -39.75 -32.81 79.41
CA ASP O 61 -38.76 -31.74 79.20
C ASP O 61 -37.29 -32.24 79.31
N VAL O 62 -37.03 -33.15 80.27
CA VAL O 62 -35.71 -33.77 80.53
C VAL O 62 -35.43 -34.83 79.45
N LEU O 63 -36.42 -35.72 79.20
CA LEU O 63 -36.35 -36.77 78.19
C LEU O 63 -36.19 -36.19 76.77
N ARG O 64 -36.63 -34.95 76.54
CA ARG O 64 -36.37 -34.42 75.23
C ARG O 64 -35.01 -33.73 75.18
N GLU O 65 -34.44 -33.15 76.29
CA GLU O 65 -33.07 -32.57 76.28
C GLU O 65 -32.08 -33.73 76.10
N ALA O 66 -32.41 -34.91 76.68
CA ALA O 66 -31.62 -36.13 76.56
C ALA O 66 -31.64 -36.65 75.11
N GLU O 67 -32.81 -36.58 74.44
CA GLU O 67 -32.98 -36.95 73.03
C GLU O 67 -32.13 -36.02 72.12
N ILE O 68 -32.09 -34.69 72.46
CA ILE O 68 -31.35 -33.68 71.71
C ILE O 68 -29.86 -34.06 71.73
N LEU O 69 -29.28 -34.23 72.94
CA LEU O 69 -27.86 -34.52 73.12
C LEU O 69 -27.39 -35.85 72.48
N HIS O 70 -28.31 -36.84 72.39
CA HIS O 70 -28.06 -38.14 71.77
C HIS O 70 -28.07 -38.00 70.24
N LYS O 71 -28.97 -37.17 69.72
CA LYS O 71 -29.09 -36.93 68.28
C LYS O 71 -28.04 -35.95 67.72
N ALA O 72 -27.82 -34.83 68.46
CA ALA O 72 -26.89 -33.75 68.12
C ALA O 72 -25.42 -34.01 68.49
N ARG O 73 -25.04 -35.28 68.68
CA ARG O 73 -23.69 -35.68 69.00
C ARG O 73 -22.65 -35.19 67.94
N PHE O 74 -21.64 -34.45 68.43
CA PHE O 74 -20.54 -33.92 67.64
C PHE O 74 -19.38 -33.59 68.58
N SER O 75 -18.18 -33.47 67.99
CA SER O 75 -16.90 -33.19 68.66
C SER O 75 -16.95 -31.99 69.61
N TYR O 76 -17.89 -31.05 69.40
CA TYR O 76 -17.99 -29.83 70.19
C TYR O 76 -19.33 -29.68 70.95
N ILE O 77 -20.07 -30.81 71.04
CA ILE O 77 -21.35 -30.95 71.75
C ILE O 77 -21.13 -31.92 72.93
N LEU O 78 -21.57 -31.49 74.13
CA LEU O 78 -21.41 -32.28 75.37
C LEU O 78 -21.87 -33.75 75.21
N PRO O 79 -20.95 -34.72 75.43
CA PRO O 79 -21.32 -36.12 75.23
C PRO O 79 -22.19 -36.69 76.35
N ILE O 80 -23.43 -37.05 75.98
CA ILE O 80 -24.37 -37.66 76.92
C ILE O 80 -23.96 -39.13 77.12
N LEU O 81 -23.87 -39.58 78.38
CA LEU O 81 -23.46 -40.95 78.67
C LEU O 81 -24.61 -41.89 78.93
N GLY O 82 -25.73 -41.34 79.37
CA GLY O 82 -26.93 -42.11 79.63
C GLY O 82 -28.00 -41.33 80.35
N ILE O 83 -29.10 -42.02 80.67
CA ILE O 83 -30.27 -41.46 81.37
C ILE O 83 -30.64 -42.25 82.62
N CYS O 84 -30.96 -41.51 83.69
CA CYS O 84 -31.43 -42.09 84.93
C CYS O 84 -32.93 -41.77 85.02
N ASN O 85 -33.78 -42.77 84.74
CA ASN O 85 -35.23 -42.63 84.77
C ASN O 85 -35.84 -43.66 85.72
N GLU O 86 -36.00 -43.24 86.97
CA GLU O 86 -36.54 -44.02 88.06
C GLU O 86 -37.70 -43.27 88.73
N PRO O 87 -38.60 -43.97 89.49
CA PRO O 87 -39.67 -43.26 90.21
C PRO O 87 -39.13 -42.26 91.25
N GLU O 88 -37.97 -42.56 91.83
CA GLU O 88 -37.30 -41.72 92.82
C GLU O 88 -36.48 -40.59 92.17
N PHE O 89 -35.76 -40.91 91.07
CA PHE O 89 -34.87 -39.96 90.40
C PHE O 89 -34.94 -39.93 88.88
N LEU O 90 -34.84 -38.71 88.31
CA LEU O 90 -34.73 -38.45 86.87
C LEU O 90 -33.67 -37.38 86.62
N GLY O 91 -32.67 -37.75 85.82
CA GLY O 91 -31.54 -36.90 85.49
C GLY O 91 -30.71 -37.40 84.34
N ILE O 92 -30.21 -36.46 83.52
CA ILE O 92 -29.36 -36.80 82.40
C ILE O 92 -27.89 -36.83 82.89
N VAL O 93 -27.19 -37.94 82.54
CA VAL O 93 -25.81 -38.24 82.90
C VAL O 93 -24.94 -38.04 81.67
N THR O 94 -23.94 -37.16 81.79
CA THR O 94 -23.03 -36.82 80.70
C THR O 94 -21.58 -36.87 81.16
N GLU O 95 -20.65 -36.49 80.29
CA GLU O 95 -19.22 -36.42 80.60
C GLU O 95 -18.98 -35.26 81.57
N TYR O 96 -17.98 -35.42 82.46
CA TYR O 96 -17.62 -34.38 83.41
C TYR O 96 -16.58 -33.45 82.79
N MET O 97 -16.84 -32.13 82.82
CA MET O 97 -15.96 -31.08 82.29
C MET O 97 -15.10 -30.51 83.42
N PRO O 98 -13.81 -30.92 83.50
CA PRO O 98 -12.96 -30.52 84.63
C PRO O 98 -12.79 -29.01 84.83
N ASN O 99 -12.55 -28.29 83.72
CA ASN O 99 -12.31 -26.84 83.73
C ASN O 99 -13.59 -25.99 83.51
N GLY O 100 -14.73 -26.51 83.98
CA GLY O 100 -16.05 -25.88 83.97
C GLY O 100 -16.51 -25.24 82.67
N SER O 101 -16.80 -23.92 82.72
CA SER O 101 -17.26 -23.15 81.59
C SER O 101 -16.25 -22.11 81.16
N LEU O 102 -16.61 -21.35 80.11
CA LEU O 102 -15.85 -20.25 79.52
C LEU O 102 -15.96 -18.97 80.38
N ASN O 103 -17.15 -18.71 80.98
CA ASN O 103 -17.42 -17.56 81.86
C ASN O 103 -16.38 -17.45 82.98
N GLU O 104 -16.08 -18.57 83.63
CA GLU O 104 -15.09 -18.64 84.69
C GLU O 104 -13.67 -18.43 84.15
N LEU O 105 -13.31 -19.07 82.99
CA LEU O 105 -12.00 -18.87 82.35
C LEU O 105 -11.76 -17.39 82.07
N LEU O 106 -12.78 -16.71 81.57
CA LEU O 106 -12.75 -15.31 81.21
C LEU O 106 -12.82 -14.33 82.36
N HIS O 107 -13.50 -14.69 83.46
CA HIS O 107 -13.68 -13.69 84.50
C HIS O 107 -12.93 -14.01 85.83
N ARG O 108 -12.37 -15.22 85.99
CA ARG O 108 -11.51 -15.50 87.15
C ARG O 108 -10.10 -15.02 86.78
N LYS O 109 -9.90 -13.66 86.76
CA LYS O 109 -8.68 -12.96 86.38
C LYS O 109 -7.51 -13.13 87.37
N THR O 110 -7.79 -13.65 88.58
CA THR O 110 -6.77 -13.92 89.59
C THR O 110 -6.22 -15.33 89.33
N GLU O 111 -7.13 -16.33 89.14
CA GLU O 111 -6.83 -17.73 88.85
C GLU O 111 -6.22 -17.88 87.46
N TYR O 112 -6.79 -17.17 86.48
CA TYR O 112 -6.35 -17.19 85.09
C TYR O 112 -5.94 -15.75 84.68
N PRO O 113 -4.74 -15.25 85.09
CA PRO O 113 -4.35 -13.88 84.71
C PRO O 113 -4.07 -13.72 83.22
N ASP O 114 -3.40 -14.73 82.61
CA ASP O 114 -3.06 -14.74 81.19
C ASP O 114 -3.74 -15.86 80.44
N VAL O 115 -4.60 -15.48 79.47
CA VAL O 115 -5.29 -16.37 78.56
C VAL O 115 -4.86 -15.90 77.14
N ALA O 116 -4.03 -16.74 76.49
CA ALA O 116 -3.41 -16.46 75.18
C ALA O 116 -4.38 -16.38 74.04
N TRP O 117 -4.05 -15.55 73.04
CA TRP O 117 -4.84 -15.38 71.83
C TRP O 117 -5.06 -16.70 71.10
N PRO O 118 -4.03 -17.55 70.87
CA PRO O 118 -4.29 -18.85 70.22
C PRO O 118 -5.45 -19.63 70.86
N LEU O 119 -5.47 -19.74 72.21
CA LEU O 119 -6.53 -20.43 72.94
C LEU O 119 -7.88 -19.73 72.78
N ARG O 120 -7.91 -18.38 72.92
CA ARG O 120 -9.12 -17.58 72.76
C ARG O 120 -9.70 -17.78 71.38
N PHE O 121 -8.85 -17.80 70.33
CA PHE O 121 -9.28 -18.01 68.93
C PHE O 121 -9.68 -19.45 68.65
N ARG O 122 -9.02 -20.42 69.33
CA ARG O 122 -9.35 -21.83 69.18
C ARG O 122 -10.77 -22.06 69.72
N ILE O 123 -11.07 -21.47 70.91
CA ILE O 123 -12.38 -21.55 71.58
C ILE O 123 -13.48 -20.99 70.68
N LEU O 124 -13.27 -19.77 70.16
CA LEU O 124 -14.22 -19.10 69.27
C LEU O 124 -14.50 -19.93 68.02
N HIS O 125 -13.44 -20.49 67.42
CA HIS O 125 -13.52 -21.36 66.26
C HIS O 125 -14.39 -22.60 66.57
N GLU O 126 -14.08 -23.28 67.71
CA GLU O 126 -14.79 -24.48 68.16
C GLU O 126 -16.30 -24.23 68.44
N ILE O 127 -16.68 -23.08 69.09
CA ILE O 127 -18.09 -22.72 69.33
C ILE O 127 -18.81 -22.63 67.98
N ALA O 128 -18.21 -21.89 67.01
CA ALA O 128 -18.76 -21.72 65.67
C ALA O 128 -18.92 -23.07 64.99
N LEU O 129 -17.90 -23.96 65.12
CA LEU O 129 -17.90 -25.31 64.54
C LEU O 129 -19.07 -26.18 65.06
N GLY O 130 -19.34 -26.06 66.35
CA GLY O 130 -20.42 -26.81 66.98
C GLY O 130 -21.79 -26.32 66.53
N VAL O 131 -22.04 -24.97 66.61
CA VAL O 131 -23.31 -24.32 66.23
C VAL O 131 -23.56 -24.42 64.75
N ASN O 132 -22.47 -24.47 63.95
CA ASN O 132 -22.57 -24.71 62.51
C ASN O 132 -23.08 -26.14 62.24
N TYR O 133 -22.55 -27.15 62.97
CA TYR O 133 -22.99 -28.54 62.81
C TYR O 133 -24.48 -28.67 63.12
N LEU O 134 -24.94 -28.01 64.21
CA LEU O 134 -26.33 -28.00 64.68
C LEU O 134 -27.23 -27.43 63.61
N HIS O 135 -26.79 -26.32 63.00
CA HIS O 135 -27.55 -25.64 61.96
C HIS O 135 -27.59 -26.42 60.65
N ASN O 136 -26.60 -27.31 60.43
CA ASN O 136 -26.48 -28.17 59.26
C ASN O 136 -27.22 -29.51 59.42
N MET O 137 -27.97 -29.69 60.52
CA MET O 137 -28.74 -30.91 60.75
C MET O 137 -30.00 -30.90 59.91
N THR O 138 -30.68 -32.05 59.78
CA THR O 138 -31.89 -32.17 58.97
C THR O 138 -33.00 -32.75 59.84
N PRO O 139 -33.93 -31.92 60.38
CA PRO O 139 -34.06 -30.47 60.25
C PRO O 139 -32.98 -29.74 61.06
N PRO O 140 -32.67 -28.46 60.79
CA PRO O 140 -31.63 -27.78 61.59
C PRO O 140 -31.99 -27.69 63.07
N LEU O 141 -30.99 -27.74 63.96
CA LEU O 141 -31.24 -27.57 65.38
C LEU O 141 -30.69 -26.21 65.84
N LEU O 142 -31.56 -25.40 66.47
CA LEU O 142 -31.23 -24.06 66.94
C LEU O 142 -31.13 -24.09 68.44
N HIS O 143 -29.94 -23.74 68.98
CA HIS O 143 -29.58 -23.73 70.39
C HIS O 143 -30.49 -22.82 71.25
N HIS O 144 -30.69 -21.56 70.82
CA HIS O 144 -31.52 -20.54 71.46
C HIS O 144 -31.22 -20.24 72.93
N ASP O 145 -29.99 -20.58 73.40
CA ASP O 145 -29.60 -20.33 74.78
C ASP O 145 -28.13 -20.05 75.00
N LEU O 146 -27.30 -20.08 73.93
CA LEU O 146 -25.85 -19.80 73.99
C LEU O 146 -25.43 -18.68 75.00
N LYS O 147 -24.55 -19.04 75.97
CA LYS O 147 -23.97 -18.18 77.02
C LYS O 147 -22.56 -18.68 77.21
N THR O 148 -21.68 -17.90 77.92
CA THR O 148 -20.30 -18.33 78.21
C THR O 148 -20.29 -19.49 79.25
N GLN O 149 -21.40 -19.65 79.99
CA GLN O 149 -21.57 -20.73 80.94
C GLN O 149 -22.03 -22.05 80.26
N ASN O 150 -22.51 -21.97 78.97
CA ASN O 150 -22.98 -23.10 78.15
C ASN O 150 -21.85 -23.67 77.36
N ILE O 151 -20.78 -22.89 77.28
CA ILE O 151 -19.58 -23.28 76.57
C ILE O 151 -18.67 -23.89 77.61
N LEU O 152 -18.71 -25.22 77.70
CA LEU O 152 -17.90 -25.96 78.66
C LEU O 152 -16.53 -26.32 78.09
N LEU O 153 -15.55 -26.50 78.98
CA LEU O 153 -14.16 -26.80 78.63
C LEU O 153 -13.69 -28.08 79.29
N ASP O 154 -13.15 -29.01 78.47
CA ASP O 154 -12.61 -30.27 78.98
C ASP O 154 -11.21 -30.06 79.57
N ASN O 155 -10.56 -31.14 80.08
CA ASN O 155 -9.23 -31.06 80.68
C ASN O 155 -8.16 -30.39 79.76
N GLU O 156 -8.39 -30.43 78.42
CA GLU O 156 -7.46 -29.85 77.47
C GLU O 156 -8.03 -28.58 76.76
N PHE O 157 -9.07 -27.95 77.38
CA PHE O 157 -9.72 -26.68 77.01
C PHE O 157 -10.33 -26.66 75.61
N HIS O 158 -11.07 -27.74 75.34
CA HIS O 158 -11.83 -27.89 74.10
C HIS O 158 -13.29 -27.68 74.43
N VAL O 159 -13.96 -26.93 73.56
CA VAL O 159 -15.38 -26.54 73.68
C VAL O 159 -16.32 -27.74 73.61
N LYS O 160 -17.30 -27.73 74.52
CA LYS O 160 -18.41 -28.67 74.65
C LYS O 160 -19.64 -27.81 74.96
N ILE O 161 -20.53 -27.67 73.97
CA ILE O 161 -21.75 -26.88 74.10
C ILE O 161 -22.80 -27.69 74.90
N ALA O 162 -23.39 -27.05 75.92
CA ALA O 162 -24.41 -27.67 76.76
C ALA O 162 -25.71 -26.84 76.78
N ASP O 163 -26.69 -27.23 77.63
CA ASP O 163 -28.00 -26.58 77.80
C ASP O 163 -28.83 -26.51 76.52
N PHE O 164 -29.49 -27.64 76.22
CA PHE O 164 -30.36 -27.83 75.08
C PHE O 164 -31.84 -27.85 75.53
N GLY O 165 -32.08 -27.23 76.69
CA GLY O 165 -33.40 -27.10 77.32
C GLY O 165 -34.32 -26.14 76.59
N LEU O 166 -33.75 -25.09 75.97
CA LEU O 166 -34.48 -24.10 75.18
C LEU O 166 -34.35 -24.30 73.65
N SER O 167 -33.42 -25.19 73.22
CA SER O 167 -33.16 -25.50 71.81
C SER O 167 -34.38 -26.03 71.06
N LYS O 168 -34.52 -25.65 69.77
CA LYS O 168 -35.64 -26.05 68.91
C LYS O 168 -35.20 -26.55 67.55
N TRP O 169 -35.96 -27.53 66.99
CA TRP O 169 -35.75 -28.09 65.65
C TRP O 169 -36.50 -27.23 64.62
N ARG O 170 -35.79 -26.58 63.66
CA ARG O 170 -36.47 -25.75 62.66
C ARG O 170 -37.21 -26.62 61.61
N MET O 171 -38.54 -26.85 61.81
CA MET O 171 -39.43 -27.66 60.95
C MET O 171 -40.74 -26.92 60.77
N GLY O 187 -31.07 -16.23 84.52
CA GLY O 187 -31.85 -15.92 83.32
C GLY O 187 -31.39 -14.66 82.63
N THR O 188 -30.16 -14.68 82.11
CA THR O 188 -29.54 -13.55 81.41
C THR O 188 -30.06 -13.39 79.96
N ILE O 189 -30.41 -12.14 79.65
CA ILE O 189 -30.92 -11.70 78.36
C ILE O 189 -29.85 -10.97 77.56
N ILE O 190 -28.59 -10.92 78.07
CA ILE O 190 -27.49 -10.19 77.42
C ILE O 190 -27.02 -10.85 76.11
N TYR O 191 -27.41 -12.11 75.87
CA TYR O 191 -27.06 -12.85 74.65
C TYR O 191 -28.25 -12.99 73.73
N MET O 192 -29.40 -12.46 74.13
CA MET O 192 -30.66 -12.54 73.40
C MET O 192 -30.82 -11.40 72.41
N PRO O 193 -31.19 -11.70 71.15
CA PRO O 193 -31.41 -10.63 70.17
C PRO O 193 -32.64 -9.76 70.53
N PRO O 194 -32.66 -8.46 70.17
CA PRO O 194 -33.77 -7.59 70.57
C PRO O 194 -35.17 -7.98 70.04
N GLU O 195 -35.25 -8.72 68.91
CA GLU O 195 -36.53 -9.14 68.31
C GLU O 195 -37.25 -10.21 69.09
N ASN O 196 -36.49 -10.92 69.92
CA ASN O 196 -36.93 -12.00 70.79
C ASN O 196 -37.62 -11.50 72.05
N TYR O 197 -37.48 -10.21 72.38
CA TYR O 197 -38.06 -9.61 73.57
C TYR O 197 -39.57 -9.60 73.53
N GLU O 198 -40.14 -8.96 72.51
CA GLU O 198 -41.58 -8.79 72.30
C GLU O 198 -42.24 -10.02 71.63
N PRO O 199 -43.61 -10.07 71.62
CA PRO O 199 -44.29 -11.19 70.93
C PRO O 199 -44.59 -10.84 69.47
N ILE O 207 -34.22 -17.91 64.06
CA ILE O 207 -33.07 -18.60 63.40
C ILE O 207 -31.74 -17.84 63.61
N LYS O 208 -31.75 -16.49 63.39
CA LYS O 208 -30.57 -15.60 63.55
C LYS O 208 -30.28 -15.22 65.04
N HIS O 209 -30.80 -16.03 65.98
CA HIS O 209 -30.67 -15.85 67.42
C HIS O 209 -29.25 -16.21 67.85
N ASP O 210 -28.79 -17.43 67.48
CA ASP O 210 -27.49 -18.01 67.86
C ASP O 210 -26.31 -17.20 67.40
N ILE O 211 -26.42 -16.55 66.23
CA ILE O 211 -25.34 -15.68 65.72
C ILE O 211 -25.23 -14.44 66.65
N TYR O 212 -26.39 -13.88 67.10
CA TYR O 212 -26.41 -12.75 68.01
C TYR O 212 -25.67 -13.05 69.29
N SER O 213 -26.03 -14.17 69.96
CA SER O 213 -25.39 -14.63 71.20
C SER O 213 -23.92 -14.83 70.98
N TYR O 214 -23.57 -15.49 69.84
CA TYR O 214 -22.18 -15.77 69.46
C TYR O 214 -21.36 -14.50 69.39
N ALA O 215 -21.96 -13.46 68.78
CA ALA O 215 -21.44 -12.11 68.62
C ALA O 215 -21.04 -11.44 69.98
N VAL O 216 -21.90 -11.59 71.02
CA VAL O 216 -21.73 -11.09 72.39
C VAL O 216 -20.63 -11.90 73.07
N ILE O 217 -20.62 -13.24 72.85
CA ILE O 217 -19.62 -14.18 73.38
C ILE O 217 -18.23 -13.81 72.81
N THR O 218 -18.16 -13.52 71.48
CA THR O 218 -16.93 -13.13 70.80
C THR O 218 -16.38 -11.82 71.38
N TRP O 219 -17.28 -10.86 71.68
CA TRP O 219 -16.93 -9.58 72.30
C TRP O 219 -16.30 -9.89 73.66
N GLU O 220 -17.07 -10.62 74.50
CA GLU O 220 -16.72 -11.07 75.85
C GLU O 220 -15.39 -11.82 75.93
N VAL O 221 -15.09 -12.70 74.93
CA VAL O 221 -13.85 -13.49 74.90
C VAL O 221 -12.63 -12.57 74.69
N LEU O 222 -12.76 -11.65 73.71
CA LEU O 222 -11.72 -10.70 73.32
C LEU O 222 -11.52 -9.57 74.33
N SER O 223 -12.62 -9.06 74.91
CA SER O 223 -12.57 -7.99 75.91
C SER O 223 -12.21 -8.48 77.32
N ARG O 224 -12.64 -9.71 77.70
CA ARG O 224 -12.51 -10.32 79.04
C ARG O 224 -13.33 -9.51 80.07
N LYS O 225 -14.34 -8.75 79.56
CA LYS O 225 -15.24 -7.89 80.32
C LYS O 225 -16.68 -8.39 80.23
N GLN O 226 -17.47 -8.14 81.27
CA GLN O 226 -18.87 -8.56 81.32
C GLN O 226 -19.73 -7.55 80.54
N PRO O 227 -20.50 -8.01 79.53
CA PRO O 227 -21.33 -7.08 78.74
C PRO O 227 -22.37 -6.38 79.60
N PHE O 228 -22.45 -5.04 79.47
CA PHE O 228 -23.34 -4.13 80.21
C PHE O 228 -23.09 -4.22 81.73
N GLU O 229 -21.79 -4.31 82.14
CA GLU O 229 -21.37 -4.41 83.54
C GLU O 229 -21.78 -3.20 84.36
N ASP O 230 -21.72 -2.01 83.72
CA ASP O 230 -22.07 -0.73 84.33
C ASP O 230 -23.58 -0.54 84.53
N VAL O 231 -24.42 -1.39 83.89
CA VAL O 231 -25.89 -1.33 83.97
C VAL O 231 -26.45 -2.26 85.03
N THR O 232 -27.21 -1.68 85.98
CA THR O 232 -27.82 -2.37 87.12
C THR O 232 -29.11 -3.12 86.71
N ASN O 233 -30.12 -2.41 86.19
CA ASN O 233 -31.39 -3.00 85.82
C ASN O 233 -31.31 -3.75 84.49
N PRO O 234 -31.72 -5.03 84.46
CA PRO O 234 -31.70 -5.79 83.19
C PRO O 234 -32.65 -5.22 82.14
N LEU O 235 -33.74 -4.61 82.58
CA LEU O 235 -34.73 -3.99 81.71
C LEU O 235 -34.13 -2.78 80.98
N GLN O 236 -33.11 -2.13 81.57
CA GLN O 236 -32.41 -1.00 80.99
C GLN O 236 -31.60 -1.53 79.83
N ILE O 237 -30.90 -2.69 80.04
CA ILE O 237 -30.08 -3.37 79.02
C ILE O 237 -30.97 -3.67 77.82
N MET O 238 -32.19 -4.20 78.09
CA MET O 238 -33.20 -4.56 77.11
C MET O 238 -33.70 -3.37 76.32
N TYR O 239 -33.88 -2.21 76.98
CA TYR O 239 -34.30 -1.00 76.29
C TYR O 239 -33.17 -0.53 75.39
N SER O 240 -31.96 -0.31 75.96
CA SER O 240 -30.76 0.12 75.25
C SER O 240 -30.55 -0.70 73.96
N VAL O 241 -30.57 -2.07 74.09
CA VAL O 241 -30.41 -3.02 72.98
C VAL O 241 -31.47 -2.85 71.91
N SER O 242 -32.75 -2.79 72.31
CA SER O 242 -33.87 -2.59 71.38
C SER O 242 -33.82 -1.24 70.67
N GLN O 243 -32.98 -0.33 71.20
CA GLN O 243 -32.67 0.98 70.65
C GLN O 243 -31.27 0.98 69.95
N GLY O 244 -30.78 -0.21 69.61
CA GLY O 244 -29.52 -0.39 68.89
C GLY O 244 -28.23 -0.37 69.68
N HIS O 245 -28.30 -0.30 71.02
CA HIS O 245 -27.07 -0.23 71.82
C HIS O 245 -26.47 -1.61 72.05
N ARG O 246 -25.14 -1.69 72.03
CA ARG O 246 -24.40 -2.95 72.17
C ARG O 246 -23.16 -2.71 73.03
N PRO O 247 -22.53 -3.78 73.63
CA PRO O 247 -21.29 -3.57 74.40
C PRO O 247 -20.28 -2.69 73.63
N VAL O 248 -19.65 -1.75 74.33
CA VAL O 248 -18.75 -0.75 73.75
C VAL O 248 -17.49 -1.32 73.09
N ILE O 249 -17.14 -0.76 71.93
CA ILE O 249 -15.96 -1.11 71.13
C ILE O 249 -15.09 0.16 71.08
N ASN O 250 -13.90 0.09 71.73
CA ASN O 250 -12.90 1.16 71.86
C ASN O 250 -11.65 0.58 72.50
N GLU O 251 -10.54 1.33 72.46
CA GLU O 251 -9.22 0.96 72.97
C GLU O 251 -9.23 0.43 74.42
N GLU O 252 -10.16 0.94 75.27
CA GLU O 252 -10.30 0.50 76.66
C GLU O 252 -10.92 -0.90 76.74
N SER O 253 -12.02 -1.14 76.00
CA SER O 253 -12.73 -2.43 75.94
C SER O 253 -11.93 -3.47 75.16
N LEU O 254 -11.67 -3.21 73.88
CA LEU O 254 -10.91 -4.11 73.00
C LEU O 254 -9.63 -3.40 72.52
N PRO O 255 -8.45 -3.68 73.13
CA PRO O 255 -7.21 -3.01 72.69
C PRO O 255 -6.75 -3.26 71.25
N TYR O 256 -5.81 -2.44 70.78
CA TYR O 256 -5.28 -2.56 69.41
C TYR O 256 -4.28 -3.73 69.24
N ASP O 257 -3.77 -4.28 70.35
CA ASP O 257 -2.85 -5.42 70.34
C ASP O 257 -3.53 -6.72 69.86
N ILE O 258 -4.88 -6.75 69.84
CA ILE O 258 -5.71 -7.89 69.43
C ILE O 258 -5.41 -8.34 67.99
N PRO O 259 -5.01 -9.60 67.80
CA PRO O 259 -4.74 -10.09 66.45
C PRO O 259 -6.00 -10.13 65.59
N HIS O 260 -5.91 -9.56 64.35
CA HIS O 260 -7.00 -9.47 63.36
C HIS O 260 -8.18 -8.67 63.94
N ARG O 261 -7.87 -7.60 64.73
CA ARG O 261 -8.82 -6.70 65.41
C ARG O 261 -9.93 -6.22 64.50
N ALA O 262 -9.56 -5.76 63.28
CA ALA O 262 -10.49 -5.25 62.27
C ALA O 262 -11.47 -6.31 61.76
N ARG O 263 -10.95 -7.52 61.46
CA ARG O 263 -11.74 -8.66 61.01
C ARG O 263 -12.74 -9.05 62.10
N MET O 264 -12.26 -9.08 63.36
CA MET O 264 -13.04 -9.43 64.53
C MET O 264 -14.14 -8.44 64.80
N ILE O 265 -13.81 -7.11 64.80
CA ILE O 265 -14.79 -6.07 65.12
C ILE O 265 -15.80 -5.97 63.95
N SER O 266 -15.44 -6.42 62.73
CA SER O 266 -16.37 -6.47 61.60
C SER O 266 -17.36 -7.63 61.82
N LEU O 267 -16.82 -8.80 62.30
CA LEU O 267 -17.58 -10.01 62.62
C LEU O 267 -18.56 -9.72 63.73
N ILE O 268 -18.09 -9.03 64.80
CA ILE O 268 -18.92 -8.66 65.95
C ILE O 268 -20.08 -7.78 65.52
N GLU O 269 -19.76 -6.62 64.96
CA GLU O 269 -20.73 -5.61 64.56
C GLU O 269 -21.83 -6.11 63.62
N SER O 270 -21.54 -7.15 62.81
CA SER O 270 -22.47 -7.79 61.85
C SER O 270 -23.24 -8.89 62.54
N GLY O 271 -22.52 -9.63 63.40
CA GLY O 271 -23.08 -10.72 64.20
C GLY O 271 -24.21 -10.20 65.06
N TRP O 272 -23.97 -9.06 65.72
CA TRP O 272 -24.98 -8.41 66.54
C TRP O 272 -25.66 -7.26 65.77
N ALA O 273 -26.07 -7.49 64.53
CA ALA O 273 -26.77 -6.43 63.82
C ALA O 273 -28.20 -6.33 64.42
N GLN O 274 -28.88 -5.19 64.27
CA GLN O 274 -30.27 -5.10 64.77
C GLN O 274 -31.11 -6.01 63.83
N ASN O 275 -30.89 -5.82 62.51
CA ASN O 275 -31.45 -6.54 61.37
C ASN O 275 -30.93 -7.98 61.44
N PRO O 276 -31.80 -8.98 61.70
CA PRO O 276 -31.32 -10.36 61.77
C PRO O 276 -30.80 -10.79 60.40
N ASP O 277 -31.47 -10.30 59.35
CA ASP O 277 -31.13 -10.52 57.96
C ASP O 277 -29.69 -10.07 57.66
N GLU O 278 -29.21 -8.98 58.30
CA GLU O 278 -27.84 -8.50 58.14
C GLU O 278 -26.78 -9.30 58.94
N ARG O 279 -27.22 -10.23 59.80
CA ARG O 279 -26.28 -11.04 60.59
C ARG O 279 -25.79 -12.25 59.79
N PRO O 280 -24.51 -12.66 59.93
CA PRO O 280 -24.01 -13.78 59.11
C PRO O 280 -24.44 -15.18 59.54
N SER O 281 -24.09 -16.18 58.72
CA SER O 281 -24.31 -17.57 59.00
C SER O 281 -23.06 -18.01 59.75
N PHE O 282 -23.10 -19.19 60.39
CA PHE O 282 -21.93 -19.69 61.09
C PHE O 282 -20.87 -20.18 60.10
N LEU O 283 -21.31 -20.52 58.87
CA LEU O 283 -20.41 -20.89 57.78
C LEU O 283 -19.52 -19.71 57.46
N LYS O 284 -20.10 -18.47 57.42
CA LYS O 284 -19.35 -17.25 57.17
C LYS O 284 -18.38 -16.96 58.30
N CYS O 285 -18.76 -17.28 59.54
CA CYS O 285 -17.89 -17.13 60.71
C CYS O 285 -16.70 -18.01 60.52
N LEU O 286 -16.96 -19.30 60.17
CA LEU O 286 -15.94 -20.31 59.91
C LEU O 286 -14.98 -19.87 58.82
N ILE O 287 -15.55 -19.37 57.69
CA ILE O 287 -14.84 -18.85 56.51
C ILE O 287 -13.90 -17.69 56.89
N GLU O 288 -14.36 -16.77 57.77
CA GLU O 288 -13.60 -15.62 58.28
C GLU O 288 -12.58 -16.03 59.36
N LEU O 289 -12.93 -17.04 60.17
CA LEU O 289 -12.09 -17.52 61.25
C LEU O 289 -10.95 -18.38 60.80
N GLU O 290 -11.18 -19.31 59.85
CA GLU O 290 -10.18 -20.27 59.30
C GLU O 290 -8.81 -19.63 59.02
N PRO O 291 -8.70 -18.48 58.28
CA PRO O 291 -7.37 -17.84 58.05
C PRO O 291 -6.67 -17.29 59.29
N VAL O 292 -7.45 -16.75 60.25
CA VAL O 292 -6.95 -16.21 61.52
C VAL O 292 -6.24 -17.35 62.27
N LEU O 293 -6.85 -18.54 62.20
CA LEU O 293 -6.45 -19.76 62.86
C LEU O 293 -5.29 -20.40 62.18
N ARG O 294 -5.12 -20.15 60.88
CA ARG O 294 -3.98 -20.73 60.16
C ARG O 294 -2.65 -20.09 60.57
N THR O 295 -2.68 -18.86 61.17
CA THR O 295 -1.50 -18.10 61.60
C THR O 295 -0.76 -18.78 62.76
N PHE O 296 -1.49 -19.27 63.78
CA PHE O 296 -0.93 -19.89 64.98
C PHE O 296 -0.41 -21.31 64.75
N GLU O 297 0.76 -21.63 65.34
CA GLU O 297 1.38 -22.96 65.25
C GLU O 297 0.80 -23.86 66.36
N GLU O 298 0.57 -25.14 66.03
CA GLU O 298 -0.03 -26.17 66.89
C GLU O 298 0.43 -26.17 68.35
N ILE O 299 1.72 -25.84 68.59
CA ILE O 299 2.34 -25.81 69.94
C ILE O 299 1.86 -24.67 70.80
N THR O 300 1.61 -23.48 70.19
CA THR O 300 1.19 -22.26 70.89
C THR O 300 -0.11 -22.47 71.70
N PHE O 301 -0.98 -23.40 71.25
CA PHE O 301 -2.22 -23.76 71.94
C PHE O 301 -1.88 -24.62 73.15
N LEU O 302 -0.97 -25.60 72.97
CA LEU O 302 -0.55 -26.50 74.05
C LEU O 302 0.26 -25.73 75.12
N GLU O 303 0.96 -24.66 74.70
CA GLU O 303 1.69 -23.77 75.58
C GLU O 303 0.67 -22.91 76.35
N ALA O 304 -0.38 -22.44 75.64
CA ALA O 304 -1.46 -21.63 76.20
C ALA O 304 -2.24 -22.36 77.29
N VAL O 305 -2.57 -23.66 77.06
CA VAL O 305 -3.28 -24.50 78.03
C VAL O 305 -2.40 -24.76 79.26
N ILE O 306 -1.08 -24.99 79.07
CA ILE O 306 -0.14 -25.25 80.17
C ILE O 306 0.03 -23.97 81.02
N GLN O 307 0.04 -22.80 80.36
CA GLN O 307 0.17 -21.50 81.01
C GLN O 307 -0.94 -21.27 82.05
N LEU O 308 -2.09 -21.95 81.89
CA LEU O 308 -3.25 -21.86 82.80
C LEU O 308 -3.05 -22.76 84.03
N LYS O 309 -2.54 -24.01 83.80
CA LYS O 309 -2.29 -24.99 84.85
C LYS O 309 -0.84 -24.91 85.37
N ALA P 4 -38.20 -45.41 74.88
CA ALA P 4 -36.77 -45.70 74.69
C ALA P 4 -36.11 -44.63 73.81
N ILE P 5 -34.99 -44.01 74.28
CA ILE P 5 -34.28 -42.92 73.55
C ILE P 5 -33.26 -43.49 72.55
N CYS P 6 -33.52 -43.33 71.24
CA CYS P 6 -32.65 -43.81 70.16
C CYS P 6 -32.11 -42.63 69.35
N SER P 7 -31.09 -42.91 68.49
CA SER P 7 -30.46 -41.95 67.56
C SER P 7 -29.99 -42.71 66.34
N ALA P 8 -30.30 -42.20 65.15
CA ALA P 8 -29.90 -42.81 63.89
C ALA P 8 -28.58 -42.23 63.42
N LEU P 9 -27.61 -43.10 63.02
CA LEU P 9 -26.31 -42.68 62.53
C LEU P 9 -26.42 -41.94 61.19
N PRO P 10 -25.85 -40.71 61.09
CA PRO P 10 -25.96 -39.93 59.85
C PRO P 10 -25.44 -40.61 58.59
N THR P 11 -26.05 -40.30 57.45
CA THR P 11 -25.63 -40.81 56.16
C THR P 11 -24.94 -39.69 55.41
N ILE P 12 -23.65 -39.87 55.12
CA ILE P 12 -22.83 -38.85 54.46
C ILE P 12 -22.68 -39.15 52.96
N PRO P 13 -23.14 -38.23 52.07
CA PRO P 13 -22.97 -38.44 50.62
C PRO P 13 -21.49 -38.30 50.25
N TYR P 14 -20.98 -39.19 49.38
CA TYR P 14 -19.58 -39.20 48.96
C TYR P 14 -19.06 -37.84 48.53
N HIS P 15 -19.93 -37.03 47.87
CA HIS P 15 -19.57 -35.68 47.42
C HIS P 15 -19.32 -34.67 48.60
N LYS P 16 -19.70 -35.04 49.85
CA LYS P 16 -19.48 -34.23 51.04
C LYS P 16 -18.12 -34.57 51.63
N LEU P 17 -17.48 -35.60 51.09
CA LEU P 17 -16.13 -36.00 51.48
C LEU P 17 -15.17 -35.46 50.44
N ALA P 18 -14.52 -34.35 50.80
CA ALA P 18 -13.57 -33.63 49.94
C ALA P 18 -12.15 -33.91 50.36
N ASP P 19 -11.17 -33.72 49.43
CA ASP P 19 -9.72 -33.89 49.63
C ASP P 19 -9.37 -35.30 50.20
N LEU P 20 -9.95 -36.36 49.58
CA LEU P 20 -9.77 -37.75 50.03
C LEU P 20 -8.35 -38.29 49.75
N ARG P 21 -7.46 -38.07 50.74
CA ARG P 21 -6.02 -38.39 50.83
C ARG P 21 -5.79 -39.76 51.55
N TYR P 22 -5.08 -40.70 50.92
CA TYR P 22 -4.77 -42.02 51.48
C TYR P 22 -3.81 -41.92 52.70
N LEU P 23 -3.93 -42.90 53.64
CA LEU P 23 -3.12 -43.01 54.88
C LEU P 23 -2.50 -44.41 55.06
N SER P 24 -3.33 -45.47 55.15
CA SER P 24 -2.89 -46.87 55.30
C SER P 24 -3.96 -47.92 54.88
N ARG P 25 -3.52 -49.20 54.68
CA ARG P 25 -4.33 -50.35 54.25
C ARG P 25 -4.07 -51.57 55.17
N GLY P 26 -5.15 -52.22 55.59
CA GLY P 26 -5.08 -53.38 56.46
C GLY P 26 -6.20 -54.36 56.25
N ALA P 27 -6.30 -55.34 57.16
CA ALA P 27 -7.30 -56.41 57.14
C ALA P 27 -8.72 -55.87 57.32
N SER P 28 -8.90 -54.88 58.24
CA SER P 28 -10.21 -54.27 58.50
C SER P 28 -10.66 -53.36 57.35
N GLY P 29 -9.70 -52.79 56.62
CA GLY P 29 -9.95 -51.93 55.48
C GLY P 29 -8.86 -50.92 55.15
N THR P 30 -9.21 -49.90 54.33
CA THR P 30 -8.30 -48.83 53.88
C THR P 30 -8.73 -47.52 54.54
N VAL P 31 -7.79 -46.86 55.20
CA VAL P 31 -8.09 -45.61 55.89
C VAL P 31 -7.60 -44.42 55.07
N SER P 32 -8.49 -43.43 54.86
CA SER P 32 -8.21 -42.19 54.13
C SER P 32 -8.63 -40.99 54.96
N SER P 33 -8.03 -39.82 54.68
CA SER P 33 -8.30 -38.51 55.32
C SER P 33 -9.08 -37.65 54.34
N ALA P 34 -10.23 -37.15 54.79
CA ALA P 34 -11.09 -36.31 54.00
C ALA P 34 -11.39 -35.04 54.80
N ARG P 35 -12.32 -34.20 54.29
CA ARG P 35 -12.77 -32.97 54.94
C ARG P 35 -14.28 -32.87 54.74
N HIS P 36 -15.05 -32.68 55.84
CA HIS P 36 -16.48 -32.54 55.60
C HIS P 36 -16.77 -31.18 55.01
N ALA P 37 -17.51 -31.20 53.90
CA ALA P 37 -17.91 -30.02 53.14
C ALA P 37 -18.77 -29.03 53.92
N ASP P 38 -19.73 -29.54 54.74
CA ASP P 38 -20.63 -28.67 55.50
C ASP P 38 -20.10 -28.34 56.88
N TRP P 39 -19.74 -29.40 57.65
CA TRP P 39 -19.27 -29.34 59.05
C TRP P 39 -17.91 -28.64 59.25
N ARG P 40 -17.09 -28.57 58.17
CA ARG P 40 -15.83 -27.85 58.03
C ARG P 40 -14.73 -28.31 59.00
N VAL P 41 -14.59 -29.66 59.10
CA VAL P 41 -13.63 -30.40 59.92
C VAL P 41 -12.99 -31.57 59.14
N GLN P 42 -11.75 -31.94 59.53
CA GLN P 42 -11.02 -33.05 58.93
C GLN P 42 -11.52 -34.38 59.55
N VAL P 43 -11.85 -35.34 58.69
CA VAL P 43 -12.40 -36.65 59.11
C VAL P 43 -11.54 -37.81 58.57
N ALA P 44 -11.74 -39.02 59.15
CA ALA P 44 -11.10 -40.29 58.76
C ALA P 44 -12.18 -41.20 58.14
N VAL P 45 -11.84 -41.90 57.04
CA VAL P 45 -12.76 -42.79 56.33
C VAL P 45 -12.17 -44.20 56.15
N LYS P 46 -12.83 -45.23 56.70
CA LYS P 46 -12.37 -46.61 56.51
C LYS P 46 -13.23 -47.29 55.45
N HIS P 47 -12.61 -47.91 54.40
CA HIS P 47 -13.34 -48.53 53.28
C HIS P 47 -12.64 -49.75 52.68
N SER P 57 -21.33 -59.50 49.71
CA SER P 57 -19.93 -59.20 49.97
C SER P 57 -19.64 -58.72 51.44
N GLU P 58 -18.49 -58.03 51.62
CA GLU P 58 -17.93 -57.46 52.85
C GLU P 58 -18.80 -56.30 53.40
N ARG P 59 -19.65 -55.68 52.56
CA ARG P 59 -20.55 -54.56 52.89
C ARG P 59 -21.29 -54.75 54.24
N LYS P 60 -21.86 -55.95 54.49
CA LYS P 60 -22.55 -56.33 55.71
C LYS P 60 -21.64 -56.23 56.94
N ASP P 61 -20.33 -56.54 56.76
CA ASP P 61 -19.31 -56.44 57.83
C ASP P 61 -19.07 -54.96 58.20
N VAL P 62 -19.08 -54.08 57.17
CA VAL P 62 -18.87 -52.65 57.32
C VAL P 62 -20.03 -52.06 58.16
N LEU P 63 -21.28 -52.33 57.73
CA LEU P 63 -22.52 -51.91 58.38
C LEU P 63 -22.64 -52.45 59.83
N ARG P 64 -22.00 -53.60 60.10
CA ARG P 64 -21.96 -54.21 61.43
C ARG P 64 -20.99 -53.40 62.31
N GLU P 65 -19.74 -53.13 61.80
CA GLU P 65 -18.69 -52.35 62.49
C GLU P 65 -19.19 -50.94 62.82
N ALA P 66 -19.93 -50.33 61.87
CA ALA P 66 -20.53 -49.01 62.01
C ALA P 66 -21.56 -49.00 63.13
N GLU P 67 -22.40 -50.06 63.21
CA GLU P 67 -23.40 -50.22 64.26
C GLU P 67 -22.73 -50.36 65.65
N ILE P 68 -21.59 -51.10 65.70
CA ILE P 68 -20.82 -51.31 66.94
C ILE P 68 -20.34 -49.95 67.48
N LEU P 69 -19.63 -49.13 66.64
CA LEU P 69 -19.08 -47.84 67.02
C LEU P 69 -20.14 -46.83 67.47
N HIS P 70 -21.36 -46.95 66.92
CA HIS P 70 -22.48 -46.09 67.26
C HIS P 70 -23.06 -46.49 68.62
N LYS P 71 -23.13 -47.80 68.88
CA LYS P 71 -23.66 -48.36 70.13
C LYS P 71 -22.65 -48.24 71.31
N ALA P 72 -21.39 -48.59 71.03
CA ALA P 72 -20.29 -48.61 71.98
C ALA P 72 -19.61 -47.24 72.21
N ARG P 73 -20.31 -46.15 71.95
CA ARG P 73 -19.79 -44.79 72.13
C ARG P 73 -19.38 -44.52 73.57
N PHE P 74 -18.13 -44.11 73.75
CA PHE P 74 -17.56 -43.76 75.04
C PHE P 74 -16.35 -42.88 74.82
N SER P 75 -15.93 -42.15 75.87
CA SER P 75 -14.80 -41.21 75.89
C SER P 75 -13.49 -41.77 75.32
N TYR P 76 -13.33 -43.13 75.34
CA TYR P 76 -12.10 -43.80 74.90
C TYR P 76 -12.33 -44.75 73.68
N ILE P 77 -13.46 -44.55 72.97
CA ILE P 77 -13.84 -45.28 71.76
C ILE P 77 -13.86 -44.26 70.63
N LEU P 78 -13.32 -44.64 69.50
CA LEU P 78 -13.28 -43.76 68.35
C LEU P 78 -14.69 -43.25 67.96
N PRO P 79 -14.90 -41.90 67.97
CA PRO P 79 -16.24 -41.37 67.67
C PRO P 79 -16.62 -41.42 66.19
N ILE P 80 -17.64 -42.24 65.88
CA ILE P 80 -18.14 -42.38 64.50
C ILE P 80 -18.96 -41.18 64.16
N LEU P 81 -18.72 -40.55 63.01
CA LEU P 81 -19.47 -39.34 62.61
C LEU P 81 -20.64 -39.63 61.66
N GLY P 82 -20.54 -40.71 60.91
CA GLY P 82 -21.56 -41.15 59.99
C GLY P 82 -21.11 -42.27 59.08
N ILE P 83 -22.00 -42.65 58.15
CA ILE P 83 -21.77 -43.73 57.18
C ILE P 83 -22.00 -43.28 55.74
N CYS P 84 -21.10 -43.70 54.86
CA CYS P 84 -21.21 -43.45 53.44
C CYS P 84 -21.59 -44.78 52.81
N ASN P 85 -22.87 -44.94 52.45
CA ASN P 85 -23.39 -46.17 51.82
C ASN P 85 -24.08 -45.84 50.51
N GLU P 86 -23.27 -45.90 49.46
CA GLU P 86 -23.64 -45.63 48.09
C GLU P 86 -23.30 -46.83 47.22
N PRO P 87 -23.94 -47.01 46.03
CA PRO P 87 -23.57 -48.15 45.16
C PRO P 87 -22.11 -48.10 44.70
N GLU P 88 -21.57 -46.87 44.55
CA GLU P 88 -20.19 -46.61 44.14
C GLU P 88 -19.21 -46.71 45.30
N PHE P 89 -19.59 -46.16 46.49
CA PHE P 89 -18.72 -46.11 47.67
C PHE P 89 -19.38 -46.53 48.98
N LEU P 90 -18.64 -47.29 49.79
CA LEU P 90 -19.02 -47.68 51.15
C LEU P 90 -17.82 -47.53 52.09
N GLY P 91 -18.02 -46.73 53.13
CA GLY P 91 -17.00 -46.43 54.12
C GLY P 91 -17.52 -45.76 55.36
N ILE P 92 -16.89 -46.08 56.49
CA ILE P 92 -17.18 -45.55 57.83
C ILE P 92 -16.42 -44.23 57.99
N VAL P 93 -17.16 -43.16 58.34
CA VAL P 93 -16.61 -41.83 58.55
C VAL P 93 -16.61 -41.55 60.03
N THR P 94 -15.41 -41.29 60.59
CA THR P 94 -15.19 -41.05 62.02
C THR P 94 -14.34 -39.80 62.21
N GLU P 95 -13.93 -39.55 63.46
CA GLU P 95 -13.06 -38.43 63.81
C GLU P 95 -11.65 -38.73 63.36
N TYR P 96 -10.93 -37.67 63.01
CA TYR P 96 -9.55 -37.82 62.56
C TYR P 96 -8.63 -37.77 63.76
N MET P 97 -7.71 -38.76 63.87
CA MET P 97 -6.74 -38.85 64.96
C MET P 97 -5.40 -38.28 64.50
N PRO P 98 -5.08 -37.03 64.94
CA PRO P 98 -3.87 -36.37 64.43
C PRO P 98 -2.55 -37.10 64.66
N ASN P 99 -2.36 -37.67 65.86
CA ASN P 99 -1.14 -38.37 66.26
C ASN P 99 -1.19 -39.90 66.10
N GLY P 100 -1.92 -40.35 65.07
CA GLY P 100 -2.05 -41.74 64.64
C GLY P 100 -2.38 -42.80 65.67
N SER P 101 -1.53 -43.85 65.74
CA SER P 101 -1.67 -44.98 66.67
C SER P 101 -0.56 -45.03 67.74
N LEU P 102 -0.77 -45.90 68.77
CA LEU P 102 0.15 -46.15 69.89
C LEU P 102 1.43 -46.84 69.36
N ASN P 103 1.25 -47.72 68.34
CA ASN P 103 2.34 -48.43 67.68
C ASN P 103 3.38 -47.42 67.17
N GLU P 104 2.90 -46.32 66.57
CA GLU P 104 3.71 -45.24 66.03
C GLU P 104 4.44 -44.48 67.16
N LEU P 105 3.76 -44.18 68.27
CA LEU P 105 4.34 -43.47 69.41
C LEU P 105 5.45 -44.28 70.06
N LEU P 106 5.22 -45.60 70.19
CA LEU P 106 6.12 -46.56 70.83
C LEU P 106 7.31 -46.99 70.00
N HIS P 107 7.15 -47.11 68.69
CA HIS P 107 8.23 -47.64 67.90
C HIS P 107 8.95 -46.59 67.02
N ARG P 108 8.40 -45.34 66.91
CA ARG P 108 9.10 -44.26 66.19
C ARG P 108 10.01 -43.58 67.23
N LYS P 109 11.12 -44.28 67.59
CA LYS P 109 12.11 -43.85 68.59
C LYS P 109 13.01 -42.68 68.12
N THR P 110 12.98 -42.36 66.82
CA THR P 110 13.72 -41.23 66.23
C THR P 110 12.85 -39.97 66.38
N GLU P 111 11.54 -40.07 65.98
CA GLU P 111 10.53 -39.02 66.04
C GLU P 111 10.14 -38.72 67.49
N TYR P 112 9.96 -39.78 68.30
CA TYR P 112 9.61 -39.68 69.72
C TYR P 112 10.72 -40.36 70.56
N PRO P 113 11.89 -39.70 70.78
CA PRO P 113 12.96 -40.35 71.56
C PRO P 113 12.62 -40.55 73.03
N ASP P 114 11.97 -39.55 73.66
CA ASP P 114 11.58 -39.60 75.05
C ASP P 114 10.06 -39.60 75.23
N VAL P 115 9.52 -40.70 75.79
CA VAL P 115 8.09 -40.91 76.10
C VAL P 115 8.01 -41.16 77.61
N ALA P 116 7.39 -40.19 78.31
CA ALA P 116 7.25 -40.14 79.77
C ALA P 116 6.33 -41.20 80.33
N TRP P 117 6.65 -41.62 81.56
CA TRP P 117 5.87 -42.60 82.30
C TRP P 117 4.46 -42.05 82.63
N PRO P 118 4.25 -40.77 83.07
CA PRO P 118 2.86 -40.31 83.28
C PRO P 118 2.02 -40.57 82.02
N LEU P 119 2.62 -40.31 80.82
CA LEU P 119 1.97 -40.54 79.54
C LEU P 119 1.77 -42.01 79.27
N ARG P 120 2.79 -42.84 79.56
CA ARG P 120 2.74 -44.30 79.38
C ARG P 120 1.62 -44.94 80.23
N PHE P 121 1.47 -44.42 81.47
CA PHE P 121 0.50 -44.88 82.45
C PHE P 121 -0.91 -44.35 82.20
N ARG P 122 -1.03 -43.10 81.67
CA ARG P 122 -2.33 -42.49 81.34
C ARG P 122 -2.97 -43.26 80.18
N ILE P 123 -2.16 -43.62 79.16
CA ILE P 123 -2.56 -44.41 78.00
C ILE P 123 -3.10 -45.78 78.45
N LEU P 124 -2.31 -46.49 79.27
CA LEU P 124 -2.68 -47.82 79.80
C LEU P 124 -3.99 -47.77 80.58
N HIS P 125 -4.14 -46.74 81.44
CA HIS P 125 -5.34 -46.49 82.23
C HIS P 125 -6.57 -46.31 81.32
N GLU P 126 -6.44 -45.46 80.27
CA GLU P 126 -7.49 -45.15 79.31
C GLU P 126 -7.91 -46.36 78.50
N ILE P 127 -6.96 -47.19 78.03
CA ILE P 127 -7.26 -48.44 77.30
C ILE P 127 -8.15 -49.32 78.19
N ALA P 128 -7.71 -49.54 79.45
CA ALA P 128 -8.39 -50.31 80.47
C ALA P 128 -9.82 -49.74 80.69
N LEU P 129 -9.96 -48.39 80.83
CA LEU P 129 -11.24 -47.69 81.00
C LEU P 129 -12.22 -47.93 79.86
N GLY P 130 -11.71 -47.93 78.63
CA GLY P 130 -12.49 -48.16 77.43
C GLY P 130 -12.96 -49.59 77.33
N VAL P 131 -12.02 -50.57 77.47
CA VAL P 131 -12.29 -52.03 77.41
C VAL P 131 -13.21 -52.44 78.57
N ASN P 132 -13.06 -51.80 79.71
CA ASN P 132 -13.92 -52.04 80.87
C ASN P 132 -15.36 -51.60 80.55
N TYR P 133 -15.53 -50.42 79.89
CA TYR P 133 -16.86 -49.92 79.51
C TYR P 133 -17.55 -50.89 78.57
N LEU P 134 -16.79 -51.41 77.58
CA LEU P 134 -17.26 -52.38 76.58
C LEU P 134 -17.76 -53.64 77.28
N HIS P 135 -16.98 -54.14 78.26
CA HIS P 135 -17.30 -55.35 79.02
C HIS P 135 -18.48 -55.16 79.98
N ASN P 136 -18.76 -53.89 80.36
CA ASN P 136 -19.88 -53.49 81.23
C ASN P 136 -21.17 -53.17 80.46
N MET P 137 -21.20 -53.41 79.13
CA MET P 137 -22.36 -53.21 78.29
C MET P 137 -23.38 -54.35 78.51
N THR P 138 -24.62 -54.16 78.02
CA THR P 138 -25.69 -55.14 78.16
C THR P 138 -26.26 -55.47 76.78
N PRO P 139 -25.86 -56.61 76.12
CA PRO P 139 -24.87 -57.61 76.55
C PRO P 139 -23.43 -57.06 76.50
N PRO P 140 -22.44 -57.66 77.17
CA PRO P 140 -21.07 -57.13 77.07
C PRO P 140 -20.53 -57.18 75.65
N LEU P 141 -19.68 -56.24 75.28
CA LEU P 141 -19.04 -56.27 73.97
C LEU P 141 -17.58 -56.58 74.14
N LEU P 142 -17.12 -57.59 73.41
CA LEU P 142 -15.73 -58.05 73.43
C LEU P 142 -15.05 -57.64 72.16
N HIS P 143 -13.97 -56.85 72.28
CA HIS P 143 -13.19 -56.31 71.16
C HIS P 143 -12.55 -57.38 70.25
N HIS P 144 -11.87 -58.40 70.85
CA HIS P 144 -11.18 -59.53 70.20
C HIS P 144 -10.14 -59.16 69.11
N ASP P 145 -9.69 -57.91 69.09
CA ASP P 145 -8.71 -57.49 68.10
C ASP P 145 -7.65 -56.48 68.60
N LEU P 146 -7.73 -56.06 69.88
CA LEU P 146 -6.80 -55.09 70.49
C LEU P 146 -5.32 -55.26 70.09
N LYS P 147 -4.76 -54.22 69.46
CA LYS P 147 -3.37 -54.10 69.00
C LYS P 147 -2.94 -52.67 69.33
N THR P 148 -1.63 -52.35 69.25
CA THR P 148 -1.14 -50.99 69.48
C THR P 148 -1.57 -50.06 68.33
N GLN P 149 -1.82 -50.66 67.16
CA GLN P 149 -2.26 -49.98 65.96
C GLN P 149 -3.73 -49.54 66.11
N ASN P 150 -4.54 -50.31 66.90
CA ASN P 150 -5.97 -50.06 67.15
C ASN P 150 -6.22 -48.98 68.20
N ILE P 151 -5.18 -48.70 69.04
CA ILE P 151 -5.22 -47.69 70.10
C ILE P 151 -4.74 -46.39 69.45
N LEU P 152 -5.69 -45.56 68.99
CA LEU P 152 -5.41 -44.30 68.34
C LEU P 152 -5.36 -43.17 69.34
N LEU P 153 -4.55 -42.12 69.02
CA LEU P 153 -4.26 -40.97 69.87
C LEU P 153 -4.69 -39.65 69.23
N ASP P 154 -5.46 -38.85 69.98
CA ASP P 154 -5.92 -37.55 69.50
C ASP P 154 -4.80 -36.49 69.65
N ASN P 155 -5.08 -35.23 69.26
CA ASN P 155 -4.10 -34.11 69.34
C ASN P 155 -3.49 -33.92 70.74
N GLU P 156 -4.20 -34.37 71.79
CA GLU P 156 -3.73 -34.24 73.16
C GLU P 156 -3.36 -35.61 73.78
N PHE P 157 -3.13 -36.60 72.91
CA PHE P 157 -2.71 -37.97 73.19
C PHE P 157 -3.63 -38.73 74.15
N HIS P 158 -4.92 -38.76 73.84
CA HIS P 158 -5.90 -39.51 74.59
C HIS P 158 -6.35 -40.68 73.73
N VAL P 159 -6.51 -41.84 74.37
CA VAL P 159 -6.85 -43.12 73.75
C VAL P 159 -8.24 -43.11 73.12
N LYS P 160 -8.36 -43.64 71.88
CA LYS P 160 -9.64 -43.87 71.18
C LYS P 160 -9.48 -45.19 70.46
N ILE P 161 -10.03 -46.27 71.05
CA ILE P 161 -10.00 -47.65 70.57
C ILE P 161 -10.79 -47.80 69.24
N ALA P 162 -10.15 -48.43 68.24
CA ALA P 162 -10.72 -48.63 66.92
C ALA P 162 -10.72 -50.12 66.53
N ASP P 163 -11.13 -50.46 65.27
CA ASP P 163 -11.20 -51.80 64.70
C ASP P 163 -12.13 -52.73 65.47
N PHE P 164 -13.42 -52.60 65.18
CA PHE P 164 -14.50 -53.40 65.79
C PHE P 164 -15.04 -54.43 64.78
N GLY P 165 -14.20 -54.76 63.79
CA GLY P 165 -14.47 -55.71 62.71
C GLY P 165 -14.57 -57.15 63.19
N LEU P 166 -13.77 -57.53 64.22
CA LEU P 166 -13.75 -58.87 64.82
C LEU P 166 -14.49 -58.95 66.16
N SER P 167 -14.88 -57.79 66.72
CA SER P 167 -15.60 -57.68 68.00
C SER P 167 -16.93 -58.44 68.02
N LYS P 168 -17.30 -59.02 69.19
CA LYS P 168 -18.53 -59.81 69.38
C LYS P 168 -19.27 -59.48 70.67
N TRP P 169 -20.62 -59.60 70.63
CA TRP P 169 -21.53 -59.38 71.77
C TRP P 169 -21.69 -60.68 72.58
N ARG P 170 -21.27 -60.69 73.86
CA ARG P 170 -21.38 -61.88 74.69
C ARG P 170 -22.83 -62.13 75.14
N MET P 171 -23.50 -63.08 74.47
CA MET P 171 -24.90 -63.43 74.79
C MET P 171 -25.05 -64.90 75.22
N GLY P 187 -2.14 -59.18 59.83
CA GLY P 187 -2.52 -60.48 60.39
C GLY P 187 -1.67 -60.91 61.56
N THR P 188 -1.53 -60.03 62.58
CA THR P 188 -0.72 -60.30 63.77
C THR P 188 -1.49 -61.13 64.81
N ILE P 189 -0.86 -62.23 65.23
CA ILE P 189 -1.33 -63.20 66.23
C ILE P 189 -0.65 -62.98 67.60
N ILE P 190 0.22 -61.94 67.71
CA ILE P 190 1.00 -61.66 68.92
C ILE P 190 0.13 -61.16 70.11
N TYR P 191 -1.13 -60.73 69.83
CA TYR P 191 -2.04 -60.28 70.88
C TYR P 191 -3.16 -61.28 71.14
N MET P 192 -3.15 -62.37 70.38
CA MET P 192 -4.16 -63.43 70.43
C MET P 192 -3.83 -64.49 71.52
N PRO P 193 -4.77 -64.79 72.48
CA PRO P 193 -4.48 -65.80 73.50
C PRO P 193 -4.24 -67.20 72.91
N PRO P 194 -3.52 -68.11 73.62
CA PRO P 194 -3.21 -69.43 73.04
C PRO P 194 -4.42 -70.30 72.68
N GLU P 195 -5.43 -70.28 73.57
CA GLU P 195 -6.67 -71.00 73.42
C GLU P 195 -7.31 -70.85 72.03
N ASN P 196 -7.31 -69.62 71.49
CA ASN P 196 -7.90 -69.22 70.20
C ASN P 196 -7.26 -69.84 68.94
N TYR P 197 -6.08 -70.47 69.08
CA TYR P 197 -5.42 -71.12 67.94
C TYR P 197 -6.14 -72.39 67.54
N GLU P 198 -6.91 -72.96 68.48
CA GLU P 198 -7.66 -74.20 68.32
C GLU P 198 -9.16 -73.98 68.61
N PRO P 199 -10.07 -74.19 67.60
CA PRO P 199 -11.51 -74.00 67.87
C PRO P 199 -12.22 -75.26 68.38
N ILE P 207 -13.98 -64.78 76.01
CA ILE P 207 -14.20 -63.67 76.93
C ILE P 207 -12.90 -63.09 77.51
N LYS P 208 -11.98 -63.98 78.01
CA LYS P 208 -10.66 -63.62 78.57
C LYS P 208 -9.58 -63.29 77.48
N HIS P 209 -10.04 -63.00 76.22
CA HIS P 209 -9.23 -62.68 75.05
C HIS P 209 -8.60 -61.30 75.20
N ASP P 210 -9.44 -60.28 75.44
CA ASP P 210 -9.04 -58.87 75.57
C ASP P 210 -8.05 -58.59 76.68
N ILE P 211 -8.15 -59.32 77.81
CA ILE P 211 -7.21 -59.16 78.93
C ILE P 211 -5.79 -59.65 78.49
N TYR P 212 -5.74 -60.76 77.69
CA TYR P 212 -4.50 -61.31 77.12
C TYR P 212 -3.84 -60.26 76.21
N SER P 213 -4.62 -59.71 75.25
CA SER P 213 -4.15 -58.66 74.33
C SER P 213 -3.63 -57.46 75.13
N TYR P 214 -4.41 -57.03 76.18
CA TYR P 214 -4.09 -55.90 77.04
C TYR P 214 -2.73 -56.05 77.73
N ALA P 215 -2.44 -57.26 78.25
CA ALA P 215 -1.18 -57.60 78.92
C ALA P 215 0.04 -57.48 77.96
N VAL P 216 -0.12 -57.96 76.70
CA VAL P 216 0.93 -57.85 75.67
C VAL P 216 1.17 -56.34 75.33
N ILE P 217 0.07 -55.56 75.28
CA ILE P 217 0.11 -54.12 75.02
C ILE P 217 0.81 -53.41 76.21
N THR P 218 0.51 -53.83 77.44
CA THR P 218 1.11 -53.28 78.67
C THR P 218 2.61 -53.54 78.68
N TRP P 219 3.00 -54.75 78.26
CA TRP P 219 4.40 -55.16 78.16
C TRP P 219 5.08 -54.22 77.16
N GLU P 220 4.53 -54.17 75.93
CA GLU P 220 4.96 -53.36 74.80
C GLU P 220 5.10 -51.86 75.12
N VAL P 221 4.18 -51.28 75.91
CA VAL P 221 4.21 -49.86 76.29
C VAL P 221 5.41 -49.58 77.18
N LEU P 222 5.59 -50.43 78.22
CA LEU P 222 6.65 -50.30 79.21
C LEU P 222 8.02 -50.66 78.70
N SER P 223 8.11 -51.70 77.86
CA SER P 223 9.37 -52.16 77.25
C SER P 223 9.81 -51.31 76.06
N ARG P 224 8.84 -50.80 75.29
CA ARG P 224 9.04 -50.03 74.05
C ARG P 224 9.66 -50.92 72.98
N LYS P 225 9.50 -52.25 73.14
CA LYS P 225 10.03 -53.31 72.27
C LYS P 225 8.90 -54.10 71.60
N GLN P 226 9.16 -54.63 70.39
CA GLN P 226 8.19 -55.44 69.65
C GLN P 226 8.16 -56.87 70.24
N PRO P 227 6.98 -57.36 70.70
CA PRO P 227 6.92 -58.72 71.28
C PRO P 227 7.34 -59.79 70.27
N PHE P 228 8.22 -60.70 70.71
CA PHE P 228 8.79 -61.79 69.92
C PHE P 228 9.62 -61.25 68.73
N GLU P 229 10.39 -60.15 69.00
CA GLU P 229 11.26 -59.48 68.03
C GLU P 229 12.34 -60.41 67.48
N ASP P 230 12.86 -61.29 68.35
CA ASP P 230 13.89 -62.27 68.00
C ASP P 230 13.35 -63.43 67.12
N VAL P 231 12.00 -63.57 67.00
CA VAL P 231 11.35 -64.65 66.25
C VAL P 231 10.94 -64.21 64.85
N THR P 232 11.47 -64.93 63.84
CA THR P 232 11.24 -64.67 62.41
C THR P 232 9.88 -65.18 61.94
N ASN P 233 9.65 -66.49 62.06
CA ASN P 233 8.43 -67.15 61.62
C ASN P 233 7.27 -66.94 62.59
N PRO P 234 6.11 -66.45 62.10
CA PRO P 234 4.95 -66.25 62.98
C PRO P 234 4.41 -67.56 63.57
N LEU P 235 4.58 -68.67 62.82
CA LEU P 235 4.17 -70.01 63.23
C LEU P 235 4.97 -70.48 64.44
N GLN P 236 6.21 -70.00 64.57
CA GLN P 236 7.06 -70.30 65.71
C GLN P 236 6.48 -69.61 66.96
N ILE P 237 6.07 -68.31 66.82
CA ILE P 237 5.47 -67.48 67.88
C ILE P 237 4.25 -68.20 68.43
N MET P 238 3.38 -68.66 67.52
CA MET P 238 2.16 -69.40 67.81
C MET P 238 2.44 -70.67 68.61
N TYR P 239 3.39 -71.48 68.16
CA TYR P 239 3.77 -72.69 68.87
C TYR P 239 4.43 -72.39 70.24
N SER P 240 5.32 -71.38 70.32
CA SER P 240 5.97 -70.99 71.59
C SER P 240 4.90 -70.58 72.61
N VAL P 241 3.94 -69.71 72.23
CA VAL P 241 2.88 -69.25 73.15
C VAL P 241 1.98 -70.42 73.59
N SER P 242 1.55 -71.30 72.65
CA SER P 242 0.71 -72.45 72.98
C SER P 242 1.45 -73.45 73.90
N GLN P 243 2.78 -73.28 74.05
CA GLN P 243 3.65 -74.06 74.93
C GLN P 243 4.01 -73.28 76.22
N GLY P 244 3.39 -72.10 76.37
CA GLY P 244 3.53 -71.25 77.55
C GLY P 244 4.53 -70.11 77.47
N HIS P 245 5.11 -69.86 76.30
CA HIS P 245 6.07 -68.76 76.16
C HIS P 245 5.37 -67.43 75.97
N ARG P 246 5.91 -66.37 76.60
CA ARG P 246 5.38 -65.00 76.56
C ARG P 246 6.55 -64.03 76.46
N PRO P 247 6.35 -62.77 75.98
CA PRO P 247 7.48 -61.83 75.91
C PRO P 247 8.30 -61.80 77.19
N VAL P 248 9.63 -61.83 77.02
CA VAL P 248 10.62 -61.84 78.11
C VAL P 248 10.49 -60.66 79.09
N ILE P 249 10.65 -61.01 80.38
CA ILE P 249 10.66 -60.07 81.48
C ILE P 249 12.03 -60.24 82.14
N ASN P 250 12.87 -59.20 82.03
CA ASN P 250 14.23 -59.11 82.56
C ASN P 250 14.65 -57.63 82.60
N GLU P 251 15.87 -57.34 83.08
CA GLU P 251 16.41 -55.98 83.19
C GLU P 251 16.70 -55.33 81.83
N GLU P 252 16.90 -56.15 80.77
CA GLU P 252 17.12 -55.66 79.40
C GLU P 252 15.80 -55.24 78.78
N SER P 253 14.74 -56.08 78.89
CA SER P 253 13.39 -55.80 78.37
C SER P 253 12.66 -54.74 79.19
N LEU P 254 12.44 -55.00 80.49
CA LEU P 254 11.77 -54.06 81.39
C LEU P 254 12.73 -53.62 82.52
N PRO P 255 13.37 -52.42 82.40
CA PRO P 255 14.35 -52.01 83.43
C PRO P 255 13.79 -51.78 84.83
N TYR P 256 14.72 -51.61 85.78
CA TYR P 256 14.52 -51.40 87.21
C TYR P 256 14.01 -49.99 87.52
N ASP P 257 14.19 -49.05 86.58
CA ASP P 257 13.78 -47.66 86.74
C ASP P 257 12.25 -47.45 86.61
N ILE P 258 11.52 -48.44 86.05
CA ILE P 258 10.07 -48.41 85.85
C ILE P 258 9.29 -48.22 87.17
N PRO P 259 8.48 -47.15 87.29
CA PRO P 259 7.66 -46.96 88.50
C PRO P 259 6.61 -48.06 88.67
N HIS P 260 6.54 -48.65 89.88
CA HIS P 260 5.63 -49.74 90.25
C HIS P 260 5.85 -50.99 89.38
N ARG P 261 7.13 -51.26 89.02
CA ARG P 261 7.57 -52.38 88.17
C ARG P 261 6.97 -53.72 88.59
N ALA P 262 6.98 -54.01 89.92
CA ALA P 262 6.45 -55.24 90.49
C ALA P 262 4.94 -55.39 90.30
N ARG P 263 4.17 -54.31 90.55
CA ARG P 263 2.71 -54.25 90.37
C ARG P 263 2.38 -54.51 88.91
N MET P 264 3.16 -53.88 88.00
CA MET P 264 3.02 -53.99 86.54
C MET P 264 3.27 -55.40 86.06
N ILE P 265 4.43 -56.00 86.45
CA ILE P 265 4.80 -57.37 86.06
C ILE P 265 3.76 -58.37 86.58
N SER P 266 3.23 -58.13 87.80
CA SER P 266 2.21 -58.97 88.39
C SER P 266 0.96 -58.94 87.53
N LEU P 267 0.58 -57.72 87.06
CA LEU P 267 -0.58 -57.48 86.21
C LEU P 267 -0.42 -58.19 84.86
N ILE P 268 0.74 -57.97 84.17
CA ILE P 268 1.11 -58.53 82.84
C ILE P 268 1.11 -60.08 82.85
N GLU P 269 1.79 -60.69 83.86
CA GLU P 269 1.90 -62.13 84.04
C GLU P 269 0.54 -62.80 84.29
N SER P 270 -0.29 -62.20 85.19
CA SER P 270 -1.66 -62.68 85.48
C SER P 270 -2.53 -62.48 84.25
N GLY P 271 -2.28 -61.38 83.54
CA GLY P 271 -2.95 -61.01 82.29
C GLY P 271 -2.83 -62.06 81.20
N TRP P 272 -1.58 -62.37 80.75
CA TRP P 272 -1.41 -63.34 79.66
C TRP P 272 -1.50 -64.85 80.09
N ALA P 273 -1.60 -65.17 81.44
CA ALA P 273 -1.75 -66.51 82.07
C ALA P 273 -2.37 -67.60 81.18
N GLN P 274 -1.63 -68.70 80.85
CA GLN P 274 -2.01 -69.81 79.94
C GLN P 274 -3.44 -70.27 80.20
N ASN P 275 -3.83 -70.33 81.49
CA ASN P 275 -5.17 -70.68 81.91
C ASN P 275 -6.07 -69.44 81.81
N PRO P 276 -7.13 -69.47 80.95
CA PRO P 276 -8.00 -68.29 80.82
C PRO P 276 -8.70 -67.94 82.13
N ASP P 277 -9.09 -68.97 82.89
CA ASP P 277 -9.74 -68.84 84.19
C ASP P 277 -8.84 -68.17 85.26
N GLU P 278 -7.51 -68.09 84.97
CA GLU P 278 -6.44 -67.49 85.77
C GLU P 278 -6.23 -66.00 85.49
N ARG P 279 -6.80 -65.49 84.40
CA ARG P 279 -6.63 -64.10 83.97
C ARG P 279 -7.60 -63.13 84.67
N PRO P 280 -7.20 -61.85 84.98
CA PRO P 280 -8.15 -60.95 85.68
C PRO P 280 -9.20 -60.26 84.81
N SER P 281 -10.03 -59.45 85.47
CA SER P 281 -11.01 -58.56 84.84
C SER P 281 -10.37 -57.17 84.81
N PHE P 282 -10.91 -56.27 83.96
CA PHE P 282 -10.43 -54.90 83.87
C PHE P 282 -10.78 -54.11 85.13
N LEU P 283 -11.93 -54.45 85.79
CA LEU P 283 -12.40 -53.87 87.06
C LEU P 283 -11.33 -54.08 88.18
N LYS P 284 -10.60 -55.22 88.13
CA LYS P 284 -9.52 -55.56 89.08
C LYS P 284 -8.37 -54.59 88.79
N CYS P 285 -7.95 -54.56 87.52
CA CYS P 285 -6.88 -53.75 86.96
C CYS P 285 -7.04 -52.28 87.20
N LEU P 286 -8.30 -51.78 87.23
CA LEU P 286 -8.57 -50.36 87.40
C LEU P 286 -8.28 -49.86 88.81
N ILE P 287 -8.60 -50.69 89.82
CA ILE P 287 -8.34 -50.33 91.22
C ILE P 287 -6.81 -50.36 91.48
N GLU P 288 -6.06 -51.18 90.69
CA GLU P 288 -4.59 -51.31 90.77
C GLU P 288 -3.92 -50.02 90.34
N LEU P 289 -4.28 -49.56 89.13
CA LEU P 289 -3.75 -48.37 88.46
C LEU P 289 -4.28 -47.05 89.00
N GLU P 290 -5.54 -46.98 89.54
CA GLU P 290 -6.09 -45.72 90.08
C GLU P 290 -5.07 -45.02 91.03
N PRO P 291 -4.54 -45.72 92.09
CA PRO P 291 -3.52 -45.08 92.96
C PRO P 291 -2.16 -44.82 92.28
N VAL P 292 -1.79 -45.64 91.27
CA VAL P 292 -0.55 -45.44 90.50
C VAL P 292 -0.65 -44.06 89.81
N LEU P 293 -1.85 -43.73 89.29
CA LEU P 293 -2.09 -42.49 88.56
C LEU P 293 -2.40 -41.28 89.47
N ARG P 294 -2.82 -41.52 90.74
CA ARG P 294 -3.05 -40.42 91.69
C ARG P 294 -1.70 -39.80 92.05
N THR P 295 -0.62 -40.63 91.97
CA THR P 295 0.80 -40.31 92.21
C THR P 295 1.24 -39.11 91.37
N PHE P 296 1.01 -39.19 90.03
CA PHE P 296 1.36 -38.18 89.05
C PHE P 296 0.48 -36.94 89.20
N GLU P 297 1.13 -35.76 89.39
CA GLU P 297 0.51 -34.44 89.56
C GLU P 297 0.21 -33.79 88.19
N GLU P 298 -1.07 -33.96 87.76
CA GLU P 298 -1.79 -33.58 86.52
C GLU P 298 -1.01 -32.84 85.42
N ILE P 299 -0.23 -31.83 85.80
CA ILE P 299 0.62 -31.05 84.89
C ILE P 299 1.71 -31.90 84.18
N THR P 300 2.20 -32.96 84.88
CA THR P 300 3.23 -33.88 84.38
C THR P 300 2.82 -34.55 83.07
N PHE P 301 1.50 -34.75 82.86
CA PHE P 301 0.96 -35.32 81.64
C PHE P 301 1.01 -34.29 80.53
N LEU P 302 0.59 -33.03 80.84
CA LEU P 302 0.59 -31.95 79.87
C LEU P 302 2.01 -31.56 79.47
N GLU P 303 2.96 -31.62 80.44
CA GLU P 303 4.38 -31.36 80.18
C GLU P 303 5.01 -32.55 79.38
N ALA P 304 4.46 -33.78 79.60
CA ALA P 304 4.87 -35.01 78.92
C ALA P 304 4.52 -34.93 77.44
N VAL P 305 3.22 -34.67 77.12
CA VAL P 305 2.70 -34.54 75.74
C VAL P 305 3.44 -33.41 74.98
N ILE P 306 3.73 -32.25 75.66
CA ILE P 306 4.40 -31.11 75.02
C ILE P 306 5.83 -31.48 74.59
N GLN P 307 6.54 -32.29 75.38
CA GLN P 307 7.91 -32.71 75.07
C GLN P 307 8.01 -33.51 73.72
N LEU P 308 6.87 -34.03 73.19
CA LEU P 308 6.86 -34.80 71.94
C LEU P 308 7.13 -33.93 70.70
N LYS P 309 6.60 -32.68 70.66
CA LYS P 309 6.86 -31.75 69.55
C LYS P 309 8.29 -31.17 69.58
#